data_7QUS
#
_entry.id   7QUS
#
_cell.length_a   1.00
_cell.length_b   1.00
_cell.length_c   1.00
_cell.angle_alpha   90.00
_cell.angle_beta   90.00
_cell.angle_gamma   90.00
#
_symmetry.space_group_name_H-M   'P 1'
#
loop_
_entity.id
_entity.type
_entity.pdbx_description
1 polymer 'Spike glycoprotein,Fibritin'
2 branched 2-acetamido-2-deoxy-beta-D-glucopyranose-(1-4)-2-acetamido-2-deoxy-beta-D-glucopyranose
3 branched alpha-L-fucopyranose-(1-3)-[2-acetamido-2-deoxy-beta-D-glucopyranose-(1-4)][alpha-L-fucopyranose-(1-6)]2-acetamido-2-deoxy-beta-D-glucopyranose
4 non-polymer 2-acetamido-2-deoxy-beta-D-glucopyranose
5 non-polymer 'LINOLEIC ACID'
#
_entity_poly.entity_id   1
_entity_poly.type   'polypeptide(L)'
_entity_poly.pdbx_seq_one_letter_code
;MFVFLVLLPLVSSQCVNLTTRTQLPPAYTNSFTRGVYYPDKVFRSSVLHSTQDLFLPFFSNVTWFHAIHVSGTNGTKRFD
NPVLPFNDGVYFASTEKSNIIRGWIFGTTLDSKTQSLLIVNNATNVVIKVCEFQFCNDPFLGVYYHKNNKSWMESEFRVY
SSANNCTFEYVSQPFLMDLEGKQGNFKNLREFVFKNIDGYFKIYSKHTPINLVRDLPQGFSALEPLVDLPIGINITRFQT
LLALHRSYLTPGDSSSGWTAGAAAYYVGYLQPRTFLLKYNENGTITDAVDCALDPLSETKCTLKSFTVEKGIYQTSNFRV
QPTESIVRFPNITNLCPFGEVFNATRFASVYAWNRKRISNCVADYSVLYNSASFSTFKCYGVSPTKLNDLCFTNVYADSF
VIRGDEVRQIAPGQTGKIADYNYKLPDDFTGCVIAWNSNNLDSKVGGNYNYLYRLFRKSNLKPFERDISTEIYQAGSTPC
NGVEGFNCYFPLQSYGFQPTNGVGYQPYRVVVLSFELLHAPATVCGPKKSTNLVKNKCVNFNFNGLTGTGVLTESNKKFL
PFQQFGRDIADTTDAVRDPQTLEILDITPCSFGGVSVITPGTNTSNQVAVLYQDVNCTEVPVAIHADQLTPTWRVYSTGS
NVFQTRAGCLIGAEHVNNSYECDIPIGAGICASYQTQTNSPRRAASVASQSIIAYTMSLGAENSVAYSNNSIAIPTNFTI
SVTTEILPVSMTKTSVDCTMYICGDSTECSNLLLQYGSFCTQLNRALTGIAVEQDKNTQEVFAQVKQIYKTPPIKDFGGF
NFSQILPDPSKPSKRSFIEDLLFNKVTLADAGFIKQYGDCLGDIAARDLICAQKFNGLTVLPPLLTDEMIAQYTSALLAG
TITSGWTFGAGAALQIPFAMQMAYRFNGIGVTQNVLYENQKLIANQFNSAIGKIQDSLSSTASALGKLQDVVNQNAQALN
TLVKQLSSNFGAISSVLNDILSRLDKVEAEVQIDRLITGRLQSLQTYVTQQLIRAAEIRASANLAATKMSECVLGQSKRV
DFCGKGYHLMSFPQSAPHGVVFLHVTYVPAQEKNFTTAPAICHDGKAHFPREGVFVSNGTHWFVTQRNFYEPQIITTDNT
FVSGNCDVVIGIVNNTVYDPLQPELDSFKEELDKYFKNHTSPDVDLGDISGINASVVNIQKEIDRLNEVAKNLNESLIDL
QELGKYEQYIKWPSGRLVPRGSPGSGYIPEAPRDGQAYVRKDGEWVLLSTFLGHHHHHH
;
_entity_poly.pdbx_strand_id   A,B,C
#
loop_
_chem_comp.id
_chem_comp.type
_chem_comp.name
_chem_comp.formula
EIC non-polymer 'LINOLEIC ACID' 'C18 H32 O2'
FUC L-saccharide, alpha linking alpha-L-fucopyranose 'C6 H12 O5'
NAG D-saccharide, beta linking 2-acetamido-2-deoxy-beta-D-glucopyranose 'C8 H15 N O6'
#
# COMPACT_ATOMS: atom_id res chain seq x y z
N GLN A 14 -8.79 71.49 -8.00
CA GLN A 14 -8.39 70.22 -7.40
C GLN A 14 -7.28 69.55 -8.21
N CYS A 15 -7.67 68.86 -9.28
CA CYS A 15 -6.73 68.11 -10.13
C CYS A 15 -5.63 69.02 -10.65
N VAL A 16 -4.39 68.77 -10.25
CA VAL A 16 -3.24 69.56 -10.64
C VAL A 16 -2.11 68.63 -11.08
N ASN A 17 -1.56 68.89 -12.27
CA ASN A 17 -0.42 68.13 -12.78
C ASN A 17 0.86 68.88 -12.47
N LEU A 18 1.84 68.16 -11.93
CA LEU A 18 3.12 68.76 -11.57
C LEU A 18 4.02 68.87 -12.80
N THR A 19 4.91 69.86 -12.78
CA THR A 19 5.83 70.09 -13.88
C THR A 19 7.27 70.17 -13.38
N THR A 20 8.19 70.56 -14.27
CA THR A 20 9.61 70.72 -13.94
C THR A 20 10.19 69.44 -13.33
N ARG A 21 9.81 68.29 -13.90
CA ARG A 21 10.31 66.99 -13.44
C ARG A 21 11.34 66.49 -14.45
N THR A 22 12.55 66.24 -13.97
CA THR A 22 13.61 65.74 -14.85
C THR A 22 13.34 64.30 -15.24
N GLN A 23 13.65 63.97 -16.50
CA GLN A 23 13.43 62.63 -17.02
C GLN A 23 14.68 61.78 -16.79
N LEU A 24 14.49 60.64 -16.13
CA LEU A 24 15.59 59.73 -15.84
C LEU A 24 15.16 58.30 -16.15
N PRO A 25 16.10 57.43 -16.54
CA PRO A 25 15.74 56.05 -16.83
C PRO A 25 15.29 55.33 -15.58
N PRO A 26 14.44 54.31 -15.70
CA PRO A 26 14.00 53.56 -14.53
C PRO A 26 15.16 52.82 -13.87
N ALA A 27 15.05 52.64 -12.56
CA ALA A 27 16.07 52.00 -11.75
C ALA A 27 15.60 50.65 -11.28
N TYR A 28 16.51 49.68 -11.27
CA TYR A 28 16.21 48.32 -10.83
C TYR A 28 17.23 47.89 -9.78
N THR A 29 16.74 47.21 -8.74
CA THR A 29 17.58 46.74 -7.66
C THR A 29 17.26 45.26 -7.40
N ASN A 30 17.99 44.68 -6.45
CA ASN A 30 17.85 43.27 -6.12
C ASN A 30 17.23 43.12 -4.74
N SER A 31 16.14 42.36 -4.67
CA SER A 31 15.54 41.98 -3.40
C SER A 31 16.13 40.65 -2.97
N PHE A 32 16.87 40.66 -1.86
CA PHE A 32 17.65 39.49 -1.47
C PHE A 32 16.77 38.44 -0.81
N THR A 33 16.19 38.76 0.36
CA THR A 33 15.33 37.81 1.06
C THR A 33 14.09 38.48 1.62
N ARG A 34 13.78 39.71 1.24
CA ARG A 34 12.64 40.42 1.77
C ARG A 34 11.34 39.92 1.11
N GLY A 35 10.22 40.26 1.73
CA GLY A 35 8.91 39.88 1.24
C GLY A 35 8.32 38.64 1.88
N VAL A 36 8.95 38.08 2.89
CA VAL A 36 8.44 36.89 3.56
C VAL A 36 7.44 37.31 4.62
N TYR A 37 6.26 36.69 4.61
CA TYR A 37 5.21 36.98 5.57
C TYR A 37 4.72 35.67 6.19
N TYR A 38 3.99 35.79 7.29
CA TYR A 38 3.44 34.62 7.96
C TYR A 38 2.31 34.03 7.13
N PRO A 39 2.40 32.78 6.68
CA PRO A 39 1.34 32.22 5.84
C PRO A 39 -0.02 32.16 6.51
N ASP A 40 -0.06 31.90 7.81
CA ASP A 40 -1.31 31.77 8.54
C ASP A 40 -1.15 32.38 9.92
N LYS A 41 -2.13 32.13 10.80
CA LYS A 41 -2.15 32.64 12.16
C LYS A 41 -1.95 31.53 13.17
N VAL A 42 -1.12 30.55 12.83
CA VAL A 42 -0.87 29.38 13.67
C VAL A 42 0.55 29.50 14.23
N PHE A 43 0.67 29.38 15.55
CA PHE A 43 1.97 29.48 16.19
C PHE A 43 2.78 28.21 15.95
N ARG A 44 4.03 28.39 15.52
CA ARG A 44 4.96 27.29 15.33
C ARG A 44 6.31 27.70 15.90
N SER A 45 6.96 26.77 16.60
CA SER A 45 8.23 27.05 17.26
C SER A 45 9.23 25.92 16.99
N SER A 46 10.47 26.31 16.69
CA SER A 46 11.57 25.37 16.48
C SER A 46 11.22 24.33 15.42
N VAL A 47 10.68 24.80 14.29
CA VAL A 47 10.20 23.93 13.23
C VAL A 47 10.67 24.47 11.88
N LEU A 48 10.66 23.58 10.88
CA LEU A 48 10.90 23.95 9.49
C LEU A 48 9.63 23.63 8.72
N HIS A 49 8.90 24.67 8.30
CA HIS A 49 7.59 24.52 7.71
C HIS A 49 7.64 24.87 6.23
N SER A 50 7.15 23.96 5.39
CA SER A 50 7.10 24.18 3.96
C SER A 50 5.67 24.58 3.57
N THR A 51 5.55 25.69 2.84
CA THR A 51 4.25 26.21 2.47
C THR A 51 4.29 26.81 1.07
N GLN A 52 3.24 26.58 0.29
CA GLN A 52 3.11 27.12 -1.05
C GLN A 52 2.15 28.32 -0.99
N ASP A 53 2.63 29.48 -1.44
CA ASP A 53 1.83 30.69 -1.38
C ASP A 53 2.42 31.71 -2.34
N LEU A 54 1.77 32.87 -2.41
CA LEU A 54 2.24 33.98 -3.24
C LEU A 54 3.36 34.70 -2.50
N PHE A 55 4.59 34.46 -2.92
CA PHE A 55 5.77 35.02 -2.27
C PHE A 55 6.59 35.82 -3.27
N LEU A 56 7.38 36.74 -2.76
CA LEU A 56 8.34 37.45 -3.59
C LEU A 56 9.58 36.58 -3.78
N PRO A 57 9.97 36.26 -5.01
CA PRO A 57 11.13 35.40 -5.22
C PRO A 57 12.41 36.00 -4.64
N PHE A 58 13.28 35.13 -4.14
CA PHE A 58 14.54 35.58 -3.57
C PHE A 58 15.43 36.16 -4.65
N PHE A 59 16.13 37.25 -4.31
CA PHE A 59 17.04 37.94 -5.23
C PHE A 59 16.31 38.34 -6.51
N SER A 60 15.12 38.92 -6.35
CA SER A 60 14.29 39.28 -7.47
C SER A 60 14.63 40.68 -7.99
N ASN A 61 14.28 40.92 -9.25
CA ASN A 61 14.46 42.22 -9.89
C ASN A 61 13.31 43.11 -9.49
N VAL A 62 13.59 44.15 -8.70
CA VAL A 62 12.57 44.99 -8.09
C VAL A 62 12.75 46.42 -8.59
N THR A 63 11.65 47.03 -9.02
CA THR A 63 11.72 48.40 -9.52
C THR A 63 11.92 49.37 -8.36
N TRP A 64 12.66 50.45 -8.62
CA TRP A 64 13.06 51.40 -7.59
C TRP A 64 12.63 52.79 -8.05
N PHE A 65 11.93 53.52 -7.17
CA PHE A 65 11.46 54.86 -7.47
C PHE A 65 11.92 55.81 -6.38
N HIS A 66 12.33 57.01 -6.79
CA HIS A 66 12.91 57.99 -5.89
C HIS A 66 11.99 59.20 -5.76
N ALA A 67 12.19 59.95 -4.68
CA ALA A 67 11.57 61.24 -4.47
C ALA A 67 12.64 62.14 -3.87
N ILE A 68 13.17 63.07 -4.66
CA ILE A 68 14.31 63.86 -4.23
C ILE A 68 14.42 65.10 -5.11
N HIS A 69 14.81 66.21 -4.50
CA HIS A 69 15.04 67.48 -5.21
C HIS A 69 16.44 67.97 -4.86
N VAL A 70 17.38 67.77 -5.77
CA VAL A 70 18.76 68.24 -5.63
C VAL A 70 18.94 69.42 -6.57
N SER A 71 19.27 70.58 -6.00
CA SER A 71 19.37 71.82 -6.75
C SER A 71 20.70 71.90 -7.50
N GLY A 72 20.77 72.87 -8.40
CA GLY A 72 21.95 73.09 -9.20
C GLY A 72 21.58 73.69 -10.53
N THR A 73 22.57 73.79 -11.41
CA THR A 73 22.30 74.24 -12.78
C THR A 73 21.35 73.28 -13.49
N ASN A 74 21.59 71.98 -13.34
CA ASN A 74 20.67 70.95 -13.82
C ASN A 74 19.94 70.26 -12.68
N GLY A 75 20.67 69.72 -11.70
CA GLY A 75 20.10 69.08 -10.55
C GLY A 75 19.30 67.84 -10.93
N THR A 76 18.38 67.48 -10.05
CA THR A 76 17.47 66.36 -10.31
C THR A 76 16.24 66.53 -9.44
N LYS A 77 15.06 66.55 -10.07
CA LYS A 77 13.78 66.71 -9.38
C LYS A 77 12.92 65.51 -9.73
N ARG A 78 13.04 64.45 -8.93
CA ARG A 78 12.32 63.21 -9.17
C ARG A 78 11.16 63.12 -8.18
N PHE A 79 9.95 62.97 -8.72
CA PHE A 79 8.73 62.74 -7.94
C PHE A 79 7.98 61.63 -8.68
N ASP A 80 8.29 60.38 -8.33
CA ASP A 80 7.83 59.22 -9.10
C ASP A 80 6.55 58.67 -8.47
N ASN A 81 5.43 58.88 -9.16
CA ASN A 81 4.16 58.26 -8.78
C ASN A 81 3.47 57.69 -10.03
N PRO A 82 4.05 56.67 -10.63
CA PRO A 82 3.46 56.08 -11.84
C PRO A 82 2.40 55.04 -11.50
N VAL A 83 1.66 54.65 -12.53
CA VAL A 83 0.65 53.59 -12.40
C VAL A 83 1.31 52.28 -12.79
N LEU A 84 1.49 51.38 -11.80
CA LEU A 84 2.19 50.12 -11.98
C LEU A 84 1.20 48.96 -11.98
N PRO A 85 1.53 47.88 -12.68
CA PRO A 85 0.60 46.73 -12.73
C PRO A 85 0.46 46.06 -11.38
N PHE A 86 -0.69 45.40 -11.20
CA PHE A 86 -0.98 44.60 -10.01
C PHE A 86 -1.36 43.22 -10.54
N ASN A 87 -0.36 42.37 -10.74
CA ASN A 87 -0.58 41.09 -11.42
C ASN A 87 -1.19 40.06 -10.48
N ASP A 88 -0.43 39.66 -9.45
CA ASP A 88 -0.89 38.67 -8.49
C ASP A 88 -0.62 39.05 -7.05
N GLY A 89 0.04 40.18 -6.80
CA GLY A 89 0.42 40.58 -5.46
C GLY A 89 1.62 41.50 -5.51
N VAL A 90 1.67 42.48 -4.61
CA VAL A 90 2.67 43.53 -4.66
C VAL A 90 3.42 43.58 -3.34
N TYR A 91 4.75 43.52 -3.41
CA TYR A 91 5.61 43.82 -2.29
C TYR A 91 6.09 45.25 -2.43
N PHE A 92 5.78 46.08 -1.43
CA PHE A 92 6.06 47.50 -1.45
C PHE A 92 6.96 47.83 -0.27
N ALA A 93 8.23 48.08 -0.55
CA ALA A 93 9.17 48.50 0.48
C ALA A 93 9.36 50.01 0.39
N SER A 94 9.60 50.64 1.53
CA SER A 94 9.72 52.09 1.57
C SER A 94 10.81 52.48 2.57
N THR A 95 11.82 53.22 2.09
CA THR A 95 12.85 53.78 2.95
C THR A 95 12.66 55.30 2.98
N GLU A 96 12.38 55.84 4.16
CA GLU A 96 12.14 57.27 4.29
C GLU A 96 12.49 57.73 5.69
N LYS A 97 12.47 59.06 5.85
CA LYS A 97 12.67 59.70 7.14
C LYS A 97 11.65 60.78 7.46
N SER A 98 10.94 61.32 6.47
CA SER A 98 9.99 62.40 6.67
C SER A 98 8.56 62.00 6.32
N ASN A 99 8.28 60.69 6.24
CA ASN A 99 6.94 60.18 5.97
C ASN A 99 6.39 60.70 4.65
N ILE A 100 7.21 60.56 3.59
CA ILE A 100 6.81 61.07 2.29
C ILE A 100 5.68 60.24 1.69
N ILE A 101 5.78 58.92 1.76
CA ILE A 101 4.76 58.04 1.20
C ILE A 101 3.49 58.19 2.02
N ARG A 102 2.40 58.56 1.35
CA ARG A 102 1.12 58.78 2.02
C ARG A 102 0.13 57.65 1.84
N GLY A 103 0.21 56.90 0.74
CA GLY A 103 -0.68 55.76 0.58
C GLY A 103 -0.66 55.22 -0.83
N TRP A 104 -1.72 54.48 -1.16
CA TRP A 104 -1.85 53.87 -2.47
C TRP A 104 -3.30 53.89 -2.93
N ILE A 105 -3.48 53.74 -4.23
CA ILE A 105 -4.78 53.56 -4.86
C ILE A 105 -4.71 52.34 -5.76
N PHE A 106 -5.74 51.49 -5.68
CA PHE A 106 -5.80 50.24 -6.44
C PHE A 106 -7.08 50.22 -7.26
N GLY A 107 -6.99 49.66 -8.46
CA GLY A 107 -8.16 49.55 -9.29
C GLY A 107 -7.81 48.95 -10.64
N THR A 108 -8.74 49.07 -11.58
CA THR A 108 -8.51 48.66 -12.96
C THR A 108 -8.47 49.86 -13.90
N THR A 109 -9.51 50.67 -13.90
CA THR A 109 -9.52 51.96 -14.60
C THR A 109 -9.71 53.03 -13.53
N LEU A 110 -8.66 53.80 -13.26
CA LEU A 110 -8.70 54.77 -12.18
C LEU A 110 -9.57 55.97 -12.54
N ASP A 111 -10.88 55.72 -12.65
CA ASP A 111 -11.84 56.77 -12.96
C ASP A 111 -13.20 56.36 -12.39
N SER A 112 -14.22 57.15 -12.69
CA SER A 112 -15.56 56.90 -12.16
C SER A 112 -16.22 55.67 -12.78
N LYS A 113 -15.65 55.11 -13.84
CA LYS A 113 -16.26 53.95 -14.48
C LYS A 113 -16.27 52.74 -13.56
N THR A 114 -15.19 52.52 -12.82
CA THR A 114 -15.04 51.35 -11.96
C THR A 114 -14.73 51.79 -10.53
N GLN A 115 -14.99 50.88 -9.60
CA GLN A 115 -14.70 51.12 -8.19
C GLN A 115 -13.21 50.97 -7.91
N SER A 116 -12.73 51.74 -6.94
CA SER A 116 -11.31 51.74 -6.61
C SER A 116 -11.12 51.81 -5.10
N LEU A 117 -9.96 51.33 -4.65
CA LEU A 117 -9.61 51.28 -3.23
C LEU A 117 -8.54 52.33 -2.96
N LEU A 118 -8.81 53.20 -1.98
CA LEU A 118 -7.90 54.25 -1.55
C LEU A 118 -7.46 53.95 -0.13
N ILE A 119 -6.15 53.82 0.08
CA ILE A 119 -5.58 53.65 1.41
C ILE A 119 -4.62 54.83 1.60
N VAL A 120 -5.04 55.84 2.37
CA VAL A 120 -4.29 57.08 2.47
C VAL A 120 -4.13 57.45 3.93
N ASN A 121 -3.09 58.26 4.19
CA ASN A 121 -2.85 58.84 5.51
C ASN A 121 -3.03 60.36 5.37
N ASN A 122 -4.09 60.87 5.99
CA ASN A 122 -4.41 62.29 5.94
C ASN A 122 -3.63 63.12 6.95
N ALA A 123 -2.54 62.57 7.50
CA ALA A 123 -1.69 63.15 8.53
C ALA A 123 -2.40 63.27 9.87
N THR A 124 -3.68 62.93 9.94
CA THR A 124 -4.42 62.85 11.20
C THR A 124 -5.09 61.51 11.41
N ASN A 125 -5.70 60.94 10.36
CA ASN A 125 -6.30 59.62 10.40
C ASN A 125 -5.80 58.81 9.22
N VAL A 126 -6.14 57.51 9.24
CA VAL A 126 -5.88 56.61 8.11
C VAL A 126 -7.23 56.27 7.48
N VAL A 127 -7.38 56.58 6.20
CA VAL A 127 -8.64 56.43 5.50
C VAL A 127 -8.50 55.28 4.51
N ILE A 128 -9.35 54.26 4.66
CA ILE A 128 -9.43 53.15 3.71
C ILE A 128 -10.84 53.18 3.14
N LYS A 129 -10.95 53.46 1.84
CA LYS A 129 -12.24 53.68 1.21
C LYS A 129 -12.27 52.94 -0.12
N VAL A 130 -13.18 51.98 -0.25
CA VAL A 130 -13.54 51.44 -1.55
C VAL A 130 -14.76 52.22 -2.04
N CYS A 131 -14.52 53.01 -3.10
CA CYS A 131 -15.46 53.97 -3.67
C CYS A 131 -15.12 54.22 -5.12
N GLU A 132 -16.11 54.73 -5.85
CA GLU A 132 -15.91 55.09 -7.26
C GLU A 132 -15.24 56.46 -7.28
N PHE A 133 -13.94 56.48 -7.55
CA PHE A 133 -13.13 57.68 -7.47
C PHE A 133 -12.75 58.15 -8.87
N GLN A 134 -12.91 59.46 -9.11
CA GLN A 134 -12.40 60.10 -10.32
C GLN A 134 -11.01 60.63 -9.97
N PHE A 135 -10.02 59.74 -10.06
CA PHE A 135 -8.66 60.08 -9.64
C PHE A 135 -8.03 61.09 -10.59
N CYS A 136 -7.21 61.97 -10.03
CA CYS A 136 -6.44 62.91 -10.83
C CYS A 136 -5.32 62.19 -11.56
N ASN A 137 -4.88 62.78 -12.68
CA ASN A 137 -3.73 62.24 -13.39
C ASN A 137 -2.45 62.33 -12.56
N ASP A 138 -2.37 63.34 -11.70
CA ASP A 138 -1.23 63.52 -10.79
C ASP A 138 -1.79 63.71 -9.38
N PRO A 139 -2.18 62.62 -8.72
CA PRO A 139 -2.70 62.74 -7.36
C PRO A 139 -1.59 62.73 -6.32
N PHE A 140 -1.75 63.53 -5.27
CA PHE A 140 -0.72 63.61 -4.25
C PHE A 140 -1.29 64.25 -2.98
N LEU A 141 -0.41 64.48 -2.01
CA LEU A 141 -0.69 65.24 -0.81
C LEU A 141 0.43 66.25 -0.61
N GLY A 142 0.21 67.21 0.27
CA GLY A 142 1.19 68.26 0.45
C GLY A 142 1.13 69.00 1.76
N VAL A 143 2.28 69.13 2.43
CA VAL A 143 2.41 69.91 3.65
C VAL A 143 3.08 71.24 3.31
N TYR A 144 2.88 72.22 4.18
CA TYR A 144 3.44 73.55 4.01
C TYR A 144 4.30 73.92 5.20
N TYR A 145 5.46 74.50 4.92
CA TYR A 145 6.39 74.93 5.95
C TYR A 145 6.28 76.44 6.12
N HIS A 146 6.04 76.88 7.36
CA HIS A 146 5.88 78.29 7.68
C HIS A 146 7.15 78.80 8.35
N LYS A 147 7.71 79.88 7.81
CA LYS A 147 8.94 80.44 8.38
C LYS A 147 8.70 80.97 9.78
N ASN A 148 7.58 81.66 10.00
CA ASN A 148 7.30 82.21 11.33
C ASN A 148 7.06 81.10 12.34
N ASN A 149 6.25 80.10 11.99
CA ASN A 149 5.96 78.99 12.89
C ASN A 149 7.12 78.01 13.01
N LYS A 150 7.95 77.90 11.98
CA LYS A 150 9.00 76.87 11.92
C LYS A 150 8.39 75.48 12.11
N SER A 151 7.22 75.27 11.51
CA SER A 151 6.49 74.01 11.64
C SER A 151 5.87 73.67 10.30
N TRP A 152 5.55 72.39 10.13
CA TRP A 152 4.97 71.87 8.90
C TRP A 152 3.52 71.47 9.14
N MET A 153 2.63 71.97 8.29
CA MET A 153 1.20 71.69 8.39
C MET A 153 0.69 71.15 7.07
N GLU A 154 -0.24 70.19 7.13
CA GLU A 154 -0.84 69.62 5.94
C GLU A 154 -1.79 70.62 5.31
N SER A 155 -1.66 70.83 3.99
CA SER A 155 -2.45 71.83 3.30
C SER A 155 -3.08 71.38 1.99
N GLU A 156 -2.57 70.35 1.33
CA GLU A 156 -3.05 69.95 0.01
C GLU A 156 -3.42 68.48 -0.01
N PHE A 157 -4.58 68.18 -0.58
CA PHE A 157 -5.06 66.80 -0.76
C PHE A 157 -5.62 66.71 -2.17
N ARG A 158 -4.85 66.17 -3.11
CA ARG A 158 -5.17 66.17 -4.53
C ARG A 158 -5.14 64.74 -5.06
N VAL A 159 -5.85 63.85 -4.39
CA VAL A 159 -5.91 62.44 -4.79
C VAL A 159 -7.00 62.20 -5.82
N TYR A 160 -8.23 62.59 -5.52
CA TYR A 160 -9.37 62.32 -6.41
C TYR A 160 -10.22 63.57 -6.55
N SER A 161 -10.98 63.62 -7.64
CA SER A 161 -11.87 64.74 -7.92
C SER A 161 -13.26 64.52 -7.33
N SER A 162 -13.84 63.33 -7.53
CA SER A 162 -15.17 63.03 -7.04
C SER A 162 -15.21 61.59 -6.53
N ALA A 163 -16.08 61.35 -5.55
CA ALA A 163 -16.29 60.03 -4.98
C ALA A 163 -17.78 59.71 -5.00
N ASN A 164 -18.12 58.53 -5.51
CA ASN A 164 -19.52 58.19 -5.70
C ASN A 164 -19.67 56.68 -5.79
N ASN A 165 -20.88 56.21 -5.43
CA ASN A 165 -21.33 54.83 -5.68
C ASN A 165 -20.40 53.81 -5.00
N CYS A 166 -20.44 53.82 -3.67
CA CYS A 166 -19.54 52.94 -2.94
C CYS A 166 -20.18 52.29 -1.73
N THR A 167 -19.41 51.39 -1.15
CA THR A 167 -19.74 50.57 0.00
C THR A 167 -18.75 50.69 1.15
N PHE A 168 -17.44 50.81 0.88
CA PHE A 168 -16.47 50.56 1.95
C PHE A 168 -15.87 51.88 2.43
N GLU A 169 -15.99 52.13 3.73
CA GLU A 169 -15.43 53.32 4.38
C GLU A 169 -14.87 52.94 5.74
N TYR A 170 -13.66 53.42 6.03
CA TYR A 170 -13.06 53.22 7.35
C TYR A 170 -12.12 54.37 7.64
N VAL A 171 -12.28 54.98 8.81
CA VAL A 171 -11.44 56.08 9.28
C VAL A 171 -10.80 55.67 10.60
N SER A 172 -9.48 55.78 10.67
CA SER A 172 -8.76 55.40 11.88
C SER A 172 -8.84 56.50 12.93
N GLN A 173 -8.37 56.18 14.13
CA GLN A 173 -8.38 57.14 15.23
C GLN A 173 -7.40 58.28 14.92
N PRO A 174 -7.72 59.50 15.39
CA PRO A 174 -6.83 60.63 15.10
C PRO A 174 -5.47 60.47 15.77
N PHE A 175 -4.45 61.02 15.11
CA PHE A 175 -3.09 61.04 15.63
C PHE A 175 -2.41 62.31 15.17
N LEU A 176 -1.11 62.45 15.48
CA LEU A 176 -0.35 63.65 15.12
C LEU A 176 0.46 63.45 13.85
N MET A 177 1.36 62.46 13.84
CA MET A 177 2.15 62.10 12.66
C MET A 177 2.91 63.33 12.14
N ASP A 178 3.88 63.75 12.96
CA ASP A 178 4.65 64.96 12.69
C ASP A 178 5.21 64.96 11.27
N LEU A 179 5.12 66.12 10.61
CA LEU A 179 5.47 66.27 9.20
C LEU A 179 6.79 67.02 9.01
N GLU A 180 7.67 66.99 10.00
CA GLU A 180 8.93 67.71 9.90
C GLU A 180 9.81 67.10 8.81
N GLY A 181 10.47 67.98 8.05
CA GLY A 181 11.35 67.56 6.98
C GLY A 181 12.73 67.16 7.48
N LYS A 182 12.83 65.98 8.07
CA LYS A 182 14.11 65.52 8.62
C LYS A 182 15.14 65.37 7.52
N GLN A 183 16.39 65.68 7.86
CA GLN A 183 17.51 65.60 6.93
C GLN A 183 18.54 64.59 7.45
N GLY A 184 19.20 63.92 6.50
CA GLY A 184 20.23 62.95 6.86
C GLY A 184 20.03 61.60 6.22
N ASN A 185 20.00 60.55 7.04
CA ASN A 185 19.86 59.18 6.56
C ASN A 185 18.42 58.70 6.74
N PHE A 186 18.06 57.69 5.95
CA PHE A 186 16.73 57.08 6.05
C PHE A 186 16.61 56.34 7.38
N LYS A 187 15.59 56.68 8.16
CA LYS A 187 15.43 56.14 9.51
C LYS A 187 14.22 55.24 9.65
N ASN A 188 13.51 54.95 8.56
CA ASN A 188 12.35 54.07 8.63
C ASN A 188 12.28 53.23 7.36
N LEU A 189 12.08 51.92 7.52
CA LEU A 189 11.82 51.01 6.41
C LEU A 189 10.49 50.31 6.69
N ARG A 190 9.50 50.58 5.86
CA ARG A 190 8.18 49.98 6.00
C ARG A 190 7.94 49.05 4.81
N GLU A 191 7.64 47.79 5.11
CA GLU A 191 7.41 46.76 4.11
C GLU A 191 5.94 46.34 4.16
N PHE A 192 5.32 46.26 3.00
CA PHE A 192 3.92 45.86 2.87
C PHE A 192 3.79 44.78 1.81
N VAL A 193 2.87 43.86 2.05
CA VAL A 193 2.48 42.85 1.07
C VAL A 193 0.99 43.00 0.83
N PHE A 194 0.62 43.27 -0.41
CA PHE A 194 -0.78 43.44 -0.82
C PHE A 194 -1.18 42.29 -1.73
N LYS A 195 -2.29 41.63 -1.39
CA LYS A 195 -2.84 40.55 -2.18
C LYS A 195 -4.33 40.76 -2.36
N ASN A 196 -4.86 40.26 -3.49
CA ASN A 196 -6.29 40.36 -3.80
C ASN A 196 -6.79 38.95 -4.11
N ILE A 197 -7.29 38.27 -3.09
CA ILE A 197 -7.70 36.87 -3.21
C ILE A 197 -9.14 36.73 -2.76
N ASP A 198 -9.99 36.21 -3.65
CA ASP A 198 -11.39 35.88 -3.33
C ASP A 198 -12.14 37.09 -2.76
N GLY A 199 -11.95 38.25 -3.38
CA GLY A 199 -12.62 39.45 -2.92
C GLY A 199 -12.07 40.02 -1.63
N TYR A 200 -10.93 39.54 -1.17
CA TYR A 200 -10.31 39.99 0.07
C TYR A 200 -8.99 40.67 -0.25
N PHE A 201 -8.79 41.87 0.27
CA PHE A 201 -7.52 42.56 0.20
C PHE A 201 -6.72 42.20 1.44
N LYS A 202 -5.69 41.38 1.26
CA LYS A 202 -4.79 40.98 2.32
C LYS A 202 -3.65 41.99 2.40
N ILE A 203 -3.45 42.58 3.56
CA ILE A 203 -2.34 43.50 3.78
C ILE A 203 -1.50 42.97 4.94
N TYR A 204 -0.23 42.71 4.67
CA TYR A 204 0.75 42.36 5.69
C TYR A 204 1.76 43.50 5.81
N SER A 205 2.17 43.79 7.05
CA SER A 205 3.01 44.95 7.28
C SER A 205 4.17 44.62 8.21
N LYS A 206 5.25 45.36 8.06
CA LYS A 206 6.41 45.26 8.94
C LYS A 206 7.16 46.58 8.92
N HIS A 207 7.80 46.90 10.06
CA HIS A 207 8.56 48.13 10.21
C HIS A 207 9.92 47.83 10.80
N THR A 208 10.95 48.51 10.28
CA THR A 208 12.33 48.32 10.73
C THR A 208 13.01 49.67 10.85
N PRO A 209 13.83 49.87 11.90
CA PRO A 209 14.56 51.14 12.05
C PRO A 209 15.48 51.43 10.87
N ILE A 210 16.45 50.54 10.64
CA ILE A 210 17.47 50.61 9.58
C ILE A 210 18.25 51.92 9.58
N ASN A 211 19.42 51.90 8.93
CA ASN A 211 20.22 53.12 8.79
C ASN A 211 21.14 52.93 7.58
N LEU A 212 20.78 53.54 6.45
CA LEU A 212 21.61 53.52 5.26
C LEU A 212 21.20 54.69 4.37
N VAL A 213 21.86 54.79 3.22
CA VAL A 213 21.75 55.97 2.35
C VAL A 213 20.82 55.72 1.17
N ARG A 214 21.17 54.75 0.31
CA ARG A 214 20.59 54.69 -1.03
C ARG A 214 19.70 53.46 -1.25
N ASP A 215 20.24 52.26 -1.07
CA ASP A 215 19.61 51.05 -1.59
C ASP A 215 18.72 50.40 -0.53
N LEU A 216 18.09 49.30 -0.92
CA LEU A 216 17.29 48.51 -0.01
C LEU A 216 18.19 47.74 0.95
N PRO A 217 17.94 47.77 2.25
CA PRO A 217 18.80 47.03 3.18
C PRO A 217 18.69 45.53 2.98
N GLN A 218 19.78 44.84 3.28
CA GLN A 218 19.87 43.40 3.12
C GLN A 218 19.64 42.72 4.47
N GLY A 219 18.68 41.81 4.52
CA GLY A 219 18.38 41.11 5.74
C GLY A 219 17.07 40.35 5.62
N PHE A 220 16.64 39.79 6.75
CA PHE A 220 15.42 39.02 6.82
C PHE A 220 14.49 39.60 7.89
N SER A 221 13.22 39.75 7.54
CA SER A 221 12.23 40.27 8.47
C SER A 221 10.86 39.77 8.02
N ALA A 222 10.26 38.88 8.80
CA ALA A 222 8.96 38.33 8.45
C ALA A 222 7.87 39.37 8.64
N LEU A 223 7.00 39.51 7.64
CA LEU A 223 5.91 40.46 7.70
C LEU A 223 4.71 39.85 8.43
N GLU A 224 4.19 40.57 9.40
CA GLU A 224 3.03 40.06 10.12
C GLU A 224 1.75 40.54 9.47
N PRO A 225 0.67 39.76 9.57
CA PRO A 225 -0.61 40.20 9.00
C PRO A 225 -1.09 41.50 9.62
N LEU A 226 -1.54 42.41 8.77
CA LEU A 226 -2.02 43.71 9.19
C LEU A 226 -3.54 43.82 9.11
N VAL A 227 -4.13 43.55 7.95
CA VAL A 227 -5.56 43.73 7.79
C VAL A 227 -6.10 42.81 6.70
N ASP A 228 -7.37 42.48 6.82
CA ASP A 228 -8.09 41.62 5.88
C ASP A 228 -9.35 42.37 5.45
N LEU A 229 -9.22 43.21 4.43
CA LEU A 229 -10.32 44.07 4.01
C LEU A 229 -11.28 43.30 3.11
N PRO A 230 -12.56 43.22 3.44
CA PRO A 230 -13.55 42.59 2.54
C PRO A 230 -13.91 43.51 1.36
N ILE A 231 -12.98 43.58 0.41
CA ILE A 231 -13.04 44.62 -0.61
C ILE A 231 -13.91 44.20 -1.79
N GLY A 232 -13.61 43.07 -2.41
CA GLY A 232 -14.44 42.55 -3.49
C GLY A 232 -14.51 43.38 -4.76
N ILE A 233 -13.36 43.88 -5.23
CA ILE A 233 -13.30 44.62 -6.48
C ILE A 233 -12.18 44.04 -7.34
N ASN A 234 -12.25 44.35 -8.64
CA ASN A 234 -11.23 43.92 -9.58
C ASN A 234 -10.06 44.90 -9.57
N ILE A 235 -8.86 44.39 -9.35
CA ILE A 235 -7.66 45.22 -9.23
C ILE A 235 -6.60 44.68 -10.19
N THR A 236 -6.10 45.55 -11.06
CA THR A 236 -4.99 45.21 -11.96
C THR A 236 -3.88 46.26 -11.97
N ARG A 237 -4.12 47.46 -11.46
CA ARG A 237 -3.14 48.54 -11.44
C ARG A 237 -3.21 49.26 -10.10
N PHE A 238 -2.11 49.90 -9.75
CA PHE A 238 -2.04 50.66 -8.50
C PHE A 238 -1.06 51.81 -8.66
N GLN A 239 -1.32 52.88 -7.91
CA GLN A 239 -0.50 54.09 -7.94
C GLN A 239 -0.20 54.55 -6.53
N THR A 240 1.03 54.96 -6.28
CA THR A 240 1.46 55.42 -4.97
C THR A 240 1.24 56.91 -4.83
N LEU A 241 0.56 57.31 -3.77
CA LEU A 241 0.29 58.71 -3.46
C LEU A 241 1.32 59.18 -2.44
N LEU A 242 2.07 60.22 -2.80
CA LEU A 242 3.19 60.73 -2.03
C LEU A 242 2.80 62.05 -1.37
N ALA A 243 3.79 62.70 -0.75
CA ALA A 243 3.62 64.01 -0.14
C ALA A 243 4.75 64.92 -0.58
N LEU A 244 4.40 66.13 -1.02
CA LEU A 244 5.38 67.12 -1.43
C LEU A 244 5.41 68.27 -0.41
N HIS A 245 6.46 69.08 -0.49
CA HIS A 245 6.69 70.16 0.44
C HIS A 245 6.63 71.51 -0.27
N ARG A 246 5.99 72.48 0.38
CA ARG A 246 5.94 73.86 -0.08
C ARG A 246 6.31 74.78 1.07
N SER A 247 7.04 75.85 0.75
CA SER A 247 7.49 76.79 1.77
C SER A 247 7.75 78.14 1.10
N TYR A 248 8.40 79.05 1.82
CA TYR A 248 8.76 80.35 1.26
C TYR A 248 9.76 80.23 0.12
N LEU A 249 10.55 79.16 0.10
CA LEU A 249 11.44 78.89 -1.02
C LEU A 249 10.64 78.25 -2.16
N THR A 250 11.35 77.80 -3.21
CA THR A 250 10.83 77.18 -4.42
C THR A 250 9.48 77.77 -4.84
N PRO A 251 9.43 79.03 -5.21
CA PRO A 251 8.14 79.66 -5.54
C PRO A 251 7.57 79.12 -6.84
N GLY A 252 6.25 79.27 -6.98
CA GLY A 252 5.58 78.79 -8.17
C GLY A 252 4.10 79.07 -8.09
N ASP A 253 3.36 78.42 -8.99
CA ASP A 253 1.92 78.59 -9.11
C ASP A 253 1.18 77.29 -8.79
N SER A 254 1.62 76.60 -7.75
CA SER A 254 1.06 75.34 -7.23
C SER A 254 1.29 74.17 -8.17
N SER A 255 1.89 74.39 -9.35
CA SER A 255 2.21 73.31 -10.27
C SER A 255 3.71 73.08 -10.41
N SER A 256 4.53 74.10 -10.16
CA SER A 256 5.98 73.98 -10.17
C SER A 256 6.64 74.45 -8.89
N GLY A 257 5.91 75.13 -8.02
CA GLY A 257 6.47 75.61 -6.76
C GLY A 257 6.37 74.60 -5.64
N TRP A 258 7.15 73.52 -5.75
CA TRP A 258 7.14 72.46 -4.74
C TRP A 258 8.51 71.81 -4.70
N THR A 259 8.78 71.15 -3.57
CA THR A 259 10.00 70.36 -3.40
C THR A 259 9.63 69.01 -2.80
N ALA A 260 10.38 67.98 -3.19
CA ALA A 260 10.10 66.61 -2.79
C ALA A 260 11.08 66.18 -1.70
N GLY A 261 10.55 65.72 -0.57
CA GLY A 261 11.40 65.19 0.47
C GLY A 261 12.05 63.88 0.06
N ALA A 262 13.26 63.66 0.57
CA ALA A 262 14.05 62.51 0.17
C ALA A 262 13.40 61.22 0.66
N ALA A 263 13.05 60.35 -0.27
CA ALA A 263 12.48 59.05 0.07
C ALA A 263 12.66 58.11 -1.12
N ALA A 264 12.52 56.82 -0.86
CA ALA A 264 12.59 55.83 -1.92
C ALA A 264 11.58 54.72 -1.65
N TYR A 265 11.02 54.17 -2.73
CA TYR A 265 10.13 53.03 -2.59
C TYR A 265 10.37 52.02 -3.70
N TYR A 266 10.30 50.75 -3.33
CA TYR A 266 10.66 49.63 -4.19
C TYR A 266 9.45 48.72 -4.36
N VAL A 267 9.23 48.29 -5.60
CA VAL A 267 8.05 47.51 -5.97
C VAL A 267 8.50 46.18 -6.56
N GLY A 268 7.96 45.08 -6.01
CA GLY A 268 8.19 43.77 -6.56
C GLY A 268 6.87 43.02 -6.66
N TYR A 269 6.90 41.94 -7.44
CA TYR A 269 5.70 41.19 -7.76
C TYR A 269 5.80 39.77 -7.22
N LEU A 270 4.71 39.30 -6.61
CA LEU A 270 4.64 37.99 -6.01
C LEU A 270 4.27 36.94 -7.04
N GLN A 271 4.79 35.73 -6.84
CA GLN A 271 4.52 34.56 -7.67
C GLN A 271 4.19 33.38 -6.78
N PRO A 272 3.44 32.40 -7.28
CA PRO A 272 3.17 31.20 -6.48
C PRO A 272 4.41 30.33 -6.32
N ARG A 273 5.00 30.34 -5.13
CA ARG A 273 6.23 29.61 -4.87
C ARG A 273 6.09 28.82 -3.56
N THR A 274 6.93 27.81 -3.43
CA THR A 274 7.04 27.01 -2.22
C THR A 274 8.22 27.52 -1.41
N PHE A 275 7.97 27.90 -0.17
CA PHE A 275 8.99 28.44 0.73
C PHE A 275 9.12 27.54 1.95
N LEU A 276 10.36 27.30 2.37
CA LEU A 276 10.65 26.57 3.60
C LEU A 276 11.09 27.59 4.65
N LEU A 277 10.22 27.88 5.61
CA LEU A 277 10.47 28.87 6.64
C LEU A 277 10.93 28.21 7.93
N LYS A 278 11.75 28.93 8.69
CA LYS A 278 12.32 28.44 9.94
C LYS A 278 11.69 29.21 11.10
N TYR A 279 10.94 28.51 11.94
CA TYR A 279 10.39 29.08 13.17
C TYR A 279 11.34 28.74 14.32
N ASN A 280 11.86 29.78 14.97
CA ASN A 280 12.78 29.59 16.08
C ASN A 280 12.00 29.19 17.33
N GLU A 281 12.69 29.09 18.47
CA GLU A 281 12.04 28.69 19.71
C GLU A 281 11.02 29.70 20.20
N ASN A 282 11.10 30.94 19.74
CA ASN A 282 10.16 31.99 20.14
C ASN A 282 9.01 32.17 19.16
N GLY A 283 8.92 31.33 18.12
CA GLY A 283 7.84 31.43 17.17
C GLY A 283 8.00 32.50 16.12
N THR A 284 9.23 32.94 15.85
CA THR A 284 9.50 33.99 14.89
C THR A 284 10.18 33.39 13.66
N ILE A 285 9.71 33.76 12.48
CA ILE A 285 10.32 33.31 11.23
C ILE A 285 11.62 34.08 11.04
N THR A 286 12.75 33.39 11.16
CA THR A 286 14.06 34.04 11.08
C THR A 286 14.79 33.77 9.77
N ASP A 287 14.38 32.77 9.00
CA ASP A 287 15.04 32.47 7.74
C ASP A 287 14.07 31.71 6.84
N ALA A 288 14.36 31.74 5.54
CA ALA A 288 13.51 31.07 4.57
C ALA A 288 14.36 30.61 3.39
N VAL A 289 13.88 29.57 2.72
CA VAL A 289 14.51 29.01 1.53
C VAL A 289 13.48 28.97 0.41
N ASP A 290 13.84 29.55 -0.73
CA ASP A 290 13.00 29.53 -1.92
C ASP A 290 13.36 28.30 -2.74
N CYS A 291 12.47 27.29 -2.73
CA CYS A 291 12.80 26.00 -3.31
C CYS A 291 13.06 26.09 -4.81
N ALA A 292 12.46 27.06 -5.49
CA ALA A 292 12.58 27.19 -6.94
C ALA A 292 13.69 28.14 -7.36
N LEU A 293 14.48 28.65 -6.41
CA LEU A 293 15.51 29.62 -6.76
C LEU A 293 16.64 28.97 -7.55
N ASP A 294 17.16 27.84 -7.07
CA ASP A 294 18.26 27.15 -7.72
C ASP A 294 18.26 25.69 -7.26
N PRO A 295 18.99 24.82 -7.95
CA PRO A 295 19.04 23.41 -7.51
C PRO A 295 19.53 23.23 -6.09
N LEU A 296 20.44 24.08 -5.61
CA LEU A 296 20.88 23.99 -4.23
C LEU A 296 19.72 24.24 -3.26
N SER A 297 18.91 25.26 -3.54
CA SER A 297 17.74 25.52 -2.70
C SER A 297 16.71 24.42 -2.81
N GLU A 298 16.56 23.81 -4.00
CA GLU A 298 15.67 22.68 -4.14
C GLU A 298 16.13 21.50 -3.28
N THR A 299 17.45 21.26 -3.26
CA THR A 299 17.98 20.21 -2.39
C THR A 299 17.77 20.56 -0.92
N LYS A 300 17.94 21.83 -0.57
CA LYS A 300 17.68 22.25 0.81
C LYS A 300 16.23 21.98 1.21
N CYS A 301 15.29 22.30 0.31
CA CYS A 301 13.89 22.05 0.59
C CYS A 301 13.58 20.56 0.68
N THR A 302 14.17 19.76 -0.22
CA THR A 302 13.93 18.32 -0.20
C THR A 302 14.46 17.68 1.06
N LEU A 303 15.65 18.09 1.51
CA LEU A 303 16.23 17.57 2.73
C LEU A 303 15.59 18.16 3.98
N LYS A 304 14.74 19.17 3.84
CA LYS A 304 14.10 19.84 4.97
C LYS A 304 15.13 20.35 5.97
N SER A 305 16.19 20.97 5.45
CA SER A 305 17.23 21.54 6.29
C SER A 305 17.87 22.71 5.56
N PHE A 306 18.46 23.62 6.33
CA PHE A 306 19.13 24.80 5.77
C PHE A 306 20.60 24.55 5.47
N THR A 307 21.13 23.39 5.85
CA THR A 307 22.53 23.03 5.60
C THR A 307 22.59 21.73 4.81
N VAL A 308 23.46 21.69 3.81
CA VAL A 308 23.63 20.53 2.95
C VAL A 308 25.06 20.01 3.10
N GLU A 309 25.20 18.72 3.34
CA GLU A 309 26.51 18.10 3.44
C GLU A 309 27.12 17.92 2.05
N LYS A 310 28.43 17.67 2.03
CA LYS A 310 29.14 17.46 0.78
C LYS A 310 28.63 16.21 0.07
N GLY A 311 28.40 16.34 -1.23
CA GLY A 311 27.98 15.21 -2.03
C GLY A 311 27.17 15.66 -3.23
N ILE A 312 26.59 14.68 -3.92
CA ILE A 312 25.79 14.89 -5.10
C ILE A 312 24.37 14.42 -4.81
N TYR A 313 23.39 15.26 -5.13
CA TYR A 313 21.98 15.02 -4.82
C TYR A 313 21.16 15.15 -6.09
N GLN A 314 20.29 14.18 -6.34
CA GLN A 314 19.40 14.25 -7.49
C GLN A 314 18.26 15.23 -7.21
N THR A 315 18.04 16.16 -8.13
CA THR A 315 16.96 17.13 -8.02
C THR A 315 15.85 16.76 -8.98
N SER A 316 14.85 17.63 -9.10
CA SER A 316 13.76 17.40 -10.03
C SER A 316 14.28 17.46 -11.46
N ASN A 317 13.59 16.76 -12.35
CA ASN A 317 13.97 16.73 -13.76
C ASN A 317 13.85 18.13 -14.36
N PHE A 318 14.57 18.34 -15.47
CA PHE A 318 14.56 19.63 -16.13
C PHE A 318 13.15 19.95 -16.63
N ARG A 319 12.64 21.11 -16.24
CA ARG A 319 11.28 21.53 -16.57
C ARG A 319 11.31 22.71 -17.52
N VAL A 320 10.47 22.66 -18.55
CA VAL A 320 10.31 23.76 -19.49
C VAL A 320 8.88 24.28 -19.35
N GLN A 321 8.74 25.51 -18.89
CA GLN A 321 7.42 26.09 -18.71
C GLN A 321 6.81 26.48 -20.06
N PRO A 322 5.49 26.33 -20.23
CA PRO A 322 4.87 26.75 -21.48
C PRO A 322 4.98 28.26 -21.68
N THR A 323 5.11 28.66 -22.95
CA THR A 323 5.26 30.06 -23.31
C THR A 323 3.97 30.69 -23.82
N GLU A 324 3.18 29.96 -24.60
CA GLU A 324 1.94 30.47 -25.16
C GLU A 324 0.81 29.52 -24.84
N SER A 325 -0.42 29.99 -25.06
CA SER A 325 -1.62 29.18 -24.91
C SER A 325 -2.42 29.28 -26.21
N ILE A 326 -2.78 28.13 -26.76
CA ILE A 326 -3.45 28.04 -28.05
C ILE A 326 -4.74 27.23 -27.89
N VAL A 327 -5.77 27.64 -28.63
CA VAL A 327 -7.04 26.93 -28.67
C VAL A 327 -7.34 26.59 -30.13
N ARG A 328 -7.65 25.33 -30.38
CA ARG A 328 -7.94 24.84 -31.73
C ARG A 328 -9.32 24.19 -31.71
N PHE A 329 -10.33 24.94 -32.16
CA PHE A 329 -11.69 24.45 -32.31
C PHE A 329 -12.07 24.45 -33.79
N PRO A 330 -12.96 23.56 -34.20
CA PRO A 330 -13.44 23.60 -35.59
C PRO A 330 -14.17 24.91 -35.87
N ASN A 331 -14.00 25.43 -37.09
CA ASN A 331 -14.50 26.76 -37.43
C ASN A 331 -16.01 26.66 -37.68
N ILE A 332 -16.79 26.91 -36.64
CA ILE A 332 -18.24 26.91 -36.72
C ILE A 332 -18.75 28.27 -36.29
N THR A 333 -19.63 28.86 -37.09
CA THR A 333 -20.20 30.16 -36.80
C THR A 333 -21.68 30.11 -36.42
N ASN A 334 -22.41 29.09 -36.85
CA ASN A 334 -23.83 29.00 -36.56
C ASN A 334 -24.06 28.69 -35.09
N LEU A 335 -25.05 29.35 -34.49
CA LEU A 335 -25.44 29.08 -33.12
C LEU A 335 -26.32 27.84 -33.04
N CYS A 336 -26.24 27.15 -31.90
CA CYS A 336 -27.05 25.96 -31.72
C CYS A 336 -28.53 26.32 -31.67
N PRO A 337 -29.41 25.42 -32.13
CA PRO A 337 -30.84 25.76 -32.17
C PRO A 337 -31.47 25.82 -30.79
N PHE A 338 -31.07 26.81 -30.00
CA PHE A 338 -31.68 26.99 -28.68
C PHE A 338 -33.15 27.38 -28.81
N GLY A 339 -33.49 28.19 -29.81
CA GLY A 339 -34.89 28.54 -30.03
C GLY A 339 -35.73 27.36 -30.47
N GLU A 340 -35.15 26.48 -31.29
CA GLU A 340 -35.88 25.31 -31.76
C GLU A 340 -36.07 24.26 -30.68
N VAL A 341 -35.38 24.37 -29.55
CA VAL A 341 -35.45 23.38 -28.47
C VAL A 341 -36.20 23.94 -27.26
N PHE A 342 -35.69 25.03 -26.67
CA PHE A 342 -36.27 25.59 -25.46
C PHE A 342 -37.43 26.54 -25.71
N ASN A 343 -37.61 27.00 -26.95
CA ASN A 343 -38.68 27.92 -27.31
C ASN A 343 -39.74 27.27 -28.19
N ALA A 344 -39.77 25.94 -28.23
CA ALA A 344 -40.71 25.22 -29.09
C ALA A 344 -42.15 25.48 -28.64
N THR A 345 -43.03 25.72 -29.63
CA THR A 345 -44.43 25.96 -29.32
C THR A 345 -45.09 24.73 -28.70
N ARG A 346 -44.81 23.55 -29.26
CA ARG A 346 -45.41 22.31 -28.80
C ARG A 346 -44.32 21.33 -28.39
N PHE A 347 -44.51 20.70 -27.23
CA PHE A 347 -43.61 19.67 -26.75
C PHE A 347 -44.27 18.31 -26.85
N ALA A 348 -43.45 17.27 -26.85
CA ALA A 348 -43.93 15.90 -27.00
C ALA A 348 -44.29 15.30 -25.63
N SER A 349 -45.09 14.25 -25.67
CA SER A 349 -45.45 13.53 -24.45
C SER A 349 -44.25 12.73 -23.94
N VAL A 350 -44.28 12.43 -22.64
CA VAL A 350 -43.16 11.74 -22.02
C VAL A 350 -43.02 10.31 -22.56
N TYR A 351 -44.16 9.65 -22.84
CA TYR A 351 -44.10 8.32 -23.42
C TYR A 351 -43.62 8.35 -24.86
N ALA A 352 -43.77 9.48 -25.55
CA ALA A 352 -43.29 9.64 -26.91
C ALA A 352 -42.29 10.79 -26.99
N TRP A 353 -41.34 10.81 -26.05
CA TRP A 353 -40.39 11.91 -25.95
C TRP A 353 -39.62 12.09 -27.26
N ASN A 354 -39.43 13.35 -27.65
CA ASN A 354 -38.80 13.66 -28.93
C ASN A 354 -37.29 13.71 -28.77
N ARG A 355 -36.58 13.16 -29.75
CA ARG A 355 -35.12 13.20 -29.77
C ARG A 355 -34.67 13.97 -31.00
N LYS A 356 -33.81 14.98 -30.78
CA LYS A 356 -33.32 15.83 -31.85
C LYS A 356 -31.80 15.83 -31.83
N ARG A 357 -31.20 15.70 -33.01
CA ARG A 357 -29.75 15.69 -33.16
C ARG A 357 -29.24 17.13 -33.28
N ILE A 358 -28.18 17.44 -32.55
CA ILE A 358 -27.54 18.75 -32.59
C ILE A 358 -26.13 18.57 -33.13
N SER A 359 -25.81 19.28 -34.21
CA SER A 359 -24.52 19.12 -34.85
C SER A 359 -24.10 20.42 -35.51
N ASN A 360 -22.79 20.66 -35.54
CA ASN A 360 -22.17 21.79 -36.23
C ASN A 360 -22.73 23.12 -35.71
N CYS A 361 -22.48 23.39 -34.43
CA CYS A 361 -22.97 24.62 -33.82
C CYS A 361 -22.14 24.97 -32.60
N VAL A 362 -22.31 26.20 -32.15
CA VAL A 362 -21.63 26.75 -30.97
C VAL A 362 -22.66 26.83 -29.85
N ALA A 363 -22.38 26.14 -28.74
CA ALA A 363 -23.29 26.05 -27.61
C ALA A 363 -23.06 27.24 -26.66
N ASP A 364 -23.42 28.42 -27.16
CA ASP A 364 -23.37 29.64 -26.36
C ASP A 364 -24.70 29.77 -25.63
N TYR A 365 -24.82 29.04 -24.52
CA TYR A 365 -26.06 29.00 -23.76
C TYR A 365 -26.36 30.30 -23.03
N SER A 366 -25.42 31.25 -23.00
CA SER A 366 -25.67 32.54 -22.37
C SER A 366 -26.81 33.28 -23.04
N VAL A 367 -27.11 32.99 -24.32
CA VAL A 367 -28.24 33.60 -24.99
C VAL A 367 -29.55 33.21 -24.34
N LEU A 368 -29.58 32.10 -23.60
CA LEU A 368 -30.77 31.71 -22.86
C LEU A 368 -30.95 32.53 -21.58
N TYR A 369 -29.95 33.32 -21.19
CA TYR A 369 -30.05 34.11 -19.97
C TYR A 369 -31.13 35.17 -20.07
N ASN A 370 -31.43 35.64 -21.28
CA ASN A 370 -32.36 36.76 -21.44
C ASN A 370 -33.78 36.36 -21.07
N SER A 371 -34.26 35.22 -21.58
CA SER A 371 -35.66 34.85 -21.47
C SER A 371 -35.92 33.52 -20.80
N ALA A 372 -34.93 32.63 -20.73
CA ALA A 372 -35.14 31.28 -20.23
C ALA A 372 -34.73 31.20 -18.77
N SER A 373 -35.68 30.81 -17.91
CA SER A 373 -35.43 30.56 -16.49
C SER A 373 -35.70 29.09 -16.22
N PHE A 374 -34.72 28.39 -15.66
CA PHE A 374 -34.78 26.95 -15.48
C PHE A 374 -34.84 26.62 -13.99
N SER A 375 -35.86 25.86 -13.60
CA SER A 375 -35.96 25.42 -12.21
C SER A 375 -34.91 24.36 -11.89
N THR A 376 -34.62 23.47 -12.84
CA THR A 376 -33.67 22.40 -12.63
C THR A 376 -32.63 22.43 -13.74
N PHE A 377 -31.36 22.36 -13.36
CA PHE A 377 -30.26 22.27 -14.33
C PHE A 377 -29.15 21.47 -13.66
N LYS A 378 -29.11 20.17 -13.93
CA LYS A 378 -28.16 19.26 -13.29
C LYS A 378 -27.33 18.56 -14.34
N CYS A 379 -26.01 18.74 -14.27
CA CYS A 379 -25.07 18.08 -15.17
C CYS A 379 -24.36 16.96 -14.42
N TYR A 380 -24.20 15.83 -15.09
CA TYR A 380 -23.70 14.62 -14.45
C TYR A 380 -22.28 14.27 -14.87
N GLY A 381 -22.03 14.16 -16.16
CA GLY A 381 -20.72 13.80 -16.66
C GLY A 381 -19.80 14.96 -16.94
N VAL A 382 -20.17 16.18 -16.57
CA VAL A 382 -19.33 17.35 -16.81
C VAL A 382 -19.69 18.42 -15.79
N SER A 383 -18.69 19.16 -15.34
CA SER A 383 -18.94 20.29 -14.47
C SER A 383 -19.53 21.44 -15.30
N PRO A 384 -20.52 22.17 -14.75
CA PRO A 384 -21.11 23.26 -15.52
C PRO A 384 -20.13 24.33 -15.95
N THR A 385 -19.20 24.70 -15.06
CA THR A 385 -18.28 25.80 -15.35
C THR A 385 -17.32 25.48 -16.48
N LYS A 386 -17.14 24.21 -16.81
CA LYS A 386 -16.29 23.80 -17.93
C LYS A 386 -17.06 23.70 -19.24
N LEU A 387 -18.38 23.87 -19.23
CA LEU A 387 -19.18 23.69 -20.43
C LEU A 387 -18.80 24.66 -21.54
N ASN A 388 -18.23 25.81 -21.20
CA ASN A 388 -17.81 26.78 -22.21
C ASN A 388 -16.45 26.46 -22.82
N ASP A 389 -15.71 25.52 -22.26
CA ASP A 389 -14.37 25.19 -22.72
C ASP A 389 -14.28 23.79 -23.33
N LEU A 390 -15.40 23.22 -23.75
CA LEU A 390 -15.43 21.84 -24.22
C LEU A 390 -16.15 21.75 -25.56
N CYS A 391 -15.88 20.66 -26.27
CA CYS A 391 -16.57 20.30 -27.50
C CYS A 391 -17.26 18.96 -27.29
N PHE A 392 -18.48 18.84 -27.80
CA PHE A 392 -19.34 17.70 -27.54
C PHE A 392 -19.50 16.85 -28.80
N THR A 393 -19.45 15.52 -28.62
CA THR A 393 -19.38 14.62 -29.77
C THR A 393 -20.74 14.37 -30.40
N ASN A 394 -21.64 13.74 -29.64
CA ASN A 394 -22.94 13.30 -30.17
C ASN A 394 -24.02 13.95 -29.31
N VAL A 395 -24.43 15.15 -29.68
CA VAL A 395 -25.38 15.92 -28.89
C VAL A 395 -26.79 15.51 -29.30
N TYR A 396 -27.55 14.98 -28.35
CA TYR A 396 -28.96 14.64 -28.57
C TYR A 396 -29.79 15.28 -27.48
N ALA A 397 -30.84 15.99 -27.89
CA ALA A 397 -31.76 16.66 -26.98
C ALA A 397 -33.07 15.87 -26.95
N ASP A 398 -33.41 15.35 -25.78
CA ASP A 398 -34.68 14.65 -25.57
C ASP A 398 -35.63 15.59 -24.85
N SER A 399 -36.70 15.96 -25.52
CA SER A 399 -37.67 16.92 -25.01
C SER A 399 -39.00 16.23 -24.72
N PHE A 400 -39.58 16.56 -23.58
CA PHE A 400 -40.91 16.08 -23.21
C PHE A 400 -41.50 16.99 -22.14
N VAL A 401 -42.72 16.66 -21.71
CA VAL A 401 -43.42 17.41 -20.67
C VAL A 401 -43.90 16.41 -19.62
N ILE A 402 -43.63 16.71 -18.35
CA ILE A 402 -44.02 15.85 -17.25
C ILE A 402 -44.67 16.70 -16.16
N ARG A 403 -44.99 16.06 -15.04
CA ARG A 403 -45.51 16.74 -13.87
C ARG A 403 -44.37 17.43 -13.12
N GLY A 404 -44.75 18.37 -12.26
CA GLY A 404 -43.75 19.03 -11.42
C GLY A 404 -43.13 18.07 -10.42
N ASP A 405 -43.93 17.12 -9.91
CA ASP A 405 -43.43 16.16 -8.94
C ASP A 405 -42.56 15.07 -9.56
N GLU A 406 -42.64 14.89 -10.88
CA GLU A 406 -41.89 13.86 -11.58
C GLU A 406 -40.57 14.36 -12.17
N VAL A 407 -40.22 15.61 -11.93
CA VAL A 407 -38.94 16.13 -12.43
C VAL A 407 -37.78 15.41 -11.75
N ARG A 408 -37.92 15.11 -10.46
CA ARG A 408 -36.88 14.38 -9.74
C ARG A 408 -36.62 13.00 -10.30
N GLN A 409 -37.61 12.41 -11.00
CA GLN A 409 -37.44 11.08 -11.56
C GLN A 409 -36.53 11.07 -12.78
N ILE A 410 -36.17 12.23 -13.31
CA ILE A 410 -35.27 12.29 -14.49
C ILE A 410 -33.85 12.31 -13.92
N ALA A 411 -33.34 11.10 -13.67
CA ALA A 411 -32.00 10.92 -13.13
C ALA A 411 -31.54 9.51 -13.46
N PRO A 412 -30.22 9.26 -13.48
CA PRO A 412 -29.73 7.93 -13.86
C PRO A 412 -30.29 6.80 -13.01
N GLY A 413 -30.46 7.00 -11.71
CA GLY A 413 -30.83 5.91 -10.83
C GLY A 413 -32.12 6.10 -10.04
N GLN A 414 -33.13 6.68 -10.67
CA GLN A 414 -34.41 6.92 -10.02
C GLN A 414 -35.43 5.85 -10.40
N THR A 415 -36.41 5.67 -9.52
CA THR A 415 -37.55 4.80 -9.76
C THR A 415 -38.83 5.63 -9.73
N GLY A 416 -39.89 5.06 -10.29
CA GLY A 416 -41.15 5.77 -10.36
C GLY A 416 -41.89 5.50 -11.66
N LYS A 417 -43.04 6.14 -11.85
CA LYS A 417 -43.84 5.91 -13.04
C LYS A 417 -43.08 6.35 -14.29
N ILE A 418 -42.58 7.58 -14.30
CA ILE A 418 -41.86 8.09 -15.46
C ILE A 418 -40.56 7.35 -15.67
N ALA A 419 -39.82 7.10 -14.58
CA ALA A 419 -38.52 6.46 -14.70
C ALA A 419 -38.63 5.01 -15.14
N ASP A 420 -39.75 4.34 -14.85
CA ASP A 420 -39.88 2.93 -15.19
C ASP A 420 -40.60 2.70 -16.51
N TYR A 421 -41.66 3.47 -16.79
CA TYR A 421 -42.52 3.17 -17.94
C TYR A 421 -42.40 4.18 -19.07
N ASN A 422 -41.83 5.36 -18.82
CA ASN A 422 -41.84 6.43 -19.82
C ASN A 422 -40.46 6.82 -20.31
N TYR A 423 -39.53 7.15 -19.41
CA TYR A 423 -38.22 7.64 -19.81
C TYR A 423 -37.20 7.28 -18.74
N LYS A 424 -36.19 6.51 -19.12
CA LYS A 424 -35.14 6.06 -18.21
C LYS A 424 -33.79 6.54 -18.70
N LEU A 425 -32.99 7.07 -17.78
CA LEU A 425 -31.63 7.52 -18.06
C LEU A 425 -30.64 6.41 -17.74
N PRO A 426 -29.58 6.27 -18.54
CA PRO A 426 -28.56 5.23 -18.25
C PRO A 426 -27.82 5.54 -16.95
N ASP A 427 -27.31 4.47 -16.34
CA ASP A 427 -26.53 4.64 -15.10
C ASP A 427 -25.27 5.46 -15.35
N ASP A 428 -24.58 5.20 -16.45
CA ASP A 428 -23.40 5.97 -16.85
C ASP A 428 -23.79 7.11 -17.79
N PHE A 429 -24.76 7.92 -17.38
CA PHE A 429 -25.27 9.00 -18.21
C PHE A 429 -24.32 10.20 -18.15
N THR A 430 -23.90 10.67 -19.33
CA THR A 430 -23.08 11.86 -19.45
C THR A 430 -23.90 12.92 -20.19
N GLY A 431 -24.24 13.99 -19.48
CA GLY A 431 -25.05 15.05 -20.07
C GLY A 431 -25.64 15.94 -18.99
N CYS A 432 -26.66 16.69 -19.38
CA CYS A 432 -27.29 17.65 -18.50
C CYS A 432 -28.81 17.58 -18.66
N VAL A 433 -29.52 17.57 -17.53
CA VAL A 433 -30.98 17.58 -17.51
C VAL A 433 -31.44 18.97 -17.13
N ILE A 434 -32.34 19.55 -17.93
CA ILE A 434 -32.88 20.88 -17.72
C ILE A 434 -34.40 20.75 -17.66
N ALA A 435 -35.00 21.42 -16.68
CA ALA A 435 -36.44 21.39 -16.52
C ALA A 435 -36.93 22.76 -16.07
N TRP A 436 -38.04 23.21 -16.66
CA TRP A 436 -38.61 24.49 -16.28
C TRP A 436 -40.13 24.42 -16.32
N ASN A 437 -40.76 25.12 -15.38
CA ASN A 437 -42.22 25.15 -15.32
C ASN A 437 -42.81 25.80 -16.57
N SER A 438 -43.84 25.18 -17.13
CA SER A 438 -44.53 25.68 -18.31
C SER A 438 -46.02 25.76 -18.07
N ASN A 439 -46.41 26.27 -16.90
CA ASN A 439 -47.84 26.42 -16.59
C ASN A 439 -48.49 27.47 -17.46
N ASN A 440 -47.73 28.49 -17.88
CA ASN A 440 -48.29 29.53 -18.74
C ASN A 440 -48.45 29.09 -20.19
N LEU A 441 -47.93 27.91 -20.55
CA LEU A 441 -47.98 27.44 -21.93
C LEU A 441 -48.75 26.14 -22.10
N ASP A 442 -48.55 25.17 -21.21
CA ASP A 442 -49.11 23.83 -21.37
C ASP A 442 -50.35 23.60 -20.51
N SER A 443 -50.93 24.65 -19.93
CA SER A 443 -52.12 24.53 -19.10
C SER A 443 -53.28 25.24 -19.77
N LYS A 444 -54.47 24.65 -19.65
CA LYS A 444 -55.70 25.21 -20.20
C LYS A 444 -56.74 25.32 -19.11
N VAL A 445 -57.61 26.33 -19.24
CA VAL A 445 -58.62 26.59 -18.21
C VAL A 445 -59.54 25.39 -18.03
N GLY A 446 -60.00 24.81 -19.14
CA GLY A 446 -60.80 23.61 -19.07
C GLY A 446 -60.01 22.33 -18.86
N GLY A 447 -58.68 22.42 -18.89
CA GLY A 447 -57.84 21.26 -18.71
C GLY A 447 -57.15 20.82 -19.99
N ASN A 448 -55.81 20.81 -19.97
CA ASN A 448 -55.03 20.41 -21.13
C ASN A 448 -54.80 18.90 -21.06
N TYR A 449 -55.38 18.18 -22.01
CA TYR A 449 -55.30 16.72 -22.04
C TYR A 449 -54.49 16.21 -23.23
N ASN A 450 -53.66 17.07 -23.83
CA ASN A 450 -52.86 16.67 -24.98
C ASN A 450 -51.57 15.96 -24.59
N TYR A 451 -51.20 15.98 -23.31
CA TYR A 451 -49.99 15.33 -22.83
C TYR A 451 -50.34 14.05 -22.12
N LEU A 452 -49.69 12.95 -22.51
CA LEU A 452 -49.99 11.63 -21.98
C LEU A 452 -48.74 10.99 -21.38
N TYR A 453 -48.96 10.07 -20.45
CA TYR A 453 -47.90 9.29 -19.84
C TYR A 453 -48.29 7.83 -19.84
N ARG A 454 -47.29 6.95 -19.95
CA ARG A 454 -47.54 5.52 -19.99
C ARG A 454 -47.70 4.95 -18.60
N LEU A 455 -48.83 4.29 -18.36
CA LEU A 455 -49.08 3.54 -17.15
C LEU A 455 -49.28 2.07 -17.48
N PHE A 456 -49.08 1.21 -16.49
CA PHE A 456 -49.35 -0.22 -16.61
C PHE A 456 -48.51 -0.84 -17.74
N ARG A 457 -47.20 -0.85 -17.52
CA ARG A 457 -46.28 -1.54 -18.41
C ARG A 457 -45.81 -2.84 -17.79
N LYS A 458 -45.60 -3.84 -18.65
CA LYS A 458 -45.22 -5.17 -18.17
C LYS A 458 -43.86 -5.16 -17.48
N SER A 459 -42.89 -4.45 -18.05
CA SER A 459 -41.54 -4.40 -17.50
C SER A 459 -41.00 -2.99 -17.60
N ASN A 460 -39.98 -2.71 -16.79
CA ASN A 460 -39.36 -1.40 -16.77
C ASN A 460 -38.64 -1.13 -18.08
N LEU A 461 -38.70 0.13 -18.52
CA LEU A 461 -38.06 0.53 -19.77
C LEU A 461 -36.55 0.50 -19.64
N LYS A 462 -35.88 0.11 -20.72
CA LYS A 462 -34.43 0.20 -20.80
C LYS A 462 -34.01 1.65 -20.96
N PRO A 463 -32.76 1.99 -20.62
CA PRO A 463 -32.31 3.38 -20.78
C PRO A 463 -32.41 3.83 -22.24
N PHE A 464 -32.89 5.07 -22.40
CA PHE A 464 -33.04 5.68 -23.73
C PHE A 464 -33.88 4.82 -24.66
N GLU A 465 -34.92 4.20 -24.12
CA GLU A 465 -35.84 3.38 -24.90
C GLU A 465 -37.22 4.02 -24.91
N ARG A 466 -37.89 3.95 -26.06
CA ARG A 466 -39.19 4.58 -26.27
C ARG A 466 -40.24 3.51 -26.52
N ASP A 467 -41.36 3.60 -25.80
CA ASP A 467 -42.48 2.68 -25.96
C ASP A 467 -43.73 3.51 -26.25
N ILE A 468 -44.27 3.37 -27.45
CA ILE A 468 -45.44 4.12 -27.88
C ILE A 468 -46.59 3.20 -28.25
N SER A 469 -46.52 1.93 -27.83
CA SER A 469 -47.60 0.99 -28.11
C SER A 469 -48.84 1.34 -27.29
N THR A 470 -50.01 1.01 -27.84
CA THR A 470 -51.28 1.29 -27.20
C THR A 470 -52.07 0.01 -26.92
N GLU A 471 -51.36 -1.10 -26.77
CA GLU A 471 -52.02 -2.37 -26.48
C GLU A 471 -52.61 -2.36 -25.07
N ILE A 472 -53.75 -3.03 -24.92
CA ILE A 472 -54.44 -3.07 -23.64
C ILE A 472 -53.64 -3.89 -22.65
N TYR A 473 -53.42 -3.34 -21.46
CA TYR A 473 -52.64 -4.02 -20.43
C TYR A 473 -53.51 -5.05 -19.71
N GLN A 474 -52.89 -6.18 -19.40
CA GLN A 474 -53.54 -7.27 -18.68
C GLN A 474 -53.03 -7.27 -17.23
N ALA A 475 -53.80 -6.67 -16.34
CA ALA A 475 -53.42 -6.64 -14.92
C ALA A 475 -53.83 -7.92 -14.21
N GLY A 476 -55.03 -8.42 -14.49
CA GLY A 476 -55.51 -9.65 -13.88
C GLY A 476 -55.15 -10.89 -14.70
N SER A 477 -55.68 -12.02 -14.25
CA SER A 477 -55.43 -13.28 -14.93
C SER A 477 -56.33 -13.49 -16.15
N THR A 478 -57.37 -12.67 -16.30
CA THR A 478 -58.28 -12.81 -17.43
C THR A 478 -57.67 -12.16 -18.67
N PRO A 479 -57.49 -12.89 -19.76
CA PRO A 479 -56.93 -12.28 -20.98
C PRO A 479 -57.83 -11.17 -21.52
N CYS A 480 -57.21 -10.16 -22.10
CA CYS A 480 -57.91 -9.09 -22.80
C CYS A 480 -57.87 -9.35 -24.30
N ASN A 481 -58.91 -8.87 -24.98
CA ASN A 481 -59.07 -9.08 -26.42
C ASN A 481 -59.23 -7.73 -27.13
N GLY A 482 -58.36 -6.79 -26.78
CA GLY A 482 -58.40 -5.47 -27.39
C GLY A 482 -59.44 -4.53 -26.82
N VAL A 483 -60.11 -4.92 -25.74
CA VAL A 483 -61.13 -4.09 -25.11
C VAL A 483 -60.72 -3.82 -23.68
N GLU A 484 -61.23 -2.71 -23.13
CA GLU A 484 -60.93 -2.30 -21.77
C GLU A 484 -62.09 -2.67 -20.84
N GLY A 485 -61.76 -3.29 -19.71
CA GLY A 485 -62.77 -3.68 -18.75
C GLY A 485 -62.22 -4.46 -17.58
N PHE A 486 -62.74 -4.19 -16.38
CA PHE A 486 -62.32 -4.86 -15.15
C PHE A 486 -60.82 -4.72 -14.92
N ASN A 487 -60.05 -5.72 -15.33
CA ASN A 487 -58.61 -5.75 -15.12
C ASN A 487 -57.83 -5.34 -16.36
N CYS A 488 -58.50 -4.85 -17.40
CA CYS A 488 -57.86 -4.41 -18.63
C CYS A 488 -58.04 -2.90 -18.78
N TYR A 489 -56.94 -2.17 -18.94
CA TYR A 489 -56.97 -0.73 -19.01
C TYR A 489 -56.11 -0.24 -20.17
N PHE A 490 -56.42 0.96 -20.65
CA PHE A 490 -55.57 1.61 -21.64
C PHE A 490 -54.26 2.03 -20.98
N PRO A 491 -53.11 1.78 -21.62
CA PRO A 491 -51.82 2.06 -20.95
C PRO A 491 -51.45 3.53 -20.87
N LEU A 492 -52.14 4.41 -21.59
CA LEU A 492 -51.80 5.83 -21.62
C LEU A 492 -52.85 6.63 -20.86
N GLN A 493 -52.39 7.51 -19.98
CA GLN A 493 -53.27 8.36 -19.20
C GLN A 493 -52.87 9.82 -19.38
N SER A 494 -53.86 10.70 -19.40
CA SER A 494 -53.63 12.11 -19.69
C SER A 494 -53.45 12.90 -18.41
N TYR A 495 -52.54 13.88 -18.46
CA TYR A 495 -52.37 14.80 -17.34
C TYR A 495 -53.54 15.78 -17.27
N GLY A 496 -53.76 16.32 -16.08
CA GLY A 496 -54.76 17.36 -15.89
C GLY A 496 -54.29 18.68 -16.46
N PHE A 497 -53.24 19.24 -15.84
CA PHE A 497 -52.57 20.45 -16.34
C PHE A 497 -53.54 21.63 -16.44
N GLN A 498 -54.04 22.05 -15.28
CA GLN A 498 -54.86 23.23 -15.19
C GLN A 498 -54.08 24.38 -14.54
N PRO A 499 -54.39 25.63 -14.89
CA PRO A 499 -53.64 26.76 -14.30
C PRO A 499 -53.76 26.85 -12.79
N THR A 500 -54.87 26.39 -12.22
CA THR A 500 -55.09 26.44 -10.79
C THR A 500 -54.51 25.25 -10.05
N ASN A 501 -53.86 24.33 -10.76
CA ASN A 501 -53.26 23.16 -10.11
C ASN A 501 -52.06 23.57 -9.26
N GLY A 502 -51.67 22.67 -8.37
CA GLY A 502 -50.51 22.91 -7.54
C GLY A 502 -49.22 22.85 -8.35
N VAL A 503 -48.15 23.38 -7.76
CA VAL A 503 -46.86 23.42 -8.43
C VAL A 503 -46.36 22.01 -8.73
N GLY A 504 -46.75 21.02 -7.91
CA GLY A 504 -46.40 19.64 -8.19
C GLY A 504 -47.23 19.02 -9.30
N TYR A 505 -48.41 19.57 -9.57
CA TYR A 505 -49.28 19.08 -10.63
C TYR A 505 -49.23 19.96 -11.87
N GLN A 506 -48.40 21.00 -11.89
CA GLN A 506 -48.27 21.88 -13.03
C GLN A 506 -47.31 21.28 -14.07
N PRO A 507 -47.50 21.60 -15.34
CA PRO A 507 -46.62 21.04 -16.38
C PRO A 507 -45.20 21.57 -16.25
N TYR A 508 -44.24 20.71 -16.58
CA TYR A 508 -42.83 21.06 -16.60
C TYR A 508 -42.22 20.53 -17.89
N ARG A 509 -41.58 21.41 -18.64
CA ARG A 509 -40.87 21.03 -19.87
C ARG A 509 -39.46 20.60 -19.52
N VAL A 510 -39.06 19.43 -20.00
CA VAL A 510 -37.77 18.82 -19.67
C VAL A 510 -37.02 18.55 -20.96
N VAL A 511 -35.78 19.02 -21.02
CA VAL A 511 -34.86 18.74 -22.12
C VAL A 511 -33.61 18.10 -21.52
N VAL A 512 -33.26 16.92 -22.02
CA VAL A 512 -32.09 16.17 -21.57
C VAL A 512 -31.08 16.16 -22.72
N LEU A 513 -29.93 16.78 -22.48
CA LEU A 513 -28.85 16.82 -23.46
C LEU A 513 -27.85 15.71 -23.13
N SER A 514 -27.62 14.82 -24.08
CA SER A 514 -26.69 13.72 -23.94
C SER A 514 -25.58 13.86 -24.98
N PHE A 515 -24.34 13.64 -24.53
CA PHE A 515 -23.18 13.83 -25.40
C PHE A 515 -22.00 13.06 -24.83
N GLU A 516 -20.95 12.93 -25.64
CA GLU A 516 -19.69 12.35 -25.24
C GLU A 516 -18.61 13.43 -25.27
N LEU A 517 -17.54 13.20 -24.51
CA LEU A 517 -16.51 14.21 -24.29
C LEU A 517 -15.12 13.63 -24.52
N LEU A 518 -14.32 14.32 -25.34
CA LEU A 518 -12.88 14.09 -25.46
C LEU A 518 -12.55 12.66 -25.90
N HIS A 519 -13.37 12.09 -26.78
CA HIS A 519 -13.09 10.77 -27.33
C HIS A 519 -13.29 10.66 -28.83
N ALA A 520 -14.03 11.55 -29.46
CA ALA A 520 -14.34 11.45 -30.89
C ALA A 520 -14.22 12.83 -31.50
N PRO A 521 -14.14 12.92 -32.86
CA PRO A 521 -13.98 14.22 -33.52
C PRO A 521 -14.83 15.36 -32.97
N ALA A 522 -16.13 15.13 -32.80
CA ALA A 522 -17.06 16.10 -32.24
C ALA A 522 -17.30 17.26 -33.19
N THR A 523 -18.53 17.80 -33.19
CA THR A 523 -18.87 18.90 -34.09
C THR A 523 -19.60 20.05 -33.41
N VAL A 524 -20.04 19.90 -32.16
CA VAL A 524 -20.66 20.97 -31.39
C VAL A 524 -19.64 21.46 -30.38
N CYS A 525 -19.35 22.76 -30.40
CA CYS A 525 -18.27 23.31 -29.60
C CYS A 525 -18.73 24.54 -28.83
N GLY A 526 -18.00 24.85 -27.76
CA GLY A 526 -18.33 25.98 -26.92
C GLY A 526 -17.89 27.29 -27.56
N PRO A 527 -18.31 28.39 -26.93
CA PRO A 527 -17.99 29.73 -27.44
C PRO A 527 -16.58 30.18 -27.07
N LYS A 528 -15.59 29.42 -27.52
CA LYS A 528 -14.18 29.72 -27.29
C LYS A 528 -13.52 30.09 -28.61
N LYS A 529 -12.84 31.23 -28.64
CA LYS A 529 -12.21 31.71 -29.85
C LYS A 529 -10.90 30.96 -30.09
N SER A 530 -10.74 30.43 -31.30
CA SER A 530 -9.54 29.68 -31.65
C SER A 530 -8.40 30.63 -32.00
N THR A 531 -7.18 30.19 -31.71
CA THR A 531 -5.97 30.94 -31.98
C THR A 531 -5.15 30.23 -33.06
N ASN A 532 -3.99 30.79 -33.36
CA ASN A 532 -3.11 30.20 -34.35
C ASN A 532 -2.45 28.93 -33.79
N LEU A 533 -2.03 28.06 -34.70
CA LEU A 533 -1.35 26.82 -34.33
C LEU A 533 0.14 27.07 -34.19
N VAL A 534 0.69 26.71 -33.04
CA VAL A 534 2.10 26.89 -32.73
C VAL A 534 2.75 25.52 -32.63
N LYS A 535 3.82 25.31 -33.39
CA LYS A 535 4.51 24.03 -33.46
C LYS A 535 5.96 24.19 -33.01
N ASN A 536 6.54 23.07 -32.57
CA ASN A 536 7.94 23.01 -32.15
C ASN A 536 8.23 23.93 -30.97
N LYS A 537 7.23 24.20 -30.14
CA LYS A 537 7.39 25.02 -28.95
C LYS A 537 6.54 24.45 -27.82
N CYS A 538 7.01 24.66 -26.60
CA CYS A 538 6.29 24.21 -25.42
C CYS A 538 5.17 25.18 -25.11
N VAL A 539 3.93 24.78 -25.38
CA VAL A 539 2.76 25.63 -25.18
C VAL A 539 1.65 24.82 -24.51
N ASN A 540 0.71 25.54 -23.92
CA ASN A 540 -0.55 24.95 -23.51
C ASN A 540 -1.49 24.90 -24.70
N PHE A 541 -2.20 23.78 -24.84
CA PHE A 541 -3.08 23.57 -25.97
C PHE A 541 -4.46 23.15 -25.48
N ASN A 542 -5.48 23.60 -26.22
CA ASN A 542 -6.87 23.23 -25.98
C ASN A 542 -7.42 22.73 -27.31
N PHE A 543 -7.35 21.41 -27.52
CA PHE A 543 -7.80 20.78 -28.77
C PHE A 543 -9.17 20.16 -28.53
N ASN A 544 -10.21 20.79 -29.08
CA ASN A 544 -11.58 20.28 -29.02
C ASN A 544 -12.02 20.02 -27.58
N GLY A 545 -11.61 20.91 -26.67
CA GLY A 545 -11.94 20.78 -25.26
C GLY A 545 -10.91 20.04 -24.44
N LEU A 546 -10.01 19.28 -25.06
CA LEU A 546 -8.97 18.56 -24.35
C LEU A 546 -7.81 19.50 -24.09
N THR A 547 -7.54 19.80 -22.82
CA THR A 547 -6.48 20.73 -22.45
C THR A 547 -5.23 19.96 -22.04
N GLY A 548 -4.08 20.57 -22.29
CA GLY A 548 -2.82 19.96 -21.92
C GLY A 548 -1.68 20.92 -22.17
N THR A 549 -0.47 20.42 -21.89
CA THR A 549 0.76 21.18 -22.11
C THR A 549 1.79 20.29 -22.80
N GLY A 550 2.47 20.85 -23.80
CA GLY A 550 3.48 20.08 -24.49
C GLY A 550 3.95 20.80 -25.75
N VAL A 551 4.72 20.05 -26.54
CA VAL A 551 5.27 20.53 -27.81
C VAL A 551 4.58 19.77 -28.92
N LEU A 552 4.08 20.50 -29.92
CA LEU A 552 3.37 19.92 -31.05
C LEU A 552 4.29 19.86 -32.26
N THR A 553 4.41 18.67 -32.85
CA THR A 553 5.24 18.47 -34.03
C THR A 553 4.43 17.76 -35.11
N GLU A 554 4.90 17.88 -36.35
CA GLU A 554 4.23 17.19 -37.45
C GLU A 554 4.35 15.68 -37.28
N SER A 555 3.24 14.99 -37.53
CA SER A 555 3.14 13.56 -37.29
C SER A 555 3.00 12.79 -38.59
N ASN A 556 3.62 11.61 -38.64
CA ASN A 556 3.49 10.71 -39.77
C ASN A 556 2.34 9.73 -39.63
N LYS A 557 1.64 9.75 -38.49
CA LYS A 557 0.52 8.85 -38.28
C LYS A 557 -0.64 9.21 -39.20
N LYS A 558 -1.30 8.19 -39.72
CA LYS A 558 -2.46 8.35 -40.60
C LYS A 558 -3.71 7.98 -39.82
N PHE A 559 -4.42 9.00 -39.33
CA PHE A 559 -5.63 8.76 -38.56
C PHE A 559 -6.76 8.31 -39.49
N LEU A 560 -7.59 7.40 -38.99
CA LEU A 560 -8.80 7.03 -39.69
C LEU A 560 -9.81 8.17 -39.63
N PRO A 561 -10.75 8.22 -40.58
CA PRO A 561 -11.68 9.35 -40.62
C PRO A 561 -12.51 9.52 -39.34
N PHE A 562 -12.78 8.44 -38.62
CA PHE A 562 -13.57 8.52 -37.40
C PHE A 562 -12.73 8.77 -36.16
N GLN A 563 -11.41 8.89 -36.29
CA GLN A 563 -10.52 9.05 -35.15
C GLN A 563 -10.06 10.50 -35.03
N GLN A 564 -9.99 10.98 -33.79
CA GLN A 564 -9.56 12.33 -33.48
C GLN A 564 -8.31 12.39 -32.60
N PHE A 565 -8.20 11.49 -31.63
CA PHE A 565 -7.07 11.49 -30.70
C PHE A 565 -6.34 10.16 -30.75
N GLY A 566 -5.05 10.22 -30.49
CA GLY A 566 -4.22 9.03 -30.36
C GLY A 566 -3.61 8.97 -28.98
N ARG A 567 -3.53 7.75 -28.42
CA ARG A 567 -3.01 7.55 -27.08
C ARG A 567 -1.93 6.49 -27.11
N ASP A 568 -0.97 6.60 -26.20
CA ASP A 568 0.10 5.62 -26.12
C ASP A 568 -0.32 4.46 -25.22
N ILE A 569 0.65 3.65 -24.78
CA ILE A 569 0.37 2.52 -23.91
C ILE A 569 0.03 2.98 -22.49
N ALA A 570 0.27 4.25 -22.17
CA ALA A 570 -0.07 4.81 -20.87
C ALA A 570 -1.38 5.59 -20.88
N ASP A 571 -2.15 5.48 -21.97
CA ASP A 571 -3.46 6.11 -22.14
C ASP A 571 -3.39 7.64 -22.19
N THR A 572 -2.21 8.21 -22.37
CA THR A 572 -2.06 9.66 -22.52
C THR A 572 -2.19 10.07 -23.98
N THR A 573 -2.86 11.20 -24.21
CA THR A 573 -3.02 11.72 -25.55
C THR A 573 -1.66 12.15 -26.10
N ASP A 574 -1.11 11.37 -27.02
CA ASP A 574 0.16 11.67 -27.65
C ASP A 574 0.03 12.09 -29.11
N ALA A 575 -1.17 11.99 -29.69
CA ALA A 575 -1.40 12.44 -31.05
C ALA A 575 -2.80 13.04 -31.14
N VAL A 576 -2.94 14.05 -31.99
CA VAL A 576 -4.21 14.76 -32.11
C VAL A 576 -4.38 15.25 -33.54
N ARG A 577 -5.62 15.22 -34.03
CA ARG A 577 -5.94 15.77 -35.33
C ARG A 577 -6.41 17.21 -35.16
N ASP A 578 -5.82 18.12 -35.93
CA ASP A 578 -6.21 19.52 -35.85
C ASP A 578 -7.62 19.69 -36.43
N PRO A 579 -8.55 20.27 -35.68
CA PRO A 579 -9.93 20.38 -36.17
C PRO A 579 -10.07 21.25 -37.40
N GLN A 580 -9.13 22.15 -37.68
CA GLN A 580 -9.22 23.06 -38.81
C GLN A 580 -8.39 22.58 -40.00
N THR A 581 -7.09 22.39 -39.80
CA THR A 581 -6.21 21.98 -40.89
C THR A 581 -6.27 20.49 -41.17
N LEU A 582 -6.91 19.70 -40.29
CA LEU A 582 -7.07 18.26 -40.48
C LEU A 582 -5.72 17.55 -40.60
N GLU A 583 -4.71 18.06 -39.91
CA GLU A 583 -3.39 17.44 -39.89
C GLU A 583 -3.15 16.77 -38.55
N ILE A 584 -2.31 15.73 -38.57
CA ILE A 584 -2.00 14.96 -37.37
C ILE A 584 -0.75 15.54 -36.73
N LEU A 585 -0.82 15.79 -35.42
CA LEU A 585 0.27 16.38 -34.67
C LEU A 585 0.61 15.50 -33.47
N ASP A 586 1.89 15.23 -33.30
CA ASP A 586 2.39 14.54 -32.12
C ASP A 586 2.63 15.53 -30.99
N ILE A 587 2.29 15.11 -29.77
CA ILE A 587 2.43 15.92 -28.57
C ILE A 587 3.51 15.29 -27.70
N THR A 588 4.50 16.10 -27.31
CA THR A 588 5.62 15.61 -26.52
C THR A 588 5.75 16.41 -25.23
N PRO A 589 5.94 15.74 -24.10
CA PRO A 589 6.08 16.47 -22.83
C PRO A 589 7.30 17.40 -22.86
N CYS A 590 7.12 18.58 -22.24
CA CYS A 590 8.21 19.56 -22.22
C CYS A 590 9.33 19.14 -21.28
N SER A 591 8.97 18.67 -20.08
CA SER A 591 9.98 18.31 -19.09
C SER A 591 10.67 17.01 -19.48
N PHE A 592 12.00 17.00 -19.39
CA PHE A 592 12.79 15.84 -19.78
C PHE A 592 14.22 16.05 -19.31
N GLY A 593 14.82 14.98 -18.77
CA GLY A 593 16.22 15.01 -18.40
C GLY A 593 16.47 15.09 -16.90
N GLY A 594 17.28 14.17 -16.38
CA GLY A 594 17.62 14.19 -14.98
C GLY A 594 18.66 15.25 -14.66
N VAL A 595 18.59 15.78 -13.44
CA VAL A 595 19.48 16.85 -12.98
C VAL A 595 20.03 16.47 -11.62
N SER A 596 21.34 16.67 -11.44
CA SER A 596 21.99 16.46 -10.16
C SER A 596 22.77 17.70 -9.77
N VAL A 597 22.89 17.95 -8.47
CA VAL A 597 23.63 19.08 -7.94
C VAL A 597 24.73 18.56 -7.02
N ILE A 598 25.94 19.06 -7.22
CA ILE A 598 27.12 18.65 -6.46
C ILE A 598 27.58 19.83 -5.63
N THR A 599 27.70 19.60 -4.31
CA THR A 599 28.12 20.67 -3.41
C THR A 599 29.21 20.16 -2.47
N PRO A 600 30.19 21.01 -2.15
CA PRO A 600 31.20 20.65 -1.15
C PRO A 600 30.72 20.80 0.28
N GLY A 601 29.46 21.17 0.49
CA GLY A 601 28.95 21.42 1.82
C GLY A 601 28.68 22.90 2.05
N THR A 602 27.48 23.23 2.52
CA THR A 602 27.13 24.62 2.76
C THR A 602 28.01 25.25 3.85
N ASN A 603 28.54 24.42 4.76
CA ASN A 603 29.45 24.93 5.77
C ASN A 603 30.82 25.29 5.18
N THR A 604 31.14 24.77 4.00
CA THR A 604 32.42 25.07 3.35
C THR A 604 32.28 26.23 2.36
N SER A 605 31.38 26.10 1.41
CA SER A 605 31.16 27.16 0.42
C SER A 605 29.76 27.00 -0.17
N ASN A 606 29.29 28.07 -0.81
CA ASN A 606 28.00 28.06 -1.48
C ASN A 606 28.11 27.72 -2.96
N GLN A 607 29.32 27.48 -3.46
CA GLN A 607 29.48 27.11 -4.86
C GLN A 607 28.91 25.71 -5.10
N VAL A 608 28.24 25.56 -6.25
CA VAL A 608 27.64 24.29 -6.62
C VAL A 608 27.93 24.01 -8.09
N ALA A 609 27.87 22.73 -8.44
CA ALA A 609 27.98 22.29 -9.82
C ALA A 609 26.70 21.56 -10.23
N VAL A 610 26.34 21.65 -11.50
CA VAL A 610 25.11 21.06 -12.00
C VAL A 610 25.46 20.05 -13.09
N LEU A 611 24.95 18.83 -12.93
CA LEU A 611 25.14 17.77 -13.91
C LEU A 611 23.80 17.48 -14.58
N TYR A 612 23.75 17.64 -15.90
CA TYR A 612 22.56 17.35 -16.69
C TYR A 612 22.80 16.01 -17.38
N GLN A 613 22.14 14.96 -16.87
CA GLN A 613 22.43 13.60 -17.31
C GLN A 613 21.99 13.33 -18.75
N ASP A 614 21.22 14.22 -19.37
CA ASP A 614 20.72 13.98 -20.72
C ASP A 614 20.98 15.18 -21.63
N VAL A 615 22.08 15.88 -21.43
CA VAL A 615 22.46 17.02 -22.25
C VAL A 615 23.90 16.84 -22.72
N ASN A 616 24.12 16.99 -24.03
CA ASN A 616 25.46 16.92 -24.61
C ASN A 616 25.91 18.34 -24.92
N CYS A 617 27.00 18.76 -24.28
CA CYS A 617 27.55 20.11 -24.48
C CYS A 617 28.66 20.06 -25.50
N THR A 618 28.27 19.84 -26.75
CA THR A 618 29.23 19.77 -27.85
C THR A 618 28.59 20.25 -29.16
N THR A 632 19.13 26.21 -28.06
CA THR A 632 19.99 26.36 -26.88
C THR A 632 19.98 25.10 -26.04
N TRP A 633 21.00 24.95 -25.19
CA TRP A 633 21.08 23.78 -24.32
C TRP A 633 19.98 23.81 -23.27
N ARG A 634 19.50 22.62 -22.90
CA ARG A 634 18.47 22.47 -21.88
C ARG A 634 19.13 22.49 -20.50
N VAL A 635 19.66 23.65 -20.16
CA VAL A 635 20.35 23.86 -18.89
C VAL A 635 19.81 25.12 -18.23
N TYR A 636 19.87 25.16 -16.91
CA TYR A 636 19.46 26.36 -16.18
C TYR A 636 20.40 27.53 -16.47
N SER A 637 21.71 27.26 -16.50
CA SER A 637 22.70 28.28 -16.84
C SER A 637 23.96 27.58 -17.33
N THR A 638 24.77 28.32 -18.08
CA THR A 638 26.03 27.82 -18.63
C THR A 638 27.12 28.85 -18.31
N GLY A 639 27.74 28.70 -17.14
CA GLY A 639 28.75 29.65 -16.71
C GLY A 639 30.17 29.15 -16.79
N SER A 640 30.91 29.63 -17.80
CA SER A 640 32.34 29.41 -17.93
C SER A 640 32.71 27.93 -18.03
N ASN A 641 32.72 27.23 -16.90
CA ASN A 641 33.23 25.87 -16.83
C ASN A 641 32.19 24.91 -17.39
N VAL A 642 32.46 24.35 -18.57
CA VAL A 642 31.62 23.33 -19.18
C VAL A 642 32.54 22.19 -19.61
N PHE A 643 32.26 20.98 -19.12
CA PHE A 643 33.11 19.82 -19.35
C PHE A 643 32.48 18.80 -20.30
N GLN A 644 31.20 18.48 -20.10
CA GLN A 644 30.50 17.48 -20.91
C GLN A 644 31.19 16.12 -20.79
N THR A 645 31.12 15.58 -19.57
CA THR A 645 31.58 14.23 -19.31
C THR A 645 30.60 13.22 -19.90
N ARG A 646 30.89 11.95 -19.72
CA ARG A 646 29.85 10.95 -19.87
C ARG A 646 28.87 11.08 -18.71
N ALA A 647 27.64 10.60 -18.93
CA ALA A 647 26.55 10.68 -17.98
C ALA A 647 26.04 12.11 -17.77
N GLY A 648 26.33 13.01 -18.69
CA GLY A 648 25.74 14.34 -18.69
C GLY A 648 26.77 15.44 -18.77
N CYS A 649 26.27 16.65 -18.96
CA CYS A 649 27.09 17.85 -19.03
C CYS A 649 27.26 18.42 -17.62
N LEU A 650 28.51 18.70 -17.26
CA LEU A 650 28.83 19.26 -15.95
C LEU A 650 29.15 20.74 -16.11
N ILE A 651 28.41 21.59 -15.41
CA ILE A 651 28.57 23.04 -15.47
C ILE A 651 28.88 23.55 -14.08
N GLY A 652 29.94 24.36 -13.97
CA GLY A 652 30.39 24.90 -12.71
C GLY A 652 31.57 24.19 -12.09
N ALA A 653 32.16 23.21 -12.79
CA ALA A 653 33.32 22.49 -12.28
C ALA A 653 34.43 22.55 -13.32
N GLU A 654 35.66 22.78 -12.85
CA GLU A 654 36.82 22.88 -13.72
C GLU A 654 37.44 21.51 -13.92
N HIS A 655 37.61 21.13 -15.19
CA HIS A 655 38.21 19.84 -15.50
C HIS A 655 39.74 19.92 -15.37
N VAL A 656 40.31 18.94 -14.69
CA VAL A 656 41.76 18.84 -14.52
C VAL A 656 42.23 17.50 -15.04
N ASN A 657 43.46 17.47 -15.56
CA ASN A 657 44.02 16.26 -16.13
C ASN A 657 44.57 15.30 -15.07
N ASN A 658 44.74 15.77 -13.84
CA ASN A 658 45.27 14.92 -12.78
C ASN A 658 44.21 13.94 -12.31
N SER A 659 44.66 12.80 -11.78
CA SER A 659 43.79 11.76 -11.27
C SER A 659 43.98 11.65 -9.76
N TYR A 660 42.87 11.70 -9.02
CA TYR A 660 42.88 11.59 -7.57
C TYR A 660 41.89 10.52 -7.14
N GLU A 661 41.91 10.21 -5.85
CA GLU A 661 40.90 9.33 -5.28
C GLU A 661 39.54 10.03 -5.30
N CYS A 662 38.49 9.23 -5.50
CA CYS A 662 37.15 9.79 -5.64
C CYS A 662 36.70 10.47 -4.35
N ASP A 663 36.23 11.70 -4.48
CA ASP A 663 35.69 12.46 -3.35
C ASP A 663 34.17 12.57 -3.44
N ILE A 664 33.65 13.06 -4.55
CA ILE A 664 32.20 13.08 -4.79
C ILE A 664 31.93 12.31 -6.08
N PRO A 665 31.25 11.17 -6.02
CA PRO A 665 31.06 10.35 -7.22
C PRO A 665 30.11 11.00 -8.21
N ILE A 666 30.65 11.50 -9.33
CA ILE A 666 29.80 12.03 -10.39
C ILE A 666 29.25 10.89 -11.24
N GLY A 667 30.10 9.92 -11.59
CA GLY A 667 29.67 8.78 -12.38
C GLY A 667 30.49 8.62 -13.65
N ALA A 668 30.41 7.42 -14.25
CA ALA A 668 31.12 7.11 -15.48
C ALA A 668 32.62 7.38 -15.36
N GLY A 669 33.18 7.06 -14.20
CA GLY A 669 34.60 7.26 -13.97
C GLY A 669 34.98 8.69 -13.62
N ILE A 670 34.01 9.58 -13.45
CA ILE A 670 34.26 10.98 -13.16
C ILE A 670 33.90 11.25 -11.71
N CYS A 671 34.78 11.97 -11.01
CA CYS A 671 34.55 12.39 -9.63
C CYS A 671 34.79 13.89 -9.51
N ALA A 672 34.31 14.46 -8.41
CA ALA A 672 34.44 15.89 -8.15
C ALA A 672 35.01 16.11 -6.76
N SER A 673 35.66 17.26 -6.60
CA SER A 673 36.26 17.62 -5.32
C SER A 673 36.30 19.14 -5.20
N TYR A 674 36.54 19.62 -3.99
CA TYR A 674 36.71 21.05 -3.72
C TYR A 674 38.17 21.30 -3.39
N GLN A 675 38.90 21.91 -4.33
CA GLN A 675 40.34 22.08 -4.21
C GLN A 675 40.71 23.55 -4.19
N THR A 676 42.01 23.81 -4.04
CA THR A 676 42.52 25.17 -4.01
C THR A 676 43.20 25.52 -5.33
N SER A 689 42.77 30.24 -4.93
CA SER A 689 41.32 30.25 -4.83
C SER A 689 40.76 28.83 -4.80
N GLN A 690 39.68 28.65 -4.03
CA GLN A 690 39.03 27.35 -3.90
C GLN A 690 37.90 27.22 -4.91
N SER A 691 37.84 26.06 -5.57
CA SER A 691 36.83 25.83 -6.59
C SER A 691 36.56 24.33 -6.71
N ILE A 692 35.44 24.02 -7.35
CA ILE A 692 35.06 22.64 -7.61
C ILE A 692 35.76 22.16 -8.87
N ILE A 693 36.45 21.03 -8.77
CA ILE A 693 37.20 20.44 -9.87
C ILE A 693 36.64 19.06 -10.17
N ALA A 694 36.55 18.73 -11.45
CA ALA A 694 36.13 17.41 -11.90
C ALA A 694 37.30 16.69 -12.55
N TYR A 695 37.42 15.40 -12.27
CA TYR A 695 38.57 14.64 -12.73
C TYR A 695 38.17 13.19 -12.94
N THR A 696 39.08 12.43 -13.55
CA THR A 696 38.92 11.00 -13.69
C THR A 696 39.58 10.31 -12.50
N MET A 697 38.81 9.48 -11.80
CA MET A 697 39.30 8.85 -10.58
C MET A 697 40.44 7.88 -10.89
N SER A 698 41.36 7.77 -9.95
CA SER A 698 42.53 6.90 -10.09
C SER A 698 42.25 5.56 -9.41
N LEU A 699 42.48 4.47 -10.15
CA LEU A 699 42.26 3.13 -9.61
C LEU A 699 43.33 2.73 -8.60
N GLY A 700 44.49 3.35 -8.64
CA GLY A 700 45.56 3.04 -7.72
C GLY A 700 46.90 3.34 -8.34
N ALA A 701 47.95 3.10 -7.55
CA ALA A 701 49.31 3.33 -8.02
C ALA A 701 49.72 2.26 -9.02
N GLU A 702 50.50 2.69 -10.02
CA GLU A 702 50.94 1.81 -11.09
C GLU A 702 52.16 1.04 -10.63
N ASN A 703 52.22 -0.26 -10.95
CA ASN A 703 53.30 -1.12 -10.50
C ASN A 703 53.66 -2.10 -11.61
N SER A 704 54.89 -2.62 -11.52
CA SER A 704 55.34 -3.71 -12.38
C SER A 704 56.06 -4.73 -11.53
N VAL A 705 55.82 -6.01 -11.81
CA VAL A 705 56.46 -7.11 -11.11
C VAL A 705 57.61 -7.59 -11.97
N ALA A 706 58.82 -7.60 -11.40
CA ALA A 706 60.02 -8.00 -12.11
C ALA A 706 60.03 -9.53 -12.28
N TYR A 707 59.08 -10.00 -13.07
CA TYR A 707 58.92 -11.43 -13.30
C TYR A 707 60.08 -11.97 -14.14
N SER A 708 60.50 -13.19 -13.82
CA SER A 708 61.51 -13.90 -14.60
C SER A 708 61.31 -15.39 -14.38
N ASN A 709 61.88 -16.18 -15.29
CA ASN A 709 61.74 -17.63 -15.22
C ASN A 709 62.74 -18.28 -14.27
N ASN A 710 63.65 -17.51 -13.68
CA ASN A 710 64.58 -18.05 -12.70
C ASN A 710 64.83 -17.10 -11.53
N SER A 711 63.93 -16.15 -11.29
CA SER A 711 64.10 -15.15 -10.23
C SER A 711 62.94 -15.21 -9.26
N ILE A 712 63.25 -15.14 -7.97
CA ILE A 712 62.25 -15.17 -6.91
C ILE A 712 62.53 -14.01 -5.95
N ALA A 713 61.49 -13.59 -5.24
CA ALA A 713 61.60 -12.61 -4.18
C ALA A 713 61.15 -13.26 -2.87
N ILE A 714 62.01 -13.21 -1.87
CA ILE A 714 61.77 -13.86 -0.58
C ILE A 714 61.87 -12.81 0.51
N PRO A 715 60.92 -12.74 1.45
CA PRO A 715 61.02 -11.75 2.52
C PRO A 715 62.13 -12.09 3.50
N THR A 716 62.87 -11.06 3.92
CA THR A 716 63.89 -11.21 4.95
C THR A 716 63.45 -10.67 6.30
N ASN A 717 62.28 -10.04 6.38
CA ASN A 717 61.75 -9.50 7.63
C ASN A 717 60.25 -9.68 7.61
N PHE A 718 59.57 -9.12 8.60
CA PHE A 718 58.12 -9.25 8.70
C PHE A 718 57.56 -8.11 9.56
N THR A 719 56.25 -7.98 9.50
CA THR A 719 55.51 -6.98 10.27
C THR A 719 54.29 -7.63 10.89
N ILE A 720 54.08 -7.38 12.18
CA ILE A 720 52.91 -7.86 12.90
C ILE A 720 51.86 -6.75 12.82
N SER A 721 50.90 -6.91 11.92
CA SER A 721 49.89 -5.88 11.69
C SER A 721 48.62 -6.22 12.44
N VAL A 722 47.99 -5.21 13.03
CA VAL A 722 46.72 -5.39 13.71
C VAL A 722 45.72 -4.43 13.07
N THR A 723 44.70 -4.98 12.43
CA THR A 723 43.68 -4.21 11.74
C THR A 723 42.35 -4.30 12.48
N THR A 724 41.45 -3.38 12.13
CA THR A 724 40.17 -3.25 12.80
C THR A 724 39.04 -3.52 11.82
N GLU A 725 38.11 -4.39 12.19
CA GLU A 725 36.93 -4.68 11.38
C GLU A 725 35.69 -4.45 12.23
N ILE A 726 34.78 -3.61 11.74
CA ILE A 726 33.56 -3.26 12.46
C ILE A 726 32.39 -3.95 11.77
N LEU A 727 31.62 -4.73 12.54
CA LEU A 727 30.48 -5.45 12.00
C LEU A 727 29.26 -5.18 12.86
N PRO A 728 28.21 -4.57 12.32
CA PRO A 728 26.96 -4.44 13.08
C PRO A 728 26.38 -5.81 13.41
N VAL A 729 25.80 -5.91 14.60
CA VAL A 729 25.26 -7.17 15.11
C VAL A 729 23.75 -7.09 15.28
N SER A 730 23.27 -6.05 15.97
CA SER A 730 21.85 -5.89 16.24
C SER A 730 21.42 -4.48 15.89
N MET A 731 20.11 -4.31 15.74
CA MET A 731 19.52 -3.01 15.45
C MET A 731 18.45 -2.71 16.49
N THR A 732 17.93 -1.49 16.43
CA THR A 732 16.97 -1.04 17.44
C THR A 732 15.66 -1.82 17.31
N LYS A 733 15.19 -2.35 18.44
CA LYS A 733 13.92 -3.05 18.48
C LYS A 733 12.81 -2.06 18.79
N THR A 734 11.76 -2.08 17.97
CA THR A 734 10.68 -1.10 18.08
C THR A 734 9.35 -1.81 18.20
N SER A 735 8.41 -1.15 18.88
CA SER A 735 7.04 -1.59 19.00
C SER A 735 6.12 -0.41 18.66
N VAL A 736 4.99 -0.72 18.04
CA VAL A 736 4.07 0.30 17.57
C VAL A 736 2.69 0.02 18.14
N ASP A 737 2.10 1.01 18.80
CA ASP A 737 0.70 0.98 19.19
C ASP A 737 -0.09 1.58 18.05
N CYS A 738 -0.64 0.72 17.19
CA CYS A 738 -1.27 1.18 15.95
C CYS A 738 -2.47 2.06 16.24
N THR A 739 -3.27 1.71 17.26
CA THR A 739 -4.39 2.56 17.64
C THR A 739 -3.92 3.93 18.09
N MET A 740 -2.86 3.98 18.90
CA MET A 740 -2.33 5.26 19.36
C MET A 740 -1.81 6.10 18.21
N TYR A 741 -1.09 5.48 17.28
CA TYR A 741 -0.53 6.22 16.16
C TYR A 741 -1.61 6.74 15.23
N ILE A 742 -2.53 5.86 14.83
CA ILE A 742 -3.53 6.24 13.83
C ILE A 742 -4.56 7.20 14.42
N CYS A 743 -5.02 6.94 15.64
CA CYS A 743 -6.17 7.65 16.19
C CYS A 743 -5.88 8.46 17.44
N GLY A 744 -4.79 8.19 18.14
CA GLY A 744 -4.53 8.90 19.38
C GLY A 744 -5.56 8.57 20.45
N ASP A 745 -6.22 9.60 20.98
CA ASP A 745 -7.22 9.44 22.03
C ASP A 745 -8.65 9.51 21.49
N SER A 746 -8.83 9.44 20.17
CA SER A 746 -10.15 9.54 19.57
C SER A 746 -10.88 8.21 19.70
N THR A 747 -12.05 8.23 20.34
CA THR A 747 -12.83 7.00 20.49
C THR A 747 -13.51 6.62 19.18
N GLU A 748 -14.04 7.60 18.45
CA GLU A 748 -14.69 7.30 17.18
C GLU A 748 -13.70 6.73 16.17
N CYS A 749 -12.49 7.28 16.13
CA CYS A 749 -11.48 6.76 15.20
C CYS A 749 -11.09 5.33 15.56
N SER A 750 -10.99 5.02 16.86
CA SER A 750 -10.69 3.65 17.26
C SER A 750 -11.82 2.71 16.90
N ASN A 751 -13.08 3.16 17.06
CA ASN A 751 -14.21 2.33 16.66
C ASN A 751 -14.20 2.05 15.17
N LEU A 752 -13.85 3.07 14.36
CA LEU A 752 -13.76 2.86 12.92
C LEU A 752 -12.58 1.96 12.55
N LEU A 753 -11.46 2.11 13.26
CA LEU A 753 -10.28 1.28 13.02
C LEU A 753 -10.51 -0.17 13.43
N LEU A 754 -11.47 -0.42 14.32
CA LEU A 754 -11.81 -1.80 14.66
C LEU A 754 -12.25 -2.61 13.45
N GLN A 755 -12.68 -1.95 12.37
CA GLN A 755 -13.06 -2.64 11.14
C GLN A 755 -11.87 -3.13 10.33
N TYR A 756 -10.64 -2.93 10.82
CA TYR A 756 -9.45 -3.46 10.15
C TYR A 756 -8.81 -4.59 10.95
N GLY A 757 -8.40 -4.32 12.19
CA GLY A 757 -8.07 -5.37 13.13
C GLY A 757 -6.79 -6.14 12.87
N SER A 758 -6.79 -6.93 11.80
CA SER A 758 -5.72 -7.90 11.57
C SER A 758 -4.44 -7.26 11.06
N PHE A 759 -4.54 -6.08 10.43
CA PHE A 759 -3.34 -5.44 9.89
C PHE A 759 -2.41 -4.96 11.00
N CYS A 760 -2.99 -4.39 12.06
CA CYS A 760 -2.19 -3.99 13.22
C CYS A 760 -1.51 -5.19 13.85
N THR A 761 -2.24 -6.30 13.97
CA THR A 761 -1.67 -7.52 14.52
C THR A 761 -0.53 -8.04 13.65
N GLN A 762 -0.69 -7.98 12.33
CA GLN A 762 0.37 -8.41 11.42
C GLN A 762 1.62 -7.53 11.58
N LEU A 763 1.44 -6.22 11.64
CA LEU A 763 2.57 -5.32 11.81
C LEU A 763 3.27 -5.57 13.13
N ASN A 764 2.50 -5.77 14.20
CA ASN A 764 3.10 -6.04 15.51
C ASN A 764 3.81 -7.39 15.53
N ARG A 765 3.27 -8.37 14.80
CA ARG A 765 3.93 -9.68 14.72
C ARG A 765 5.27 -9.56 14.01
N ALA A 766 5.31 -8.81 12.90
CA ALA A 766 6.57 -8.60 12.19
C ALA A 766 7.58 -7.86 13.07
N LEU A 767 7.12 -6.84 13.80
CA LEU A 767 8.02 -6.08 14.67
C LEU A 767 8.54 -6.95 15.81
N THR A 768 7.67 -7.81 16.38
CA THR A 768 8.11 -8.72 17.42
C THR A 768 9.11 -9.73 16.90
N GLY A 769 8.90 -10.23 15.68
CA GLY A 769 9.88 -11.11 15.07
C GLY A 769 11.23 -10.43 14.89
N ILE A 770 11.23 -9.18 14.44
CA ILE A 770 12.47 -8.44 14.30
C ILE A 770 13.15 -8.25 15.65
N ALA A 771 12.37 -7.91 16.67
CA ALA A 771 12.93 -7.68 18.01
C ALA A 771 13.55 -8.96 18.57
N VAL A 772 12.88 -10.10 18.37
CA VAL A 772 13.44 -11.38 18.83
C VAL A 772 14.68 -11.72 18.03
N GLU A 773 14.68 -11.44 16.72
CA GLU A 773 15.84 -11.74 15.90
C GLU A 773 17.05 -10.90 16.31
N GLN A 774 16.83 -9.68 16.80
CA GLN A 774 17.95 -8.87 17.27
C GLN A 774 18.66 -9.54 18.44
N ASP A 775 17.89 -9.99 19.44
CA ASP A 775 18.49 -10.68 20.59
C ASP A 775 19.11 -12.01 20.16
N LYS A 776 18.49 -12.69 19.21
CA LYS A 776 19.05 -13.94 18.70
C LYS A 776 20.40 -13.70 18.04
N ASN A 777 20.51 -12.63 17.25
CA ASN A 777 21.78 -12.26 16.62
C ASN A 777 22.83 -11.93 17.67
N THR A 778 22.45 -11.16 18.69
CA THR A 778 23.40 -10.81 19.74
C THR A 778 23.90 -12.06 20.46
N GLN A 779 22.99 -12.98 20.78
CA GLN A 779 23.38 -14.22 21.46
C GLN A 779 24.29 -15.07 20.58
N GLU A 780 23.98 -15.16 19.29
CA GLU A 780 24.82 -15.94 18.38
C GLU A 780 26.22 -15.33 18.27
N VAL A 781 26.31 -14.02 18.20
CA VAL A 781 27.61 -13.38 18.00
C VAL A 781 28.45 -13.46 19.27
N PHE A 782 27.85 -13.15 20.43
CA PHE A 782 28.65 -12.96 21.64
C PHE A 782 28.58 -14.13 22.62
N ALA A 783 27.50 -14.91 22.62
CA ALA A 783 27.34 -16.00 23.57
C ALA A 783 27.71 -17.35 22.98
N GLN A 784 28.75 -17.39 22.12
CA GLN A 784 29.18 -18.66 21.53
C GLN A 784 29.66 -19.62 22.60
N VAL A 785 30.44 -19.14 23.56
CA VAL A 785 30.93 -19.96 24.67
C VAL A 785 30.12 -19.65 25.92
N LYS A 786 29.76 -20.70 26.65
CA LYS A 786 29.01 -20.59 27.90
C LYS A 786 29.89 -20.72 29.13
N GLN A 787 31.20 -20.70 28.97
CA GLN A 787 32.15 -21.04 30.02
C GLN A 787 32.96 -19.79 30.31
N ILE A 788 32.61 -19.07 31.39
CA ILE A 788 33.11 -17.73 31.62
C ILE A 788 34.52 -17.82 32.23
N TYR A 789 35.52 -17.34 31.50
CA TYR A 789 36.90 -17.34 31.94
C TYR A 789 37.30 -15.95 32.42
N LYS A 790 37.96 -15.88 33.57
CA LYS A 790 38.37 -14.60 34.13
C LYS A 790 39.79 -14.23 33.67
N THR A 791 40.13 -12.96 33.86
CA THR A 791 41.45 -12.47 33.50
C THR A 791 42.51 -13.07 34.42
N PRO A 792 43.58 -13.65 33.87
CA PRO A 792 44.63 -14.24 34.73
C PRO A 792 45.32 -13.18 35.56
N PRO A 793 45.65 -13.49 36.81
CA PRO A 793 46.31 -12.51 37.69
C PRO A 793 47.72 -12.15 37.24
N ILE A 794 48.54 -13.16 36.95
CA ILE A 794 49.97 -12.94 36.73
C ILE A 794 50.20 -12.09 35.49
N LYS A 795 49.50 -12.39 34.40
CA LYS A 795 49.62 -11.64 33.13
C LYS A 795 51.05 -11.65 32.62
N ASP A 796 51.67 -12.84 32.63
CA ASP A 796 53.02 -13.04 32.12
C ASP A 796 52.90 -13.73 30.77
N PHE A 797 52.72 -12.94 29.71
CA PHE A 797 52.45 -13.45 28.38
C PHE A 797 53.65 -13.29 27.44
N GLY A 798 54.86 -13.43 27.97
CA GLY A 798 56.05 -13.37 27.13
C GLY A 798 56.27 -12.05 26.43
N GLY A 799 56.02 -10.94 27.13
CA GLY A 799 56.22 -9.62 26.58
C GLY A 799 55.03 -9.05 25.82
N PHE A 800 53.98 -9.83 25.62
CA PHE A 800 52.78 -9.34 24.97
C PHE A 800 51.87 -8.63 25.97
N ASN A 801 51.38 -7.47 25.58
CA ASN A 801 50.60 -6.60 26.45
C ASN A 801 49.16 -6.56 25.98
N PHE A 802 48.23 -6.96 26.85
CA PHE A 802 46.81 -6.98 26.51
C PHE A 802 45.97 -6.10 27.42
N SER A 803 46.60 -5.24 28.23
CA SER A 803 45.85 -4.38 29.13
C SER A 803 44.95 -3.40 28.39
N GLN A 804 45.28 -3.07 27.15
CA GLN A 804 44.44 -2.15 26.39
C GLN A 804 43.14 -2.81 25.93
N ILE A 805 43.17 -4.13 25.74
CA ILE A 805 41.98 -4.88 25.35
C ILE A 805 41.41 -5.69 26.51
N LEU A 806 42.01 -5.60 27.71
CA LEU A 806 41.51 -6.25 28.91
C LEU A 806 40.79 -5.25 29.81
N PRO A 807 39.80 -5.71 30.57
CA PRO A 807 38.98 -4.78 31.37
C PRO A 807 39.78 -4.13 32.49
N ASP A 808 39.32 -2.94 32.88
CA ASP A 808 39.84 -2.27 34.07
C ASP A 808 38.74 -2.27 35.13
N PRO A 809 38.98 -2.85 36.31
CA PRO A 809 37.93 -2.89 37.33
C PRO A 809 37.52 -1.51 37.85
N SER A 810 38.33 -0.47 37.60
CA SER A 810 37.98 0.86 38.06
C SER A 810 36.69 1.35 37.42
N LYS A 811 36.51 1.10 36.14
CA LYS A 811 35.29 1.49 35.46
C LYS A 811 34.10 0.72 36.02
N PRO A 812 32.95 1.37 36.22
CA PRO A 812 31.77 0.64 36.69
C PRO A 812 31.37 -0.51 35.79
N SER A 813 31.54 -0.37 34.48
CA SER A 813 31.34 -1.46 33.53
C SER A 813 32.67 -2.11 33.24
N LYS A 814 32.74 -3.43 33.40
CA LYS A 814 34.00 -4.17 33.23
C LYS A 814 34.31 -4.36 31.74
N ARG A 815 34.58 -3.24 31.08
CA ARG A 815 34.92 -3.22 29.67
C ARG A 815 36.31 -2.64 29.47
N SER A 816 36.92 -2.98 28.35
CA SER A 816 38.30 -2.57 28.09
C SER A 816 38.37 -1.09 27.74
N PHE A 817 39.61 -0.57 27.75
CA PHE A 817 39.84 0.82 27.40
C PHE A 817 39.48 1.08 25.93
N ILE A 818 39.85 0.15 25.04
CA ILE A 818 39.45 0.26 23.65
C ILE A 818 37.94 0.11 23.52
N GLU A 819 37.33 -0.75 24.33
CA GLU A 819 35.87 -0.85 24.34
C GLU A 819 35.23 0.46 24.82
N ASP A 820 35.85 1.11 25.81
CA ASP A 820 35.35 2.42 26.24
C ASP A 820 35.45 3.44 25.11
N LEU A 821 36.56 3.43 24.37
CA LEU A 821 36.70 4.34 23.24
C LEU A 821 35.62 4.08 22.19
N LEU A 822 35.37 2.81 21.89
CA LEU A 822 34.34 2.47 20.91
C LEU A 822 32.96 2.91 21.40
N PHE A 823 32.68 2.73 22.68
CA PHE A 823 31.39 3.15 23.23
C PHE A 823 31.23 4.65 23.17
N ASN A 824 32.33 5.40 23.36
CA ASN A 824 32.25 6.85 23.34
C ASN A 824 32.07 7.42 21.95
N LYS A 825 32.38 6.66 20.90
CA LYS A 825 32.33 7.15 19.54
C LYS A 825 30.99 6.92 18.85
N VAL A 826 30.06 6.24 19.50
CA VAL A 826 28.72 6.02 18.96
C VAL A 826 27.71 6.63 19.92
N THR A 827 26.88 7.54 19.40
CA THR A 827 25.88 8.23 20.19
C THR A 827 24.51 7.64 19.90
N LEU A 828 23.87 7.07 20.92
CA LEU A 828 22.54 6.52 20.76
C LEU A 828 21.49 7.61 20.83
N ALA A 829 20.29 7.28 20.33
CA ALA A 829 19.19 8.25 20.36
C ALA A 829 18.78 8.59 21.78
N ASP A 830 18.71 7.57 22.65
CA ASP A 830 18.35 7.75 24.04
C ASP A 830 19.42 7.13 24.93
N ALA A 831 19.81 7.85 25.98
CA ALA A 831 20.81 7.34 26.90
C ALA A 831 20.31 6.10 27.63
N GLY A 832 19.05 6.11 28.07
CA GLY A 832 18.47 4.97 28.74
C GLY A 832 17.27 4.42 28.00
N PHE A 833 16.32 3.86 28.74
CA PHE A 833 15.11 3.33 28.12
C PHE A 833 13.85 3.66 28.91
N ILE A 834 13.94 4.46 29.97
CA ILE A 834 12.80 4.85 30.77
C ILE A 834 12.63 6.35 30.65
N LYS A 835 11.63 6.78 29.89
CA LYS A 835 11.25 8.19 29.78
C LYS A 835 9.88 8.34 30.44
N GLN A 836 9.84 8.96 31.61
CA GLN A 836 8.61 9.05 32.38
C GLN A 836 7.68 10.10 31.80
N TYR A 837 6.41 10.01 32.21
CA TYR A 837 5.41 10.95 31.73
C TYR A 837 5.73 12.37 32.18
N GLY A 838 6.22 12.53 33.41
CA GLY A 838 6.56 13.86 33.90
C GLY A 838 7.68 14.52 33.11
N ASP A 839 8.61 13.71 32.59
CA ASP A 839 9.71 14.25 31.79
C ASP A 839 9.26 14.75 30.44
N CYS A 840 8.17 14.20 29.88
CA CYS A 840 7.63 14.65 28.61
C CYS A 840 6.46 15.61 28.78
N LEU A 841 6.12 15.97 30.01
CA LEU A 841 4.99 16.87 30.25
C LEU A 841 5.35 18.30 29.89
N GLY A 842 4.47 18.95 29.13
CA GLY A 842 4.67 20.34 28.75
C GLY A 842 5.14 20.50 27.32
N ASP A 843 5.98 21.51 27.07
CA ASP A 843 6.49 21.74 25.73
C ASP A 843 7.51 20.69 25.32
N ILE A 844 8.09 19.96 26.29
CA ILE A 844 9.07 18.93 25.98
C ILE A 844 8.48 17.81 25.13
N ALA A 845 7.15 17.70 25.09
CA ALA A 845 6.51 16.73 24.21
C ALA A 845 6.76 17.02 22.74
N ALA A 846 7.15 18.25 22.40
CA ALA A 846 7.44 18.63 21.03
C ALA A 846 8.93 18.80 20.76
N ARG A 847 9.66 19.44 21.67
CA ARG A 847 11.10 19.63 21.47
C ARG A 847 11.84 18.30 21.46
N ASP A 848 11.47 17.38 22.36
CA ASP A 848 12.13 16.09 22.45
C ASP A 848 11.55 15.14 21.40
N LEU A 849 12.42 14.58 20.56
CA LEU A 849 11.96 13.64 19.54
C LEU A 849 11.44 12.36 20.15
N ILE A 850 12.08 11.89 21.22
CA ILE A 850 11.63 10.66 21.88
C ILE A 850 10.24 10.84 22.48
N CYS A 851 9.98 12.01 23.07
CA CYS A 851 8.65 12.27 23.62
C CYS A 851 7.59 12.25 22.52
N ALA A 852 7.89 12.86 21.38
CA ALA A 852 6.94 12.86 20.26
C ALA A 852 6.72 11.44 19.73
N GLN A 853 7.79 10.65 19.65
CA GLN A 853 7.64 9.27 19.20
C GLN A 853 6.79 8.45 20.16
N LYS A 854 7.00 8.62 21.47
CA LYS A 854 6.27 7.82 22.44
C LYS A 854 4.82 8.27 22.57
N PHE A 855 4.55 9.56 22.40
CA PHE A 855 3.17 10.05 22.43
C PHE A 855 2.36 9.61 21.22
N ASN A 856 3.01 9.05 20.20
CA ASN A 856 2.33 8.54 19.02
C ASN A 856 2.38 7.01 18.94
N GLY A 857 2.62 6.35 20.07
CA GLY A 857 2.56 4.90 20.13
C GLY A 857 3.80 4.18 19.65
N LEU A 858 4.91 4.87 19.44
CA LEU A 858 6.16 4.27 19.00
C LEU A 858 7.10 4.17 20.18
N THR A 859 7.39 2.94 20.62
CA THR A 859 8.27 2.69 21.75
C THR A 859 9.48 1.89 21.29
N VAL A 860 10.58 2.05 22.02
CA VAL A 860 11.84 1.36 21.73
C VAL A 860 12.12 0.39 22.86
N LEU A 861 12.24 -0.90 22.52
CA LEU A 861 12.50 -1.98 23.46
C LEU A 861 14.00 -2.18 23.63
N PRO A 862 14.47 -2.33 24.88
CA PRO A 862 15.90 -2.49 25.12
C PRO A 862 16.37 -3.88 24.73
N PRO A 863 17.66 -4.05 24.44
CA PRO A 863 18.19 -5.39 24.20
C PRO A 863 18.11 -6.25 25.46
N LEU A 864 17.96 -7.57 25.24
CA LEU A 864 17.93 -8.49 26.35
C LEU A 864 19.26 -8.49 27.11
N LEU A 865 20.37 -8.44 26.38
CA LEU A 865 21.69 -8.42 26.98
C LEU A 865 22.18 -6.99 27.09
N THR A 866 22.55 -6.57 28.29
CA THR A 866 23.09 -5.24 28.50
C THR A 866 24.53 -5.17 27.98
N ASP A 867 25.05 -3.94 27.89
CA ASP A 867 26.43 -3.75 27.45
C ASP A 867 27.41 -4.41 28.41
N GLU A 868 27.07 -4.46 29.70
CA GLU A 868 27.95 -5.10 30.67
C GLU A 868 28.08 -6.59 30.40
N MET A 869 26.97 -7.26 30.08
CA MET A 869 27.01 -8.69 29.80
C MET A 869 27.73 -8.99 28.49
N ILE A 870 27.55 -8.13 27.48
CA ILE A 870 28.30 -8.29 26.24
C ILE A 870 29.79 -8.10 26.49
N ALA A 871 30.13 -7.13 27.34
CA ALA A 871 31.53 -6.93 27.71
C ALA A 871 32.08 -8.13 28.45
N GLN A 872 31.26 -8.76 29.29
CA GLN A 872 31.69 -9.96 30.00
C GLN A 872 31.92 -11.12 29.03
N TYR A 873 31.03 -11.28 28.03
CA TYR A 873 31.21 -12.33 27.03
C TYR A 873 32.50 -12.11 26.25
N THR A 874 32.76 -10.86 25.84
CA THR A 874 34.00 -10.52 25.17
C THR A 874 35.20 -10.78 26.07
N SER A 875 35.06 -10.48 27.37
CA SER A 875 36.14 -10.73 28.32
C SER A 875 36.47 -12.21 28.40
N ALA A 876 35.44 -13.06 28.52
CA ALA A 876 35.66 -14.49 28.57
C ALA A 876 36.30 -15.01 27.30
N LEU A 877 35.82 -14.54 26.14
CA LEU A 877 36.41 -14.96 24.87
C LEU A 877 37.88 -14.56 24.78
N LEU A 878 38.20 -13.33 25.18
CA LEU A 878 39.58 -12.86 25.12
C LEU A 878 40.48 -13.64 26.09
N ALA A 879 40.00 -13.89 27.30
CA ALA A 879 40.76 -14.66 28.27
C ALA A 879 41.00 -16.08 27.78
N GLY A 880 39.98 -16.70 27.18
CA GLY A 880 40.16 -18.03 26.64
C GLY A 880 41.13 -18.08 25.48
N THR A 881 41.06 -17.09 24.59
CA THR A 881 41.94 -17.09 23.42
C THR A 881 43.37 -16.71 23.78
N ILE A 882 43.59 -16.05 24.92
CA ILE A 882 44.96 -15.74 25.32
C ILE A 882 45.55 -16.84 26.21
N THR A 883 44.76 -17.40 27.12
CA THR A 883 45.29 -18.43 28.01
C THR A 883 45.29 -19.80 27.36
N SER A 884 44.27 -20.12 26.57
CA SER A 884 44.14 -21.43 25.95
C SER A 884 44.35 -21.42 24.44
N GLY A 885 44.19 -20.28 23.79
CA GLY A 885 44.38 -20.21 22.35
C GLY A 885 43.17 -20.68 21.57
N TRP A 886 43.29 -21.84 20.92
CA TRP A 886 42.21 -22.38 20.11
C TRP A 886 41.47 -23.51 20.81
N THR A 887 42.00 -24.03 21.92
CA THR A 887 41.43 -25.23 22.53
C THR A 887 40.07 -24.95 23.16
N PHE A 888 39.90 -23.76 23.75
CA PHE A 888 38.62 -23.44 24.38
C PHE A 888 37.49 -23.31 23.37
N GLY A 889 37.80 -23.05 22.09
CA GLY A 889 36.79 -23.07 21.06
C GLY A 889 36.27 -24.45 20.73
N ALA A 890 37.07 -25.49 21.02
CA ALA A 890 36.66 -26.87 20.85
C ALA A 890 36.27 -27.52 22.17
N GLY A 891 36.14 -26.75 23.23
CA GLY A 891 35.78 -27.31 24.53
C GLY A 891 36.99 -27.78 25.30
N ALA A 892 36.84 -27.79 26.63
CA ALA A 892 37.89 -28.25 27.55
C ALA A 892 39.18 -27.44 27.34
N ALA A 893 39.09 -26.16 27.70
CA ALA A 893 40.20 -25.24 27.53
C ALA A 893 41.49 -25.80 28.13
N LEU A 894 42.54 -25.83 27.33
CA LEU A 894 43.86 -26.32 27.73
C LEU A 894 44.82 -25.15 27.80
N GLN A 895 45.44 -24.95 28.96
CA GLN A 895 46.39 -23.86 29.12
C GLN A 895 47.67 -24.13 28.32
N ILE A 896 48.28 -23.05 27.85
CA ILE A 896 49.50 -23.12 27.05
C ILE A 896 50.19 -21.76 27.12
N PRO A 897 51.51 -21.71 27.29
CA PRO A 897 52.20 -20.41 27.30
C PRO A 897 51.98 -19.67 26.00
N PHE A 898 51.84 -18.34 26.11
CA PHE A 898 51.50 -17.54 24.93
C PHE A 898 52.62 -17.57 23.90
N ALA A 899 53.87 -17.75 24.33
CA ALA A 899 54.97 -17.86 23.38
C ALA A 899 54.79 -19.09 22.49
N MET A 900 54.42 -20.22 23.07
CA MET A 900 54.22 -21.43 22.28
C MET A 900 52.95 -21.35 21.44
N GLN A 901 51.93 -20.65 21.92
CA GLN A 901 50.76 -20.39 21.08
C GLN A 901 51.15 -19.56 19.86
N MET A 902 51.97 -18.53 20.05
CA MET A 902 52.48 -17.75 18.94
C MET A 902 53.31 -18.61 18.01
N ALA A 903 54.12 -19.51 18.57
CA ALA A 903 54.94 -20.40 17.73
C ALA A 903 54.07 -21.30 16.86
N TYR A 904 53.02 -21.88 17.44
CA TYR A 904 52.14 -22.73 16.64
C TYR A 904 51.36 -21.93 15.60
N ARG A 905 50.95 -20.71 15.95
CA ARG A 905 50.27 -19.86 14.97
C ARG A 905 51.20 -19.47 13.83
N PHE A 906 52.49 -19.25 14.14
CA PHE A 906 53.48 -19.05 13.09
C PHE A 906 53.62 -20.30 12.22
N ASN A 907 53.63 -21.47 12.85
CA ASN A 907 53.68 -22.72 12.10
C ASN A 907 52.46 -22.88 11.20
N GLY A 908 51.32 -22.31 11.60
CA GLY A 908 50.11 -22.41 10.80
C GLY A 908 50.12 -21.56 9.55
N ILE A 909 51.01 -20.57 9.47
CA ILE A 909 51.12 -19.71 8.31
C ILE A 909 52.39 -20.00 7.51
N GLY A 910 52.98 -21.18 7.69
CA GLY A 910 54.12 -21.58 6.90
C GLY A 910 55.47 -21.10 7.39
N VAL A 911 55.54 -20.50 8.58
CA VAL A 911 56.79 -20.00 9.15
C VAL A 911 57.17 -20.88 10.31
N THR A 912 58.43 -21.32 10.33
CA THR A 912 58.91 -22.20 11.40
C THR A 912 58.92 -21.46 12.73
N GLN A 913 58.70 -22.22 13.81
CA GLN A 913 58.56 -21.62 15.13
C GLN A 913 59.86 -21.02 15.66
N ASN A 914 61.02 -21.42 15.11
CA ASN A 914 62.27 -20.82 15.54
C ASN A 914 62.33 -19.35 15.18
N VAL A 915 61.64 -18.95 14.11
CA VAL A 915 61.55 -17.53 13.77
C VAL A 915 60.79 -16.78 14.86
N LEU A 916 59.69 -17.36 15.34
CA LEU A 916 58.94 -16.76 16.43
C LEU A 916 59.78 -16.68 17.70
N TYR A 917 60.51 -17.74 18.01
CA TYR A 917 61.25 -17.78 19.26
C TYR A 917 62.49 -16.89 19.23
N GLU A 918 63.10 -16.71 18.06
CA GLU A 918 64.29 -15.88 17.93
C GLU A 918 63.98 -14.40 17.73
N ASN A 919 62.71 -14.05 17.55
CA ASN A 919 62.29 -12.66 17.41
C ASN A 919 61.12 -12.35 18.35
N GLN A 920 61.08 -13.01 19.50
CA GLN A 920 59.95 -12.85 20.41
C GLN A 920 59.83 -11.42 20.91
N LYS A 921 60.95 -10.81 21.31
CA LYS A 921 60.90 -9.43 21.77
C LYS A 921 60.45 -8.48 20.66
N LEU A 922 60.98 -8.66 19.45
CA LEU A 922 60.60 -7.81 18.34
C LEU A 922 59.12 -7.96 18.00
N ILE A 923 58.63 -9.19 17.96
CA ILE A 923 57.23 -9.43 17.63
C ILE A 923 56.31 -8.85 18.70
N ALA A 924 56.67 -9.03 19.98
CA ALA A 924 55.87 -8.46 21.05
C ALA A 924 55.85 -6.93 20.97
N ASN A 925 57.02 -6.32 20.67
CA ASN A 925 57.08 -4.87 20.55
C ASN A 925 56.22 -4.38 19.39
N GLN A 926 56.26 -5.07 18.25
CA GLN A 926 55.44 -4.67 17.11
C GLN A 926 53.95 -4.82 17.42
N PHE A 927 53.57 -5.90 18.10
CA PHE A 927 52.17 -6.07 18.48
C PHE A 927 51.71 -4.96 19.42
N ASN A 928 52.53 -4.63 20.41
CA ASN A 928 52.19 -3.54 21.33
C ASN A 928 52.09 -2.21 20.59
N SER A 929 53.01 -1.96 19.64
CA SER A 929 52.97 -0.73 18.87
C SER A 929 51.72 -0.64 18.02
N ALA A 930 51.31 -1.76 17.41
CA ALA A 930 50.09 -1.76 16.61
C ALA A 930 48.86 -1.54 17.47
N ILE A 931 48.83 -2.14 18.66
CA ILE A 931 47.70 -1.92 19.58
C ILE A 931 47.65 -0.45 19.99
N GLY A 932 48.80 0.13 20.30
CA GLY A 932 48.84 1.55 20.63
C GLY A 932 48.41 2.44 19.47
N LYS A 933 48.79 2.06 18.26
CA LYS A 933 48.37 2.82 17.08
C LYS A 933 46.86 2.78 16.90
N ILE A 934 46.26 1.60 17.11
CA ILE A 934 44.79 1.49 17.04
C ILE A 934 44.15 2.34 18.12
N GLN A 935 44.73 2.32 19.33
CA GLN A 935 44.19 3.15 20.41
C GLN A 935 44.27 4.64 20.06
N ASP A 936 45.39 5.07 19.48
CA ASP A 936 45.53 6.46 19.08
C ASP A 936 44.55 6.83 17.99
N SER A 937 44.35 5.94 17.01
CA SER A 937 43.39 6.21 15.95
C SER A 937 41.97 6.32 16.49
N LEU A 938 41.62 5.46 17.44
CA LEU A 938 40.28 5.50 18.02
C LEU A 938 40.09 6.75 18.89
N SER A 939 41.15 7.16 19.60
CA SER A 939 41.05 8.32 20.47
C SER A 939 40.98 9.64 19.72
N SER A 940 41.39 9.66 18.46
CA SER A 940 41.40 10.88 17.67
C SER A 940 40.00 11.13 17.09
N THR A 941 39.87 12.17 16.27
CA THR A 941 38.58 12.48 15.66
C THR A 941 38.17 11.45 14.61
N ALA A 942 39.12 10.67 14.10
CA ALA A 942 38.80 9.62 13.14
C ALA A 942 37.93 8.56 13.81
N SER A 943 36.72 8.36 13.30
CA SER A 943 35.77 7.44 13.91
C SER A 943 35.93 6.02 13.37
N ALA A 944 35.76 5.86 12.06
CA ALA A 944 35.84 4.56 11.38
C ALA A 944 34.74 3.62 11.87
N LEU A 945 33.84 4.10 12.72
CA LEU A 945 32.72 3.34 13.25
C LEU A 945 31.41 3.77 12.60
N GLY A 946 31.46 4.06 11.31
CA GLY A 946 30.31 4.64 10.62
C GLY A 946 29.15 3.68 10.45
N LYS A 947 29.39 2.37 10.51
CA LYS A 947 28.31 1.42 10.26
C LYS A 947 27.30 1.41 11.41
N LEU A 948 27.78 1.35 12.65
CA LEU A 948 26.88 1.38 13.79
C LEU A 948 26.12 2.70 13.87
N GLN A 949 26.83 3.81 13.63
CA GLN A 949 26.18 5.11 13.64
C GLN A 949 25.15 5.22 12.54
N ASP A 950 25.44 4.64 11.37
CA ASP A 950 24.47 4.63 10.27
C ASP A 950 23.24 3.81 10.64
N VAL A 951 23.42 2.67 11.31
CA VAL A 951 22.28 1.87 11.74
C VAL A 951 21.41 2.65 12.72
N VAL A 952 22.05 3.28 13.71
CA VAL A 952 21.29 4.04 14.71
C VAL A 952 20.58 5.21 14.06
N ASN A 953 21.26 5.93 13.16
CA ASN A 953 20.65 7.05 12.47
C ASN A 953 19.51 6.61 11.58
N GLN A 954 19.64 5.44 10.94
CA GLN A 954 18.56 4.93 10.10
C GLN A 954 17.33 4.61 10.94
N ASN A 955 17.51 3.98 12.10
CA ASN A 955 16.37 3.69 12.97
C ASN A 955 15.72 4.98 13.46
N ALA A 956 16.54 5.94 13.90
CA ALA A 956 16.00 7.20 14.41
C ALA A 956 15.28 7.97 13.30
N GLN A 957 15.84 7.98 12.10
CA GLN A 957 15.22 8.66 10.97
C GLN A 957 13.91 7.99 10.57
N ALA A 958 13.86 6.67 10.61
CA ALA A 958 12.61 5.97 10.31
C ALA A 958 11.53 6.33 11.32
N LEU A 959 11.89 6.35 12.61
CA LEU A 959 10.91 6.73 13.63
C LEU A 959 10.47 8.17 13.47
N ASN A 960 11.41 9.08 13.18
CA ASN A 960 11.08 10.49 13.01
C ASN A 960 10.21 10.71 11.78
N THR A 961 10.47 9.97 10.69
CA THR A 961 9.63 10.05 9.50
C THR A 961 8.23 9.52 9.78
N LEU A 962 8.12 8.43 10.56
CA LEU A 962 6.82 7.94 10.96
C LEU A 962 6.06 8.99 11.76
N VAL A 963 6.75 9.69 12.66
CA VAL A 963 6.11 10.77 13.41
C VAL A 963 5.68 11.90 12.48
N LYS A 964 6.56 12.27 11.54
CA LYS A 964 6.29 13.42 10.67
C LYS A 964 5.16 13.15 9.69
N GLN A 965 4.97 11.89 9.29
CA GLN A 965 3.96 11.56 8.29
C GLN A 965 2.53 11.73 8.82
N LEU A 966 2.35 11.96 10.12
CA LEU A 966 1.02 12.17 10.68
C LEU A 966 0.41 13.50 10.25
N SER A 967 1.18 14.39 9.63
CA SER A 967 0.68 15.67 9.16
C SER A 967 0.10 15.61 7.76
N SER A 968 0.12 14.44 7.13
CA SER A 968 -0.43 14.29 5.79
C SER A 968 -1.95 14.19 5.83
N ASN A 969 -2.61 14.91 4.92
CA ASN A 969 -4.07 14.89 4.88
C ASN A 969 -4.61 13.62 4.25
N PHE A 970 -3.84 12.99 3.35
CA PHE A 970 -4.27 11.79 2.63
C PHE A 970 -5.58 12.01 1.86
N GLY A 971 -5.75 13.21 1.31
CA GLY A 971 -6.95 13.55 0.58
C GLY A 971 -8.10 14.04 1.44
N ALA A 972 -7.95 14.04 2.77
CA ALA A 972 -8.99 14.52 3.65
C ALA A 972 -8.92 16.04 3.78
N ILE A 973 -9.96 16.60 4.42
CA ILE A 973 -10.01 18.05 4.60
C ILE A 973 -8.91 18.51 5.57
N SER A 974 -8.53 17.66 6.53
CA SER A 974 -7.49 18.02 7.48
C SER A 974 -6.77 16.76 7.92
N SER A 975 -5.56 16.95 8.42
CA SER A 975 -4.75 15.86 8.96
C SER A 975 -4.96 15.65 10.45
N VAL A 976 -5.84 16.42 11.08
CA VAL A 976 -6.11 16.34 12.50
C VAL A 976 -7.50 15.75 12.69
N LEU A 977 -7.59 14.65 13.45
CA LEU A 977 -8.88 14.04 13.72
C LEU A 977 -9.76 14.93 14.59
N ASN A 978 -9.14 15.69 15.50
CA ASN A 978 -9.92 16.56 16.38
C ASN A 978 -10.64 17.64 15.57
N ASP A 979 -9.95 18.24 14.60
CA ASP A 979 -10.58 19.27 13.78
C ASP A 979 -11.76 18.71 12.99
N ILE A 980 -11.59 17.52 12.41
CA ILE A 980 -12.68 16.91 11.65
C ILE A 980 -13.85 16.58 12.55
N LEU A 981 -13.59 16.03 13.74
CA LEU A 981 -14.67 15.67 14.65
C LEU A 981 -15.42 16.90 15.13
N SER A 982 -14.70 17.98 15.43
CA SER A 982 -15.35 19.22 15.85
C SER A 982 -15.98 19.96 14.67
N ARG A 983 -15.64 19.59 13.45
CA ARG A 983 -16.09 20.30 12.26
C ARG A 983 -17.22 19.60 11.52
N LEU A 984 -17.34 18.28 11.68
CA LEU A 984 -18.32 17.50 10.93
C LEU A 984 -19.03 16.52 11.87
N ASP A 985 -20.23 16.12 11.46
CA ASP A 985 -20.99 15.11 12.20
C ASP A 985 -20.42 13.73 11.90
N LYS A 986 -21.08 12.68 12.42
CA LYS A 986 -20.53 11.33 12.28
C LYS A 986 -20.45 10.90 10.82
N VAL A 987 -21.51 11.14 10.05
CA VAL A 987 -21.55 10.66 8.68
C VAL A 987 -20.51 11.39 7.82
N GLU A 988 -20.43 12.70 7.96
CA GLU A 988 -19.51 13.48 7.12
C GLU A 988 -18.06 13.27 7.55
N ALA A 989 -17.82 13.09 8.85
CA ALA A 989 -16.47 12.85 9.33
C ALA A 989 -16.00 11.42 9.11
N GLU A 990 -16.93 10.50 8.84
CA GLU A 990 -16.54 9.10 8.67
C GLU A 990 -15.59 8.91 7.49
N VAL A 991 -15.88 9.56 6.37
CA VAL A 991 -15.04 9.40 5.18
C VAL A 991 -13.65 9.99 5.42
N GLN A 992 -13.59 11.15 6.06
CA GLN A 992 -12.29 11.77 6.33
C GLN A 992 -11.48 10.92 7.30
N ILE A 993 -12.12 10.38 8.34
CA ILE A 993 -11.41 9.53 9.29
C ILE A 993 -10.96 8.24 8.60
N ASP A 994 -11.77 7.71 7.69
CA ASP A 994 -11.36 6.52 6.95
C ASP A 994 -10.15 6.81 6.07
N ARG A 995 -10.13 7.97 5.41
CA ARG A 995 -8.98 8.34 4.59
C ARG A 995 -7.72 8.46 5.44
N LEU A 996 -7.84 9.12 6.60
CA LEU A 996 -6.69 9.25 7.49
C LEU A 996 -6.22 7.90 8.00
N ILE A 997 -7.17 7.02 8.33
CA ILE A 997 -6.82 5.68 8.82
C ILE A 997 -6.08 4.91 7.74
N THR A 998 -6.57 4.97 6.51
CA THR A 998 -5.90 4.28 5.40
C THR A 998 -4.49 4.82 5.19
N GLY A 999 -4.33 6.14 5.21
CA GLY A 999 -3.01 6.71 5.02
C GLY A 999 -2.04 6.33 6.12
N ARG A 1000 -2.48 6.39 7.37
CA ARG A 1000 -1.60 6.05 8.48
C ARG A 1000 -1.28 4.56 8.52
N LEU A 1001 -2.25 3.71 8.16
CA LEU A 1001 -1.96 2.29 8.04
C LEU A 1001 -0.95 2.01 6.94
N GLN A 1002 -1.07 2.71 5.82
CA GLN A 1002 -0.08 2.57 4.75
C GLN A 1002 1.30 3.01 5.22
N SER A 1003 1.38 4.11 5.97
CA SER A 1003 2.66 4.55 6.51
C SER A 1003 3.26 3.51 7.45
N LEU A 1004 2.43 2.95 8.33
CA LEU A 1004 2.92 1.92 9.24
C LEU A 1004 3.39 0.69 8.48
N GLN A 1005 2.66 0.29 7.44
CA GLN A 1005 3.06 -0.86 6.64
C GLN A 1005 4.39 -0.62 5.94
N THR A 1006 4.58 0.58 5.40
CA THR A 1006 5.86 0.91 4.76
C THR A 1006 7.00 0.89 5.77
N TYR A 1007 6.77 1.44 6.97
CA TYR A 1007 7.79 1.41 8.00
C TYR A 1007 8.14 -0.02 8.39
N VAL A 1008 7.12 -0.88 8.52
CA VAL A 1008 7.37 -2.27 8.91
C VAL A 1008 8.12 -3.02 7.82
N THR A 1009 7.77 -2.78 6.56
CA THR A 1009 8.48 -3.43 5.46
C THR A 1009 9.95 -3.00 5.41
N GLN A 1010 10.20 -1.70 5.57
CA GLN A 1010 11.58 -1.22 5.59
C GLN A 1010 12.33 -1.80 6.78
N GLN A 1011 11.68 -1.90 7.94
CA GLN A 1011 12.30 -2.50 9.11
C GLN A 1011 12.64 -3.96 8.86
N LEU A 1012 11.74 -4.68 8.18
CA LEU A 1012 12.01 -6.09 7.86
C LEU A 1012 13.22 -6.22 6.94
N ILE A 1013 13.31 -5.37 5.91
CA ILE A 1013 14.46 -5.43 5.00
C ILE A 1013 15.75 -5.12 5.75
N ARG A 1014 15.74 -4.07 6.57
CA ARG A 1014 16.92 -3.72 7.34
C ARG A 1014 17.27 -4.81 8.35
N ALA A 1015 16.26 -5.49 8.89
CA ALA A 1015 16.51 -6.59 9.82
C ALA A 1015 17.14 -7.77 9.10
N ALA A 1016 16.72 -8.05 7.86
CA ALA A 1016 17.37 -9.09 7.08
C ALA A 1016 18.83 -8.76 6.82
N GLU A 1017 19.11 -7.50 6.46
CA GLU A 1017 20.50 -7.09 6.25
C GLU A 1017 21.31 -7.20 7.55
N ILE A 1018 20.72 -6.79 8.67
CA ILE A 1018 21.42 -6.86 9.96
C ILE A 1018 21.64 -8.31 10.35
N ARG A 1019 20.69 -9.19 10.04
CA ARG A 1019 20.87 -10.61 10.33
C ARG A 1019 21.99 -11.21 9.51
N ALA A 1020 22.09 -10.82 8.23
CA ALA A 1020 23.23 -11.28 7.43
C ALA A 1020 24.55 -10.78 8.00
N SER A 1021 24.60 -9.51 8.42
CA SER A 1021 25.81 -8.98 9.03
C SER A 1021 26.16 -9.71 10.32
N ALA A 1022 25.15 -10.03 11.12
CA ALA A 1022 25.40 -10.72 12.39
C ALA A 1022 25.84 -12.16 12.16
N ASN A 1023 25.30 -12.82 11.13
CA ASN A 1023 25.78 -14.15 10.78
C ASN A 1023 27.24 -14.11 10.35
N LEU A 1024 27.61 -13.10 9.56
CA LEU A 1024 29.01 -12.93 9.18
C LEU A 1024 29.88 -12.68 10.41
N ALA A 1025 29.38 -11.86 11.34
CA ALA A 1025 30.15 -11.57 12.55
C ALA A 1025 30.34 -12.82 13.40
N ALA A 1026 29.29 -13.65 13.52
CA ALA A 1026 29.41 -14.89 14.27
C ALA A 1026 30.39 -15.85 13.60
N THR A 1027 30.34 -15.94 12.27
CA THR A 1027 31.29 -16.80 11.57
C THR A 1027 32.72 -16.31 11.76
N LYS A 1028 32.92 -14.99 11.72
CA LYS A 1028 34.26 -14.45 11.94
C LYS A 1028 34.73 -14.67 13.37
N MET A 1029 33.82 -14.56 14.34
CA MET A 1029 34.17 -14.85 15.72
C MET A 1029 34.56 -16.32 15.89
N SER A 1030 33.85 -17.22 15.21
CA SER A 1030 34.17 -18.64 15.32
C SER A 1030 35.50 -18.98 14.66
N GLU A 1031 35.77 -18.40 13.48
CA GLU A 1031 36.90 -18.84 12.67
C GLU A 1031 38.17 -18.00 12.86
N CYS A 1032 38.07 -16.83 13.48
CA CYS A 1032 39.23 -15.97 13.70
C CYS A 1032 39.61 -15.82 15.16
N VAL A 1033 38.64 -15.83 16.07
CA VAL A 1033 38.91 -15.72 17.49
C VAL A 1033 39.08 -17.08 18.14
N LEU A 1034 38.20 -18.03 17.80
CA LEU A 1034 38.28 -19.38 18.36
C LEU A 1034 39.28 -20.26 17.63
N GLY A 1035 39.87 -19.78 16.55
CA GLY A 1035 40.85 -20.57 15.81
C GLY A 1035 41.57 -19.70 14.80
N GLN A 1036 42.53 -20.32 14.12
CA GLN A 1036 43.31 -19.64 13.08
C GLN A 1036 42.76 -20.04 11.72
N SER A 1037 42.42 -19.05 10.92
CA SER A 1037 41.76 -19.26 9.63
C SER A 1037 42.77 -19.20 8.49
N LYS A 1038 42.67 -20.16 7.57
CA LYS A 1038 43.48 -20.17 6.36
C LYS A 1038 42.83 -19.42 5.20
N ARG A 1039 41.60 -18.95 5.37
CA ARG A 1039 40.92 -18.22 4.32
C ARG A 1039 41.56 -16.85 4.14
N VAL A 1040 41.79 -16.47 2.88
CA VAL A 1040 42.47 -15.23 2.57
C VAL A 1040 41.51 -14.06 2.77
N ASP A 1041 41.98 -13.05 3.49
CA ASP A 1041 41.25 -11.79 3.72
C ASP A 1041 39.93 -12.00 4.47
N PHE A 1042 39.80 -13.10 5.19
CA PHE A 1042 38.62 -13.32 6.01
C PHE A 1042 38.79 -12.79 7.43
N CYS A 1043 40.02 -12.79 7.95
CA CYS A 1043 40.34 -12.29 9.28
C CYS A 1043 41.46 -11.26 9.19
N GLY A 1044 41.31 -10.31 8.28
CA GLY A 1044 42.29 -9.26 8.09
C GLY A 1044 43.16 -9.48 6.86
N LYS A 1045 43.92 -8.44 6.52
CA LYS A 1045 44.81 -8.47 5.37
C LYS A 1045 46.16 -9.03 5.78
N GLY A 1046 46.59 -10.08 5.09
CA GLY A 1046 47.83 -10.76 5.40
C GLY A 1046 47.58 -12.17 5.89
N TYR A 1047 48.66 -12.80 6.37
CA TYR A 1047 48.58 -14.15 6.93
C TYR A 1047 48.04 -14.06 8.35
N HIS A 1048 46.84 -14.58 8.55
CA HIS A 1048 46.13 -14.40 9.81
C HIS A 1048 46.84 -15.15 10.94
N LEU A 1049 47.10 -14.46 12.04
CA LEU A 1049 47.66 -15.06 13.24
C LEU A 1049 46.59 -15.31 14.30
N MET A 1050 45.87 -14.27 14.69
CA MET A 1050 44.78 -14.41 15.66
C MET A 1050 43.83 -13.22 15.52
N SER A 1051 42.79 -13.23 16.35
CA SER A 1051 41.85 -12.11 16.40
C SER A 1051 41.35 -11.94 17.82
N PHE A 1052 40.98 -10.70 18.15
CA PHE A 1052 40.47 -10.35 19.46
C PHE A 1052 39.13 -9.65 19.31
N PRO A 1053 38.08 -10.09 20.01
CA PRO A 1053 36.78 -9.42 19.91
C PRO A 1053 36.68 -8.27 20.90
N GLN A 1054 35.86 -7.28 20.52
CA GLN A 1054 35.52 -6.16 21.39
C GLN A 1054 34.05 -5.79 21.16
N SER A 1055 33.35 -5.49 22.24
CA SER A 1055 31.97 -5.05 22.13
C SER A 1055 31.91 -3.61 21.61
N ALA A 1056 30.78 -3.26 21.01
CA ALA A 1056 30.54 -1.90 20.55
C ALA A 1056 29.04 -1.70 20.49
N PRO A 1057 28.56 -0.44 20.55
CA PRO A 1057 27.12 -0.21 20.47
C PRO A 1057 26.49 -0.82 19.23
N HIS A 1058 25.66 -1.84 19.44
CA HIS A 1058 24.98 -2.56 18.36
C HIS A 1058 25.97 -3.19 17.39
N GLY A 1059 27.13 -3.64 17.87
CA GLY A 1059 28.07 -4.24 16.95
C GLY A 1059 29.28 -4.81 17.64
N VAL A 1060 30.16 -5.39 16.83
CA VAL A 1060 31.38 -6.01 17.30
C VAL A 1060 32.56 -5.45 16.51
N VAL A 1061 33.72 -5.40 17.16
CA VAL A 1061 34.95 -4.91 16.56
C VAL A 1061 35.99 -6.02 16.70
N PHE A 1062 36.50 -6.49 15.57
CA PHE A 1062 37.51 -7.52 15.55
C PHE A 1062 38.88 -6.88 15.31
N LEU A 1063 39.81 -7.13 16.22
CA LEU A 1063 41.21 -6.73 16.07
C LEU A 1063 41.95 -7.94 15.51
N HIS A 1064 42.27 -7.89 14.23
CA HIS A 1064 42.91 -9.00 13.54
C HIS A 1064 44.43 -8.80 13.56
N VAL A 1065 45.14 -9.73 14.19
CA VAL A 1065 46.59 -9.74 14.23
C VAL A 1065 47.07 -10.70 13.15
N THR A 1066 47.84 -10.17 12.19
CA THR A 1066 48.27 -10.90 11.01
C THR A 1066 49.76 -10.67 10.77
N TYR A 1067 50.34 -11.57 9.98
CA TYR A 1067 51.75 -11.57 9.64
C TYR A 1067 51.89 -11.10 8.19
N VAL A 1068 52.68 -10.05 7.97
CA VAL A 1068 52.85 -9.46 6.65
C VAL A 1068 54.32 -9.48 6.28
N PRO A 1069 54.69 -10.01 5.12
CA PRO A 1069 56.09 -9.87 4.67
C PRO A 1069 56.46 -8.39 4.52
N ALA A 1070 57.69 -8.07 4.93
CA ALA A 1070 58.13 -6.68 4.98
C ALA A 1070 59.27 -6.37 4.02
N GLN A 1071 60.39 -7.09 4.12
CA GLN A 1071 61.60 -6.77 3.36
C GLN A 1071 61.93 -7.92 2.41
N GLU A 1072 61.59 -7.76 1.14
CA GLU A 1072 61.85 -8.77 0.13
C GLU A 1072 63.25 -8.59 -0.47
N LYS A 1073 63.84 -9.71 -0.85
CA LYS A 1073 65.14 -9.74 -1.51
C LYS A 1073 65.08 -10.64 -2.73
N ASN A 1074 65.83 -10.26 -3.77
CA ASN A 1074 65.91 -11.02 -5.00
C ASN A 1074 66.85 -12.19 -4.85
N PHE A 1075 66.49 -13.32 -5.47
CA PHE A 1075 67.34 -14.50 -5.50
C PHE A 1075 67.16 -15.22 -6.83
N THR A 1076 68.19 -15.95 -7.24
CA THR A 1076 68.12 -16.82 -8.39
C THR A 1076 67.65 -18.20 -7.93
N THR A 1077 66.57 -18.69 -8.53
CA THR A 1077 65.90 -19.89 -8.04
C THR A 1077 65.79 -20.92 -9.16
N ALA A 1078 65.80 -22.18 -8.76
CA ALA A 1078 65.70 -23.31 -9.67
C ALA A 1078 64.64 -24.28 -9.19
N PRO A 1079 63.99 -25.00 -10.10
CA PRO A 1079 62.94 -25.94 -9.67
C PRO A 1079 63.48 -27.20 -9.04
N ALA A 1080 64.66 -27.66 -9.46
CA ALA A 1080 65.24 -28.89 -8.93
C ALA A 1080 66.75 -28.83 -9.09
N ILE A 1081 67.44 -29.70 -8.36
CA ILE A 1081 68.89 -29.75 -8.36
C ILE A 1081 69.32 -31.16 -8.74
N CYS A 1082 70.24 -31.27 -9.70
CA CYS A 1082 70.79 -32.54 -10.14
C CYS A 1082 72.14 -32.74 -9.50
N HIS A 1083 72.28 -33.79 -8.70
CA HIS A 1083 73.51 -34.07 -7.97
C HIS A 1083 74.28 -35.24 -8.57
N ASP A 1084 73.64 -36.40 -8.70
CA ASP A 1084 74.28 -37.61 -9.21
C ASP A 1084 73.40 -38.26 -10.27
N GLY A 1085 72.91 -37.45 -11.21
CA GLY A 1085 72.00 -37.92 -12.23
C GLY A 1085 70.55 -38.02 -11.79
N LYS A 1086 70.22 -37.58 -10.58
CA LYS A 1086 68.86 -37.63 -10.07
C LYS A 1086 68.44 -36.24 -9.61
N ALA A 1087 67.14 -35.97 -9.72
CA ALA A 1087 66.59 -34.67 -9.37
C ALA A 1087 66.24 -34.60 -7.90
N HIS A 1088 66.53 -33.46 -7.29
CA HIS A 1088 66.25 -33.22 -5.87
C HIS A 1088 65.28 -32.04 -5.75
N PHE A 1089 64.39 -32.12 -4.76
CA PHE A 1089 63.38 -31.10 -4.56
C PHE A 1089 63.37 -30.65 -3.11
N PRO A 1090 63.08 -29.38 -2.85
CA PRO A 1090 63.21 -28.85 -1.48
C PRO A 1090 62.31 -29.52 -0.47
N ARG A 1091 61.10 -29.93 -0.86
CA ARG A 1091 60.14 -30.70 -0.08
C ARG A 1091 59.53 -29.88 1.06
N GLU A 1092 60.10 -28.70 1.34
CA GLU A 1092 59.55 -27.77 2.30
C GLU A 1092 59.48 -26.34 1.78
N GLY A 1093 60.47 -25.92 1.01
CA GLY A 1093 60.54 -24.53 0.55
C GLY A 1093 61.02 -24.39 -0.87
N VAL A 1094 62.03 -23.55 -1.08
CA VAL A 1094 62.52 -23.25 -2.42
C VAL A 1094 64.05 -23.22 -2.41
N PHE A 1095 64.64 -23.60 -3.54
CA PHE A 1095 66.07 -23.48 -3.76
C PHE A 1095 66.41 -22.08 -4.23
N VAL A 1096 67.42 -21.47 -3.62
CA VAL A 1096 67.86 -20.13 -3.98
C VAL A 1096 69.38 -20.10 -4.05
N SER A 1097 69.91 -19.07 -4.70
CA SER A 1097 71.35 -18.87 -4.80
C SER A 1097 71.68 -17.42 -4.48
N ASN A 1098 72.73 -17.23 -3.67
CA ASN A 1098 73.23 -15.90 -3.36
C ASN A 1098 74.32 -15.46 -4.35
N GLY A 1099 74.36 -16.06 -5.52
CA GLY A 1099 75.34 -15.71 -6.54
C GLY A 1099 76.25 -16.85 -6.93
N THR A 1100 76.77 -17.58 -5.95
CA THR A 1100 77.70 -18.67 -6.23
C THR A 1100 77.29 -19.99 -5.61
N HIS A 1101 76.66 -19.99 -4.44
CA HIS A 1101 76.27 -21.20 -3.75
C HIS A 1101 74.75 -21.28 -3.66
N TRP A 1102 74.26 -22.51 -3.51
CA TRP A 1102 72.83 -22.80 -3.49
C TRP A 1102 72.41 -23.26 -2.10
N PHE A 1103 71.29 -22.71 -1.61
CA PHE A 1103 70.71 -23.08 -0.33
C PHE A 1103 69.23 -23.38 -0.54
N VAL A 1104 68.61 -23.92 0.51
CA VAL A 1104 67.18 -24.20 0.52
C VAL A 1104 66.57 -23.43 1.70
N THR A 1105 65.51 -22.68 1.43
CA THR A 1105 64.92 -21.81 2.44
C THR A 1105 63.40 -21.89 2.39
N GLN A 1106 62.78 -21.57 3.52
CA GLN A 1106 61.33 -21.48 3.57
C GLN A 1106 60.85 -20.28 2.77
N ARG A 1107 59.61 -20.38 2.26
CA ARG A 1107 59.13 -19.40 1.30
C ARG A 1107 58.79 -18.06 1.95
N ASN A 1108 58.22 -18.09 3.16
CA ASN A 1108 57.74 -16.88 3.82
C ASN A 1108 58.82 -16.19 4.65
N PHE A 1109 60.01 -16.77 4.77
CA PHE A 1109 61.08 -16.16 5.54
C PHE A 1109 62.41 -16.69 5.02
N TYR A 1110 63.37 -15.77 4.85
CA TYR A 1110 64.67 -16.14 4.29
C TYR A 1110 65.53 -16.74 5.39
N GLU A 1111 65.60 -18.07 5.42
CA GLU A 1111 66.46 -18.81 6.35
C GLU A 1111 67.24 -19.84 5.54
N PRO A 1112 68.30 -19.41 4.87
CA PRO A 1112 69.04 -20.34 4.01
C PRO A 1112 69.67 -21.48 4.82
N GLN A 1113 69.64 -22.68 4.23
CA GLN A 1113 70.20 -23.87 4.85
C GLN A 1113 70.99 -24.65 3.81
N ILE A 1114 71.99 -25.40 4.28
CA ILE A 1114 72.78 -26.23 3.38
C ILE A 1114 71.91 -27.33 2.81
N ILE A 1115 71.95 -27.49 1.49
CA ILE A 1115 71.10 -28.47 0.81
C ILE A 1115 71.67 -29.86 1.06
N THR A 1116 70.93 -30.68 1.81
CA THR A 1116 71.32 -32.04 2.15
C THR A 1116 70.20 -33.00 1.76
N THR A 1117 70.43 -34.29 2.02
CA THR A 1117 69.40 -35.30 1.78
C THR A 1117 68.30 -35.28 2.83
N ASP A 1118 68.54 -34.65 3.98
CA ASP A 1118 67.51 -34.57 5.01
C ASP A 1118 66.42 -33.56 4.65
N ASN A 1119 66.76 -32.54 3.87
CA ASN A 1119 65.78 -31.53 3.43
C ASN A 1119 65.52 -31.61 1.93
N THR A 1120 65.79 -32.75 1.31
CA THR A 1120 65.50 -32.97 -0.10
C THR A 1120 65.03 -34.41 -0.31
N PHE A 1121 64.28 -34.62 -1.38
CA PHE A 1121 63.87 -35.96 -1.79
C PHE A 1121 64.15 -36.14 -3.28
N VAL A 1122 64.41 -37.38 -3.67
CA VAL A 1122 64.83 -37.74 -5.01
C VAL A 1122 63.64 -38.30 -5.78
N SER A 1123 63.44 -37.82 -7.01
CA SER A 1123 62.36 -38.31 -7.86
C SER A 1123 62.78 -38.19 -9.31
N GLY A 1124 63.03 -39.33 -9.95
CA GLY A 1124 63.31 -39.36 -11.37
C GLY A 1124 64.70 -38.89 -11.73
N ASN A 1125 64.88 -38.65 -13.03
CA ASN A 1125 66.14 -38.21 -13.59
C ASN A 1125 66.14 -36.69 -13.76
N CYS A 1126 67.22 -36.18 -14.35
CA CYS A 1126 67.38 -34.74 -14.57
C CYS A 1126 67.10 -34.33 -16.01
N ASP A 1127 66.67 -35.25 -16.86
CA ASP A 1127 66.42 -34.96 -18.26
C ASP A 1127 64.99 -34.56 -18.55
N VAL A 1128 64.13 -34.51 -17.53
CA VAL A 1128 62.72 -34.19 -17.71
C VAL A 1128 62.36 -32.84 -17.10
N VAL A 1129 62.94 -32.53 -15.94
CA VAL A 1129 62.62 -31.27 -15.26
C VAL A 1129 63.19 -30.10 -16.06
N ILE A 1130 62.35 -29.10 -16.31
CA ILE A 1130 62.77 -27.92 -17.08
C ILE A 1130 63.33 -26.89 -16.11
N GLY A 1131 64.57 -26.48 -16.35
CA GLY A 1131 65.24 -25.52 -15.50
C GLY A 1131 66.11 -26.10 -14.41
N ILE A 1132 66.32 -27.42 -14.39
CA ILE A 1132 67.13 -28.05 -13.37
C ILE A 1132 68.59 -27.63 -13.51
N VAL A 1133 69.23 -27.36 -12.39
CA VAL A 1133 70.65 -27.01 -12.35
C VAL A 1133 71.37 -28.07 -11.53
N ASN A 1134 72.68 -28.16 -11.73
CA ASN A 1134 73.53 -29.09 -11.01
C ASN A 1134 74.23 -28.41 -9.84
N ASN A 1135 74.10 -29.01 -8.67
CA ASN A 1135 74.76 -28.52 -7.47
C ASN A 1135 74.97 -29.71 -6.54
N THR A 1136 75.88 -29.52 -5.59
CA THR A 1136 76.25 -30.59 -4.67
C THR A 1136 75.22 -30.72 -3.56
N VAL A 1137 74.81 -31.95 -3.28
CA VAL A 1137 73.89 -32.26 -2.19
C VAL A 1137 74.67 -33.00 -1.12
N TYR A 1138 74.70 -32.45 0.09
CA TYR A 1138 75.46 -33.04 1.18
C TYR A 1138 74.74 -34.24 1.77
N ASP A 1139 75.52 -35.16 2.33
CA ASP A 1139 74.97 -36.35 2.97
C ASP A 1139 74.96 -36.19 4.49
N GLN B 14 -49.39 -6.47 -52.81
CA GLN B 14 -48.11 -6.24 -52.16
C GLN B 14 -47.56 -7.52 -51.55
N CYS B 15 -48.03 -7.86 -50.34
CA CYS B 15 -47.56 -9.03 -49.61
C CYS B 15 -47.71 -10.29 -50.45
N VAL B 16 -46.59 -10.93 -50.78
CA VAL B 16 -46.58 -12.14 -51.61
C VAL B 16 -45.66 -13.16 -50.95
N ASN B 17 -46.15 -14.37 -50.77
CA ASN B 17 -45.37 -15.48 -50.24
C ASN B 17 -44.83 -16.32 -51.39
N LEU B 18 -43.53 -16.62 -51.34
CA LEU B 18 -42.89 -17.40 -52.38
C LEU B 18 -43.13 -18.90 -52.16
N THR B 19 -43.13 -19.65 -53.26
CA THR B 19 -43.35 -21.09 -53.19
C THR B 19 -42.25 -21.83 -53.94
N THR B 20 -42.43 -23.15 -54.10
CA THR B 20 -41.47 -24.01 -54.81
C THR B 20 -40.07 -23.91 -54.20
N ARG B 21 -40.00 -23.87 -52.88
CA ARG B 21 -38.74 -23.81 -52.16
C ARG B 21 -38.42 -25.18 -51.57
N THR B 22 -37.28 -25.74 -51.95
CA THR B 22 -36.89 -27.05 -51.43
C THR B 22 -36.49 -26.95 -49.97
N GLN B 23 -36.86 -27.96 -49.20
CA GLN B 23 -36.57 -28.00 -47.77
C GLN B 23 -35.22 -28.68 -47.56
N LEU B 24 -34.32 -28.00 -46.87
CA LEU B 24 -33.00 -28.51 -46.57
C LEU B 24 -32.65 -28.25 -45.10
N PRO B 25 -31.84 -29.11 -44.49
CA PRO B 25 -31.46 -28.88 -43.10
C PRO B 25 -30.60 -27.65 -42.95
N PRO B 26 -30.63 -26.98 -41.80
CA PRO B 26 -29.79 -25.80 -41.61
C PRO B 26 -28.31 -26.14 -41.65
N ALA B 27 -27.52 -25.18 -42.10
CA ALA B 27 -26.07 -25.35 -42.26
C ALA B 27 -25.33 -24.53 -41.21
N TYR B 28 -24.26 -25.11 -40.68
CA TYR B 28 -23.43 -24.46 -39.67
C TYR B 28 -21.98 -24.47 -40.12
N THR B 29 -21.28 -23.35 -39.90
CA THR B 29 -19.89 -23.22 -40.28
C THR B 29 -19.12 -22.65 -39.09
N ASN B 30 -17.81 -22.50 -39.26
CA ASN B 30 -16.92 -22.03 -38.21
C ASN B 30 -16.40 -20.64 -38.55
N SER B 31 -16.60 -19.70 -37.64
CA SER B 31 -16.01 -18.38 -37.75
C SER B 31 -14.67 -18.39 -37.02
N PHE B 32 -13.58 -18.21 -37.78
CA PHE B 32 -12.25 -18.40 -37.23
C PHE B 32 -11.81 -17.20 -36.40
N THR B 33 -11.65 -16.05 -37.05
CA THR B 33 -11.23 -14.84 -36.35
C THR B 33 -12.00 -13.61 -36.80
N ARG B 34 -13.08 -13.77 -37.54
CA ARG B 34 -13.85 -12.65 -38.04
C ARG B 34 -14.73 -12.06 -36.93
N GLY B 35 -15.21 -10.85 -37.18
CA GLY B 35 -16.08 -10.16 -36.24
C GLY B 35 -15.39 -9.16 -35.34
N VAL B 36 -14.10 -8.91 -35.55
CA VAL B 36 -13.37 -7.95 -34.72
C VAL B 36 -13.57 -6.55 -35.27
N TYR B 37 -13.94 -5.62 -34.41
CA TYR B 37 -14.16 -4.23 -34.78
C TYR B 37 -13.37 -3.32 -33.85
N TYR B 38 -13.23 -2.06 -34.26
CA TYR B 38 -12.51 -1.09 -33.45
C TYR B 38 -13.37 -0.72 -32.23
N PRO B 39 -12.88 -0.95 -31.01
CA PRO B 39 -13.70 -0.65 -29.83
C PRO B 39 -14.09 0.82 -29.70
N ASP B 40 -13.20 1.73 -30.09
CA ASP B 40 -13.44 3.16 -29.94
C ASP B 40 -12.88 3.87 -31.16
N LYS B 41 -12.81 5.20 -31.07
CA LYS B 41 -12.31 6.05 -32.15
C LYS B 41 -10.99 6.70 -31.76
N VAL B 42 -10.15 5.96 -31.03
CA VAL B 42 -8.86 6.45 -30.54
C VAL B 42 -7.76 5.75 -31.31
N PHE B 43 -6.85 6.53 -31.89
CA PHE B 43 -5.75 5.99 -32.66
C PHE B 43 -4.71 5.36 -31.74
N ARG B 44 -4.32 4.12 -32.05
CA ARG B 44 -3.27 3.42 -31.32
C ARG B 44 -2.35 2.74 -32.32
N SER B 45 -1.05 2.83 -32.08
CA SER B 45 -0.05 2.27 -33.00
C SER B 45 0.99 1.48 -32.23
N SER B 46 1.35 0.31 -32.78
CA SER B 46 2.39 -0.55 -32.23
C SER B 46 2.13 -0.86 -30.76
N VAL B 47 0.90 -1.26 -30.46
CA VAL B 47 0.47 -1.51 -29.09
C VAL B 47 -0.34 -2.79 -29.03
N LEU B 48 -0.44 -3.35 -27.82
CA LEU B 48 -1.32 -4.48 -27.54
C LEU B 48 -2.35 -4.01 -26.53
N HIS B 49 -3.59 -3.85 -26.98
CA HIS B 49 -4.66 -3.24 -26.18
C HIS B 49 -5.68 -4.29 -25.79
N SER B 50 -5.96 -4.38 -24.50
CA SER B 50 -6.96 -5.31 -23.97
C SER B 50 -8.25 -4.55 -23.71
N THR B 51 -9.36 -5.05 -24.24
CA THR B 51 -10.64 -4.38 -24.11
C THR B 51 -11.76 -5.40 -23.96
N GLN B 52 -12.71 -5.09 -23.08
CA GLN B 52 -13.89 -5.94 -22.87
C GLN B 52 -15.07 -5.32 -23.59
N ASP B 53 -15.69 -6.10 -24.49
CA ASP B 53 -16.81 -5.59 -25.28
C ASP B 53 -17.56 -6.77 -25.86
N LEU B 54 -18.64 -6.46 -26.58
CA LEU B 54 -19.45 -7.48 -27.24
C LEU B 54 -18.74 -7.90 -28.53
N PHE B 55 -18.11 -9.07 -28.49
CA PHE B 55 -17.35 -9.59 -29.62
C PHE B 55 -17.88 -10.95 -30.04
N LEU B 56 -17.61 -11.29 -31.29
CA LEU B 56 -17.91 -12.64 -31.77
C LEU B 56 -16.81 -13.59 -31.32
N PRO B 57 -17.13 -14.66 -30.60
CA PRO B 57 -16.09 -15.57 -30.12
C PRO B 57 -15.32 -16.20 -31.28
N PHE B 58 -14.03 -16.43 -31.05
CA PHE B 58 -13.19 -17.04 -32.07
C PHE B 58 -13.60 -18.49 -32.30
N PHE B 59 -13.59 -18.90 -33.57
CA PHE B 59 -13.97 -20.25 -33.97
C PHE B 59 -15.37 -20.60 -33.49
N SER B 60 -16.29 -19.66 -33.69
CA SER B 60 -17.65 -19.82 -33.21
C SER B 60 -18.52 -20.57 -34.22
N ASN B 61 -19.59 -21.16 -33.72
CA ASN B 61 -20.57 -21.86 -34.55
C ASN B 61 -21.52 -20.83 -35.14
N VAL B 62 -21.46 -20.65 -36.46
CA VAL B 62 -22.18 -19.57 -37.13
C VAL B 62 -23.14 -20.18 -38.13
N THR B 63 -24.40 -19.73 -38.11
CA THR B 63 -25.39 -20.25 -39.04
C THR B 63 -25.12 -19.74 -40.45
N TRP B 64 -25.42 -20.58 -41.43
CA TRP B 64 -25.10 -20.30 -42.83
C TRP B 64 -26.39 -20.43 -43.64
N PHE B 65 -26.69 -19.42 -44.44
CA PHE B 65 -27.89 -19.41 -45.27
C PHE B 65 -27.50 -19.14 -46.72
N HIS B 66 -28.14 -19.85 -47.64
CA HIS B 66 -27.81 -19.80 -49.05
C HIS B 66 -28.95 -19.16 -49.85
N ALA B 67 -28.60 -18.68 -51.04
CA ALA B 67 -29.57 -18.22 -52.03
C ALA B 67 -29.07 -18.72 -53.38
N ILE B 68 -29.73 -19.74 -53.92
CA ILE B 68 -29.23 -20.40 -55.12
C ILE B 68 -30.37 -21.18 -55.76
N HIS B 69 -30.38 -21.20 -57.09
CA HIS B 69 -31.35 -21.97 -57.88
C HIS B 69 -30.58 -22.84 -58.86
N VAL B 70 -30.44 -24.12 -58.54
CA VAL B 70 -29.79 -25.11 -59.41
C VAL B 70 -30.89 -25.99 -60.00
N SER B 71 -30.99 -25.99 -61.32
CA SER B 71 -32.05 -26.68 -62.03
C SER B 71 -31.75 -28.18 -62.13
N GLY B 72 -32.75 -28.93 -62.54
CA GLY B 72 -32.64 -30.36 -62.69
C GLY B 72 -33.98 -31.02 -62.44
N THR B 73 -33.95 -32.36 -62.39
CA THR B 73 -35.17 -33.10 -62.05
C THR B 73 -35.62 -32.75 -60.63
N ASN B 74 -34.68 -32.69 -59.68
CA ASN B 74 -34.95 -32.21 -58.34
C ASN B 74 -34.33 -30.84 -58.09
N GLY B 75 -33.03 -30.69 -58.33
CA GLY B 75 -32.35 -29.43 -58.17
C GLY B 75 -32.36 -28.95 -56.72
N THR B 76 -32.19 -27.65 -56.56
CA THR B 76 -32.28 -27.01 -55.25
C THR B 76 -32.60 -25.53 -55.44
N LYS B 77 -33.68 -25.09 -54.80
CA LYS B 77 -34.13 -23.70 -54.89
C LYS B 77 -34.18 -23.15 -53.47
N ARG B 78 -33.06 -22.61 -53.00
CA ARG B 78 -32.94 -22.08 -51.65
C ARG B 78 -33.01 -20.56 -51.70
N PHE B 79 -33.96 -19.99 -50.97
CA PHE B 79 -34.12 -18.54 -50.78
C PHE B 79 -34.38 -18.35 -49.29
N ASP B 80 -33.31 -18.22 -48.51
CA ASP B 80 -33.39 -18.25 -47.06
C ASP B 80 -33.49 -16.82 -46.51
N ASN B 81 -34.67 -16.46 -46.01
CA ASN B 81 -34.87 -15.19 -45.31
C ASN B 81 -35.70 -15.44 -44.05
N PRO B 82 -35.14 -16.17 -43.08
CA PRO B 82 -35.89 -16.45 -41.85
C PRO B 82 -35.75 -15.32 -40.84
N VAL B 83 -36.57 -15.40 -39.80
CA VAL B 83 -36.53 -14.45 -38.69
C VAL B 83 -35.64 -15.05 -37.61
N LEU B 84 -34.45 -14.44 -37.39
CA LEU B 84 -33.46 -14.94 -36.46
C LEU B 84 -33.40 -14.07 -35.21
N PRO B 85 -33.03 -14.66 -34.08
CA PRO B 85 -32.98 -13.89 -32.83
C PRO B 85 -31.91 -12.81 -32.87
N PHE B 86 -32.13 -11.77 -32.07
CA PHE B 86 -31.16 -10.68 -31.87
C PHE B 86 -30.94 -10.59 -30.37
N ASN B 87 -30.00 -11.38 -29.87
CA ASN B 87 -29.82 -11.52 -28.43
C ASN B 87 -29.07 -10.33 -27.84
N ASP B 88 -27.80 -10.18 -28.21
CA ASP B 88 -26.96 -9.10 -27.71
C ASP B 88 -26.16 -8.40 -28.80
N GLY B 89 -26.24 -8.86 -30.04
CA GLY B 89 -25.46 -8.30 -31.12
C GLY B 89 -25.27 -9.33 -32.22
N VAL B 90 -25.25 -8.88 -33.47
CA VAL B 90 -25.27 -9.78 -34.62
C VAL B 90 -24.07 -9.47 -35.51
N TYR B 91 -23.28 -10.50 -35.81
CA TYR B 91 -22.27 -10.44 -36.85
C TYR B 91 -22.86 -11.04 -38.12
N PHE B 92 -22.92 -10.24 -39.18
CA PHE B 92 -23.54 -10.62 -40.44
C PHE B 92 -22.49 -10.56 -41.53
N ALA B 93 -22.03 -11.71 -41.99
CA ALA B 93 -21.10 -11.79 -43.10
C ALA B 93 -21.87 -12.15 -44.36
N SER B 94 -21.40 -11.65 -45.50
CA SER B 94 -22.10 -11.88 -46.76
C SER B 94 -21.08 -12.07 -47.88
N THR B 95 -21.16 -13.21 -48.56
CA THR B 95 -20.36 -13.48 -49.74
C THR B 95 -21.28 -13.49 -50.95
N GLU B 96 -21.05 -12.56 -51.88
CA GLU B 96 -21.91 -12.46 -53.05
C GLU B 96 -21.14 -11.86 -54.21
N LYS B 97 -21.78 -11.87 -55.38
CA LYS B 97 -21.26 -11.24 -56.59
C LYS B 97 -22.27 -10.39 -57.33
N SER B 98 -23.57 -10.57 -57.09
CA SER B 98 -24.62 -9.85 -57.80
C SER B 98 -25.45 -8.96 -56.88
N ASN B 99 -24.95 -8.67 -55.68
CA ASN B 99 -25.61 -7.78 -54.73
C ASN B 99 -27.01 -8.32 -54.36
N ILE B 100 -27.07 -9.59 -53.99
CA ILE B 100 -28.35 -10.22 -53.68
C ILE B 100 -28.91 -9.66 -52.37
N ILE B 101 -28.08 -9.56 -51.34
CA ILE B 101 -28.55 -9.07 -50.04
C ILE B 101 -28.91 -7.59 -50.17
N ARG B 102 -30.15 -7.26 -49.84
CA ARG B 102 -30.64 -5.89 -49.97
C ARG B 102 -30.72 -5.15 -48.64
N GLY B 103 -30.90 -5.84 -47.53
CA GLY B 103 -30.89 -5.17 -46.25
C GLY B 103 -31.42 -6.05 -45.14
N TRP B 104 -31.84 -5.40 -44.06
CA TRP B 104 -32.34 -6.08 -42.88
C TRP B 104 -33.49 -5.30 -42.25
N ILE B 105 -34.28 -6.02 -41.45
CA ILE B 105 -35.33 -5.44 -40.63
C ILE B 105 -35.14 -5.96 -39.21
N PHE B 106 -35.24 -5.05 -38.24
CA PHE B 106 -35.04 -5.35 -36.83
C PHE B 106 -36.27 -4.94 -36.04
N GLY B 107 -36.61 -5.74 -35.04
CA GLY B 107 -37.74 -5.40 -34.20
C GLY B 107 -37.99 -6.47 -33.17
N THR B 108 -39.17 -6.41 -32.54
CA THR B 108 -39.61 -7.44 -31.61
C THR B 108 -40.79 -8.23 -32.17
N THR B 109 -41.87 -7.54 -32.54
CA THR B 109 -42.98 -8.13 -33.27
C THR B 109 -43.07 -7.40 -34.61
N LEU B 110 -42.71 -8.09 -35.69
CA LEU B 110 -42.62 -7.46 -36.99
C LEU B 110 -44.00 -7.17 -37.55
N ASP B 111 -44.72 -6.25 -36.92
CA ASP B 111 -46.04 -5.83 -37.35
C ASP B 111 -46.30 -4.41 -36.87
N SER B 112 -47.52 -3.93 -37.09
CA SER B 112 -47.86 -2.55 -36.73
C SER B 112 -47.95 -2.33 -35.23
N LYS B 113 -47.92 -3.40 -34.42
CA LYS B 113 -48.02 -3.23 -32.98
C LYS B 113 -46.82 -2.48 -32.41
N THR B 114 -45.62 -2.80 -32.90
CA THR B 114 -44.39 -2.20 -32.39
C THR B 114 -43.61 -1.55 -33.51
N GLN B 115 -42.72 -0.65 -33.13
CA GLN B 115 -41.85 0.04 -34.08
C GLN B 115 -40.72 -0.87 -34.53
N SER B 116 -40.29 -0.68 -35.77
CA SER B 116 -39.25 -1.52 -36.35
C SER B 116 -38.29 -0.68 -37.18
N LEU B 117 -37.07 -1.19 -37.34
CA LEU B 117 -36.00 -0.52 -38.07
C LEU B 117 -35.78 -1.25 -39.40
N LEU B 118 -35.85 -0.51 -40.49
CA LEU B 118 -35.62 -1.01 -41.83
C LEU B 118 -34.36 -0.37 -42.39
N ILE B 119 -33.39 -1.20 -42.78
CA ILE B 119 -32.18 -0.73 -43.45
C ILE B 119 -32.14 -1.45 -44.79
N VAL B 120 -32.50 -0.74 -45.85
CA VAL B 120 -32.67 -1.37 -47.16
C VAL B 120 -31.92 -0.58 -48.22
N ASN B 121 -31.59 -1.27 -49.31
CA ASN B 121 -31.00 -0.65 -50.49
C ASN B 121 -32.01 -0.76 -51.63
N ASN B 122 -32.57 0.38 -52.04
CA ASN B 122 -33.57 0.43 -53.10
C ASN B 122 -32.96 0.41 -54.50
N ALA B 123 -31.68 0.03 -54.61
CA ALA B 123 -30.90 0.01 -55.84
C ALA B 123 -30.60 1.41 -56.37
N THR B 124 -31.14 2.45 -55.74
CA THR B 124 -30.80 3.83 -56.06
C THR B 124 -30.34 4.61 -54.83
N ASN B 125 -31.01 4.43 -53.69
CA ASN B 125 -30.62 5.06 -52.44
C ASN B 125 -30.56 4.00 -51.35
N VAL B 126 -30.05 4.40 -50.19
CA VAL B 126 -30.05 3.57 -48.99
C VAL B 126 -31.04 4.20 -48.01
N VAL B 127 -32.05 3.43 -47.60
CA VAL B 127 -33.13 3.93 -46.77
C VAL B 127 -33.00 3.30 -45.39
N ILE B 128 -32.87 4.14 -44.37
CA ILE B 128 -32.86 3.70 -42.98
C ILE B 128 -34.04 4.38 -42.31
N LYS B 129 -35.02 3.58 -41.89
CA LYS B 129 -36.28 4.10 -41.39
C LYS B 129 -36.68 3.33 -40.14
N VAL B 130 -36.77 4.03 -39.01
CA VAL B 130 -37.45 3.50 -37.84
C VAL B 130 -38.88 4.00 -37.90
N CYS B 131 -39.80 3.04 -38.11
CA CYS B 131 -41.21 3.27 -38.36
C CYS B 131 -42.00 2.03 -37.98
N GLU B 132 -43.31 2.23 -37.76
CA GLU B 132 -44.21 1.12 -37.46
C GLU B 132 -44.57 0.46 -38.78
N PHE B 133 -43.97 -0.69 -39.05
CA PHE B 133 -44.10 -1.38 -40.33
C PHE B 133 -44.94 -2.64 -40.17
N GLN B 134 -45.89 -2.81 -41.09
CA GLN B 134 -46.65 -4.05 -41.20
C GLN B 134 -45.92 -4.92 -42.21
N PHE B 135 -44.89 -5.63 -41.73
CA PHE B 135 -44.02 -6.39 -42.61
C PHE B 135 -44.76 -7.60 -43.19
N CYS B 136 -44.40 -7.94 -44.42
CA CYS B 136 -44.94 -9.14 -45.05
C CYS B 136 -44.30 -10.38 -44.44
N ASN B 137 -45.02 -11.51 -44.53
CA ASN B 137 -44.46 -12.77 -44.08
C ASN B 137 -43.27 -13.19 -44.93
N ASP B 138 -43.26 -12.81 -46.21
CA ASP B 138 -42.15 -13.07 -47.12
C ASP B 138 -41.76 -11.75 -47.78
N PRO B 139 -41.00 -10.91 -47.08
CA PRO B 139 -40.59 -9.63 -47.66
C PRO B 139 -39.31 -9.79 -48.48
N PHE B 140 -39.23 -9.06 -49.59
CA PHE B 140 -38.05 -9.17 -50.45
C PHE B 140 -38.00 -7.98 -51.41
N LEU B 141 -37.04 -8.03 -52.32
CA LEU B 141 -36.93 -7.11 -53.44
C LEU B 141 -36.68 -7.92 -54.70
N GLY B 142 -36.84 -7.28 -55.86
CA GLY B 142 -36.72 -8.01 -57.09
C GLY B 142 -36.39 -7.18 -58.32
N VAL B 143 -35.39 -7.62 -59.08
CA VAL B 143 -35.04 -7.00 -60.34
C VAL B 143 -35.55 -7.87 -61.48
N TYR B 144 -35.69 -7.25 -62.65
CA TYR B 144 -36.20 -7.93 -63.84
C TYR B 144 -35.18 -7.83 -64.97
N TYR B 145 -34.97 -8.93 -65.67
CA TYR B 145 -34.05 -9.00 -66.78
C TYR B 145 -34.84 -8.97 -68.08
N HIS B 146 -34.51 -8.02 -68.96
CA HIS B 146 -35.19 -7.85 -70.24
C HIS B 146 -34.32 -8.42 -71.35
N LYS B 147 -34.90 -9.31 -72.16
CA LYS B 147 -34.14 -9.91 -73.26
C LYS B 147 -33.74 -8.87 -74.29
N ASN B 148 -34.67 -7.96 -74.63
CA ASN B 148 -34.36 -6.94 -75.63
C ASN B 148 -33.29 -5.97 -75.12
N ASN B 149 -33.44 -5.50 -73.89
CA ASN B 149 -32.48 -4.57 -73.31
C ASN B 149 -31.17 -5.24 -72.90
N LYS B 150 -31.22 -6.53 -72.56
CA LYS B 150 -30.07 -7.23 -71.99
C LYS B 150 -29.55 -6.51 -70.75
N SER B 151 -30.49 -6.00 -69.94
CA SER B 151 -30.16 -5.24 -68.75
C SER B 151 -31.13 -5.62 -67.64
N TRP B 152 -30.71 -5.34 -66.41
CA TRP B 152 -31.50 -5.67 -65.22
C TRP B 152 -32.00 -4.39 -64.57
N MET B 153 -33.31 -4.33 -64.31
CA MET B 153 -33.94 -3.18 -63.71
C MET B 153 -34.73 -3.60 -62.48
N GLU B 154 -34.72 -2.75 -61.45
CA GLU B 154 -35.46 -3.04 -60.23
C GLU B 154 -36.95 -2.85 -60.48
N SER B 155 -37.75 -3.83 -60.05
CA SER B 155 -39.18 -3.81 -60.33
C SER B 155 -40.07 -4.15 -59.14
N GLU B 156 -39.59 -4.86 -58.13
CA GLU B 156 -40.44 -5.32 -57.04
C GLU B 156 -39.85 -4.90 -55.70
N PHE B 157 -40.71 -4.37 -54.83
CA PHE B 157 -40.36 -3.98 -53.46
C PHE B 157 -41.47 -4.48 -52.55
N ARG B 158 -41.26 -5.61 -51.89
CA ARG B 158 -42.28 -6.30 -51.11
C ARG B 158 -41.79 -6.53 -49.69
N VAL B 159 -41.33 -5.45 -49.06
CA VAL B 159 -40.83 -5.52 -47.69
C VAL B 159 -41.95 -5.35 -46.67
N TYR B 160 -42.73 -4.28 -46.78
CA TYR B 160 -43.77 -3.99 -45.80
C TYR B 160 -45.06 -3.59 -46.51
N SER B 161 -46.17 -3.74 -45.80
CA SER B 161 -47.48 -3.38 -46.33
C SER B 161 -47.85 -1.93 -46.02
N SER B 162 -47.66 -1.51 -44.78
CA SER B 162 -47.99 -0.16 -44.36
C SER B 162 -46.93 0.37 -43.39
N ALA B 163 -46.74 1.68 -43.41
CA ALA B 163 -45.80 2.36 -42.52
C ALA B 163 -46.54 3.49 -41.80
N ASN B 164 -46.39 3.54 -40.49
CA ASN B 164 -47.15 4.50 -39.70
C ASN B 164 -46.47 4.72 -38.35
N ASN B 165 -46.71 5.91 -37.77
CA ASN B 165 -46.36 6.24 -36.38
C ASN B 165 -44.86 6.09 -36.14
N CYS B 166 -44.10 7.00 -36.76
CA CYS B 166 -42.66 6.90 -36.64
C CYS B 166 -41.98 8.24 -36.48
N THR B 167 -40.68 8.15 -36.25
CA THR B 167 -39.75 9.24 -36.01
C THR B 167 -38.56 9.23 -36.96
N PHE B 168 -37.99 8.08 -37.32
CA PHE B 168 -36.66 8.08 -37.91
C PHE B 168 -36.73 7.80 -39.41
N GLU B 169 -36.19 8.72 -40.20
CA GLU B 169 -36.13 8.59 -41.65
C GLU B 169 -34.80 9.11 -42.15
N TYR B 170 -34.16 8.36 -43.04
CA TYR B 170 -32.93 8.80 -43.67
C TYR B 170 -32.82 8.16 -45.05
N VAL B 171 -32.55 8.98 -46.06
CA VAL B 171 -32.39 8.53 -47.44
C VAL B 171 -31.02 8.98 -47.92
N SER B 172 -30.24 8.03 -48.44
CA SER B 172 -28.89 8.32 -48.91
C SER B 172 -28.93 8.96 -50.29
N GLN B 173 -27.77 9.43 -50.74
CA GLN B 173 -27.67 10.04 -52.05
C GLN B 173 -27.88 9.00 -53.15
N PRO B 174 -28.47 9.40 -54.28
CA PRO B 174 -28.73 8.43 -55.35
C PRO B 174 -27.44 7.87 -55.93
N PHE B 175 -27.52 6.62 -56.38
CA PHE B 175 -26.41 5.94 -57.05
C PHE B 175 -26.98 5.00 -58.09
N LEU B 176 -26.11 4.22 -58.73
CA LEU B 176 -26.51 3.29 -59.77
C LEU B 176 -26.66 1.86 -59.25
N MET B 177 -25.59 1.29 -58.69
CA MET B 177 -25.61 -0.03 -58.08
C MET B 177 -26.13 -1.08 -59.07
N ASP B 178 -25.31 -1.31 -60.09
CA ASP B 178 -25.68 -2.19 -61.19
C ASP B 178 -26.18 -3.54 -60.69
N LEU B 179 -27.25 -4.02 -61.31
CA LEU B 179 -27.95 -5.23 -60.87
C LEU B 179 -27.68 -6.42 -61.79
N GLU B 180 -26.55 -6.43 -62.50
CA GLU B 180 -26.26 -7.52 -63.42
C GLU B 180 -26.05 -8.83 -62.66
N GLY B 181 -26.57 -9.91 -63.23
CA GLY B 181 -26.44 -11.22 -62.63
C GLY B 181 -25.11 -11.88 -62.95
N LYS B 182 -24.06 -11.44 -62.27
CA LYS B 182 -22.73 -11.97 -62.53
C LYS B 182 -22.67 -13.47 -62.20
N GLN B 183 -21.89 -14.20 -62.99
CA GLN B 183 -21.73 -15.63 -62.80
C GLN B 183 -20.27 -15.96 -62.52
N GLY B 184 -20.05 -16.99 -61.72
CA GLY B 184 -18.70 -17.42 -61.38
C GLY B 184 -18.45 -17.55 -59.90
N ASN B 185 -17.42 -16.87 -59.41
CA ASN B 185 -17.03 -16.92 -58.01
C ASN B 185 -17.52 -15.69 -57.27
N PHE B 186 -17.64 -15.83 -55.95
CA PHE B 186 -18.04 -14.70 -55.10
C PHE B 186 -16.93 -13.66 -55.08
N LYS B 187 -17.26 -12.43 -55.43
CA LYS B 187 -16.27 -11.37 -55.58
C LYS B 187 -16.41 -10.26 -54.54
N ASN B 188 -17.32 -10.42 -53.57
CA ASN B 188 -17.48 -9.42 -52.53
C ASN B 188 -17.81 -10.11 -51.21
N LEU B 189 -17.12 -9.70 -50.15
CA LEU B 189 -17.43 -10.14 -48.78
C LEU B 189 -17.67 -8.89 -47.94
N ARG B 190 -18.89 -8.73 -47.47
CA ARG B 190 -19.28 -7.58 -46.64
C ARG B 190 -19.59 -8.08 -45.24
N GLU B 191 -18.90 -7.53 -44.25
CA GLU B 191 -19.08 -7.90 -42.86
C GLU B 191 -19.68 -6.73 -42.10
N PHE B 192 -20.70 -7.01 -41.29
CA PHE B 192 -21.38 -6.01 -40.50
C PHE B 192 -21.49 -6.49 -39.06
N VAL B 193 -21.40 -5.55 -38.13
CA VAL B 193 -21.64 -5.79 -36.71
C VAL B 193 -22.75 -4.85 -36.28
N PHE B 194 -23.86 -5.42 -35.81
CA PHE B 194 -25.01 -4.67 -35.34
C PHE B 194 -25.16 -4.84 -33.83
N LYS B 195 -25.26 -3.72 -33.12
CA LYS B 195 -25.46 -3.71 -31.69
C LYS B 195 -26.58 -2.73 -31.34
N ASN B 196 -27.27 -3.03 -30.23
CA ASN B 196 -28.36 -2.18 -29.74
C ASN B 196 -28.07 -1.85 -28.28
N ILE B 197 -27.39 -0.74 -28.04
CA ILE B 197 -26.94 -0.36 -26.71
C ILE B 197 -27.46 1.03 -26.39
N ASP B 198 -28.21 1.14 -25.27
CA ASP B 198 -28.67 2.42 -24.74
C ASP B 198 -29.45 3.23 -25.78
N GLY B 199 -30.32 2.55 -26.51
CA GLY B 199 -31.12 3.22 -27.53
C GLY B 199 -30.36 3.60 -28.77
N TYR B 200 -29.13 3.10 -28.94
CA TYR B 200 -28.29 3.41 -30.08
C TYR B 200 -28.06 2.13 -30.88
N PHE B 201 -28.29 2.20 -32.18
CA PHE B 201 -27.96 1.13 -33.09
C PHE B 201 -26.55 1.38 -33.63
N LYS B 202 -25.60 0.58 -33.16
CA LYS B 202 -24.22 0.67 -33.60
C LYS B 202 -24.05 -0.25 -34.81
N ILE B 203 -23.57 0.30 -35.92
CA ILE B 203 -23.29 -0.49 -37.11
C ILE B 203 -21.82 -0.29 -37.47
N TYR B 204 -21.07 -1.38 -37.51
CA TYR B 204 -19.70 -1.42 -37.98
C TYR B 204 -19.65 -2.20 -39.28
N SER B 205 -18.84 -1.74 -40.23
CA SER B 205 -18.84 -2.34 -41.57
C SER B 205 -17.42 -2.56 -42.06
N LYS B 206 -17.27 -3.54 -42.94
CA LYS B 206 -16.00 -3.82 -43.61
C LYS B 206 -16.30 -4.53 -44.93
N HIS B 207 -15.43 -4.30 -45.91
CA HIS B 207 -15.56 -4.91 -47.23
C HIS B 207 -14.24 -5.51 -47.66
N THR B 208 -14.30 -6.68 -48.29
CA THR B 208 -13.12 -7.40 -48.75
C THR B 208 -13.38 -7.97 -50.13
N PRO B 209 -12.39 -7.91 -51.03
CA PRO B 209 -12.56 -8.50 -52.37
C PRO B 209 -12.86 -9.99 -52.33
N ILE B 210 -11.93 -10.77 -51.77
CA ILE B 210 -11.98 -12.23 -51.62
C ILE B 210 -12.23 -12.95 -52.94
N ASN B 211 -11.90 -14.26 -52.97
CA ASN B 211 -12.18 -15.08 -54.15
C ASN B 211 -12.24 -16.54 -53.70
N LEU B 212 -13.45 -17.07 -53.56
CA LEU B 212 -13.63 -18.48 -53.21
C LEU B 212 -15.04 -18.88 -53.64
N VAL B 213 -15.39 -20.14 -53.37
CA VAL B 213 -16.60 -20.76 -53.91
C VAL B 213 -17.71 -20.82 -52.87
N ARG B 214 -17.48 -21.53 -51.76
CA ARG B 214 -18.57 -21.97 -50.90
C ARG B 214 -18.56 -21.33 -49.51
N ASP B 215 -17.47 -21.48 -48.76
CA ASP B 215 -17.49 -21.22 -47.33
C ASP B 215 -17.04 -19.78 -47.03
N LEU B 216 -17.04 -19.45 -45.74
CA LEU B 216 -16.55 -18.16 -45.29
C LEU B 216 -15.03 -18.14 -45.37
N PRO B 217 -14.43 -17.09 -45.94
CA PRO B 217 -12.97 -17.03 -46.03
C PRO B 217 -12.33 -16.92 -44.65
N GLN B 218 -11.12 -17.47 -44.55
CA GLN B 218 -10.37 -17.48 -43.30
C GLN B 218 -9.35 -16.35 -43.31
N GLY B 219 -9.40 -15.51 -42.29
CA GLY B 219 -8.47 -14.39 -42.20
C GLY B 219 -8.91 -13.42 -41.12
N PHE B 220 -8.20 -12.30 -41.07
CA PHE B 220 -8.45 -11.24 -40.10
C PHE B 220 -8.70 -9.93 -40.82
N SER B 221 -9.75 -9.22 -40.40
CA SER B 221 -10.08 -7.92 -40.97
C SER B 221 -10.89 -7.15 -39.95
N ALA B 222 -10.30 -6.08 -39.40
CA ALA B 222 -10.98 -5.29 -38.39
C ALA B 222 -12.09 -4.46 -39.02
N LEU B 223 -13.26 -4.48 -38.40
CA LEU B 223 -14.41 -3.73 -38.90
C LEU B 223 -14.35 -2.30 -38.38
N GLU B 224 -14.49 -1.34 -39.28
CA GLU B 224 -14.48 0.04 -38.87
C GLU B 224 -15.90 0.52 -38.56
N PRO B 225 -16.05 1.48 -37.64
CA PRO B 225 -17.39 2.01 -37.36
C PRO B 225 -18.02 2.64 -38.59
N LEU B 226 -19.30 2.31 -38.81
CA LEU B 226 -20.04 2.81 -39.95
C LEU B 226 -21.05 3.88 -39.55
N VAL B 227 -21.94 3.58 -38.60
CA VAL B 227 -22.99 4.52 -38.25
C VAL B 227 -23.43 4.31 -36.81
N ASP B 228 -23.95 5.38 -36.21
CA ASP B 228 -24.46 5.40 -34.84
C ASP B 228 -25.87 5.96 -34.90
N LEU B 229 -26.86 5.10 -35.14
CA LEU B 229 -28.22 5.56 -35.33
C LEU B 229 -28.90 5.75 -33.99
N PRO B 230 -29.43 6.95 -33.69
CA PRO B 230 -30.20 7.16 -32.44
C PRO B 230 -31.60 6.55 -32.53
N ILE B 231 -31.66 5.23 -32.42
CA ILE B 231 -32.85 4.48 -32.77
C ILE B 231 -33.84 4.41 -31.61
N GLY B 232 -33.40 3.90 -30.47
CA GLY B 232 -34.24 3.87 -29.29
C GLY B 232 -35.48 3.00 -29.36
N ILE B 233 -35.35 1.77 -29.88
CA ILE B 233 -36.45 0.82 -29.92
C ILE B 233 -35.97 -0.51 -29.36
N ASN B 234 -36.94 -1.35 -28.99
CA ASN B 234 -36.65 -2.68 -28.48
C ASN B 234 -36.49 -3.65 -29.65
N ILE B 235 -35.35 -4.35 -29.68
CA ILE B 235 -35.02 -5.25 -30.78
C ILE B 235 -34.66 -6.62 -30.20
N THR B 236 -35.35 -7.66 -30.64
CA THR B 236 -35.03 -9.04 -30.29
C THR B 236 -34.95 -9.98 -31.47
N ARG B 237 -35.45 -9.60 -32.64
CA ARG B 237 -35.44 -10.44 -33.82
C ARG B 237 -35.10 -9.58 -35.03
N PHE B 238 -34.59 -10.24 -36.08
CA PHE B 238 -34.23 -9.56 -37.30
C PHE B 238 -34.38 -10.52 -38.48
N GLN B 239 -34.67 -9.95 -39.65
CA GLN B 239 -34.86 -10.72 -40.87
C GLN B 239 -34.11 -10.06 -42.01
N THR B 240 -33.46 -10.87 -42.84
CA THR B 240 -32.68 -10.37 -43.96
C THR B 240 -33.56 -10.27 -45.20
N LEU B 241 -33.57 -9.10 -45.83
CA LEU B 241 -34.30 -8.87 -47.07
C LEU B 241 -33.35 -9.02 -48.24
N LEU B 242 -33.68 -9.92 -49.15
CA LEU B 242 -32.85 -10.30 -50.27
C LEU B 242 -33.42 -9.74 -51.57
N ALA B 243 -32.82 -10.13 -52.69
CA ALA B 243 -33.28 -9.74 -54.01
C ALA B 243 -33.37 -10.98 -54.90
N LEU B 244 -34.49 -11.14 -55.58
CA LEU B 244 -34.70 -12.24 -56.51
C LEU B 244 -34.71 -11.72 -57.95
N HIS B 245 -34.58 -12.65 -58.90
CA HIS B 245 -34.49 -12.33 -60.31
C HIS B 245 -35.69 -12.89 -61.06
N ARG B 246 -36.21 -12.10 -61.99
CA ARG B 246 -37.27 -12.51 -62.89
C ARG B 246 -36.88 -12.14 -64.31
N SER B 247 -37.22 -13.00 -65.26
CA SER B 247 -36.87 -12.78 -66.67
C SER B 247 -37.84 -13.56 -67.54
N TYR B 248 -37.53 -13.66 -68.83
CA TYR B 248 -38.35 -14.44 -69.75
C TYR B 248 -38.36 -15.92 -69.41
N LEU B 249 -37.32 -16.42 -68.75
CA LEU B 249 -37.31 -17.79 -68.25
C LEU B 249 -38.09 -17.86 -66.95
N THR B 250 -38.04 -19.03 -66.29
CA THR B 250 -38.73 -19.38 -65.04
C THR B 250 -40.09 -18.70 -64.93
N PRO B 251 -41.04 -19.05 -65.79
CA PRO B 251 -42.34 -18.37 -65.77
C PRO B 251 -43.14 -18.74 -64.54
N GLY B 252 -44.08 -17.87 -64.20
CA GLY B 252 -44.93 -18.09 -63.04
C GLY B 252 -45.92 -16.97 -62.87
N ASP B 253 -46.53 -16.93 -61.69
CA ASP B 253 -47.56 -15.95 -61.34
C ASP B 253 -47.10 -15.05 -60.20
N SER B 254 -45.84 -14.62 -60.26
CA SER B 254 -45.19 -13.74 -59.29
C SER B 254 -44.96 -14.39 -57.93
N SER B 255 -45.41 -15.64 -57.73
CA SER B 255 -45.16 -16.37 -56.51
C SER B 255 -44.21 -17.55 -56.69
N SER B 256 -44.16 -18.11 -57.91
CA SER B 256 -43.23 -19.19 -58.22
C SER B 256 -42.34 -18.88 -59.42
N GLY B 257 -42.64 -17.84 -60.18
CA GLY B 257 -41.83 -17.49 -61.33
C GLY B 257 -40.67 -16.57 -60.99
N TRP B 258 -39.68 -17.11 -60.29
CA TRP B 258 -38.53 -16.33 -59.88
C TRP B 258 -37.31 -17.24 -59.77
N THR B 259 -36.14 -16.63 -59.84
CA THR B 259 -34.88 -17.34 -59.63
C THR B 259 -34.00 -16.52 -58.68
N ALA B 260 -33.22 -17.23 -57.87
CA ALA B 260 -32.40 -16.60 -56.84
C ALA B 260 -30.94 -16.57 -57.29
N GLY B 261 -30.35 -15.38 -57.28
CA GLY B 261 -28.93 -15.27 -57.59
C GLY B 261 -28.08 -15.88 -56.51
N ALA B 262 -26.93 -16.43 -56.93
CA ALA B 262 -26.06 -17.17 -56.01
C ALA B 262 -25.45 -16.22 -54.99
N ALA B 263 -25.73 -16.47 -53.71
CA ALA B 263 -25.16 -15.68 -52.63
C ALA B 263 -25.23 -16.48 -51.34
N ALA B 264 -24.45 -16.08 -50.35
CA ALA B 264 -24.48 -16.71 -49.05
C ALA B 264 -24.33 -15.66 -47.96
N TYR B 265 -24.98 -15.89 -46.83
CA TYR B 265 -24.81 -15.01 -45.68
C TYR B 265 -24.78 -15.81 -44.39
N TYR B 266 -23.90 -15.38 -43.49
CA TYR B 266 -23.57 -16.08 -42.27
C TYR B 266 -23.90 -15.20 -41.07
N VAL B 267 -24.51 -15.79 -40.05
CA VAL B 267 -25.00 -15.08 -38.89
C VAL B 267 -24.35 -15.66 -37.64
N GLY B 268 -23.75 -14.78 -36.84
CA GLY B 268 -23.22 -15.16 -35.56
C GLY B 268 -23.65 -14.17 -34.49
N TYR B 269 -23.49 -14.59 -33.24
CA TYR B 269 -23.99 -13.82 -32.10
C TYR B 269 -22.84 -13.37 -31.22
N LEU B 270 -22.87 -12.11 -30.80
CA LEU B 270 -21.83 -11.52 -29.97
C LEU B 270 -22.08 -11.81 -28.49
N GLN B 271 -21.00 -11.94 -27.75
CA GLN B 271 -21.01 -12.15 -26.31
C GLN B 271 -20.03 -11.19 -25.66
N PRO B 272 -20.23 -10.86 -24.37
CA PRO B 272 -19.27 -9.99 -23.69
C PRO B 272 -17.97 -10.72 -23.40
N ARG B 273 -16.92 -10.38 -24.15
CA ARG B 273 -15.63 -11.04 -24.04
C ARG B 273 -14.51 -10.00 -23.96
N THR B 274 -13.38 -10.44 -23.43
CA THR B 274 -12.16 -9.63 -23.37
C THR B 274 -11.26 -10.04 -24.54
N PHE B 275 -10.89 -9.06 -25.37
CA PHE B 275 -10.05 -9.30 -26.53
C PHE B 275 -8.77 -8.50 -26.41
N LEU B 276 -7.66 -9.12 -26.78
CA LEU B 276 -6.36 -8.45 -26.85
C LEU B 276 -6.05 -8.20 -28.32
N LEU B 277 -6.15 -6.95 -28.75
CA LEU B 277 -5.95 -6.57 -30.14
C LEU B 277 -4.56 -5.99 -30.34
N LYS B 278 -4.02 -6.19 -31.54
CA LYS B 278 -2.68 -5.73 -31.89
C LYS B 278 -2.79 -4.59 -32.89
N TYR B 279 -2.36 -3.40 -32.49
CA TYR B 279 -2.28 -2.25 -33.38
C TYR B 279 -0.86 -2.16 -33.93
N ASN B 280 -0.73 -2.23 -35.25
CA ASN B 280 0.58 -2.17 -35.90
C ASN B 280 1.06 -0.72 -35.93
N GLU B 281 2.19 -0.48 -36.59
CA GLU B 281 2.75 0.87 -36.65
C GLU B 281 1.87 1.84 -37.42
N ASN B 282 0.97 1.34 -38.25
CA ASN B 282 0.06 2.18 -39.04
C ASN B 282 -1.29 2.38 -38.37
N GLY B 283 -1.49 1.85 -37.16
CA GLY B 283 -2.75 2.04 -36.47
C GLY B 283 -3.86 1.10 -36.91
N THR B 284 -3.52 -0.04 -37.51
CA THR B 284 -4.51 -0.99 -38.01
C THR B 284 -4.49 -2.23 -37.13
N ILE B 285 -5.67 -2.69 -36.73
CA ILE B 285 -5.78 -3.92 -35.95
C ILE B 285 -5.54 -5.10 -36.89
N THR B 286 -4.42 -5.80 -36.71
CA THR B 286 -4.05 -6.89 -37.58
C THR B 286 -4.23 -8.27 -36.97
N ASP B 287 -4.37 -8.36 -35.65
CA ASP B 287 -4.55 -9.65 -34.99
C ASP B 287 -5.24 -9.43 -33.66
N ALA B 288 -5.85 -10.50 -33.15
CA ALA B 288 -6.55 -10.44 -31.88
C ALA B 288 -6.47 -11.80 -31.19
N VAL B 289 -6.59 -11.77 -29.87
CA VAL B 289 -6.60 -12.96 -29.03
C VAL B 289 -7.85 -12.92 -28.16
N ASP B 290 -8.63 -14.00 -28.20
CA ASP B 290 -9.83 -14.15 -27.38
C ASP B 290 -9.41 -14.82 -26.07
N CYS B 291 -9.38 -14.04 -24.98
CA CYS B 291 -8.82 -14.52 -23.73
C CYS B 291 -9.58 -15.72 -23.16
N ALA B 292 -10.87 -15.83 -23.47
CA ALA B 292 -11.72 -16.88 -22.92
C ALA B 292 -11.83 -18.10 -23.84
N LEU B 293 -11.08 -18.11 -24.95
CA LEU B 293 -11.20 -19.22 -25.90
C LEU B 293 -10.63 -20.51 -25.32
N ASP B 294 -9.44 -20.45 -24.76
CA ASP B 294 -8.77 -21.62 -24.21
C ASP B 294 -7.70 -21.16 -23.23
N PRO B 295 -7.19 -22.07 -22.38
CA PRO B 295 -6.14 -21.66 -21.43
C PRO B 295 -4.91 -21.07 -22.11
N LEU B 296 -4.56 -21.53 -23.31
CA LEU B 296 -3.43 -20.94 -24.03
C LEU B 296 -3.69 -19.47 -24.35
N SER B 297 -4.90 -19.16 -24.81
CA SER B 297 -5.24 -17.77 -25.09
C SER B 297 -5.32 -16.95 -23.81
N GLU B 298 -5.78 -17.55 -22.71
CA GLU B 298 -5.77 -16.85 -21.44
C GLU B 298 -4.34 -16.51 -21.01
N THR B 299 -3.41 -17.45 -21.20
CA THR B 299 -2.00 -17.16 -20.91
C THR B 299 -1.46 -16.08 -21.82
N LYS B 300 -1.85 -16.10 -23.10
CA LYS B 300 -1.43 -15.05 -24.02
C LYS B 300 -1.92 -13.68 -23.56
N CYS B 301 -3.17 -13.61 -23.12
CA CYS B 301 -3.71 -12.34 -22.63
C CYS B 301 -3.02 -11.90 -21.35
N THR B 302 -2.76 -12.84 -20.44
CA THR B 302 -2.11 -12.49 -19.18
C THR B 302 -0.69 -11.99 -19.41
N LEU B 303 0.05 -12.63 -20.30
CA LEU B 303 1.40 -12.20 -20.63
C LEU B 303 1.44 -10.97 -21.52
N LYS B 304 0.28 -10.54 -22.04
CA LYS B 304 0.19 -9.39 -22.94
C LYS B 304 1.11 -9.56 -24.14
N SER B 305 1.11 -10.76 -24.73
CA SER B 305 1.91 -11.05 -25.91
C SER B 305 1.21 -12.13 -26.71
N PHE B 306 1.52 -12.16 -28.01
CA PHE B 306 0.95 -13.15 -28.92
C PHE B 306 1.78 -14.42 -29.00
N THR B 307 2.96 -14.45 -28.38
CA THR B 307 3.82 -15.61 -28.38
C THR B 307 4.13 -16.03 -26.95
N VAL B 308 4.09 -17.33 -26.70
CA VAL B 308 4.32 -17.90 -25.38
C VAL B 308 5.54 -18.82 -25.45
N GLU B 309 6.47 -18.62 -24.52
CA GLU B 309 7.65 -19.47 -24.45
C GLU B 309 7.30 -20.81 -23.83
N LYS B 310 8.22 -21.77 -23.99
CA LYS B 310 8.02 -23.10 -23.44
C LYS B 310 7.98 -23.05 -21.92
N GLY B 311 7.01 -23.75 -21.34
CA GLY B 311 6.90 -23.83 -19.89
C GLY B 311 5.47 -24.08 -19.47
N ILE B 312 5.27 -23.98 -18.15
CA ILE B 312 3.97 -24.18 -17.52
C ILE B 312 3.55 -22.88 -16.85
N TYR B 313 2.33 -22.46 -17.11
CA TYR B 313 1.81 -21.18 -16.62
C TYR B 313 0.49 -21.42 -15.90
N GLN B 314 0.36 -20.82 -14.72
CA GLN B 314 -0.88 -20.91 -13.96
C GLN B 314 -1.93 -19.99 -14.57
N THR B 315 -3.12 -20.52 -14.85
CA THR B 315 -4.22 -19.77 -15.38
C THR B 315 -5.25 -19.53 -14.28
N SER B 316 -6.39 -18.95 -14.66
CA SER B 316 -7.47 -18.73 -13.70
C SER B 316 -8.03 -20.06 -13.23
N ASN B 317 -8.57 -20.06 -12.01
CA ASN B 317 -9.15 -21.26 -11.44
C ASN B 317 -10.35 -21.72 -12.28
N PHE B 318 -10.67 -23.00 -12.14
CA PHE B 318 -11.78 -23.57 -12.89
C PHE B 318 -13.09 -22.89 -12.51
N ARG B 319 -13.80 -22.37 -13.50
CA ARG B 319 -15.04 -21.62 -13.28
C ARG B 319 -16.22 -22.40 -13.83
N VAL B 320 -17.30 -22.44 -13.05
CA VAL B 320 -18.56 -23.06 -13.46
C VAL B 320 -19.60 -21.96 -13.52
N GLN B 321 -20.10 -21.69 -14.73
CA GLN B 321 -21.10 -20.65 -14.91
C GLN B 321 -22.46 -21.12 -14.40
N PRO B 322 -23.26 -20.23 -13.81
CA PRO B 322 -24.62 -20.63 -13.38
C PRO B 322 -25.48 -21.01 -14.57
N THR B 323 -26.37 -21.98 -14.34
CA THR B 323 -27.26 -22.48 -15.37
C THR B 323 -28.67 -21.92 -15.27
N GLU B 324 -29.20 -21.78 -14.06
CA GLU B 324 -30.55 -21.27 -13.85
C GLU B 324 -30.51 -20.10 -12.88
N SER B 325 -31.62 -19.39 -12.81
CA SER B 325 -31.82 -18.32 -11.85
C SER B 325 -33.10 -18.58 -11.07
N ILE B 326 -33.00 -18.55 -9.74
CA ILE B 326 -34.12 -18.88 -8.87
C ILE B 326 -34.35 -17.73 -7.89
N VAL B 327 -35.62 -17.49 -7.57
CA VAL B 327 -36.02 -16.48 -6.59
C VAL B 327 -36.86 -17.19 -5.53
N ARG B 328 -36.50 -16.98 -4.26
CA ARG B 328 -37.20 -17.61 -3.14
C ARG B 328 -37.66 -16.49 -2.20
N PHE B 329 -38.93 -16.12 -2.31
CA PHE B 329 -39.56 -15.14 -1.43
C PHE B 329 -40.65 -15.83 -0.61
N PRO B 330 -40.94 -15.35 0.59
CA PRO B 330 -42.06 -15.90 1.35
C PRO B 330 -43.37 -15.68 0.61
N ASN B 331 -44.26 -16.67 0.70
CA ASN B 331 -45.50 -16.66 -0.07
C ASN B 331 -46.49 -15.70 0.57
N ILE B 332 -46.49 -14.46 0.09
CA ILE B 332 -47.39 -13.42 0.57
C ILE B 332 -48.20 -12.91 -0.61
N THR B 333 -49.52 -12.85 -0.45
CA THR B 333 -50.41 -12.37 -1.51
C THR B 333 -51.03 -11.01 -1.21
N ASN B 334 -51.16 -10.64 0.07
CA ASN B 334 -51.79 -9.38 0.41
C ASN B 334 -50.88 -8.20 0.04
N LEU B 335 -51.50 -7.14 -0.49
CA LEU B 335 -50.77 -5.93 -0.81
C LEU B 335 -50.57 -5.08 0.44
N CYS B 336 -49.48 -4.31 0.45
CA CYS B 336 -49.20 -3.47 1.60
C CYS B 336 -50.25 -2.36 1.71
N PRO B 337 -50.55 -1.92 2.93
CA PRO B 337 -51.62 -0.91 3.11
C PRO B 337 -51.22 0.47 2.58
N PHE B 338 -51.06 0.58 1.27
CA PHE B 338 -50.75 1.87 0.67
C PHE B 338 -51.91 2.85 0.85
N GLY B 339 -53.15 2.35 0.75
CA GLY B 339 -54.30 3.22 0.97
C GLY B 339 -54.41 3.68 2.41
N GLU B 340 -54.06 2.80 3.37
CA GLU B 340 -54.13 3.16 4.77
C GLU B 340 -53.04 4.14 5.19
N VAL B 341 -52.02 4.35 4.35
CA VAL B 341 -50.89 5.22 4.68
C VAL B 341 -50.93 6.51 3.87
N PHE B 342 -50.89 6.40 2.54
CA PHE B 342 -50.83 7.57 1.68
C PHE B 342 -52.19 8.16 1.35
N ASN B 343 -53.28 7.43 1.60
CA ASN B 343 -54.63 7.90 1.33
C ASN B 343 -55.41 8.18 2.60
N ALA B 344 -54.72 8.32 3.74
CA ALA B 344 -55.40 8.53 5.01
C ALA B 344 -56.13 9.87 5.01
N THR B 345 -57.36 9.86 5.54
CA THR B 345 -58.15 11.09 5.61
C THR B 345 -57.52 12.11 6.54
N ARG B 346 -57.03 11.67 7.70
CA ARG B 346 -56.44 12.56 8.68
C ARG B 346 -55.01 12.11 8.98
N PHE B 347 -54.10 13.08 9.01
CA PHE B 347 -52.71 12.84 9.36
C PHE B 347 -52.42 13.42 10.75
N ALA B 348 -51.36 12.91 11.36
CA ALA B 348 -50.98 13.34 12.70
C ALA B 348 -50.07 14.55 12.65
N SER B 349 -49.99 15.25 13.79
CA SER B 349 -49.09 16.39 13.90
C SER B 349 -47.64 15.93 13.96
N VAL B 350 -46.73 16.83 13.62
CA VAL B 350 -45.32 16.47 13.56
C VAL B 350 -44.78 16.18 14.96
N TYR B 351 -45.25 16.91 15.97
CA TYR B 351 -44.82 16.64 17.34
C TYR B 351 -45.40 15.32 17.86
N ALA B 352 -46.51 14.86 17.29
CA ALA B 352 -47.11 13.59 17.66
C ALA B 352 -47.19 12.67 16.45
N TRP B 353 -46.09 12.57 15.70
CA TRP B 353 -46.06 11.81 14.47
C TRP B 353 -46.47 10.35 14.71
N ASN B 354 -47.28 9.82 13.79
CA ASN B 354 -47.82 8.48 13.95
C ASN B 354 -46.86 7.45 13.38
N ARG B 355 -46.71 6.33 14.10
CA ARG B 355 -45.87 5.23 13.65
C ARG B 355 -46.74 4.00 13.45
N LYS B 356 -46.66 3.41 12.26
CA LYS B 356 -47.46 2.23 11.91
C LYS B 356 -46.54 1.11 11.46
N ARG B 357 -46.80 -0.10 11.95
CA ARG B 357 -46.02 -1.27 11.58
C ARG B 357 -46.57 -1.89 10.31
N ILE B 358 -45.68 -2.25 9.39
CA ILE B 358 -46.05 -2.88 8.12
C ILE B 358 -45.43 -4.27 8.12
N SER B 359 -46.25 -5.29 7.95
CA SER B 359 -45.78 -6.66 8.00
C SER B 359 -46.63 -7.56 7.11
N ASN B 360 -45.99 -8.57 6.54
CA ASN B 360 -46.65 -9.61 5.74
C ASN B 360 -47.41 -9.00 4.56
N CYS B 361 -46.65 -8.37 3.66
CA CYS B 361 -47.26 -7.74 2.50
C CYS B 361 -46.24 -7.60 1.38
N VAL B 362 -46.76 -7.30 0.19
CA VAL B 362 -45.96 -7.09 -1.01
C VAL B 362 -45.96 -5.61 -1.32
N ALA B 363 -44.77 -5.01 -1.35
CA ALA B 363 -44.61 -3.58 -1.54
C ALA B 363 -44.56 -3.26 -3.04
N ASP B 364 -45.71 -3.44 -3.68
CA ASP B 364 -45.88 -3.08 -5.09
C ASP B 364 -46.33 -1.63 -5.15
N TYR B 365 -45.34 -0.73 -5.04
CA TYR B 365 -45.61 0.70 -4.99
C TYR B 365 -46.08 1.26 -6.33
N SER B 366 -46.02 0.47 -7.40
CA SER B 366 -46.51 0.93 -8.70
C SER B 366 -48.00 1.26 -8.66
N VAL B 367 -48.75 0.67 -7.73
CA VAL B 367 -50.16 1.01 -7.57
C VAL B 367 -50.35 2.46 -7.17
N LEU B 368 -49.33 3.09 -6.59
CA LEU B 368 -49.37 4.51 -6.27
C LEU B 368 -49.19 5.39 -7.51
N TYR B 369 -48.80 4.82 -8.64
CA TYR B 369 -48.57 5.61 -9.84
C TYR B 369 -49.86 6.24 -10.35
N ASN B 370 -51.01 5.60 -10.08
CA ASN B 370 -52.27 6.08 -10.66
C ASN B 370 -52.69 7.42 -10.07
N SER B 371 -52.63 7.57 -8.75
CA SER B 371 -53.21 8.73 -8.09
C SER B 371 -52.24 9.50 -7.21
N ALA B 372 -51.12 8.91 -6.81
CA ALA B 372 -50.21 9.54 -5.86
C ALA B 372 -49.06 10.21 -6.61
N SER B 373 -48.91 11.52 -6.42
CA SER B 373 -47.79 12.28 -6.95
C SER B 373 -47.00 12.83 -5.78
N PHE B 374 -45.70 12.54 -5.76
CA PHE B 374 -44.84 12.87 -4.63
C PHE B 374 -43.82 13.91 -5.05
N SER B 375 -43.78 15.02 -4.30
CA SER B 375 -42.79 16.06 -4.57
C SER B 375 -41.39 15.60 -4.16
N THR B 376 -41.29 14.87 -3.05
CA THR B 376 -40.00 14.40 -2.54
C THR B 376 -40.05 12.90 -2.34
N PHE B 377 -39.04 12.20 -2.86
CA PHE B 377 -38.90 10.76 -2.64
C PHE B 377 -37.40 10.47 -2.62
N LYS B 378 -36.83 10.39 -1.43
CA LYS B 378 -35.39 10.20 -1.26
C LYS B 378 -35.12 8.96 -0.43
N CYS B 379 -34.40 8.01 -1.01
CA CYS B 379 -34.00 6.79 -0.31
C CYS B 379 -32.53 6.88 0.05
N TYR B 380 -32.19 6.44 1.26
CA TYR B 380 -30.85 6.63 1.81
C TYR B 380 -30.06 5.34 1.88
N GLY B 381 -30.61 4.30 2.51
CA GLY B 381 -29.93 3.03 2.66
C GLY B 381 -30.18 2.04 1.55
N VAL B 382 -30.85 2.43 0.47
CA VAL B 382 -31.13 1.51 -0.62
C VAL B 382 -31.35 2.34 -1.89
N SER B 383 -30.87 1.81 -3.01
CA SER B 383 -31.15 2.45 -4.29
C SER B 383 -32.61 2.21 -4.67
N PRO B 384 -33.28 3.23 -5.24
CA PRO B 384 -34.69 3.04 -5.61
C PRO B 384 -34.94 1.91 -6.59
N THR B 385 -34.06 1.76 -7.60
CA THR B 385 -34.29 0.77 -8.64
C THR B 385 -34.21 -0.65 -8.12
N LYS B 386 -33.60 -0.87 -6.96
CA LYS B 386 -33.53 -2.19 -6.35
C LYS B 386 -34.69 -2.48 -5.41
N LEU B 387 -35.57 -1.49 -5.17
CA LEU B 387 -36.65 -1.66 -4.20
C LEU B 387 -37.60 -2.79 -4.60
N ASN B 388 -37.69 -3.11 -5.89
CA ASN B 388 -38.57 -4.19 -6.34
C ASN B 388 -37.94 -5.57 -6.19
N ASP B 389 -36.65 -5.65 -5.89
CA ASP B 389 -35.95 -6.93 -5.79
C ASP B 389 -35.48 -7.24 -4.37
N LEU B 390 -36.08 -6.62 -3.37
CA LEU B 390 -35.62 -6.76 -2.00
C LEU B 390 -36.79 -7.08 -1.07
N CYS B 391 -36.44 -7.64 0.10
CA CYS B 391 -37.38 -7.89 1.17
C CYS B 391 -36.93 -7.09 2.39
N PHE B 392 -37.89 -6.51 3.10
CA PHE B 392 -37.62 -5.56 4.18
C PHE B 392 -37.98 -6.18 5.52
N THR B 393 -37.14 -5.96 6.52
CA THR B 393 -37.27 -6.67 7.79
C THR B 393 -38.31 -6.03 8.71
N ASN B 394 -38.06 -4.80 9.14
CA ASN B 394 -38.90 -4.12 10.13
C ASN B 394 -39.39 -2.82 9.52
N VAL B 395 -40.51 -2.89 8.80
CA VAL B 395 -41.04 -1.74 8.08
C VAL B 395 -41.89 -0.92 9.03
N TYR B 396 -41.50 0.33 9.24
CA TYR B 396 -42.28 1.26 10.05
C TYR B 396 -42.49 2.54 9.25
N ALA B 397 -43.75 2.97 9.17
CA ALA B 397 -44.13 4.18 8.46
C ALA B 397 -44.46 5.26 9.48
N ASP B 398 -43.69 6.35 9.46
CA ASP B 398 -43.94 7.50 10.31
C ASP B 398 -44.59 8.58 9.48
N SER B 399 -45.83 8.91 9.81
CA SER B 399 -46.64 9.86 9.05
C SER B 399 -46.89 11.11 9.88
N PHE B 400 -46.74 12.27 9.24
CA PHE B 400 -47.06 13.54 9.86
C PHE B 400 -47.28 14.59 8.77
N VAL B 401 -47.58 15.81 9.19
CA VAL B 401 -47.80 16.94 8.30
C VAL B 401 -46.92 18.09 8.77
N ILE B 402 -46.18 18.69 7.83
CA ILE B 402 -45.29 19.80 8.14
C ILE B 402 -45.50 20.91 7.11
N ARG B 403 -44.69 21.96 7.22
CA ARG B 403 -44.69 23.03 6.24
C ARG B 403 -43.94 22.61 4.98
N GLY B 404 -44.19 23.35 3.90
CA GLY B 404 -43.46 23.09 2.67
C GLY B 404 -41.98 23.39 2.80
N ASP B 405 -41.63 24.42 3.59
CA ASP B 405 -40.23 24.79 3.77
C ASP B 405 -39.49 23.84 4.71
N GLU B 406 -40.22 23.06 5.51
CA GLU B 406 -39.60 22.16 6.48
C GLU B 406 -39.44 20.74 5.96
N VAL B 407 -39.78 20.49 4.69
CA VAL B 407 -39.59 19.16 4.12
C VAL B 407 -38.11 18.81 4.05
N ARG B 408 -37.27 19.80 3.73
CA ARG B 408 -35.83 19.57 3.68
C ARG B 408 -35.25 19.16 5.03
N GLN B 409 -35.91 19.51 6.13
CA GLN B 409 -35.42 19.15 7.46
C GLN B 409 -35.58 17.67 7.77
N ILE B 410 -36.32 16.93 6.95
CA ILE B 410 -36.51 15.49 7.18
C ILE B 410 -35.33 14.79 6.50
N ALA B 411 -34.22 14.71 7.21
CA ALA B 411 -33.01 14.08 6.71
C ALA B 411 -32.15 13.67 7.90
N PRO B 412 -31.24 12.71 7.72
CA PRO B 412 -30.44 12.24 8.86
C PRO B 412 -29.65 13.33 9.57
N GLY B 413 -29.10 14.30 8.83
CA GLY B 413 -28.22 15.27 9.44
C GLY B 413 -28.62 16.72 9.28
N GLN B 414 -29.92 17.01 9.39
CA GLN B 414 -30.42 18.37 9.27
C GLN B 414 -30.67 18.99 10.63
N THR B 415 -30.63 20.32 10.66
CA THR B 415 -30.98 21.10 11.83
C THR B 415 -32.19 21.98 11.51
N GLY B 416 -32.83 22.48 12.55
CA GLY B 416 -34.01 23.29 12.39
C GLY B 416 -35.06 23.01 13.43
N LYS B 417 -36.22 23.69 13.33
CA LYS B 417 -37.27 23.52 14.34
C LYS B 417 -37.79 22.08 14.35
N ILE B 418 -38.18 21.57 13.17
CA ILE B 418 -38.71 20.22 13.08
C ILE B 418 -37.64 19.19 13.41
N ALA B 419 -36.42 19.39 12.89
CA ALA B 419 -35.36 18.40 13.09
C ALA B 419 -34.89 18.35 14.53
N ASP B 420 -35.02 19.44 15.28
CA ASP B 420 -34.53 19.49 16.65
C ASP B 420 -35.61 19.17 17.68
N TYR B 421 -36.82 19.69 17.50
CA TYR B 421 -37.84 19.62 18.53
C TYR B 421 -39.00 18.68 18.20
N ASN B 422 -39.15 18.28 16.94
CA ASN B 422 -40.33 17.53 16.52
C ASN B 422 -40.01 16.12 16.03
N TYR B 423 -39.10 15.99 15.05
CA TYR B 423 -38.84 14.70 14.44
C TYR B 423 -37.40 14.67 13.93
N LYS B 424 -36.60 13.76 14.46
CA LYS B 424 -35.19 13.62 14.09
C LYS B 424 -34.94 12.24 13.51
N LEU B 425 -34.21 12.19 12.40
CA LEU B 425 -33.81 10.94 11.76
C LEU B 425 -32.42 10.53 12.24
N PRO B 426 -32.18 9.23 12.41
CA PRO B 426 -30.84 8.78 12.82
C PRO B 426 -29.80 9.04 11.75
N ASP B 427 -28.55 9.17 12.18
CA ASP B 427 -27.46 9.39 11.24
C ASP B 427 -27.31 8.20 10.30
N ASP B 428 -27.39 6.99 10.83
CA ASP B 428 -27.35 5.77 10.02
C ASP B 428 -28.75 5.32 9.65
N PHE B 429 -29.53 6.22 9.06
CA PHE B 429 -30.92 5.93 8.72
C PHE B 429 -30.98 5.14 7.42
N THR B 430 -31.67 4.00 7.46
CA THR B 430 -31.91 3.17 6.28
C THR B 430 -33.41 3.20 5.99
N GLY B 431 -33.79 3.79 4.87
CA GLY B 431 -35.19 3.89 4.53
C GLY B 431 -35.40 4.94 3.45
N CYS B 432 -36.66 5.36 3.31
CA CYS B 432 -37.04 6.32 2.28
C CYS B 432 -38.00 7.34 2.86
N VAL B 433 -37.75 8.61 2.55
CA VAL B 433 -38.62 9.71 2.97
C VAL B 433 -39.44 10.16 1.76
N ILE B 434 -40.75 10.24 1.94
CA ILE B 434 -41.69 10.64 0.90
C ILE B 434 -42.48 11.82 1.42
N ALA B 435 -42.64 12.85 0.59
CA ALA B 435 -43.39 14.03 0.96
C ALA B 435 -44.17 14.54 -0.25
N TRP B 436 -45.42 14.92 -0.01
CA TRP B 436 -46.25 15.47 -1.09
C TRP B 436 -47.13 16.58 -0.55
N ASN B 437 -47.34 17.60 -1.38
CA ASN B 437 -48.19 18.72 -1.01
C ASN B 437 -49.63 18.27 -0.78
N SER B 438 -50.23 18.74 0.30
CA SER B 438 -51.60 18.42 0.66
C SER B 438 -52.41 19.69 0.91
N ASN B 439 -52.23 20.69 0.05
CA ASN B 439 -52.98 21.93 0.20
C ASN B 439 -54.46 21.74 -0.06
N ASN B 440 -54.81 20.78 -0.93
CA ASN B 440 -56.22 20.52 -1.23
C ASN B 440 -56.91 19.73 -0.12
N LEU B 441 -56.18 19.23 0.87
CA LEU B 441 -56.75 18.42 1.93
C LEU B 441 -56.60 19.03 3.32
N ASP B 442 -55.42 19.57 3.64
CA ASP B 442 -55.12 20.03 4.99
C ASP B 442 -55.23 21.55 5.15
N SER B 443 -55.80 22.24 4.17
CA SER B 443 -55.97 23.68 4.23
C SER B 443 -57.45 24.04 4.30
N LYS B 444 -57.76 25.07 5.09
CA LYS B 444 -59.12 25.55 5.25
C LYS B 444 -59.16 27.05 4.95
N VAL B 445 -60.31 27.50 4.43
CA VAL B 445 -60.45 28.89 4.02
C VAL B 445 -60.24 29.82 5.21
N GLY B 446 -60.85 29.51 6.35
CA GLY B 446 -60.62 30.29 7.56
C GLY B 446 -59.33 29.97 8.27
N GLY B 447 -58.60 28.96 7.83
CA GLY B 447 -57.36 28.57 8.45
C GLY B 447 -57.45 27.26 9.21
N ASN B 448 -56.64 26.28 8.82
CA ASN B 448 -56.62 24.97 9.47
C ASN B 448 -55.63 25.01 10.62
N TYR B 449 -56.13 24.90 11.85
CA TYR B 449 -55.30 24.98 13.04
C TYR B 449 -55.23 23.64 13.78
N ASN B 450 -55.57 22.54 13.12
CA ASN B 450 -55.54 21.23 13.75
C ASN B 450 -54.15 20.61 13.77
N TYR B 451 -53.19 21.16 13.04
CA TYR B 451 -51.83 20.65 12.99
C TYR B 451 -50.92 21.53 13.83
N LEU B 452 -50.16 20.90 14.73
CA LEU B 452 -49.30 21.61 15.66
C LEU B 452 -47.86 21.15 15.52
N TYR B 453 -46.94 22.02 15.91
CA TYR B 453 -45.52 21.71 15.96
C TYR B 453 -44.95 22.17 17.30
N ARG B 454 -43.95 21.44 17.77
CA ARG B 454 -43.34 21.75 19.05
C ARG B 454 -42.30 22.85 18.90
N LEU B 455 -42.46 23.92 19.68
CA LEU B 455 -41.50 24.99 19.79
C LEU B 455 -41.01 25.08 21.23
N PHE B 456 -39.83 25.68 21.42
CA PHE B 456 -39.28 25.95 22.74
C PHE B 456 -39.10 24.65 23.54
N ARG B 457 -38.19 23.82 23.06
CA ARG B 457 -37.79 22.63 23.78
C ARG B 457 -36.42 22.83 24.43
N LYS B 458 -36.25 22.22 25.61
CA LYS B 458 -35.02 22.39 26.37
C LYS B 458 -33.81 21.83 25.62
N SER B 459 -33.96 20.65 25.01
CA SER B 459 -32.85 20.01 24.32
C SER B 459 -33.36 19.38 23.03
N ASN B 460 -32.42 19.12 22.12
CA ASN B 460 -32.78 18.53 20.83
C ASN B 460 -33.27 17.10 21.02
N LEU B 461 -34.25 16.72 20.20
CA LEU B 461 -34.81 15.38 20.27
C LEU B 461 -33.81 14.34 19.79
N LYS B 462 -33.84 13.17 20.43
CA LYS B 462 -33.07 12.03 19.96
C LYS B 462 -33.72 11.45 18.70
N PRO B 463 -32.95 10.72 17.90
CA PRO B 463 -33.54 10.11 16.69
C PRO B 463 -34.69 9.18 17.02
N PHE B 464 -35.76 9.29 16.23
CA PHE B 464 -36.96 8.46 16.38
C PHE B 464 -37.55 8.58 17.80
N GLU B 465 -37.50 9.78 18.36
CA GLU B 465 -38.06 10.03 19.68
C GLU B 465 -39.24 10.99 19.57
N ARG B 466 -40.27 10.74 20.36
CA ARG B 466 -41.51 11.51 20.33
C ARG B 466 -41.70 12.25 21.65
N ASP B 467 -42.00 13.53 21.56
CA ASP B 467 -42.25 14.38 22.73
C ASP B 467 -43.62 15.03 22.55
N ILE B 468 -44.57 14.65 23.40
CA ILE B 468 -45.93 15.16 23.33
C ILE B 468 -46.33 15.88 24.62
N SER B 469 -45.36 16.24 25.45
CA SER B 469 -45.64 16.97 26.67
C SER B 469 -46.09 18.39 26.36
N THR B 470 -46.93 18.93 27.25
CA THR B 470 -47.47 20.28 27.08
C THR B 470 -47.07 21.17 28.25
N GLU B 471 -45.95 20.87 28.89
CA GLU B 471 -45.47 21.69 29.99
C GLU B 471 -45.00 23.06 29.49
N ILE B 472 -45.23 24.08 30.33
CA ILE B 472 -44.88 25.44 29.95
C ILE B 472 -43.36 25.59 29.93
N TYR B 473 -42.84 26.14 28.83
CA TYR B 473 -41.40 26.32 28.68
C TYR B 473 -40.92 27.54 29.45
N GLN B 474 -39.74 27.41 30.06
CA GLN B 474 -39.11 28.49 30.81
C GLN B 474 -37.98 29.06 29.97
N ALA B 475 -38.23 30.16 29.28
CA ALA B 475 -37.20 30.80 28.47
C ALA B 475 -36.31 31.72 29.32
N GLY B 476 -36.92 32.49 30.23
CA GLY B 476 -36.18 33.37 31.09
C GLY B 476 -35.77 32.70 32.39
N SER B 477 -35.19 33.51 33.28
CA SER B 477 -34.75 33.01 34.58
C SER B 477 -35.89 32.92 35.58
N THR B 478 -37.05 33.51 35.29
CA THR B 478 -38.18 33.46 36.21
C THR B 478 -38.90 32.12 36.08
N PRO B 479 -39.03 31.33 37.15
CA PRO B 479 -39.74 30.06 37.05
C PRO B 479 -41.20 30.25 36.66
N CYS B 480 -41.73 29.29 35.91
CA CYS B 480 -43.14 29.25 35.57
C CYS B 480 -43.86 28.26 36.48
N ASN B 481 -45.14 28.53 36.72
CA ASN B 481 -45.97 27.73 37.61
C ASN B 481 -47.21 27.23 36.89
N GLY B 482 -47.01 26.70 35.68
CA GLY B 482 -48.11 26.20 34.89
C GLY B 482 -48.92 27.24 34.16
N VAL B 483 -48.47 28.50 34.15
CA VAL B 483 -49.16 29.58 33.47
C VAL B 483 -48.23 30.19 32.44
N GLU B 484 -48.82 30.82 31.43
CA GLU B 484 -48.06 31.44 30.36
C GLU B 484 -48.01 32.95 30.55
N GLY B 485 -46.81 33.51 30.44
CA GLY B 485 -46.63 34.94 30.60
C GLY B 485 -45.19 35.38 30.53
N PHE B 486 -44.95 36.52 29.89
CA PHE B 486 -43.61 37.09 29.74
C PHE B 486 -42.66 36.11 29.07
N ASN B 487 -41.88 35.38 29.87
CA ASN B 487 -40.89 34.44 29.36
C ASN B 487 -41.38 33.00 29.39
N CYS B 488 -42.66 32.76 29.67
CA CYS B 488 -43.23 31.43 29.70
C CYS B 488 -44.26 31.31 28.57
N TYR B 489 -44.09 30.30 27.72
CA TYR B 489 -44.96 30.12 26.56
C TYR B 489 -45.38 28.66 26.45
N PHE B 490 -46.51 28.45 25.78
CA PHE B 490 -46.93 27.10 25.45
C PHE B 490 -46.01 26.50 24.41
N PRO B 491 -45.55 25.26 24.57
CA PRO B 491 -44.55 24.69 23.65
C PRO B 491 -45.08 24.31 22.28
N LEU B 492 -46.40 24.26 22.09
CA LEU B 492 -47.00 23.83 20.84
C LEU B 492 -47.61 25.03 20.12
N GLN B 493 -47.31 25.17 18.83
CA GLN B 493 -47.84 26.25 18.02
C GLN B 493 -48.50 25.67 16.78
N SER B 494 -49.60 26.29 16.35
CA SER B 494 -50.39 25.78 15.25
C SER B 494 -49.98 26.40 13.93
N TYR B 495 -50.00 25.59 12.88
CA TYR B 495 -49.75 26.09 11.54
C TYR B 495 -50.94 26.91 11.03
N GLY B 496 -50.67 27.80 10.08
CA GLY B 496 -51.73 28.54 9.44
C GLY B 496 -52.50 27.69 8.47
N PHE B 497 -51.83 27.24 7.41
CA PHE B 497 -52.38 26.28 6.44
C PHE B 497 -53.66 26.81 5.79
N GLN B 498 -53.51 27.90 5.04
CA GLN B 498 -54.61 28.44 4.26
C GLN B 498 -54.38 28.17 2.77
N PRO B 499 -55.46 28.02 1.99
CA PRO B 499 -55.29 27.73 0.56
C PRO B 499 -54.52 28.81 -0.20
N THR B 500 -54.59 30.05 0.25
CA THR B 500 -53.92 31.16 -0.42
C THR B 500 -52.47 31.34 0.06
N ASN B 501 -52.00 30.49 0.96
CA ASN B 501 -50.63 30.59 1.44
C ASN B 501 -49.64 30.20 0.35
N GLY B 502 -48.39 30.61 0.54
CA GLY B 502 -47.35 30.25 -0.39
C GLY B 502 -47.02 28.78 -0.34
N VAL B 503 -46.32 28.31 -1.38
CA VAL B 503 -45.97 26.89 -1.46
C VAL B 503 -45.08 26.48 -0.30
N GLY B 504 -44.28 27.42 0.23
CA GLY B 504 -43.48 27.12 1.41
C GLY B 504 -44.28 27.08 2.69
N TYR B 505 -45.45 27.72 2.72
CA TYR B 505 -46.33 27.72 3.88
C TYR B 505 -47.51 26.77 3.74
N GLN B 506 -47.58 26.04 2.62
CA GLN B 506 -48.66 25.09 2.40
C GLN B 506 -48.37 23.76 3.11
N PRO B 507 -49.41 23.03 3.50
CA PRO B 507 -49.18 21.76 4.19
C PRO B 507 -48.55 20.71 3.27
N TYR B 508 -47.69 19.89 3.87
CA TYR B 508 -47.06 18.77 3.17
C TYR B 508 -47.16 17.54 4.04
N ARG B 509 -47.69 16.46 3.47
CA ARG B 509 -47.79 15.17 4.16
C ARG B 509 -46.51 14.40 3.93
N VAL B 510 -45.91 13.91 5.01
CA VAL B 510 -44.63 13.23 4.97
C VAL B 510 -44.78 11.85 5.60
N VAL B 511 -44.33 10.83 4.86
CA VAL B 511 -44.27 9.45 5.34
C VAL B 511 -42.82 8.98 5.22
N VAL B 512 -42.26 8.53 6.34
CA VAL B 512 -40.89 8.03 6.39
C VAL B 512 -40.95 6.54 6.64
N LEU B 513 -40.46 5.75 5.67
CA LEU B 513 -40.42 4.30 5.79
C LEU B 513 -39.02 3.90 6.25
N SER B 514 -38.96 3.20 7.38
CA SER B 514 -37.71 2.71 7.94
C SER B 514 -37.73 1.19 7.99
N PHE B 515 -36.62 0.58 7.59
CA PHE B 515 -36.53 -0.87 7.51
C PHE B 515 -35.07 -1.30 7.52
N GLU B 516 -34.86 -2.59 7.71
CA GLU B 516 -33.54 -3.21 7.62
C GLU B 516 -33.50 -4.16 6.42
N LEU B 517 -32.30 -4.42 5.93
CA LEU B 517 -32.11 -5.16 4.69
C LEU B 517 -31.11 -6.29 4.87
N LEU B 518 -31.50 -7.49 4.45
CA LEU B 518 -30.58 -8.62 4.26
C LEU B 518 -29.84 -9.00 5.56
N HIS B 519 -30.54 -8.90 6.69
CA HIS B 519 -29.97 -9.33 7.96
C HIS B 519 -30.90 -10.16 8.83
N ALA B 520 -32.21 -10.12 8.61
CA ALA B 520 -33.17 -10.81 9.46
C ALA B 520 -34.22 -11.46 8.57
N PRO B 521 -35.00 -12.42 9.11
CA PRO B 521 -36.02 -13.13 8.31
C PRO B 521 -36.83 -12.25 7.35
N ALA B 522 -37.38 -11.13 7.86
CA ALA B 522 -38.14 -10.17 7.05
C ALA B 522 -39.48 -10.75 6.61
N THR B 523 -40.50 -9.90 6.53
CA THR B 523 -41.84 -10.35 6.14
C THR B 523 -42.51 -9.48 5.09
N VAL B 524 -41.95 -8.32 4.76
CA VAL B 524 -42.46 -7.47 3.69
C VAL B 524 -41.53 -7.62 2.49
N CYS B 525 -42.09 -7.99 1.33
CA CYS B 525 -41.27 -8.34 0.18
C CYS B 525 -41.77 -7.61 -1.07
N GLY B 526 -40.87 -7.48 -2.03
CA GLY B 526 -41.20 -6.82 -3.28
C GLY B 526 -42.03 -7.70 -4.19
N PRO B 527 -42.52 -7.09 -5.29
CA PRO B 527 -43.36 -7.83 -6.25
C PRO B 527 -42.55 -8.68 -7.22
N LYS B 528 -41.80 -9.64 -6.66
CA LYS B 528 -41.00 -10.56 -7.45
C LYS B 528 -41.58 -11.96 -7.32
N LYS B 529 -41.82 -12.61 -8.45
CA LYS B 529 -42.41 -13.94 -8.45
C LYS B 529 -41.36 -14.98 -8.10
N SER B 530 -41.68 -15.84 -7.14
CA SER B 530 -40.77 -16.89 -6.71
C SER B 530 -40.81 -18.07 -7.68
N THR B 531 -39.67 -18.73 -7.82
CA THR B 531 -39.52 -19.91 -8.66
C THR B 531 -39.27 -21.15 -7.80
N ASN B 532 -39.06 -22.27 -8.47
CA ASN B 532 -38.79 -23.51 -7.77
C ASN B 532 -37.37 -23.50 -7.18
N LEU B 533 -37.18 -24.31 -6.15
CA LEU B 533 -35.88 -24.43 -5.50
C LEU B 533 -35.05 -25.49 -6.21
N VAL B 534 -33.84 -25.10 -6.62
CA VAL B 534 -32.92 -25.98 -7.34
C VAL B 534 -31.72 -26.25 -6.44
N LYS B 535 -31.42 -27.52 -6.22
CA LYS B 535 -30.34 -27.94 -5.34
C LYS B 535 -29.31 -28.74 -6.11
N ASN B 536 -28.09 -28.76 -5.57
CA ASN B 536 -26.97 -29.52 -6.13
C ASN B 536 -26.61 -29.08 -7.54
N LYS B 537 -26.87 -27.81 -7.85
CA LYS B 537 -26.53 -27.24 -9.15
C LYS B 537 -26.07 -25.80 -8.96
N CYS B 538 -25.18 -25.37 -9.86
CA CYS B 538 -24.67 -23.99 -9.82
C CYS B 538 -25.70 -23.07 -10.46
N VAL B 539 -26.38 -22.28 -9.61
CA VAL B 539 -27.42 -21.37 -10.07
C VAL B 539 -27.23 -20.02 -9.39
N ASN B 540 -27.85 -19.00 -9.99
CA ASN B 540 -28.03 -17.72 -9.32
C ASN B 540 -29.26 -17.81 -8.43
N PHE B 541 -29.16 -17.24 -7.23
CA PHE B 541 -30.23 -17.31 -6.25
C PHE B 541 -30.54 -15.91 -5.73
N ASN B 542 -31.82 -15.68 -5.45
CA ASN B 542 -32.31 -14.44 -4.84
C ASN B 542 -33.14 -14.86 -3.63
N PHE B 543 -32.50 -14.91 -2.47
CA PHE B 543 -33.15 -15.32 -1.22
C PHE B 543 -33.49 -14.07 -0.41
N ASN B 544 -34.77 -13.73 -0.37
CA ASN B 544 -35.28 -12.61 0.43
C ASN B 544 -34.55 -11.31 0.10
N GLY B 545 -34.26 -11.10 -1.19
CA GLY B 545 -33.56 -9.93 -1.65
C GLY B 545 -32.06 -10.07 -1.74
N LEU B 546 -31.48 -11.07 -1.08
CA LEU B 546 -30.04 -11.30 -1.13
C LEU B 546 -29.72 -12.11 -2.37
N THR B 547 -28.98 -11.50 -3.30
CA THR B 547 -28.64 -12.15 -4.56
C THR B 547 -27.23 -12.73 -4.49
N GLY B 548 -27.03 -13.81 -5.22
CA GLY B 548 -25.71 -14.44 -5.26
C GLY B 548 -25.70 -15.57 -6.27
N THR B 549 -24.55 -16.23 -6.35
CA THR B 549 -24.37 -17.37 -7.25
C THR B 549 -23.68 -18.50 -6.48
N GLY B 550 -24.16 -19.72 -6.68
CA GLY B 550 -23.54 -20.85 -6.01
C GLY B 550 -24.37 -22.10 -6.14
N VAL B 551 -23.98 -23.12 -5.39
CA VAL B 551 -24.65 -24.41 -5.34
C VAL B 551 -25.31 -24.55 -3.98
N LEU B 552 -26.59 -24.91 -3.97
CA LEU B 552 -27.35 -25.06 -2.73
C LEU B 552 -27.48 -26.53 -2.39
N THR B 553 -27.12 -26.88 -1.16
CA THR B 553 -27.19 -28.25 -0.68
C THR B 553 -27.92 -28.28 0.66
N GLU B 554 -28.43 -29.45 1.02
CA GLU B 554 -29.10 -29.61 2.30
C GLU B 554 -28.10 -29.41 3.45
N SER B 555 -28.52 -28.69 4.47
CA SER B 555 -27.65 -28.29 5.57
C SER B 555 -28.09 -28.97 6.86
N ASN B 556 -27.10 -29.32 7.68
CA ASN B 556 -27.35 -29.88 9.00
C ASN B 556 -27.40 -28.81 10.09
N LYS B 557 -27.17 -27.55 9.74
CA LYS B 557 -27.21 -26.48 10.72
C LYS B 557 -28.64 -26.26 11.20
N LYS B 558 -28.79 -25.98 12.49
CA LYS B 558 -30.08 -25.73 13.11
C LYS B 558 -30.17 -24.24 13.42
N PHE B 559 -30.86 -23.49 12.55
CA PHE B 559 -31.00 -22.06 12.75
C PHE B 559 -31.97 -21.77 13.89
N LEU B 560 -31.67 -20.74 14.66
CA LEU B 560 -32.60 -20.25 15.66
C LEU B 560 -33.79 -19.58 14.99
N PRO B 561 -34.94 -19.51 15.67
CA PRO B 561 -36.14 -18.96 15.02
C PRO B 561 -35.98 -17.53 14.53
N PHE B 562 -35.12 -16.73 15.16
CA PHE B 562 -34.93 -15.35 14.75
C PHE B 562 -33.83 -15.18 13.70
N GLN B 563 -33.20 -16.27 13.28
CA GLN B 563 -32.08 -16.21 12.34
C GLN B 563 -32.52 -16.62 10.94
N GLN B 564 -32.02 -15.91 9.94
CA GLN B 564 -32.32 -16.18 8.55
C GLN B 564 -31.10 -16.54 7.71
N PHE B 565 -29.97 -15.89 7.96
CA PHE B 565 -28.76 -16.11 7.18
C PHE B 565 -27.62 -16.55 8.09
N GLY B 566 -26.72 -17.36 7.53
CA GLY B 566 -25.50 -17.76 8.22
C GLY B 566 -24.30 -17.29 7.43
N ARG B 567 -23.26 -16.86 8.15
CA ARG B 567 -22.05 -16.33 7.53
C ARG B 567 -20.84 -17.06 8.11
N ASP B 568 -19.79 -17.18 7.29
CA ASP B 568 -18.57 -17.83 7.75
C ASP B 568 -17.66 -16.79 8.41
N ILE B 569 -16.38 -17.15 8.59
CA ILE B 569 -15.42 -16.22 9.18
C ILE B 569 -15.04 -15.09 8.23
N ALA B 570 -15.41 -15.19 6.96
CA ALA B 570 -15.15 -14.16 5.98
C ALA B 570 -16.37 -13.27 5.73
N ASP B 571 -17.41 -13.40 6.56
CA ASP B 571 -18.63 -12.60 6.51
C ASP B 571 -19.46 -12.85 5.26
N THR B 572 -19.17 -13.92 4.51
CA THR B 572 -19.96 -14.28 3.34
C THR B 572 -21.12 -15.19 3.73
N THR B 573 -22.27 -14.96 3.10
CA THR B 573 -23.45 -15.79 3.35
C THR B 573 -23.19 -17.20 2.84
N ASP B 574 -22.97 -18.13 3.77
CA ASP B 574 -22.76 -19.53 3.44
C ASP B 574 -23.92 -20.43 3.82
N ALA B 575 -24.91 -19.92 4.54
CA ALA B 575 -26.10 -20.68 4.88
C ALA B 575 -27.31 -19.77 4.84
N VAL B 576 -28.45 -20.32 4.44
CA VAL B 576 -29.67 -19.53 4.30
C VAL B 576 -30.88 -20.39 4.61
N ARG B 577 -31.88 -19.80 5.24
CA ARG B 577 -33.15 -20.47 5.49
C ARG B 577 -34.12 -20.17 4.36
N ASP B 578 -34.71 -21.21 3.79
CA ASP B 578 -35.66 -21.02 2.72
C ASP B 578 -36.93 -20.37 3.27
N PRO B 579 -37.36 -19.24 2.70
CA PRO B 579 -38.54 -18.54 3.26
C PRO B 579 -39.83 -19.35 3.16
N GLN B 580 -39.91 -20.33 2.26
CA GLN B 580 -41.13 -21.10 2.07
C GLN B 580 -41.07 -22.45 2.79
N THR B 581 -40.08 -23.27 2.46
CA THR B 581 -39.96 -24.60 3.06
C THR B 581 -39.34 -24.57 4.46
N LEU B 582 -38.78 -23.44 4.87
CA LEU B 582 -38.19 -23.28 6.21
C LEU B 582 -37.07 -24.29 6.46
N GLU B 583 -36.35 -24.65 5.41
CA GLU B 583 -35.21 -25.54 5.52
C GLU B 583 -33.90 -24.78 5.37
N ILE B 584 -32.85 -25.30 5.99
CA ILE B 584 -31.54 -24.66 5.97
C ILE B 584 -30.74 -25.24 4.81
N LEU B 585 -30.15 -24.34 4.01
CA LEU B 585 -29.39 -24.74 2.83
C LEU B 585 -28.00 -24.10 2.90
N ASP B 586 -26.98 -24.93 2.65
CA ASP B 586 -25.62 -24.44 2.52
C ASP B 586 -25.35 -23.98 1.10
N ILE B 587 -24.61 -22.89 0.97
CA ILE B 587 -24.27 -22.30 -0.31
C ILE B 587 -22.77 -22.46 -0.53
N THR B 588 -22.39 -23.02 -1.67
CA THR B 588 -21.00 -23.29 -1.97
C THR B 588 -20.60 -22.63 -3.29
N PRO B 589 -19.45 -21.95 -3.33
CA PRO B 589 -19.04 -21.31 -4.58
C PRO B 589 -18.83 -22.32 -5.70
N CYS B 590 -19.22 -21.93 -6.91
CA CYS B 590 -19.10 -22.83 -8.06
C CYS B 590 -17.65 -22.99 -8.49
N SER B 591 -16.90 -21.89 -8.57
CA SER B 591 -15.52 -21.95 -9.03
C SER B 591 -14.63 -22.59 -7.98
N PHE B 592 -13.79 -23.52 -8.41
CA PHE B 592 -12.90 -24.24 -7.50
C PHE B 592 -11.88 -25.01 -8.31
N GLY B 593 -10.63 -24.99 -7.86
CA GLY B 593 -9.59 -25.80 -8.48
C GLY B 593 -8.60 -25.01 -9.32
N GLY B 594 -7.32 -25.17 -9.05
CA GLY B 594 -6.30 -24.50 -9.84
C GLY B 594 -6.06 -25.19 -11.17
N VAL B 595 -5.69 -24.39 -12.17
CA VAL B 595 -5.48 -24.86 -13.53
C VAL B 595 -4.14 -24.34 -14.03
N SER B 596 -3.37 -25.23 -14.68
CA SER B 596 -2.11 -24.84 -15.30
C SER B 596 -2.11 -25.31 -16.74
N VAL B 597 -1.40 -24.57 -17.60
CA VAL B 597 -1.28 -24.90 -19.01
C VAL B 597 0.20 -25.05 -19.35
N ILE B 598 0.54 -26.15 -20.02
CA ILE B 598 1.90 -26.48 -20.38
C ILE B 598 2.03 -26.40 -21.90
N THR B 599 2.99 -25.62 -22.37
CA THR B 599 3.19 -25.44 -23.80
C THR B 599 4.66 -25.58 -24.15
N PRO B 600 4.97 -26.20 -25.30
CA PRO B 600 6.35 -26.26 -25.78
C PRO B 600 6.83 -24.97 -26.44
N GLY B 601 6.00 -23.94 -26.47
CA GLY B 601 6.34 -22.71 -27.17
C GLY B 601 5.50 -22.53 -28.41
N THR B 602 4.88 -21.35 -28.55
CA THR B 602 4.05 -21.09 -29.72
C THR B 602 4.86 -21.09 -31.00
N ASN B 603 6.16 -20.80 -30.92
CA ASN B 603 7.03 -20.87 -32.09
C ASN B 603 7.30 -22.31 -32.51
N THR B 604 7.08 -23.28 -31.62
CA THR B 604 7.30 -24.68 -31.93
C THR B 604 6.00 -25.36 -32.39
N SER B 605 4.97 -25.30 -31.55
CA SER B 605 3.68 -25.90 -31.90
C SER B 605 2.59 -25.24 -31.08
N ASN B 606 1.35 -25.41 -31.53
CA ASN B 606 0.19 -24.89 -30.81
C ASN B 606 -0.43 -25.91 -29.86
N GLN B 607 0.13 -27.11 -29.78
CA GLN B 607 -0.38 -28.12 -28.86
C GLN B 607 -0.10 -27.70 -27.42
N VAL B 608 -1.08 -27.92 -26.55
CA VAL B 608 -0.97 -27.59 -25.14
C VAL B 608 -1.50 -28.74 -24.30
N ALA B 609 -1.05 -28.78 -23.05
CA ALA B 609 -1.55 -29.73 -22.06
C ALA B 609 -2.14 -28.96 -20.89
N VAL B 610 -3.15 -29.54 -20.26
CA VAL B 610 -3.86 -28.88 -19.16
C VAL B 610 -3.74 -29.74 -17.91
N LEU B 611 -3.27 -29.14 -16.82
CA LEU B 611 -3.16 -29.80 -15.54
C LEU B 611 -4.19 -29.21 -14.59
N TYR B 612 -5.07 -30.05 -14.08
CA TYR B 612 -6.09 -29.66 -13.10
C TYR B 612 -5.62 -30.14 -11.74
N GLN B 613 -5.14 -29.20 -10.92
CA GLN B 613 -4.48 -29.56 -9.66
C GLN B 613 -5.43 -30.16 -8.63
N ASP B 614 -6.74 -30.08 -8.84
CA ASP B 614 -7.70 -30.56 -7.86
C ASP B 614 -8.74 -31.49 -8.49
N VAL B 615 -8.34 -32.26 -9.50
CA VAL B 615 -9.23 -33.20 -10.17
C VAL B 615 -8.55 -34.56 -10.21
N ASN B 616 -9.25 -35.60 -9.79
CA ASN B 616 -8.77 -36.97 -9.85
C ASN B 616 -9.46 -37.68 -11.02
N CYS B 617 -8.66 -38.10 -12.00
CA CYS B 617 -9.19 -38.79 -13.18
C CYS B 617 -9.10 -40.30 -12.99
N THR B 618 -9.94 -40.80 -12.09
CA THR B 618 -9.98 -42.23 -11.80
C THR B 618 -11.39 -42.67 -11.39
N THR B 632 -19.66 -35.53 -14.05
CA THR B 632 -18.54 -35.42 -14.98
C THR B 632 -17.36 -34.72 -14.33
N TRP B 633 -16.17 -34.90 -14.91
CA TRP B 633 -14.97 -34.27 -14.39
C TRP B 633 -15.03 -32.76 -14.57
N ARG B 634 -14.44 -32.04 -13.62
CA ARG B 634 -14.38 -30.58 -13.68
C ARG B 634 -13.19 -30.16 -14.54
N VAL B 635 -13.31 -30.46 -15.83
CA VAL B 635 -12.27 -30.17 -16.81
C VAL B 635 -12.90 -29.46 -18.00
N TYR B 636 -12.10 -28.65 -18.69
CA TYR B 636 -12.58 -28.00 -19.90
C TYR B 636 -12.84 -29.02 -21.00
N SER B 637 -11.93 -29.98 -21.16
CA SER B 637 -12.09 -31.05 -22.14
C SER B 637 -11.24 -32.23 -21.70
N THR B 638 -11.61 -33.42 -22.20
CA THR B 638 -10.90 -34.67 -21.91
C THR B 638 -10.63 -35.38 -23.22
N GLY B 639 -9.49 -35.06 -23.84
CA GLY B 639 -9.16 -35.63 -25.13
C GLY B 639 -8.08 -36.69 -25.10
N SER B 640 -8.50 -37.95 -25.24
CA SER B 640 -7.59 -39.08 -25.43
C SER B 640 -6.63 -39.27 -24.26
N ASN B 641 -5.57 -38.45 -24.22
CA ASN B 641 -4.49 -38.64 -23.26
C ASN B 641 -4.91 -38.12 -21.89
N VAL B 642 -5.13 -39.04 -20.96
CA VAL B 642 -5.42 -38.70 -19.57
C VAL B 642 -4.50 -39.54 -18.69
N PHE B 643 -3.73 -38.88 -17.84
CA PHE B 643 -2.71 -39.54 -17.03
C PHE B 643 -3.08 -39.59 -15.55
N GLN B 644 -3.55 -38.48 -14.99
CA GLN B 644 -3.90 -38.37 -13.57
C GLN B 644 -2.67 -38.66 -12.70
N THR B 645 -1.70 -37.75 -12.82
CA THR B 645 -0.54 -37.77 -11.96
C THR B 645 -0.91 -37.31 -10.55
N ARG B 646 0.07 -37.28 -9.66
CA ARG B 646 -0.09 -36.50 -8.46
C ARG B 646 -0.06 -35.01 -8.83
N ALA B 647 -0.67 -34.19 -7.96
CA ALA B 647 -0.80 -32.75 -8.16
C ALA B 647 -1.77 -32.39 -9.28
N GLY B 648 -2.63 -33.32 -9.68
CA GLY B 648 -3.71 -33.01 -10.60
C GLY B 648 -3.74 -33.96 -11.78
N CYS B 649 -4.82 -33.83 -12.55
CA CYS B 649 -5.03 -34.62 -13.76
C CYS B 649 -4.42 -33.90 -14.95
N LEU B 650 -3.61 -34.61 -15.72
CA LEU B 650 -2.97 -34.06 -16.91
C LEU B 650 -3.68 -34.57 -18.15
N ILE B 651 -4.17 -33.64 -18.97
CA ILE B 651 -4.91 -33.96 -20.17
C ILE B 651 -4.19 -33.34 -21.37
N GLY B 652 -3.94 -34.15 -22.40
CA GLY B 652 -3.23 -33.70 -23.57
C GLY B 652 -1.78 -34.10 -23.63
N ALA B 653 -1.29 -34.90 -22.67
CA ALA B 653 0.09 -35.36 -22.65
C ALA B 653 0.11 -36.86 -22.53
N GLU B 654 0.99 -37.50 -23.31
CA GLU B 654 1.11 -38.95 -23.33
C GLU B 654 2.12 -39.40 -22.28
N HIS B 655 1.69 -40.32 -21.41
CA HIS B 655 2.57 -40.84 -20.38
C HIS B 655 3.51 -41.88 -20.96
N VAL B 656 4.80 -41.77 -20.63
CA VAL B 656 5.82 -42.72 -21.06
C VAL B 656 6.52 -43.27 -19.84
N ASN B 657 6.96 -44.52 -19.94
CA ASN B 657 7.63 -45.17 -18.82
C ASN B 657 9.10 -44.79 -18.71
N ASN B 658 9.67 -44.16 -19.73
CA ASN B 658 11.07 -43.76 -19.68
C ASN B 658 11.26 -42.55 -18.78
N SER B 659 12.46 -42.43 -18.22
CA SER B 659 12.82 -41.33 -17.34
C SER B 659 13.87 -40.46 -18.02
N TYR B 660 13.61 -39.16 -18.08
CA TYR B 660 14.53 -38.20 -18.69
C TYR B 660 14.78 -37.06 -17.70
N GLU B 661 15.72 -36.20 -18.07
CA GLU B 661 15.93 -34.97 -17.31
C GLU B 661 14.72 -34.05 -17.47
N CYS B 662 14.42 -33.31 -16.41
CA CYS B 662 13.23 -32.46 -16.41
C CYS B 662 13.35 -31.36 -17.45
N ASP B 663 12.32 -31.21 -18.28
CA ASP B 663 12.24 -30.16 -19.27
C ASP B 663 11.23 -29.09 -18.87
N ILE B 664 9.99 -29.49 -18.60
CA ILE B 664 8.97 -28.57 -18.08
C ILE B 664 8.49 -29.13 -16.75
N PRO B 665 8.75 -28.45 -15.62
CA PRO B 665 8.36 -29.02 -14.32
C PRO B 665 6.86 -29.03 -14.10
N ILE B 666 6.26 -30.21 -14.15
CA ILE B 666 4.84 -30.34 -13.83
C ILE B 666 4.64 -30.37 -12.32
N GLY B 667 5.47 -31.12 -11.61
CA GLY B 667 5.37 -31.20 -10.17
C GLY B 667 5.21 -32.63 -9.66
N ALA B 668 5.47 -32.83 -8.37
CA ALA B 668 5.34 -34.14 -7.73
C ALA B 668 6.16 -35.20 -8.45
N GLY B 669 7.35 -34.82 -8.90
CA GLY B 669 8.22 -35.74 -9.61
C GLY B 669 7.87 -35.96 -11.06
N ILE B 670 6.90 -35.23 -11.60
CA ILE B 670 6.45 -35.37 -12.98
C ILE B 670 6.93 -34.18 -13.78
N CYS B 671 7.47 -34.45 -14.97
CA CYS B 671 7.91 -33.42 -15.90
C CYS B 671 7.32 -33.69 -17.27
N ALA B 672 7.36 -32.67 -18.13
CA ALA B 672 6.80 -32.75 -19.46
C ALA B 672 7.82 -32.28 -20.48
N SER B 673 7.69 -32.79 -21.70
CA SER B 673 8.59 -32.44 -22.80
C SER B 673 7.85 -32.56 -24.11
N TYR B 674 8.45 -32.01 -25.16
CA TYR B 674 7.92 -32.09 -26.51
C TYR B 674 8.85 -33.00 -27.32
N GLN B 675 8.40 -34.22 -27.59
CA GLN B 675 9.24 -35.23 -28.22
C GLN B 675 8.65 -35.66 -29.57
N THR B 676 9.37 -36.56 -30.22
CA THR B 676 8.96 -37.08 -31.52
C THR B 676 8.39 -38.49 -31.39
N SER B 689 5.78 -38.41 -35.36
CA SER B 689 4.97 -37.27 -34.99
C SER B 689 5.43 -36.68 -33.67
N GLN B 690 5.33 -35.35 -33.55
CA GLN B 690 5.74 -34.63 -32.35
C GLN B 690 4.54 -34.44 -31.43
N SER B 691 4.76 -34.71 -30.13
CA SER B 691 3.69 -34.60 -29.15
C SER B 691 4.28 -34.31 -27.79
N ILE B 692 3.40 -33.86 -26.88
CA ILE B 692 3.78 -33.60 -25.51
C ILE B 692 3.73 -34.90 -24.71
N ILE B 693 4.82 -35.23 -24.03
CA ILE B 693 4.94 -36.44 -23.25
C ILE B 693 5.20 -36.06 -21.79
N ALA B 694 4.58 -36.81 -20.89
CA ALA B 694 4.77 -36.65 -19.45
C ALA B 694 5.49 -37.86 -18.90
N TYR B 695 6.43 -37.63 -17.99
CA TYR B 695 7.27 -38.71 -17.50
C TYR B 695 7.70 -38.39 -16.06
N THR B 696 8.30 -39.38 -15.43
CA THR B 696 8.91 -39.21 -14.11
C THR B 696 10.38 -38.83 -14.31
N MET B 697 10.78 -37.70 -13.72
CA MET B 697 12.14 -37.21 -13.92
C MET B 697 13.17 -38.16 -13.31
N SER B 698 14.33 -38.21 -13.94
CA SER B 698 15.42 -39.08 -13.49
C SER B 698 16.39 -38.28 -12.63
N LEU B 699 16.69 -38.82 -11.44
CA LEU B 699 17.61 -38.15 -10.53
C LEU B 699 19.05 -38.24 -10.99
N GLY B 700 19.38 -39.21 -11.83
CA GLY B 700 20.73 -39.36 -12.32
C GLY B 700 21.01 -40.81 -12.67
N ALA B 701 22.22 -41.04 -13.16
CA ALA B 701 22.64 -42.39 -13.54
C ALA B 701 22.89 -43.24 -12.30
N GLU B 702 22.52 -44.52 -12.40
CA GLU B 702 22.63 -45.46 -11.30
C GLU B 702 24.07 -45.99 -11.24
N ASN B 703 24.61 -46.09 -10.03
CA ASN B 703 26.00 -46.51 -9.84
C ASN B 703 26.11 -47.40 -8.62
N SER B 704 27.17 -48.20 -8.59
CA SER B 704 27.53 -48.99 -7.43
C SER B 704 29.03 -48.85 -7.19
N VAL B 705 29.42 -48.72 -5.93
CA VAL B 705 30.81 -48.62 -5.54
C VAL B 705 31.26 -50.00 -5.07
N ALA B 706 32.32 -50.51 -5.68
CA ALA B 706 32.84 -51.83 -5.37
C ALA B 706 33.59 -51.79 -4.03
N TYR B 707 32.81 -51.54 -2.98
CA TYR B 707 33.38 -51.43 -1.65
C TYR B 707 33.87 -52.77 -1.13
N SER B 708 34.97 -52.74 -0.40
CA SER B 708 35.50 -53.93 0.25
C SER B 708 36.33 -53.48 1.44
N ASN B 709 36.57 -54.42 2.36
CA ASN B 709 37.33 -54.11 3.57
C ASN B 709 38.83 -54.15 3.36
N ASN B 710 39.30 -54.54 2.16
CA ASN B 710 40.73 -54.52 1.88
C ASN B 710 41.04 -54.04 0.46
N SER B 711 40.12 -53.31 -0.17
CA SER B 711 40.30 -52.87 -1.55
C SER B 711 40.21 -51.34 -1.61
N ILE B 712 41.11 -50.74 -2.39
CA ILE B 712 41.16 -49.29 -2.57
C ILE B 712 41.24 -49.01 -4.06
N ALA B 713 40.81 -47.80 -4.44
CA ALA B 713 40.96 -47.30 -5.79
C ALA B 713 41.81 -46.03 -5.74
N ILE B 714 42.90 -46.01 -6.51
CA ILE B 714 43.86 -44.92 -6.50
C ILE B 714 43.98 -44.39 -7.93
N PRO B 715 43.92 -43.08 -8.15
CA PRO B 715 44.07 -42.56 -9.51
C PRO B 715 45.49 -42.70 -10.01
N THR B 716 45.61 -43.09 -11.29
CA THR B 716 46.90 -43.17 -11.96
C THR B 716 47.14 -42.01 -12.91
N ASN B 717 46.15 -41.15 -13.13
CA ASN B 717 46.27 -40.00 -14.01
C ASN B 717 45.45 -38.86 -13.40
N PHE B 718 45.32 -37.77 -14.15
CA PHE B 718 44.59 -36.61 -13.66
C PHE B 718 44.14 -35.75 -14.83
N THR B 719 43.25 -34.81 -14.53
CA THR B 719 42.71 -33.88 -15.50
C THR B 719 42.70 -32.49 -14.89
N ILE B 720 43.20 -31.51 -15.65
CA ILE B 720 43.18 -30.11 -15.24
C ILE B 720 41.91 -29.51 -15.82
N SER B 721 40.88 -29.36 -14.98
CA SER B 721 39.59 -28.87 -15.42
C SER B 721 39.46 -27.39 -15.12
N VAL B 722 38.87 -26.65 -16.05
CA VAL B 722 38.61 -25.22 -15.84
C VAL B 722 37.11 -25.01 -16.04
N THR B 723 36.43 -24.60 -14.98
CA THR B 723 34.99 -24.39 -14.99
C THR B 723 34.68 -22.90 -14.87
N THR B 724 33.43 -22.55 -15.20
CA THR B 724 32.99 -21.16 -15.25
C THR B 724 31.89 -20.95 -14.22
N GLU B 725 32.04 -19.92 -13.40
CA GLU B 725 31.02 -19.54 -12.42
C GLU B 725 30.65 -18.07 -12.65
N ILE B 726 29.36 -17.82 -12.84
CA ILE B 726 28.86 -16.47 -13.11
C ILE B 726 28.14 -15.97 -11.87
N LEU B 727 28.56 -14.81 -11.35
CA LEU B 727 27.96 -14.23 -10.16
C LEU B 727 27.58 -12.78 -10.45
N PRO B 728 26.31 -12.43 -10.37
CA PRO B 728 25.94 -11.01 -10.47
C PRO B 728 26.53 -10.22 -9.33
N VAL B 729 26.96 -8.98 -9.63
CA VAL B 729 27.60 -8.11 -8.67
C VAL B 729 26.76 -6.88 -8.37
N SER B 730 26.31 -6.19 -9.41
CA SER B 730 25.54 -4.96 -9.26
C SER B 730 24.30 -5.03 -10.13
N MET B 731 23.34 -4.17 -9.81
CA MET B 731 22.10 -4.06 -10.57
C MET B 731 21.92 -2.61 -11.00
N THR B 732 20.90 -2.39 -11.84
CA THR B 732 20.66 -1.06 -12.39
C THR B 732 20.24 -0.09 -11.30
N LYS B 733 20.91 1.06 -11.25
CA LYS B 733 20.56 2.12 -10.32
C LYS B 733 19.53 3.04 -10.96
N THR B 734 18.44 3.29 -10.24
CA THR B 734 17.33 4.06 -10.78
C THR B 734 16.98 5.21 -9.86
N SER B 735 16.47 6.28 -10.46
CA SER B 735 15.96 7.43 -9.73
C SER B 735 14.59 7.77 -10.28
N VAL B 736 13.70 8.23 -9.40
CA VAL B 736 12.31 8.50 -9.73
C VAL B 736 11.99 9.94 -9.36
N ASP B 737 11.48 10.70 -10.34
CA ASP B 737 10.89 12.01 -10.08
C ASP B 737 9.41 11.78 -9.79
N CYS B 738 9.06 11.72 -8.50
CA CYS B 738 7.71 11.33 -8.12
C CYS B 738 6.67 12.32 -8.63
N THR B 739 6.98 13.62 -8.60
CA THR B 739 6.07 14.61 -9.14
C THR B 739 5.85 14.41 -10.63
N MET B 740 6.94 14.15 -11.37
CA MET B 740 6.83 13.92 -12.81
C MET B 740 6.01 12.67 -13.11
N TYR B 741 6.23 11.60 -12.36
CA TYR B 741 5.51 10.36 -12.62
C TYR B 741 4.03 10.50 -12.28
N ILE B 742 3.73 11.02 -11.10
CA ILE B 742 2.34 11.07 -10.63
C ILE B 742 1.55 12.11 -11.41
N CYS B 743 2.13 13.29 -11.63
CA CYS B 743 1.38 14.43 -12.14
C CYS B 743 1.83 14.94 -13.50
N GLY B 744 3.05 14.63 -13.93
CA GLY B 744 3.54 15.18 -15.18
C GLY B 744 3.73 16.67 -15.11
N ASP B 745 3.08 17.40 -16.02
CA ASP B 745 3.18 18.85 -16.09
C ASP B 745 1.98 19.56 -15.46
N SER B 746 1.14 18.84 -14.72
CA SER B 746 -0.06 19.43 -14.14
C SER B 746 0.32 20.19 -12.88
N THR B 747 -0.02 21.48 -12.85
CA THR B 747 0.27 22.30 -11.67
C THR B 747 -0.68 21.99 -10.53
N GLU B 748 -1.97 21.79 -10.84
CA GLU B 748 -2.95 21.47 -9.80
C GLU B 748 -2.62 20.14 -9.14
N CYS B 749 -2.22 19.14 -9.93
CA CYS B 749 -1.88 17.85 -9.37
C CYS B 749 -0.67 17.95 -8.47
N SER B 750 0.33 18.75 -8.85
CA SER B 750 1.50 18.94 -8.00
C SER B 750 1.12 19.65 -6.70
N ASN B 751 0.22 20.64 -6.79
CA ASN B 751 -0.23 21.32 -5.58
C ASN B 751 -0.94 20.35 -4.64
N LEU B 752 -1.76 19.46 -5.20
CA LEU B 752 -2.44 18.47 -4.37
C LEU B 752 -1.46 17.44 -3.81
N LEU B 753 -0.46 17.05 -4.60
CA LEU B 753 0.56 16.11 -4.14
C LEU B 753 1.46 16.70 -3.07
N LEU B 754 1.53 18.04 -2.99
CA LEU B 754 2.29 18.67 -1.92
C LEU B 754 1.77 18.29 -0.53
N GLN B 755 0.53 17.82 -0.44
CA GLN B 755 -0.05 17.38 0.83
C GLN B 755 0.46 16.01 1.26
N TYR B 756 1.37 15.39 0.50
CA TYR B 756 1.97 14.12 0.90
C TYR B 756 3.44 14.30 1.26
N GLY B 757 4.26 14.77 0.33
CA GLY B 757 5.59 15.26 0.66
C GLY B 757 6.61 14.21 1.04
N SER B 758 6.43 13.60 2.22
CA SER B 758 7.46 12.76 2.79
C SER B 758 7.57 11.40 2.13
N PHE B 759 6.51 10.93 1.49
CA PHE B 759 6.56 9.61 0.85
C PHE B 759 7.50 9.60 -0.35
N CYS B 760 7.46 10.66 -1.15
CA CYS B 760 8.39 10.77 -2.27
C CYS B 760 9.83 10.82 -1.78
N THR B 761 10.07 11.57 -0.69
CA THR B 761 11.41 11.63 -0.11
C THR B 761 11.86 10.27 0.39
N GLN B 762 10.95 9.51 1.01
CA GLN B 762 11.29 8.17 1.49
C GLN B 762 11.64 7.25 0.32
N LEU B 763 10.85 7.28 -0.75
CA LEU B 763 11.13 6.45 -1.91
C LEU B 763 12.47 6.82 -2.53
N ASN B 764 12.75 8.13 -2.65
CA ASN B 764 14.01 8.57 -3.22
C ASN B 764 15.18 8.19 -2.33
N ARG B 765 14.99 8.23 -1.01
CA ARG B 765 16.04 7.81 -0.08
C ARG B 765 16.35 6.34 -0.23
N ALA B 766 15.31 5.50 -0.35
CA ALA B 766 15.54 4.07 -0.56
C ALA B 766 16.26 3.83 -1.89
N LEU B 767 15.84 4.53 -2.95
CA LEU B 767 16.48 4.35 -4.25
C LEU B 767 17.94 4.80 -4.22
N THR B 768 18.22 5.91 -3.52
CA THR B 768 19.59 6.38 -3.39
C THR B 768 20.43 5.38 -2.60
N GLY B 769 19.87 4.80 -1.55
CA GLY B 769 20.58 3.76 -0.82
C GLY B 769 20.91 2.57 -1.70
N ILE B 770 19.95 2.14 -2.52
CA ILE B 770 20.20 1.04 -3.44
C ILE B 770 21.30 1.41 -4.44
N ALA B 771 21.24 2.62 -4.98
CA ALA B 771 22.24 3.05 -5.96
C ALA B 771 23.64 3.09 -5.35
N VAL B 772 23.75 3.59 -4.11
CA VAL B 772 25.05 3.61 -3.44
C VAL B 772 25.52 2.19 -3.15
N GLU B 773 24.59 1.31 -2.75
CA GLU B 773 24.96 -0.07 -2.47
C GLU B 773 25.47 -0.79 -3.70
N GLN B 774 24.95 -0.43 -4.89
CA GLN B 774 25.45 -1.06 -6.12
C GLN B 774 26.93 -0.74 -6.34
N ASP B 775 27.31 0.54 -6.20
CA ASP B 775 28.70 0.92 -6.35
C ASP B 775 29.56 0.32 -5.24
N LYS B 776 29.00 0.24 -4.03
CA LYS B 776 29.73 -0.38 -2.92
C LYS B 776 30.02 -1.85 -3.21
N ASN B 777 29.03 -2.57 -3.76
CA ASN B 777 29.22 -3.96 -4.12
C ASN B 777 30.28 -4.10 -5.22
N THR B 778 30.22 -3.23 -6.23
CA THR B 778 31.21 -3.28 -7.30
C THR B 778 32.62 -3.05 -6.75
N GLN B 779 32.77 -2.06 -5.87
CA GLN B 779 34.07 -1.76 -5.28
C GLN B 779 34.57 -2.93 -4.43
N GLU B 780 33.68 -3.54 -3.65
CA GLU B 780 34.08 -4.67 -2.82
C GLU B 780 34.52 -5.85 -3.68
N VAL B 781 33.80 -6.11 -4.78
CA VAL B 781 34.11 -7.28 -5.60
C VAL B 781 35.41 -7.06 -6.38
N PHE B 782 35.56 -5.90 -7.00
CA PHE B 782 36.64 -5.71 -7.97
C PHE B 782 37.81 -4.89 -7.46
N ALA B 783 37.60 -4.01 -6.47
CA ALA B 783 38.66 -3.14 -5.98
C ALA B 783 39.27 -3.67 -4.69
N GLN B 784 39.40 -4.99 -4.55
CA GLN B 784 40.01 -5.55 -3.36
C GLN B 784 41.45 -5.11 -3.21
N VAL B 785 42.23 -5.11 -4.29
CA VAL B 785 43.60 -4.66 -4.28
C VAL B 785 43.69 -3.27 -4.89
N LYS B 786 44.48 -2.41 -4.26
CA LYS B 786 44.70 -1.04 -4.72
C LYS B 786 46.02 -0.87 -5.46
N GLN B 787 46.70 -1.97 -5.79
CA GLN B 787 48.07 -1.94 -6.29
C GLN B 787 48.04 -2.49 -7.70
N ILE B 788 48.06 -1.59 -8.70
CA ILE B 788 47.76 -1.98 -10.08
C ILE B 788 49.00 -2.61 -10.71
N TYR B 789 48.90 -3.89 -11.06
CA TYR B 789 50.00 -4.64 -11.68
C TYR B 789 49.74 -4.76 -13.18
N LYS B 790 50.78 -4.51 -13.98
CA LYS B 790 50.66 -4.59 -15.42
C LYS B 790 51.02 -5.99 -15.93
N THR B 791 50.64 -6.25 -17.17
CA THR B 791 50.95 -7.53 -17.81
C THR B 791 52.45 -7.65 -18.04
N PRO B 792 53.08 -8.75 -17.64
CA PRO B 792 54.53 -8.90 -17.86
C PRO B 792 54.85 -8.99 -19.34
N PRO B 793 55.97 -8.37 -19.77
CA PRO B 793 56.32 -8.40 -21.20
C PRO B 793 56.70 -9.79 -21.70
N ILE B 794 57.57 -10.47 -20.96
CA ILE B 794 58.18 -11.71 -21.47
C ILE B 794 57.12 -12.80 -21.66
N LYS B 795 56.22 -12.95 -20.68
CA LYS B 795 55.15 -13.95 -20.73
C LYS B 795 55.71 -15.36 -20.90
N ASP B 796 56.73 -15.68 -20.11
CA ASP B 796 57.36 -17.01 -20.10
C ASP B 796 56.86 -17.72 -18.85
N PHE B 797 55.71 -18.37 -18.96
CA PHE B 797 55.04 -19.00 -17.82
C PHE B 797 55.12 -20.52 -17.86
N GLY B 798 56.23 -21.06 -18.36
CA GLY B 798 56.42 -22.50 -18.37
C GLY B 798 55.41 -23.26 -19.20
N GLY B 799 55.07 -22.75 -20.37
CA GLY B 799 54.13 -23.40 -21.25
C GLY B 799 52.67 -23.07 -21.02
N PHE B 800 52.36 -22.33 -19.96
CA PHE B 800 50.98 -21.93 -19.70
C PHE B 800 50.65 -20.67 -20.49
N ASN B 801 49.48 -20.68 -21.13
CA ASN B 801 49.06 -19.63 -22.04
C ASN B 801 47.89 -18.87 -21.42
N PHE B 802 48.07 -17.56 -21.22
CA PHE B 802 47.05 -16.71 -20.62
C PHE B 802 46.58 -15.59 -21.54
N SER B 803 46.97 -15.62 -22.82
CA SER B 803 46.58 -14.55 -23.74
C SER B 803 45.08 -14.48 -23.93
N GLN B 804 44.35 -15.58 -23.72
CA GLN B 804 42.90 -15.56 -23.87
C GLN B 804 42.23 -14.82 -22.72
N ILE B 805 42.84 -14.82 -21.54
CA ILE B 805 42.33 -14.10 -20.39
C ILE B 805 43.11 -12.83 -20.09
N LEU B 806 44.11 -12.49 -20.91
CA LEU B 806 44.89 -11.27 -20.80
C LEU B 806 44.43 -10.24 -21.83
N PRO B 807 44.54 -8.95 -21.52
CA PRO B 807 44.01 -7.93 -22.43
C PRO B 807 44.78 -7.85 -23.73
N ASP B 808 44.09 -7.38 -24.78
CA ASP B 808 44.73 -7.06 -26.05
C ASP B 808 44.70 -5.55 -26.22
N PRO B 809 45.84 -4.89 -26.38
CA PRO B 809 45.83 -3.43 -26.51
C PRO B 809 45.15 -2.94 -27.78
N SER B 810 44.91 -3.82 -28.76
CA SER B 810 44.24 -3.38 -29.99
C SER B 810 42.82 -2.90 -29.71
N LYS B 811 42.11 -3.59 -28.83
CA LYS B 811 40.77 -3.17 -28.47
C LYS B 811 40.81 -1.83 -27.75
N PRO B 812 39.88 -0.91 -28.04
CA PRO B 812 39.86 0.36 -27.31
C PRO B 812 39.72 0.19 -25.80
N SER B 813 38.97 -0.81 -25.35
CA SER B 813 38.90 -1.16 -23.94
C SER B 813 39.88 -2.28 -23.66
N LYS B 814 40.74 -2.08 -22.67
CA LYS B 814 41.80 -3.05 -22.34
C LYS B 814 41.21 -4.23 -21.57
N ARG B 815 40.37 -4.99 -22.26
CA ARG B 815 39.73 -6.18 -21.71
C ARG B 815 40.13 -7.40 -22.52
N SER B 816 40.02 -8.57 -21.88
CA SER B 816 40.47 -9.81 -22.49
C SER B 816 39.50 -10.26 -23.59
N PHE B 817 39.95 -11.22 -24.39
CA PHE B 817 39.11 -11.79 -25.44
C PHE B 817 37.91 -12.51 -24.84
N ILE B 818 38.11 -13.27 -23.77
CA ILE B 818 37.00 -13.89 -23.07
C ILE B 818 36.09 -12.83 -22.46
N GLU B 819 36.68 -11.76 -21.94
CA GLU B 819 35.89 -10.64 -21.43
C GLU B 819 35.06 -10.00 -22.54
N ASP B 820 35.65 -9.88 -23.75
CA ASP B 820 34.89 -9.37 -24.89
C ASP B 820 33.73 -10.29 -25.23
N LEU B 821 33.96 -11.61 -25.20
CA LEU B 821 32.87 -12.55 -25.46
C LEU B 821 31.77 -12.41 -24.43
N LEU B 822 32.14 -12.29 -23.16
CA LEU B 822 31.14 -12.12 -22.10
C LEU B 822 30.36 -10.82 -22.28
N PHE B 823 31.05 -9.75 -22.67
CA PHE B 823 30.37 -8.48 -22.89
C PHE B 823 29.41 -8.56 -24.07
N ASN B 824 29.76 -9.32 -25.09
CA ASN B 824 28.91 -9.44 -26.28
C ASN B 824 27.67 -10.30 -26.03
N LYS B 825 27.67 -11.12 -24.98
CA LYS B 825 26.56 -12.04 -24.74
C LYS B 825 25.49 -11.46 -23.82
N VAL B 826 25.69 -10.26 -23.29
CA VAL B 826 24.70 -9.60 -22.45
C VAL B 826 24.31 -8.29 -23.12
N THR B 827 23.02 -8.11 -23.37
CA THR B 827 22.51 -6.91 -24.03
C THR B 827 21.84 -6.02 -22.99
N LEU B 828 22.37 -4.81 -22.82
CA LEU B 828 21.80 -3.86 -21.89
C LEU B 828 20.60 -3.15 -22.51
N ALA B 829 19.77 -2.55 -21.66
CA ALA B 829 18.61 -1.82 -22.14
C ALA B 829 19.02 -0.60 -22.97
N ASP B 830 20.03 0.13 -22.52
CA ASP B 830 20.54 1.29 -23.23
C ASP B 830 22.04 1.13 -23.45
N ALA B 831 22.49 1.47 -24.66
CA ALA B 831 23.92 1.38 -24.97
C ALA B 831 24.71 2.36 -24.14
N GLY B 832 24.22 3.59 -23.99
CA GLY B 832 24.89 4.59 -23.19
C GLY B 832 24.05 5.05 -22.02
N PHE B 833 24.21 6.31 -21.62
CA PHE B 833 23.41 6.87 -20.53
C PHE B 833 22.95 8.28 -20.81
N ILE B 834 23.19 8.82 -22.00
CA ILE B 834 22.76 10.17 -22.37
C ILE B 834 21.76 10.06 -23.50
N LYS B 835 20.49 10.26 -23.20
CA LYS B 835 19.43 10.32 -24.20
C LYS B 835 18.91 11.74 -24.23
N GLN B 836 19.24 12.47 -25.30
CA GLN B 836 18.91 13.89 -25.37
C GLN B 836 17.43 14.09 -25.68
N TYR B 837 16.96 15.32 -25.42
CA TYR B 837 15.57 15.65 -25.69
C TYR B 837 15.24 15.55 -27.18
N GLY B 838 16.18 15.97 -28.03
CA GLY B 838 15.94 15.89 -29.46
C GLY B 838 15.79 14.47 -29.96
N ASP B 839 16.47 13.52 -29.34
CA ASP B 839 16.37 12.12 -29.73
C ASP B 839 15.02 11.51 -29.37
N CYS B 840 14.35 12.01 -28.33
CA CYS B 840 13.05 11.54 -27.93
C CYS B 840 11.91 12.41 -28.47
N LEU B 841 12.23 13.44 -29.24
CA LEU B 841 11.21 14.34 -29.76
C LEU B 841 10.43 13.68 -30.88
N GLY B 842 9.10 13.77 -30.80
CA GLY B 842 8.24 13.21 -31.83
C GLY B 842 7.58 11.91 -31.43
N ASP B 843 7.39 11.01 -32.40
CA ASP B 843 6.78 9.71 -32.11
C ASP B 843 7.73 8.80 -31.34
N ILE B 844 9.03 9.08 -31.37
CA ILE B 844 10.01 8.26 -30.66
C ILE B 844 9.76 8.27 -29.16
N ALA B 845 9.02 9.25 -28.65
CA ALA B 845 8.65 9.25 -27.23
C ALA B 845 7.78 8.06 -26.85
N ALA B 846 7.14 7.42 -27.82
CA ALA B 846 6.29 6.26 -27.58
C ALA B 846 6.93 4.95 -28.03
N ARG B 847 7.55 4.93 -29.21
CA ARG B 847 8.18 3.70 -29.69
C ARG B 847 9.36 3.30 -28.81
N ASP B 848 10.16 4.26 -28.37
CA ASP B 848 11.32 3.97 -27.53
C ASP B 848 10.88 3.82 -26.08
N LEU B 849 11.21 2.68 -25.47
CA LEU B 849 10.85 2.45 -24.08
C LEU B 849 11.61 3.39 -23.14
N ILE B 850 12.88 3.67 -23.46
CA ILE B 850 13.67 4.56 -22.61
C ILE B 850 13.10 5.97 -22.63
N CYS B 851 12.64 6.43 -23.81
CA CYS B 851 12.03 7.76 -23.88
C CYS B 851 10.77 7.83 -23.04
N ALA B 852 9.94 6.78 -23.09
CA ALA B 852 8.71 6.76 -22.28
C ALA B 852 9.05 6.73 -20.79
N GLN B 853 10.08 5.97 -20.41
CA GLN B 853 10.48 5.93 -19.00
C GLN B 853 10.98 7.29 -18.54
N LYS B 854 11.79 7.96 -19.35
CA LYS B 854 12.36 9.25 -18.95
C LYS B 854 11.32 10.35 -18.94
N PHE B 855 10.35 10.31 -19.85
CA PHE B 855 9.29 11.30 -19.87
C PHE B 855 8.33 11.15 -18.69
N ASN B 856 8.43 10.06 -17.93
CA ASN B 856 7.61 9.85 -16.75
C ASN B 856 8.43 9.93 -15.46
N GLY B 857 9.60 10.57 -15.51
CA GLY B 857 10.39 10.80 -14.33
C GLY B 857 11.26 9.65 -13.86
N LEU B 858 11.41 8.61 -14.68
CA LEU B 858 12.23 7.44 -14.32
C LEU B 858 13.54 7.53 -15.09
N THR B 859 14.63 7.74 -14.36
CA THR B 859 15.96 7.85 -14.95
C THR B 859 16.86 6.74 -14.43
N VAL B 860 17.86 6.38 -15.24
CA VAL B 860 18.80 5.33 -14.89
C VAL B 860 20.17 5.95 -14.71
N LEU B 861 20.75 5.79 -13.52
CA LEU B 861 22.05 6.33 -13.15
C LEU B 861 23.16 5.34 -13.51
N PRO B 862 24.24 5.83 -14.11
CA PRO B 862 25.33 4.94 -14.51
C PRO B 862 26.14 4.49 -13.31
N PRO B 863 26.83 3.35 -13.43
CA PRO B 863 27.74 2.94 -12.36
C PRO B 863 28.90 3.92 -12.22
N LEU B 864 29.41 4.03 -10.98
CA LEU B 864 30.56 4.89 -10.74
C LEU B 864 31.79 4.39 -11.48
N LEU B 865 32.00 3.09 -11.51
CA LEU B 865 33.13 2.49 -12.20
C LEU B 865 32.69 2.03 -13.59
N THR B 866 33.39 2.52 -14.61
CA THR B 866 33.10 2.10 -15.98
C THR B 866 33.62 0.67 -16.21
N ASP B 867 33.20 0.09 -17.35
CA ASP B 867 33.66 -1.24 -17.70
C ASP B 867 35.17 -1.28 -17.91
N GLU B 868 35.75 -0.17 -18.38
CA GLU B 868 37.20 -0.12 -18.56
C GLU B 868 37.93 -0.23 -17.23
N MET B 869 37.44 0.47 -16.19
CA MET B 869 38.10 0.40 -14.90
C MET B 869 37.93 -0.97 -14.25
N ILE B 870 36.76 -1.59 -14.42
CA ILE B 870 36.56 -2.95 -13.92
C ILE B 870 37.49 -3.91 -14.64
N ALA B 871 37.65 -3.72 -15.95
CA ALA B 871 38.60 -4.54 -16.70
C ALA B 871 40.02 -4.32 -16.22
N GLN B 872 40.37 -3.09 -15.86
CA GLN B 872 41.70 -2.83 -15.32
C GLN B 872 41.91 -3.49 -13.97
N TYR B 873 40.88 -3.48 -13.11
CA TYR B 873 40.98 -4.15 -11.82
C TYR B 873 41.16 -5.66 -12.00
N THR B 874 40.40 -6.25 -12.93
CA THR B 874 40.56 -7.65 -13.25
C THR B 874 41.94 -7.94 -13.83
N SER B 875 42.46 -7.01 -14.65
CA SER B 875 43.79 -7.16 -15.21
C SER B 875 44.85 -7.19 -14.12
N ALA B 876 44.76 -6.25 -13.17
CA ALA B 876 45.73 -6.22 -12.07
C ALA B 876 45.64 -7.48 -11.23
N LEU B 877 44.42 -7.94 -10.93
CA LEU B 877 44.26 -9.17 -10.15
C LEU B 877 44.86 -10.36 -10.88
N LEU B 878 44.61 -10.47 -12.18
CA LEU B 878 45.14 -11.59 -12.95
C LEU B 878 46.66 -11.55 -13.02
N ALA B 879 47.22 -10.36 -13.25
CA ALA B 879 48.67 -10.21 -13.31
C ALA B 879 49.31 -10.56 -11.97
N GLY B 880 48.69 -10.13 -10.87
CA GLY B 880 49.22 -10.47 -9.56
C GLY B 880 49.14 -11.95 -9.25
N THR B 881 48.03 -12.59 -9.63
CA THR B 881 47.87 -14.01 -9.34
C THR B 881 48.72 -14.88 -10.25
N ILE B 882 49.16 -14.37 -11.40
CA ILE B 882 50.05 -15.15 -12.25
C ILE B 882 51.52 -14.90 -11.93
N THR B 883 51.89 -13.65 -11.67
CA THR B 883 53.29 -13.34 -11.40
C THR B 883 53.66 -13.63 -9.95
N SER B 884 52.76 -13.34 -9.01
CA SER B 884 53.05 -13.51 -7.60
C SER B 884 52.28 -14.66 -6.94
N GLY B 885 51.18 -15.10 -7.53
CA GLY B 885 50.41 -16.19 -6.96
C GLY B 885 49.49 -15.75 -5.84
N TRP B 886 49.81 -16.14 -4.61
CA TRP B 886 48.99 -15.81 -3.46
C TRP B 886 49.58 -14.67 -2.63
N THR B 887 50.83 -14.28 -2.89
CA THR B 887 51.51 -13.33 -2.01
C THR B 887 50.91 -11.94 -2.14
N PHE B 888 50.50 -11.55 -3.36
CA PHE B 888 49.93 -10.21 -3.54
C PHE B 888 48.60 -10.04 -2.83
N GLY B 889 47.90 -11.15 -2.53
CA GLY B 889 46.69 -11.06 -1.73
C GLY B 889 46.96 -10.74 -0.27
N ALA B 890 48.16 -11.04 0.21
CA ALA B 890 48.58 -10.69 1.57
C ALA B 890 49.48 -9.47 1.60
N GLY B 891 49.60 -8.75 0.48
CA GLY B 891 50.45 -7.57 0.44
C GLY B 891 51.88 -7.92 0.11
N ALA B 892 52.58 -6.93 -0.48
CA ALA B 892 53.99 -7.06 -0.85
C ALA B 892 54.20 -8.25 -1.80
N ALA B 893 53.65 -8.09 -3.00
CA ALA B 893 53.71 -9.13 -4.02
C ALA B 893 55.14 -9.63 -4.22
N LEU B 894 55.31 -10.95 -4.12
CA LEU B 894 56.60 -11.59 -4.30
C LEU B 894 56.58 -12.40 -5.58
N GLN B 895 57.52 -12.13 -6.48
CA GLN B 895 57.58 -12.85 -7.74
C GLN B 895 58.01 -14.30 -7.51
N ILE B 896 57.51 -15.18 -8.37
CA ILE B 896 57.81 -16.60 -8.30
C ILE B 896 57.52 -17.23 -9.66
N PRO B 897 58.38 -18.11 -10.18
CA PRO B 897 58.09 -18.75 -11.46
C PRO B 897 56.78 -19.53 -11.40
N PHE B 898 56.03 -19.49 -12.51
CA PHE B 898 54.71 -20.10 -12.51
C PHE B 898 54.77 -21.61 -12.34
N ALA B 899 55.87 -22.24 -12.75
CA ALA B 899 56.04 -23.67 -12.54
C ALA B 899 56.09 -23.99 -11.05
N MET B 900 56.82 -23.20 -10.27
CA MET B 900 56.90 -23.44 -8.84
C MET B 900 55.61 -23.06 -8.13
N GLN B 901 54.90 -22.06 -8.64
CA GLN B 901 53.57 -21.77 -8.11
C GLN B 901 52.62 -22.94 -8.32
N MET B 902 52.66 -23.55 -9.52
CA MET B 902 51.88 -24.74 -9.78
C MET B 902 52.31 -25.89 -8.88
N ALA B 903 53.61 -26.02 -8.63
CA ALA B 903 54.10 -27.08 -7.75
C ALA B 903 53.57 -26.91 -6.33
N TYR B 904 53.59 -25.68 -5.81
CA TYR B 904 53.07 -25.46 -4.46
C TYR B 904 51.56 -25.64 -4.41
N ARG B 905 50.85 -25.24 -5.47
CA ARG B 905 49.41 -25.48 -5.50
C ARG B 905 49.08 -26.96 -5.57
N PHE B 906 49.91 -27.75 -6.26
CA PHE B 906 49.77 -29.20 -6.23
C PHE B 906 50.03 -29.73 -4.83
N ASN B 907 51.05 -29.19 -4.16
CA ASN B 907 51.32 -29.60 -2.77
C ASN B 907 50.15 -29.26 -1.86
N GLY B 908 49.40 -28.20 -2.18
CA GLY B 908 48.27 -27.82 -1.36
C GLY B 908 47.07 -28.74 -1.48
N ILE B 909 47.02 -29.57 -2.52
CA ILE B 909 45.92 -30.50 -2.71
C ILE B 909 46.36 -31.95 -2.47
N GLY B 910 47.48 -32.13 -1.76
CA GLY B 910 47.92 -33.46 -1.38
C GLY B 910 48.74 -34.20 -2.42
N VAL B 911 49.15 -33.53 -3.49
CA VAL B 911 49.95 -34.15 -4.55
C VAL B 911 51.36 -33.58 -4.49
N THR B 912 52.36 -34.45 -4.51
CA THR B 912 53.74 -34.01 -4.43
C THR B 912 54.12 -33.22 -5.67
N GLN B 913 55.04 -32.28 -5.49
CA GLN B 913 55.41 -31.36 -6.57
C GLN B 913 56.16 -32.05 -7.70
N ASN B 914 56.75 -33.23 -7.46
CA ASN B 914 57.42 -33.94 -8.53
C ASN B 914 56.43 -34.40 -9.61
N VAL B 915 55.18 -34.63 -9.21
CA VAL B 915 54.14 -34.93 -10.20
C VAL B 915 53.92 -33.73 -11.12
N LEU B 916 53.86 -32.53 -10.54
CA LEU B 916 53.72 -31.32 -11.33
C LEU B 916 54.92 -31.12 -12.25
N TYR B 917 56.14 -31.35 -11.74
CA TYR B 917 57.33 -31.07 -12.52
C TYR B 917 57.56 -32.12 -13.60
N GLU B 918 57.13 -33.36 -13.38
CA GLU B 918 57.31 -34.42 -14.36
C GLU B 918 56.20 -34.49 -15.39
N ASN B 919 55.14 -33.69 -15.23
CA ASN B 919 54.05 -33.62 -16.19
C ASN B 919 53.73 -32.17 -16.55
N GLN B 920 54.75 -31.31 -16.53
CA GLN B 920 54.52 -29.88 -16.76
C GLN B 920 53.95 -29.62 -18.14
N LYS B 921 54.52 -30.27 -19.17
CA LYS B 921 54.01 -30.09 -20.53
C LYS B 921 52.57 -30.57 -20.64
N LEU B 922 52.28 -31.74 -20.08
CA LEU B 922 50.92 -32.29 -20.15
C LEU B 922 49.92 -31.39 -19.43
N ILE B 923 50.29 -30.91 -18.23
CA ILE B 923 49.39 -30.06 -17.47
C ILE B 923 49.15 -28.74 -18.19
N ALA B 924 50.21 -28.13 -18.75
CA ALA B 924 50.05 -26.90 -19.50
C ALA B 924 49.16 -27.11 -20.72
N ASN B 925 49.34 -28.23 -21.42
CA ASN B 925 48.51 -28.53 -22.59
C ASN B 925 47.05 -28.70 -22.20
N GLN B 926 46.79 -29.40 -21.09
CA GLN B 926 45.41 -29.57 -20.64
C GLN B 926 44.78 -28.25 -20.22
N PHE B 927 45.55 -27.40 -19.54
CA PHE B 927 45.03 -26.09 -19.15
C PHE B 927 44.70 -25.25 -20.38
N ASN B 928 45.59 -25.25 -21.38
CA ASN B 928 45.32 -24.51 -22.61
C ASN B 928 44.10 -25.07 -23.33
N SER B 929 43.95 -26.40 -23.37
CA SER B 929 42.80 -27.01 -24.01
C SER B 929 41.51 -26.65 -23.30
N ALA B 930 41.53 -26.62 -21.97
CA ALA B 930 40.33 -26.23 -21.22
C ALA B 930 39.98 -24.77 -21.45
N ILE B 931 40.99 -23.90 -21.50
CA ILE B 931 40.73 -22.49 -21.80
C ILE B 931 40.13 -22.34 -23.19
N GLY B 932 40.68 -23.06 -24.16
CA GLY B 932 40.11 -23.02 -25.51
C GLY B 932 38.70 -23.56 -25.57
N LYS B 933 38.41 -24.60 -24.79
CA LYS B 933 37.06 -25.14 -24.73
C LYS B 933 36.08 -24.13 -24.16
N ILE B 934 36.49 -23.42 -23.11
CA ILE B 934 35.64 -22.36 -22.56
C ILE B 934 35.42 -21.27 -23.58
N GLN B 935 36.48 -20.89 -24.31
CA GLN B 935 36.35 -19.88 -25.35
C GLN B 935 35.37 -20.32 -26.44
N ASP B 936 35.46 -21.59 -26.86
CA ASP B 936 34.55 -22.12 -27.87
C ASP B 936 33.11 -22.14 -27.37
N SER B 937 32.92 -22.53 -26.10
CA SER B 937 31.57 -22.55 -25.54
C SER B 937 30.98 -21.14 -25.46
N LEU B 938 31.80 -20.15 -25.09
CA LEU B 938 31.32 -18.78 -25.01
C LEU B 938 31.04 -18.20 -26.40
N SER B 939 31.84 -18.58 -27.39
CA SER B 939 31.67 -18.05 -28.73
C SER B 939 30.47 -18.64 -29.45
N SER B 940 29.96 -19.78 -28.99
CA SER B 940 28.82 -20.43 -29.64
C SER B 940 27.52 -19.80 -29.15
N THR B 941 26.39 -20.35 -29.58
CA THR B 941 25.09 -19.83 -29.17
C THR B 941 24.80 -20.10 -27.70
N ALA B 942 25.49 -21.06 -27.09
CA ALA B 942 25.31 -21.34 -25.67
C ALA B 942 25.78 -20.14 -24.85
N SER B 943 24.86 -19.55 -24.08
CA SER B 943 25.16 -18.34 -23.33
C SER B 943 25.71 -18.64 -21.94
N ALA B 944 24.94 -19.37 -21.13
CA ALA B 944 25.30 -19.73 -19.75
C ALA B 944 25.45 -18.49 -18.88
N LEU B 945 25.14 -17.32 -19.42
CA LEU B 945 25.21 -16.05 -18.72
C LEU B 945 23.81 -15.54 -18.38
N GLY B 946 22.92 -16.45 -18.01
CA GLY B 946 21.52 -16.10 -17.82
C GLY B 946 21.24 -15.26 -16.60
N LYS B 947 22.14 -15.25 -15.62
CA LYS B 947 21.88 -14.50 -14.39
C LYS B 947 21.94 -13.00 -14.63
N LEU B 948 22.99 -12.53 -15.31
CA LEU B 948 23.10 -11.11 -15.60
C LEU B 948 21.98 -10.64 -16.51
N GLN B 949 21.66 -11.44 -17.54
CA GLN B 949 20.56 -11.10 -18.43
C GLN B 949 19.24 -11.06 -17.68
N ASP B 950 19.04 -11.99 -16.74
CA ASP B 950 17.83 -11.98 -15.92
C ASP B 950 17.76 -10.72 -15.06
N VAL B 951 18.88 -10.30 -14.48
CA VAL B 951 18.90 -9.09 -13.68
C VAL B 951 18.52 -7.88 -14.53
N VAL B 952 19.14 -7.77 -15.71
CA VAL B 952 18.86 -6.64 -16.60
C VAL B 952 17.41 -6.66 -17.05
N ASN B 953 16.89 -7.83 -17.42
CA ASN B 953 15.51 -7.95 -17.84
C ASN B 953 14.55 -7.64 -16.71
N GLN B 954 14.89 -8.04 -15.48
CA GLN B 954 14.04 -7.72 -14.34
C GLN B 954 13.97 -6.21 -14.11
N ASN B 955 15.11 -5.53 -14.18
CA ASN B 955 15.10 -4.08 -14.01
C ASN B 955 14.29 -3.40 -15.13
N ALA B 956 14.51 -3.83 -16.38
CA ALA B 956 13.79 -3.23 -17.49
C ALA B 956 12.30 -3.50 -17.40
N GLN B 957 11.91 -4.72 -17.00
CA GLN B 957 10.51 -5.06 -16.86
C GLN B 957 9.87 -4.28 -15.72
N ALA B 958 10.59 -4.07 -14.62
CA ALA B 958 10.06 -3.26 -13.53
C ALA B 958 9.80 -1.82 -13.99
N LEU B 959 10.76 -1.24 -14.73
CA LEU B 959 10.56 0.11 -15.22
C LEU B 959 9.41 0.18 -16.22
N ASN B 960 9.30 -0.82 -17.11
CA ASN B 960 8.22 -0.83 -18.09
C ASN B 960 6.87 -1.02 -17.44
N THR B 961 6.80 -1.85 -16.39
CA THR B 961 5.55 -2.01 -15.65
C THR B 961 5.17 -0.72 -14.92
N LEU B 962 6.16 -0.03 -14.36
CA LEU B 962 5.90 1.27 -13.75
C LEU B 962 5.33 2.25 -14.78
N VAL B 963 5.89 2.25 -15.99
CA VAL B 963 5.36 3.11 -17.05
C VAL B 963 3.94 2.69 -17.42
N LYS B 964 3.70 1.38 -17.54
CA LYS B 964 2.41 0.88 -18.00
C LYS B 964 1.31 1.11 -16.98
N GLN B 965 1.64 1.13 -15.68
CA GLN B 965 0.63 1.27 -14.65
C GLN B 965 0.00 2.65 -14.61
N LEU B 966 0.53 3.62 -15.36
CA LEU B 966 -0.04 4.95 -15.41
C LEU B 966 -1.39 4.98 -16.12
N SER B 967 -1.78 3.91 -16.79
CA SER B 967 -3.06 3.84 -17.50
C SER B 967 -4.19 3.35 -16.60
N SER B 968 -3.91 3.05 -15.34
CA SER B 968 -4.95 2.59 -14.41
C SER B 968 -5.77 3.77 -13.90
N ASN B 969 -7.09 3.58 -13.88
CA ASN B 969 -7.98 4.64 -13.40
C ASN B 969 -7.97 4.77 -11.88
N PHE B 970 -7.71 3.68 -11.16
CA PHE B 970 -7.72 3.66 -9.70
C PHE B 970 -9.06 4.10 -9.14
N GLY B 971 -10.15 3.74 -9.82
CA GLY B 971 -11.48 4.12 -9.40
C GLY B 971 -11.92 5.49 -9.88
N ALA B 972 -11.06 6.24 -10.55
CA ALA B 972 -11.43 7.55 -11.05
C ALA B 972 -12.14 7.43 -12.40
N ILE B 973 -12.70 8.54 -12.85
CA ILE B 973 -13.41 8.55 -14.14
C ILE B 973 -12.44 8.32 -15.29
N SER B 974 -11.20 8.76 -15.16
CA SER B 974 -10.21 8.58 -16.21
C SER B 974 -8.83 8.46 -15.59
N SER B 975 -7.91 7.86 -16.35
CA SER B 975 -6.52 7.73 -15.93
C SER B 975 -5.65 8.89 -16.42
N VAL B 976 -6.25 9.87 -17.08
CA VAL B 976 -5.52 11.02 -17.62
C VAL B 976 -5.92 12.24 -16.80
N LEU B 977 -4.92 12.92 -16.23
CA LEU B 977 -5.20 14.13 -15.47
C LEU B 977 -5.70 15.25 -16.36
N ASN B 978 -5.22 15.32 -17.61
CA ASN B 978 -5.64 16.38 -18.51
C ASN B 978 -7.13 16.27 -18.81
N ASP B 979 -7.63 15.05 -19.05
CA ASP B 979 -9.05 14.87 -19.33
C ASP B 979 -9.90 15.29 -18.14
N ILE B 980 -9.49 14.92 -16.93
CA ILE B 980 -10.25 15.29 -15.73
C ILE B 980 -10.25 16.80 -15.54
N LEU B 981 -9.08 17.44 -15.72
CA LEU B 981 -9.01 18.88 -15.54
C LEU B 981 -9.84 19.63 -16.57
N SER B 982 -9.83 19.17 -17.82
CA SER B 982 -10.65 19.79 -18.86
C SER B 982 -12.12 19.41 -18.73
N ARG B 983 -12.43 18.39 -17.94
CA ARG B 983 -13.79 17.87 -17.83
C ARG B 983 -14.50 18.31 -16.56
N LEU B 984 -13.76 18.64 -15.50
CA LEU B 984 -14.36 18.97 -14.21
C LEU B 984 -13.70 20.21 -13.64
N ASP B 985 -14.42 20.89 -12.75
CA ASP B 985 -13.89 22.05 -12.04
C ASP B 985 -12.97 21.58 -10.92
N LYS B 986 -12.49 22.52 -10.11
CA LYS B 986 -11.50 22.18 -9.08
C LYS B 986 -12.06 21.20 -8.06
N VAL B 987 -13.28 21.47 -7.57
CA VAL B 987 -13.84 20.64 -6.51
C VAL B 987 -14.13 19.23 -7.01
N GLU B 988 -14.73 19.12 -8.20
CA GLU B 988 -15.09 17.79 -8.72
C GLU B 988 -13.87 17.02 -9.18
N ALA B 989 -12.86 17.70 -9.72
CA ALA B 989 -11.64 17.04 -10.15
C ALA B 989 -10.71 16.71 -8.99
N GLU B 990 -10.91 17.32 -7.83
CA GLU B 990 -10.01 17.08 -6.71
C GLU B 990 -10.04 15.61 -6.27
N VAL B 991 -11.23 15.01 -6.19
CA VAL B 991 -11.33 13.63 -5.74
C VAL B 991 -10.69 12.68 -6.75
N GLN B 992 -10.92 12.93 -8.04
CA GLN B 992 -10.31 12.07 -9.07
C GLN B 992 -8.79 12.20 -9.06
N ILE B 993 -8.27 13.41 -8.92
CA ILE B 993 -6.83 13.61 -8.86
C ILE B 993 -6.25 12.95 -7.62
N ASP B 994 -6.98 13.02 -6.50
CA ASP B 994 -6.52 12.36 -5.28
C ASP B 994 -6.47 10.84 -5.46
N ARG B 995 -7.49 10.27 -6.12
CA ARG B 995 -7.48 8.84 -6.38
C ARG B 995 -6.30 8.45 -7.26
N LEU B 996 -6.05 9.22 -8.32
CA LEU B 996 -4.92 8.94 -9.20
C LEU B 996 -3.59 9.07 -8.45
N ILE B 997 -3.48 10.09 -7.60
CA ILE B 997 -2.25 10.29 -6.82
C ILE B 997 -2.02 9.11 -5.89
N THR B 998 -3.07 8.66 -5.21
CA THR B 998 -2.94 7.51 -4.31
C THR B 998 -2.52 6.26 -5.08
N GLY B 999 -3.14 6.01 -6.23
CA GLY B 999 -2.77 4.84 -7.01
C GLY B 999 -1.34 4.87 -7.50
N ARG B 1000 -0.90 6.03 -8.01
CA ARG B 1000 0.46 6.14 -8.52
C ARG B 1000 1.49 6.09 -7.39
N LEU B 1001 1.16 6.66 -6.23
CA LEU B 1001 2.05 6.53 -5.08
C LEU B 1001 2.16 5.08 -4.63
N GLN B 1002 1.05 4.35 -4.65
CA GLN B 1002 1.09 2.93 -4.31
C GLN B 1002 1.95 2.16 -5.31
N SER B 1003 1.83 2.47 -6.60
CA SER B 1003 2.65 1.82 -7.60
C SER B 1003 4.14 2.11 -7.37
N LEU B 1004 4.47 3.36 -7.07
CA LEU B 1004 5.86 3.71 -6.79
C LEU B 1004 6.38 2.99 -5.55
N GLN B 1005 5.54 2.90 -4.51
CA GLN B 1005 5.94 2.21 -3.29
C GLN B 1005 6.20 0.73 -3.57
N THR B 1006 5.33 0.09 -4.36
CA THR B 1006 5.54 -1.31 -4.71
C THR B 1006 6.83 -1.50 -5.50
N TYR B 1007 7.09 -0.60 -6.46
CA TYR B 1007 8.32 -0.68 -7.23
C TYR B 1007 9.54 -0.53 -6.33
N VAL B 1008 9.49 0.40 -5.37
CA VAL B 1008 10.63 0.63 -4.50
C VAL B 1008 10.84 -0.56 -3.56
N THR B 1009 9.76 -1.16 -3.06
CA THR B 1009 9.90 -2.34 -2.22
C THR B 1009 10.51 -3.51 -2.99
N GLN B 1010 10.03 -3.74 -4.22
CA GLN B 1010 10.62 -4.80 -5.03
C GLN B 1010 12.08 -4.52 -5.34
N GLN B 1011 12.41 -3.26 -5.61
CA GLN B 1011 13.81 -2.90 -5.85
C GLN B 1011 14.66 -3.14 -4.62
N LEU B 1012 14.13 -2.86 -3.44
CA LEU B 1012 14.86 -3.10 -2.19
C LEU B 1012 15.12 -4.60 -2.00
N ILE B 1013 14.11 -5.43 -2.26
CA ILE B 1013 14.30 -6.88 -2.11
C ILE B 1013 15.33 -7.39 -3.10
N ARG B 1014 15.22 -6.95 -4.35
CA ARG B 1014 16.19 -7.37 -5.37
C ARG B 1014 17.59 -6.85 -5.05
N ALA B 1015 17.68 -5.66 -4.44
CA ALA B 1015 18.97 -5.12 -4.04
C ALA B 1015 19.58 -5.94 -2.90
N ALA B 1016 18.74 -6.41 -1.97
CA ALA B 1016 19.26 -7.29 -0.93
C ALA B 1016 19.79 -8.58 -1.52
N GLU B 1017 19.06 -9.17 -2.47
CA GLU B 1017 19.54 -10.38 -3.12
C GLU B 1017 20.84 -10.12 -3.88
N ILE B 1018 20.92 -8.99 -4.58
CA ILE B 1018 22.12 -8.66 -5.34
C ILE B 1018 23.30 -8.41 -4.39
N ARG B 1019 23.03 -7.81 -3.23
CA ARG B 1019 24.08 -7.59 -2.25
C ARG B 1019 24.59 -8.91 -1.70
N ALA B 1020 23.70 -9.87 -1.44
CA ALA B 1020 24.15 -11.19 -1.01
C ALA B 1020 25.01 -11.85 -2.09
N SER B 1021 24.58 -11.75 -3.36
CA SER B 1021 25.36 -12.32 -4.45
C SER B 1021 26.73 -11.65 -4.55
N ALA B 1022 26.79 -10.33 -4.37
CA ALA B 1022 28.04 -9.61 -4.47
C ALA B 1022 28.96 -9.93 -3.30
N ASN B 1023 28.40 -10.14 -2.11
CA ASN B 1023 29.22 -10.58 -0.98
C ASN B 1023 29.81 -11.96 -1.24
N LEU B 1024 29.00 -12.87 -1.81
CA LEU B 1024 29.53 -14.18 -2.19
C LEU B 1024 30.63 -14.04 -3.24
N ALA B 1025 30.44 -13.15 -4.22
CA ALA B 1025 31.44 -12.95 -5.26
C ALA B 1025 32.74 -12.40 -4.67
N ALA B 1026 32.64 -11.45 -3.74
CA ALA B 1026 33.84 -10.91 -3.10
C ALA B 1026 34.55 -11.98 -2.28
N THR B 1027 33.80 -12.80 -1.55
CA THR B 1027 34.41 -13.89 -0.79
C THR B 1027 35.11 -14.87 -1.71
N LYS B 1028 34.48 -15.21 -2.85
CA LYS B 1028 35.11 -16.12 -3.81
C LYS B 1028 36.35 -15.50 -4.43
N MET B 1029 36.32 -14.20 -4.71
CA MET B 1029 37.50 -13.51 -5.23
C MET B 1029 38.64 -13.53 -4.21
N SER B 1030 38.31 -13.36 -2.94
CA SER B 1030 39.34 -13.37 -1.90
C SER B 1030 39.92 -14.76 -1.70
N GLU B 1031 39.08 -15.80 -1.70
CA GLU B 1031 39.52 -17.13 -1.30
C GLU B 1031 39.93 -18.04 -2.45
N CYS B 1032 39.59 -17.68 -3.69
CA CYS B 1032 39.95 -18.50 -4.84
C CYS B 1032 40.94 -17.84 -5.78
N VAL B 1033 40.90 -16.52 -5.91
CA VAL B 1033 41.84 -15.80 -6.76
C VAL B 1033 43.07 -15.35 -5.99
N LEU B 1034 42.87 -14.82 -4.78
CA LEU B 1034 43.97 -14.35 -3.94
C LEU B 1034 44.63 -15.48 -3.17
N GLY B 1035 44.09 -16.69 -3.23
CA GLY B 1035 44.66 -17.81 -2.52
C GLY B 1035 44.03 -19.11 -2.97
N GLN B 1036 44.53 -20.21 -2.43
CA GLN B 1036 44.03 -21.54 -2.72
C GLN B 1036 43.12 -22.00 -1.59
N SER B 1037 41.90 -22.37 -1.93
CA SER B 1037 40.87 -22.70 -0.93
C SER B 1037 40.78 -24.21 -0.75
N LYS B 1038 40.70 -24.63 0.51
CA LYS B 1038 40.48 -26.03 0.86
C LYS B 1038 39.00 -26.39 0.98
N ARG B 1039 38.11 -25.40 0.87
CA ARG B 1039 36.68 -25.67 0.96
C ARG B 1039 36.21 -26.43 -0.28
N VAL B 1040 35.40 -27.47 -0.05
CA VAL B 1040 34.95 -28.31 -1.15
C VAL B 1040 33.85 -27.60 -1.92
N ASP B 1041 33.99 -27.57 -3.24
CA ASP B 1041 33.00 -27.02 -4.17
C ASP B 1041 32.77 -25.52 -3.96
N PHE B 1042 33.72 -24.83 -3.35
CA PHE B 1042 33.62 -23.38 -3.21
C PHE B 1042 34.26 -22.64 -4.38
N CYS B 1043 35.30 -23.21 -4.99
CA CYS B 1043 36.00 -22.63 -6.13
C CYS B 1043 36.04 -23.63 -7.27
N GLY B 1044 34.90 -24.24 -7.58
CA GLY B 1044 34.79 -25.20 -8.65
C GLY B 1044 34.72 -26.63 -8.15
N LYS B 1045 34.40 -27.53 -9.08
CA LYS B 1045 34.27 -28.95 -8.76
C LYS B 1045 35.62 -29.63 -8.90
N GLY B 1046 36.06 -30.29 -7.83
CA GLY B 1046 37.35 -30.94 -7.78
C GLY B 1046 38.26 -30.27 -6.78
N TYR B 1047 39.53 -30.69 -6.80
CA TYR B 1047 40.55 -30.12 -5.92
C TYR B 1047 41.00 -28.80 -6.50
N HIS B 1048 40.69 -27.71 -5.82
CA HIS B 1048 40.93 -26.37 -6.35
C HIS B 1048 42.41 -26.08 -6.47
N LEU B 1049 42.84 -25.62 -7.65
CA LEU B 1049 44.21 -25.19 -7.89
C LEU B 1049 44.32 -23.66 -7.86
N MET B 1050 43.54 -22.98 -8.70
CA MET B 1050 43.54 -21.52 -8.72
C MET B 1050 42.25 -21.03 -9.35
N SER B 1051 42.11 -19.71 -9.44
CA SER B 1051 40.97 -19.10 -10.10
C SER B 1051 41.42 -17.81 -10.77
N PHE B 1052 40.70 -17.45 -11.84
CA PHE B 1052 40.98 -16.25 -12.60
C PHE B 1052 39.69 -15.42 -12.73
N PRO B 1053 39.72 -14.13 -12.37
CA PRO B 1053 38.53 -13.31 -12.50
C PRO B 1053 38.41 -12.71 -13.89
N GLN B 1054 37.16 -12.45 -14.29
CA GLN B 1054 36.85 -11.75 -15.53
C GLN B 1054 35.64 -10.85 -15.28
N SER B 1055 35.68 -9.64 -15.85
CA SER B 1055 34.56 -8.73 -15.75
C SER B 1055 33.44 -9.19 -16.68
N ALA B 1056 32.21 -8.78 -16.34
CA ALA B 1056 31.06 -9.04 -17.18
C ALA B 1056 30.01 -7.99 -16.87
N PRO B 1057 29.08 -7.73 -17.80
CA PRO B 1057 28.05 -6.73 -17.54
C PRO B 1057 27.28 -7.01 -16.26
N HIS B 1058 27.46 -6.14 -15.26
CA HIS B 1058 26.81 -6.27 -13.96
C HIS B 1058 27.18 -7.58 -13.25
N GLY B 1059 28.41 -8.07 -13.46
CA GLY B 1059 28.75 -9.32 -12.80
C GLY B 1059 30.20 -9.70 -13.02
N VAL B 1060 30.56 -10.84 -12.41
CA VAL B 1060 31.91 -11.37 -12.48
C VAL B 1060 31.84 -12.82 -12.92
N VAL B 1061 32.88 -13.27 -13.62
CA VAL B 1061 32.99 -14.63 -14.10
C VAL B 1061 34.31 -15.20 -13.56
N PHE B 1062 34.21 -16.27 -12.78
CA PHE B 1062 35.37 -16.93 -12.21
C PHE B 1062 35.69 -18.17 -13.04
N LEU B 1063 36.92 -18.24 -13.55
CA LEU B 1063 37.44 -19.42 -14.22
C LEU B 1063 38.22 -20.21 -13.18
N HIS B 1064 37.63 -21.30 -12.69
CA HIS B 1064 38.22 -22.11 -11.64
C HIS B 1064 39.03 -23.24 -12.26
N VAL B 1065 40.33 -23.26 -12.00
CA VAL B 1065 41.22 -24.32 -12.45
C VAL B 1065 41.41 -25.28 -11.28
N THR B 1066 41.01 -26.54 -11.49
CA THR B 1066 40.97 -27.56 -10.45
C THR B 1066 41.59 -28.85 -10.98
N TYR B 1067 41.97 -29.70 -10.03
CA TYR B 1067 42.61 -30.99 -10.28
C TYR B 1067 41.59 -32.09 -10.02
N VAL B 1068 41.36 -32.94 -11.02
CA VAL B 1068 40.36 -34.00 -10.95
C VAL B 1068 41.03 -35.34 -11.19
N PRO B 1069 40.86 -36.33 -10.31
CA PRO B 1069 41.35 -37.68 -10.62
C PRO B 1069 40.68 -38.21 -11.88
N ALA B 1070 41.47 -38.89 -12.71
CA ALA B 1070 41.01 -39.34 -14.03
C ALA B 1070 40.95 -40.85 -14.15
N GLN B 1071 42.07 -41.55 -13.94
CA GLN B 1071 42.17 -42.98 -14.20
C GLN B 1071 42.45 -43.72 -12.90
N GLU B 1072 41.41 -44.32 -12.33
CA GLU B 1072 41.53 -45.07 -11.09
C GLU B 1072 41.91 -46.52 -11.36
N LYS B 1073 42.66 -47.10 -10.43
CA LYS B 1073 43.06 -48.50 -10.49
C LYS B 1073 42.80 -49.16 -9.13
N ASN B 1074 42.43 -50.43 -9.19
CA ASN B 1074 42.17 -51.22 -8.00
C ASN B 1074 43.47 -51.69 -7.37
N PHE B 1075 43.50 -51.72 -6.03
CA PHE B 1075 44.64 -52.24 -5.29
C PHE B 1075 44.16 -52.90 -4.01
N THR B 1076 44.94 -53.86 -3.53
CA THR B 1076 44.69 -54.47 -2.23
C THR B 1076 45.44 -53.68 -1.17
N THR B 1077 44.70 -53.20 -0.17
CA THR B 1077 45.25 -52.25 0.80
C THR B 1077 45.10 -52.79 2.22
N ALA B 1078 46.03 -52.39 3.08
CA ALA B 1078 46.06 -52.80 4.47
C ALA B 1078 46.25 -51.58 5.36
N PRO B 1079 45.71 -51.62 6.59
CA PRO B 1079 45.86 -50.44 7.47
C PRO B 1079 47.24 -50.30 8.06
N ALA B 1080 47.95 -51.40 8.30
CA ALA B 1080 49.28 -51.36 8.88
C ALA B 1080 50.05 -52.59 8.46
N ILE B 1081 51.37 -52.53 8.63
CA ILE B 1081 52.27 -53.61 8.24
C ILE B 1081 53.07 -54.02 9.46
N CYS B 1082 53.11 -55.34 9.73
CA CYS B 1082 53.88 -55.90 10.84
C CYS B 1082 55.17 -56.47 10.29
N HIS B 1083 56.30 -55.92 10.75
CA HIS B 1083 57.62 -56.33 10.27
C HIS B 1083 58.37 -57.16 11.29
N ASP B 1084 58.55 -56.66 12.51
CA ASP B 1084 59.28 -57.34 13.56
C ASP B 1084 58.49 -57.30 14.87
N GLY B 1085 57.21 -57.64 14.78
CA GLY B 1085 56.33 -57.58 15.93
C GLY B 1085 55.78 -56.21 16.23
N LYS B 1086 56.05 -55.21 15.39
CA LYS B 1086 55.56 -53.85 15.60
C LYS B 1086 54.83 -53.39 14.35
N ALA B 1087 53.83 -52.52 14.56
CA ALA B 1087 52.99 -52.02 13.48
C ALA B 1087 53.62 -50.80 12.83
N HIS B 1088 53.52 -50.74 11.50
CA HIS B 1088 54.04 -49.63 10.72
C HIS B 1088 52.90 -48.95 9.97
N PHE B 1089 52.98 -47.64 9.83
CA PHE B 1089 51.94 -46.86 9.19
C PHE B 1089 52.55 -45.95 8.14
N PRO B 1090 51.82 -45.70 7.05
CA PRO B 1090 52.42 -44.95 5.92
C PRO B 1090 52.85 -43.54 6.26
N ARG B 1091 52.11 -42.86 7.14
CA ARG B 1091 52.42 -41.53 7.70
C ARG B 1091 52.27 -40.43 6.65
N GLU B 1092 52.13 -40.80 5.39
CA GLU B 1092 51.85 -39.85 4.32
C GLU B 1092 50.73 -40.31 3.40
N GLY B 1093 50.63 -41.59 3.11
CA GLY B 1093 49.65 -42.10 2.18
C GLY B 1093 49.01 -43.41 2.59
N VAL B 1094 49.02 -44.39 1.69
CA VAL B 1094 48.38 -45.67 1.92
C VAL B 1094 49.28 -46.80 1.45
N PHE B 1095 49.18 -47.94 2.13
CA PHE B 1095 49.84 -49.16 1.70
C PHE B 1095 48.99 -49.89 0.66
N VAL B 1096 49.62 -50.30 -0.44
CA VAL B 1096 48.93 -51.02 -1.50
C VAL B 1096 49.80 -52.20 -1.94
N SER B 1097 49.15 -53.13 -2.65
CA SER B 1097 49.84 -54.29 -3.20
C SER B 1097 49.44 -54.48 -4.65
N ASN B 1098 50.42 -54.76 -5.50
CA ASN B 1098 50.18 -55.09 -6.90
C ASN B 1098 50.01 -56.58 -7.12
N GLY B 1099 49.68 -57.33 -6.07
CA GLY B 1099 49.47 -58.75 -6.17
C GLY B 1099 50.42 -59.57 -5.30
N THR B 1100 51.70 -59.24 -5.32
CA THR B 1100 52.68 -60.00 -4.57
C THR B 1100 53.53 -59.14 -3.63
N HIS B 1101 53.83 -57.90 -4.01
CA HIS B 1101 54.67 -57.03 -3.22
C HIS B 1101 53.87 -55.81 -2.74
N TRP B 1102 54.33 -55.21 -1.65
CA TRP B 1102 53.65 -54.11 -1.00
C TRP B 1102 54.47 -52.83 -1.14
N PHE B 1103 53.79 -51.74 -1.50
CA PHE B 1103 54.39 -50.42 -1.63
C PHE B 1103 53.55 -49.42 -0.85
N VAL B 1104 54.09 -48.21 -0.71
CA VAL B 1104 53.40 -47.10 -0.07
C VAL B 1104 53.30 -45.97 -1.07
N THR B 1105 52.10 -45.43 -1.25
CA THR B 1105 51.87 -44.42 -2.28
C THR B 1105 50.98 -43.31 -1.74
N GLN B 1106 51.09 -42.13 -2.36
CA GLN B 1106 50.21 -41.03 -2.04
C GLN B 1106 48.79 -41.34 -2.51
N ARG B 1107 47.81 -40.74 -1.82
CA ARG B 1107 46.42 -41.11 -2.03
C ARG B 1107 45.87 -40.57 -3.34
N ASN B 1108 46.25 -39.36 -3.72
CA ASN B 1108 45.69 -38.70 -4.90
C ASN B 1108 46.44 -39.03 -6.18
N PHE B 1109 47.53 -39.78 -6.11
CA PHE B 1109 48.29 -40.13 -7.29
C PHE B 1109 49.07 -41.41 -7.01
N TYR B 1110 49.04 -42.33 -7.96
CA TYR B 1110 49.69 -43.64 -7.79
C TYR B 1110 51.18 -43.49 -8.07
N GLU B 1111 51.96 -43.38 -7.00
CA GLU B 1111 53.42 -43.33 -7.08
C GLU B 1111 53.99 -44.33 -6.08
N PRO B 1112 53.99 -45.62 -6.42
CA PRO B 1112 54.44 -46.63 -5.47
C PRO B 1112 55.90 -46.44 -5.09
N GLN B 1113 56.20 -46.66 -3.81
CA GLN B 1113 57.55 -46.56 -3.28
C GLN B 1113 57.84 -47.74 -2.38
N ILE B 1114 59.12 -48.09 -2.27
CA ILE B 1114 59.53 -49.19 -1.40
C ILE B 1114 59.28 -48.80 0.05
N ILE B 1115 58.61 -49.68 0.80
CA ILE B 1115 58.25 -49.38 2.18
C ILE B 1115 59.51 -49.48 3.04
N THR B 1116 59.95 -48.35 3.57
CA THR B 1116 61.13 -48.27 4.43
C THR B 1116 60.75 -47.60 5.74
N THR B 1117 61.75 -47.45 6.62
CA THR B 1117 61.55 -46.73 7.88
C THR B 1117 61.50 -45.22 7.69
N ASP B 1118 61.97 -44.71 6.55
CA ASP B 1118 61.92 -43.27 6.30
C ASP B 1118 60.51 -42.80 5.96
N ASN B 1119 59.68 -43.68 5.39
CA ASN B 1119 58.30 -43.35 5.06
C ASN B 1119 57.30 -44.12 5.91
N THR B 1120 57.73 -44.62 7.07
CA THR B 1120 56.85 -45.31 8.01
C THR B 1120 57.23 -44.93 9.42
N PHE B 1121 56.27 -45.06 10.34
CA PHE B 1121 56.53 -44.88 11.76
C PHE B 1121 55.92 -46.05 12.54
N VAL B 1122 56.53 -46.34 13.68
CA VAL B 1122 56.18 -47.52 14.49
C VAL B 1122 55.34 -47.07 15.67
N SER B 1123 54.24 -47.78 15.91
CA SER B 1123 53.35 -47.47 17.03
C SER B 1123 52.70 -48.76 17.50
N GLY B 1124 53.08 -49.24 18.68
CA GLY B 1124 52.44 -50.38 19.30
C GLY B 1124 52.79 -51.71 18.66
N ASN B 1125 52.01 -52.72 19.02
CA ASN B 1125 52.20 -54.08 18.55
C ASN B 1125 51.27 -54.36 17.37
N CYS B 1126 51.28 -55.60 16.90
CA CYS B 1126 50.46 -56.02 15.78
C CYS B 1126 49.22 -56.80 16.20
N ASP B 1127 48.98 -56.93 17.50
CA ASP B 1127 47.84 -57.72 17.99
C ASP B 1127 46.60 -56.87 18.22
N VAL B 1128 46.65 -55.57 17.95
CA VAL B 1128 45.54 -54.66 18.20
C VAL B 1128 44.94 -54.14 16.89
N VAL B 1129 45.79 -53.84 15.90
CA VAL B 1129 45.30 -53.30 14.64
C VAL B 1129 44.54 -54.38 13.88
N ILE B 1130 43.35 -54.04 13.41
CA ILE B 1130 42.50 -54.97 12.68
C ILE B 1130 42.83 -54.86 11.19
N GLY B 1131 43.22 -56.00 10.60
CA GLY B 1131 43.58 -56.04 9.21
C GLY B 1131 45.05 -55.91 8.91
N ILE B 1132 45.91 -55.91 9.94
CA ILE B 1132 47.35 -55.78 9.73
C ILE B 1132 47.89 -57.01 9.02
N VAL B 1133 48.78 -56.78 8.07
CA VAL B 1133 49.46 -57.84 7.35
C VAL B 1133 50.96 -57.72 7.62
N ASN B 1134 51.67 -58.83 7.40
CA ASN B 1134 53.12 -58.88 7.57
C ASN B 1134 53.84 -58.72 6.25
N ASN B 1135 54.78 -57.78 6.23
CA ASN B 1135 55.61 -57.54 5.07
C ASN B 1135 56.93 -56.96 5.53
N THR B 1136 57.93 -57.04 4.67
CA THR B 1136 59.27 -56.59 5.01
C THR B 1136 59.37 -55.08 4.89
N VAL B 1137 59.98 -54.45 5.91
CA VAL B 1137 60.23 -53.01 5.90
C VAL B 1137 61.73 -52.81 5.80
N TYR B 1138 62.16 -52.10 4.76
CA TYR B 1138 63.57 -51.90 4.50
C TYR B 1138 64.16 -50.84 5.42
N ASP B 1139 65.45 -50.95 5.69
CA ASP B 1139 66.14 -49.99 6.54
C ASP B 1139 66.94 -49.00 5.69
N GLN C 14 -56.23 3.34 45.81
CA GLN C 14 -55.23 2.77 44.91
C GLN C 14 -53.82 2.88 45.51
N CYS C 15 -53.21 4.06 45.35
CA CYS C 15 -51.86 4.31 45.81
C CYS C 15 -51.72 4.00 47.30
N VAL C 16 -50.90 3.00 47.64
CA VAL C 16 -50.70 2.59 49.03
C VAL C 16 -49.21 2.43 49.27
N ASN C 17 -48.72 3.05 50.34
CA ASN C 17 -47.32 2.92 50.75
C ASN C 17 -47.21 1.86 51.83
N LEU C 18 -46.26 0.94 51.65
CA LEU C 18 -46.04 -0.14 52.61
C LEU C 18 -45.22 0.35 53.80
N THR C 19 -45.44 -0.29 54.94
CA THR C 19 -44.73 0.06 56.17
C THR C 19 -44.10 -1.17 56.81
N THR C 20 -43.56 -1.01 58.02
CA THR C 20 -42.93 -2.09 58.78
C THR C 20 -41.82 -2.76 57.98
N ARG C 21 -41.02 -1.95 57.28
CA ARG C 21 -39.89 -2.45 56.50
C ARG C 21 -38.60 -2.15 57.24
N THR C 22 -37.83 -3.19 57.55
CA THR C 22 -36.58 -3.02 58.25
C THR C 22 -35.54 -2.37 57.34
N GLN C 23 -34.74 -1.48 57.92
CA GLN C 23 -33.70 -0.77 57.17
C GLN C 23 -32.40 -1.57 57.22
N LEU C 24 -31.86 -1.87 56.05
CA LEU C 24 -30.61 -2.61 55.93
C LEU C 24 -29.71 -1.94 54.90
N PRO C 25 -28.39 -2.07 55.07
CA PRO C 25 -27.48 -1.46 54.10
C PRO C 25 -27.59 -2.15 52.75
N PRO C 26 -27.30 -1.44 51.65
CA PRO C 26 -27.36 -2.07 50.34
C PRO C 26 -26.32 -3.18 50.18
N ALA C 27 -26.65 -4.17 49.37
CA ALA C 27 -25.81 -5.33 49.15
C ALA C 27 -25.21 -5.29 47.74
N TYR C 28 -23.95 -5.69 47.64
CA TYR C 28 -23.25 -5.73 46.36
C TYR C 28 -22.65 -7.11 46.14
N THR C 29 -22.74 -7.60 44.91
CA THR C 29 -22.22 -8.91 44.54
C THR C 29 -21.40 -8.77 43.28
N ASN C 30 -20.81 -9.88 42.85
CA ASN C 30 -19.94 -9.91 41.68
C ASN C 30 -20.61 -10.67 40.55
N SER C 31 -20.72 -10.02 39.39
CA SER C 31 -21.18 -10.68 38.17
C SER C 31 -19.96 -11.21 37.44
N PHE C 32 -19.87 -12.54 37.33
CA PHE C 32 -18.65 -13.16 36.80
C PHE C 32 -18.58 -13.07 35.29
N THR C 33 -19.51 -13.74 34.60
CA THR C 33 -19.54 -13.72 33.14
C THR C 33 -20.94 -13.57 32.58
N ARG C 34 -21.93 -13.23 33.41
CA ARG C 34 -23.30 -13.09 32.95
C ARG C 34 -23.49 -11.77 32.21
N GLY C 35 -24.60 -11.69 31.47
CA GLY C 35 -24.94 -10.50 30.72
C GLY C 35 -24.58 -10.54 29.25
N VAL C 36 -24.08 -11.66 28.76
CA VAL C 36 -23.70 -11.78 27.35
C VAL C 36 -24.93 -12.13 26.53
N TYR C 37 -25.15 -11.38 25.45
CA TYR C 37 -26.29 -11.61 24.56
C TYR C 37 -25.79 -11.69 23.12
N TYR C 38 -26.64 -12.20 22.24
CA TYR C 38 -26.30 -12.30 20.83
C TYR C 38 -26.29 -10.91 20.21
N PRO C 39 -25.17 -10.45 19.65
CA PRO C 39 -25.12 -9.09 19.09
C PRO C 39 -26.10 -8.87 17.94
N ASP C 40 -26.32 -9.89 17.12
CA ASP C 40 -27.18 -9.75 15.94
C ASP C 40 -27.95 -11.05 15.76
N LYS C 41 -28.61 -11.18 14.62
CA LYS C 41 -29.41 -12.35 14.28
C LYS C 41 -28.77 -13.16 13.16
N VAL C 42 -27.44 -13.23 13.15
CA VAL C 42 -26.68 -13.92 12.14
C VAL C 42 -26.10 -15.20 12.74
N PHE C 43 -26.34 -16.33 12.09
CA PHE C 43 -25.84 -17.60 12.58
C PHE C 43 -24.34 -17.71 12.34
N ARG C 44 -23.60 -18.09 13.38
CA ARG C 44 -22.17 -18.32 13.29
C ARG C 44 -21.83 -19.60 14.05
N SER C 45 -20.97 -20.43 13.48
CA SER C 45 -20.62 -21.71 14.06
C SER C 45 -19.11 -21.92 14.04
N SER C 46 -18.57 -22.42 15.15
CA SER C 46 -17.15 -22.76 15.27
C SER C 46 -16.27 -21.57 14.90
N VAL C 47 -16.60 -20.41 15.45
CA VAL C 47 -15.91 -19.17 15.13
C VAL C 47 -15.63 -18.38 16.41
N LEU C 48 -14.67 -17.47 16.31
CA LEU C 48 -14.38 -16.51 17.37
C LEU C 48 -14.66 -15.11 16.81
N HIS C 49 -15.74 -14.49 17.28
CA HIS C 49 -16.23 -13.25 16.71
C HIS C 49 -16.02 -12.11 17.70
N SER C 50 -15.37 -11.04 17.24
CA SER C 50 -15.14 -9.85 18.05
C SER C 50 -16.17 -8.78 17.69
N THR C 51 -16.85 -8.25 18.70
CA THR C 51 -17.90 -7.27 18.47
C THR C 51 -17.90 -6.23 19.57
N GLN C 52 -18.11 -4.97 19.20
CA GLN C 52 -18.20 -3.86 20.14
C GLN C 52 -19.65 -3.51 20.35
N ASP C 53 -20.11 -3.55 21.60
CA ASP C 53 -21.51 -3.28 21.91
C ASP C 53 -21.64 -2.96 23.38
N LEU C 54 -22.86 -2.66 23.81
CA LEU C 54 -23.15 -2.38 25.21
C LEU C 54 -23.25 -3.70 25.96
N PHE C 55 -22.20 -4.03 26.71
CA PHE C 55 -22.13 -5.28 27.45
C PHE C 55 -21.93 -5.02 28.93
N LEU C 56 -22.30 -6.00 29.74
CA LEU C 56 -22.01 -5.95 31.17
C LEU C 56 -20.57 -6.39 31.40
N PRO C 57 -19.73 -5.56 32.01
CA PRO C 57 -18.33 -5.94 32.21
C PRO C 57 -18.21 -7.20 33.06
N PHE C 58 -17.19 -8.00 32.74
CA PHE C 58 -16.94 -9.23 33.49
C PHE C 58 -16.52 -8.92 34.92
N PHE C 59 -17.01 -9.72 35.86
CA PHE C 59 -16.72 -9.55 37.29
C PHE C 59 -17.07 -8.15 37.75
N SER C 60 -18.26 -7.69 37.37
CA SER C 60 -18.68 -6.33 37.67
C SER C 60 -19.36 -6.27 39.04
N ASN C 61 -19.36 -5.06 39.62
CA ASN C 61 -20.02 -4.80 40.90
C ASN C 61 -21.50 -4.58 40.61
N VAL C 62 -22.35 -5.51 41.08
CA VAL C 62 -23.76 -5.52 40.74
C VAL C 62 -24.57 -5.39 42.03
N THR C 63 -25.55 -4.48 42.01
CA THR C 63 -26.38 -4.28 43.19
C THR C 63 -27.34 -5.45 43.37
N TRP C 64 -27.61 -5.79 44.63
CA TRP C 64 -28.41 -6.96 44.98
C TRP C 64 -29.56 -6.51 45.86
N PHE C 65 -30.78 -6.91 45.52
CA PHE C 65 -31.97 -6.56 46.27
C PHE C 65 -32.74 -7.82 46.63
N HIS C 66 -33.26 -7.87 47.85
CA HIS C 66 -33.91 -9.04 48.39
C HIS C 66 -35.41 -8.77 48.59
N ALA C 67 -36.17 -9.85 48.66
CA ALA C 67 -37.57 -9.83 49.05
C ALA C 67 -37.79 -11.04 49.96
N ILE C 68 -37.92 -10.78 51.26
CA ILE C 68 -37.96 -11.87 52.24
C ILE C 68 -38.57 -11.34 53.53
N HIS C 69 -39.34 -12.21 54.19
CA HIS C 69 -39.94 -11.91 55.50
C HIS C 69 -39.58 -13.04 56.46
N VAL C 70 -38.58 -12.80 57.31
CA VAL C 70 -38.17 -13.75 58.34
C VAL C 70 -38.66 -13.22 59.68
N SER C 71 -39.50 -14.01 60.35
CA SER C 71 -40.14 -13.60 61.59
C SER C 71 -39.18 -13.74 62.78
N GLY C 72 -39.59 -13.17 63.89
CA GLY C 72 -38.81 -13.20 65.11
C GLY C 72 -39.07 -11.96 65.93
N THR C 73 -38.29 -11.81 67.00
CA THR C 73 -38.38 -10.60 67.81
C THR C 73 -38.01 -9.38 66.99
N ASN C 74 -36.94 -9.47 66.20
CA ASN C 74 -36.58 -8.45 65.23
C ASN C 74 -36.85 -8.88 63.80
N GLY C 75 -36.30 -10.03 63.39
CA GLY C 75 -36.52 -10.58 62.07
C GLY C 75 -35.95 -9.67 60.99
N THR C 76 -36.49 -9.84 59.78
CA THR C 76 -36.12 -8.97 58.67
C THR C 76 -37.24 -9.01 57.63
N LYS C 77 -37.76 -7.84 57.29
CA LYS C 77 -38.85 -7.70 56.32
C LYS C 77 -38.35 -6.79 55.20
N ARG C 78 -37.73 -7.38 54.19
CA ARG C 78 -37.17 -6.64 53.06
C ARG C 78 -38.09 -6.78 51.87
N PHE C 79 -38.54 -5.64 51.33
CA PHE C 79 -39.32 -5.56 50.10
C PHE C 79 -38.72 -4.41 49.31
N ASP C 80 -37.71 -4.72 48.49
CA ASP C 80 -36.89 -3.70 47.84
C ASP C 80 -37.43 -3.43 46.45
N ASN C 81 -38.04 -2.26 46.26
CA ASN C 81 -38.45 -1.78 44.95
C ASN C 81 -38.06 -0.31 44.80
N PRO C 82 -36.76 -0.01 44.75
CA PRO C 82 -36.31 1.37 44.61
C PRO C 82 -36.27 1.81 43.16
N VAL C 83 -36.11 3.11 42.97
CA VAL C 83 -35.96 3.71 41.64
C VAL C 83 -34.46 3.81 41.35
N LEU C 84 -33.99 2.99 40.39
CA LEU C 84 -32.58 2.90 40.04
C LEU C 84 -32.29 3.59 38.72
N PRO C 85 -31.08 4.11 38.54
CA PRO C 85 -30.77 4.80 37.29
C PRO C 85 -30.75 3.86 36.09
N PHE C 86 -31.01 4.44 34.92
CA PHE C 86 -30.94 3.73 33.64
C PHE C 86 -29.98 4.54 32.77
N ASN C 87 -28.69 4.23 32.89
CA ASN C 87 -27.67 5.06 32.26
C ASN C 87 -27.54 4.76 30.77
N ASP C 88 -27.10 3.54 30.43
CA ASP C 88 -26.92 3.13 29.06
C ASP C 88 -27.49 1.74 28.76
N GLY C 89 -28.00 1.04 29.75
CA GLY C 89 -28.48 -0.31 29.58
C GLY C 89 -28.44 -1.06 30.90
N VAL C 90 -29.42 -1.93 31.13
CA VAL C 90 -29.59 -2.58 32.42
C VAL C 90 -29.58 -4.09 32.23
N TYR C 91 -28.73 -4.77 32.99
CA TYR C 91 -28.76 -6.22 33.13
C TYR C 91 -29.52 -6.54 34.41
N PHE C 92 -30.62 -7.27 34.29
CA PHE C 92 -31.52 -7.58 35.39
C PHE C 92 -31.58 -9.09 35.54
N ALA C 93 -30.92 -9.62 36.58
CA ALA C 93 -30.99 -11.04 36.89
C ALA C 93 -31.97 -11.24 38.04
N SER C 94 -32.65 -12.39 38.03
CA SER C 94 -33.66 -12.66 39.04
C SER C 94 -33.62 -14.13 39.42
N THR C 95 -33.42 -14.40 40.71
CA THR C 95 -33.50 -15.74 41.26
C THR C 95 -34.74 -15.83 42.13
N GLU C 96 -35.67 -16.71 41.74
CA GLU C 96 -36.91 -16.84 42.49
C GLU C 96 -37.48 -18.24 42.31
N LYS C 97 -38.53 -18.52 43.08
CA LYS C 97 -39.28 -19.76 42.99
C LYS C 97 -40.79 -19.58 42.95
N SER C 98 -41.31 -18.43 43.39
CA SER C 98 -42.75 -18.18 43.46
C SER C 98 -43.19 -17.05 42.54
N ASN C 99 -42.36 -16.68 41.56
CA ASN C 99 -42.68 -15.63 40.58
C ASN C 99 -42.99 -14.30 41.26
N ILE C 100 -42.09 -13.88 42.15
CA ILE C 100 -42.31 -12.65 42.91
C ILE C 100 -42.18 -11.43 42.00
N ILE C 101 -41.15 -11.40 41.15
CA ILE C 101 -40.94 -10.25 40.27
C ILE C 101 -42.05 -10.22 39.23
N ARG C 102 -42.77 -9.10 39.17
CA ARG C 102 -43.90 -8.97 38.26
C ARG C 102 -43.59 -8.11 37.03
N GLY C 103 -42.65 -7.18 37.13
CA GLY C 103 -42.28 -6.43 35.95
C GLY C 103 -41.45 -5.21 36.30
N TRP C 104 -41.42 -4.26 35.37
CA TRP C 104 -40.64 -3.04 35.53
C TRP C 104 -41.38 -1.85 34.93
N ILE C 105 -40.98 -0.66 35.37
CA ILE C 105 -41.44 0.61 34.82
C ILE C 105 -40.21 1.45 34.50
N PHE C 106 -40.21 2.05 33.32
CA PHE C 106 -39.09 2.85 32.82
C PHE C 106 -39.59 4.25 32.48
N GLY C 107 -38.75 5.25 32.75
CA GLY C 107 -39.11 6.61 32.41
C GLY C 107 -38.06 7.58 32.88
N THR C 108 -38.40 8.86 32.89
CA THR C 108 -37.54 9.91 33.42
C THR C 108 -38.12 10.51 34.69
N THR C 109 -39.35 11.00 34.63
CA THR C 109 -40.11 11.42 35.81
C THR C 109 -41.35 10.54 35.87
N LEU C 110 -41.38 9.64 36.86
CA LEU C 110 -42.45 8.65 36.94
C LEU C 110 -43.75 9.30 37.40
N ASP C 111 -44.31 10.15 36.55
CA ASP C 111 -45.58 10.83 36.82
C ASP C 111 -46.24 11.18 35.50
N SER C 112 -47.35 11.91 35.57
CA SER C 112 -48.11 12.26 34.38
C SER C 112 -47.41 13.28 33.51
N LYS C 113 -46.33 13.88 33.98
CA LYS C 113 -45.63 14.89 33.18
C LYS C 113 -45.02 14.28 31.92
N THR C 114 -44.43 13.10 32.05
CA THR C 114 -43.73 12.45 30.95
C THR C 114 -44.30 11.06 30.71
N GLN C 115 -44.06 10.54 29.51
CA GLN C 115 -44.50 9.20 29.14
C GLN C 115 -43.58 8.15 29.76
N SER C 116 -44.16 7.00 30.07
CA SER C 116 -43.43 5.92 30.73
C SER C 116 -43.82 4.58 30.14
N LEU C 117 -42.91 3.62 30.27
CA LEU C 117 -43.09 2.26 29.76
C LEU C 117 -43.33 1.31 30.91
N LEU C 118 -44.42 0.56 30.85
CA LEU C 118 -44.79 -0.42 31.85
C LEU C 118 -44.74 -1.80 31.21
N ILE C 119 -43.94 -2.70 31.78
CA ILE C 119 -43.88 -4.09 31.34
C ILE C 119 -44.24 -4.91 32.57
N VAL C 120 -45.47 -5.42 32.61
CA VAL C 120 -45.98 -6.08 33.81
C VAL C 120 -46.60 -7.41 33.44
N ASN C 121 -46.68 -8.30 34.43
CA ASN C 121 -47.36 -9.59 34.32
C ASN C 121 -48.56 -9.55 35.26
N ASN C 122 -49.76 -9.52 34.70
CA ASN C 122 -50.99 -9.46 35.47
C ASN C 122 -51.44 -10.83 35.96
N ALA C 123 -50.56 -11.82 35.96
CA ALA C 123 -50.81 -13.22 36.32
C ALA C 123 -51.72 -13.92 35.34
N THR C 124 -52.24 -13.22 34.34
CA THR C 124 -53.00 -13.83 33.25
C THR C 124 -52.45 -13.45 31.88
N ASN C 125 -52.08 -12.19 31.68
CA ASN C 125 -51.47 -11.73 30.45
C ASN C 125 -50.21 -10.96 30.77
N VAL C 126 -49.46 -10.62 29.72
CA VAL C 126 -48.29 -9.74 29.83
C VAL C 126 -48.64 -8.44 29.14
N VAL C 127 -48.57 -7.33 29.89
CA VAL C 127 -48.99 -6.03 29.41
C VAL C 127 -47.75 -5.17 29.22
N ILE C 128 -47.55 -4.69 27.99
CA ILE C 128 -46.48 -3.74 27.68
C ILE C 128 -47.16 -2.48 27.17
N LYS C 129 -47.05 -1.39 27.92
CA LYS C 129 -47.79 -0.17 27.63
C LYS C 129 -46.86 1.02 27.78
N VAL C 130 -46.65 1.75 26.69
CA VAL C 130 -46.05 3.08 26.78
C VAL C 130 -47.21 4.07 26.82
N CYS C 131 -47.34 4.72 27.99
CA CYS C 131 -48.44 5.59 28.35
C CYS C 131 -47.98 6.56 29.44
N GLU C 132 -48.73 7.67 29.57
CA GLU C 132 -48.47 8.65 30.60
C GLU C 132 -49.08 8.14 31.89
N PHE C 133 -48.23 7.63 32.78
CA PHE C 133 -48.67 6.97 34.00
C PHE C 133 -48.38 7.83 35.21
N GLN C 134 -49.37 7.96 36.09
CA GLN C 134 -49.18 8.59 37.40
C GLN C 134 -48.85 7.47 38.37
N PHE C 135 -47.59 7.08 38.40
CA PHE C 135 -47.16 5.94 39.20
C PHE C 135 -47.24 6.24 40.69
N CYS C 136 -47.58 5.21 41.46
CA CYS C 136 -47.58 5.33 42.91
C CYS C 136 -46.16 5.38 43.45
N ASN C 137 -46.00 5.97 44.63
CA ASN C 137 -44.70 5.97 45.29
C ASN C 137 -44.27 4.57 45.67
N ASP C 138 -45.23 3.69 45.97
CA ASP C 138 -44.96 2.28 46.28
C ASP C 138 -45.86 1.43 45.40
N PRO C 139 -45.48 1.23 44.15
CA PRO C 139 -46.29 0.40 43.25
C PRO C 139 -45.94 -1.07 43.39
N PHE C 140 -46.94 -1.93 43.30
CA PHE C 140 -46.69 -3.37 43.44
C PHE C 140 -47.89 -4.16 42.91
N LEU C 141 -47.83 -5.47 43.09
CA LEU C 141 -48.94 -6.38 42.84
C LEU C 141 -49.08 -7.30 44.05
N GLY C 142 -50.20 -8.00 44.12
CA GLY C 142 -50.45 -8.83 45.28
C GLY C 142 -51.44 -9.96 45.09
N VAL C 143 -51.05 -11.16 45.52
CA VAL C 143 -51.93 -12.32 45.50
C VAL C 143 -52.42 -12.57 46.92
N TYR C 144 -53.53 -13.30 47.02
CA TYR C 144 -54.14 -13.62 48.31
C TYR C 144 -54.26 -15.13 48.45
N TYR C 145 -53.92 -15.63 49.64
CA TYR C 145 -54.00 -17.04 49.96
C TYR C 145 -55.25 -17.30 50.80
N HIS C 146 -56.09 -18.21 50.34
CA HIS C 146 -57.33 -18.56 51.03
C HIS C 146 -57.16 -19.89 51.76
N LYS C 147 -57.47 -19.89 53.05
CA LYS C 147 -57.34 -21.10 53.85
C LYS C 147 -58.30 -22.18 53.37
N ASN C 148 -59.53 -21.81 53.06
CA ASN C 148 -60.52 -22.79 52.62
C ASN C 148 -60.15 -23.37 51.26
N ASN C 149 -59.78 -22.49 50.31
CA ASN C 149 -59.39 -22.94 48.98
C ASN C 149 -58.01 -23.58 48.94
N LYS C 150 -57.11 -23.19 49.85
CA LYS C 150 -55.71 -23.62 49.80
C LYS C 150 -55.09 -23.27 48.45
N SER C 151 -55.44 -22.09 47.93
CA SER C 151 -54.98 -21.63 46.63
C SER C 151 -54.69 -20.14 46.70
N TRP C 152 -53.87 -19.68 45.75
CA TRP C 152 -53.46 -18.29 45.69
C TRP C 152 -54.08 -17.61 44.48
N MET C 153 -54.74 -16.48 44.71
CA MET C 153 -55.41 -15.73 43.65
C MET C 153 -54.91 -14.29 43.66
N GLU C 154 -54.77 -13.72 42.46
CA GLU C 154 -54.33 -12.33 42.33
C GLU C 154 -55.45 -11.39 42.74
N SER C 155 -55.13 -10.41 43.59
CA SER C 155 -56.14 -9.52 44.14
C SER C 155 -55.78 -8.04 44.12
N GLU C 156 -54.51 -7.67 44.06
CA GLU C 156 -54.10 -6.28 44.18
C GLU C 156 -53.22 -5.88 43.01
N PHE C 157 -53.51 -4.72 42.41
CA PHE C 157 -52.71 -4.15 41.33
C PHE C 157 -52.56 -2.66 41.63
N ARG C 158 -51.41 -2.28 42.19
CA ARG C 158 -51.16 -0.93 42.70
C ARG C 158 -49.92 -0.34 42.04
N VAL C 159 -49.88 -0.38 40.71
CA VAL C 159 -48.75 0.13 39.96
C VAL C 159 -48.90 1.62 39.67
N TYR C 160 -50.02 2.04 39.08
CA TYR C 160 -50.22 3.42 38.68
C TYR C 160 -51.62 3.87 39.08
N SER C 161 -51.77 5.19 39.22
CA SER C 161 -53.05 5.79 39.57
C SER C 161 -53.89 6.12 38.34
N SER C 162 -53.30 6.75 37.34
CA SER C 162 -54.00 7.13 36.13
C SER C 162 -53.11 6.91 34.91
N ALA C 163 -53.75 6.62 33.77
CA ALA C 163 -53.06 6.42 32.51
C ALA C 163 -53.69 7.32 31.46
N ASN C 164 -52.86 8.07 30.73
CA ASN C 164 -53.39 9.05 29.80
C ASN C 164 -52.32 9.39 28.76
N ASN C 165 -52.79 9.83 27.58
CA ASN C 165 -51.96 10.44 26.54
C ASN C 165 -50.86 9.48 26.08
N CYS C 166 -51.29 8.42 25.41
CA CYS C 166 -50.32 7.42 24.99
C CYS C 166 -50.57 6.87 23.60
N THR C 167 -49.62 6.06 23.17
CA THR C 167 -49.54 5.40 21.87
C THR C 167 -49.40 3.89 21.97
N PHE C 168 -48.64 3.36 22.93
CA PHE C 168 -48.21 1.97 22.80
C PHE C 168 -48.96 1.08 23.78
N GLU C 169 -49.62 0.05 23.23
CA GLU C 169 -50.37 -0.92 24.02
C GLU C 169 -50.18 -2.31 23.43
N TYR C 170 -49.90 -3.29 24.29
CA TYR C 170 -49.78 -4.68 23.86
C TYR C 170 -50.17 -5.59 25.01
N VAL C 171 -51.07 -6.53 24.74
CA VAL C 171 -51.53 -7.50 25.72
C VAL C 171 -51.25 -8.89 25.17
N SER C 172 -50.57 -9.72 25.96
CA SER C 172 -50.23 -11.06 25.54
C SER C 172 -51.42 -12.01 25.70
N GLN C 173 -51.26 -13.21 25.16
CA GLN C 173 -52.31 -14.21 25.26
C GLN C 173 -52.49 -14.66 26.71
N PRO C 174 -53.72 -15.00 27.11
CA PRO C 174 -53.96 -15.40 28.50
C PRO C 174 -53.23 -16.69 28.85
N PHE C 175 -52.84 -16.80 30.12
CA PHE C 175 -52.20 -17.99 30.65
C PHE C 175 -52.61 -18.14 32.11
N LEU C 176 -52.04 -19.14 32.79
CA LEU C 176 -52.37 -19.42 34.18
C LEU C 176 -51.35 -18.81 35.15
N MET C 177 -50.08 -19.19 35.02
CA MET C 177 -48.98 -18.63 35.82
C MET C 177 -49.29 -18.78 37.31
N ASP C 178 -49.28 -20.04 37.75
CA ASP C 178 -49.64 -20.39 39.12
C ASP C 178 -48.88 -19.55 40.14
N LEU C 179 -49.61 -19.09 41.16
CA LEU C 179 -49.08 -18.16 42.15
C LEU C 179 -48.79 -18.84 43.49
N GLU C 180 -48.54 -20.15 43.49
CA GLU C 180 -48.30 -20.86 44.74
C GLU C 180 -47.01 -20.38 45.39
N GLY C 181 -47.03 -20.24 46.71
CA GLY C 181 -45.87 -19.81 47.46
C GLY C 181 -44.91 -20.95 47.75
N LYS C 182 -44.14 -21.35 46.74
CA LYS C 182 -43.22 -22.46 46.90
C LYS C 182 -42.15 -22.14 47.94
N GLN C 183 -41.74 -23.15 48.69
CA GLN C 183 -40.73 -23.01 49.74
C GLN C 183 -39.53 -23.89 49.43
N GLY C 184 -38.35 -23.42 49.82
CA GLY C 184 -37.13 -24.17 49.60
C GLY C 184 -36.04 -23.38 48.91
N ASN C 185 -35.53 -23.90 47.80
CA ASN C 185 -34.45 -23.28 47.05
C ASN C 185 -35.00 -22.56 45.83
N PHE C 186 -34.22 -21.59 45.35
CA PHE C 186 -34.59 -20.85 44.14
C PHE C 186 -34.51 -21.79 42.93
N LYS C 187 -35.60 -21.90 42.19
CA LYS C 187 -35.70 -22.84 41.08
C LYS C 187 -35.79 -22.17 39.72
N ASN C 188 -35.67 -20.85 39.66
CA ASN C 188 -35.72 -20.14 38.38
C ASN C 188 -34.75 -18.97 38.42
N LEU C 189 -33.95 -18.83 37.36
CA LEU C 189 -33.09 -17.67 37.16
C LEU C 189 -33.43 -17.07 35.80
N ARG C 190 -33.97 -15.86 35.81
CA ARG C 190 -34.35 -15.16 34.60
C ARG C 190 -33.44 -13.96 34.43
N GLU C 191 -32.76 -13.88 33.28
CA GLU C 191 -31.84 -12.80 32.97
C GLU C 191 -32.41 -11.97 31.82
N PHE C 192 -32.37 -10.65 31.98
CA PHE C 192 -32.86 -9.72 30.97
C PHE C 192 -31.82 -8.65 30.71
N VAL C 193 -31.75 -8.22 29.46
CA VAL C 193 -30.93 -7.09 29.05
C VAL C 193 -31.85 -6.07 28.41
N PHE C 194 -31.90 -4.86 28.98
CA PHE C 194 -32.73 -3.77 28.50
C PHE C 194 -31.84 -2.67 27.95
N LYS C 195 -32.12 -2.25 26.72
CA LYS C 195 -31.39 -1.16 26.09
C LYS C 195 -32.38 -0.19 25.46
N ASN C 196 -31.98 1.08 25.37
CA ASN C 196 -32.81 2.14 24.77
C ASN C 196 -31.96 2.84 23.71
N ILE C 197 -32.05 2.36 22.47
CA ILE C 197 -31.22 2.85 21.38
C ILE C 197 -32.11 3.31 20.24
N ASP C 198 -31.96 4.58 19.84
CA ASP C 198 -32.64 5.14 18.67
C ASP C 198 -34.16 4.96 18.75
N GLY C 199 -34.72 5.22 19.93
CA GLY C 199 -36.15 5.08 20.11
C GLY C 199 -36.64 3.65 20.16
N TYR C 200 -35.74 2.69 20.28
CA TYR C 200 -36.08 1.27 20.32
C TYR C 200 -35.70 0.71 21.69
N PHE C 201 -36.65 0.03 22.32
CA PHE C 201 -36.39 -0.71 23.55
C PHE C 201 -36.02 -2.13 23.16
N LYS C 202 -34.74 -2.47 23.31
CA LYS C 202 -34.23 -3.79 23.03
C LYS C 202 -34.33 -4.62 24.32
N ILE C 203 -35.01 -5.75 24.25
CA ILE C 203 -35.09 -6.67 25.39
C ILE C 203 -34.56 -8.01 24.95
N TYR C 204 -33.53 -8.48 25.65
CA TYR C 204 -32.98 -9.82 25.47
C TYR C 204 -33.28 -10.63 26.74
N SER C 205 -33.62 -11.91 26.57
CA SER C 205 -34.06 -12.71 27.70
C SER C 205 -33.39 -14.08 27.68
N LYS C 206 -33.27 -14.66 28.87
CA LYS C 206 -32.77 -16.02 29.04
C LYS C 206 -33.31 -16.58 30.35
N HIS C 207 -33.50 -17.90 30.37
CA HIS C 207 -34.02 -18.60 31.54
C HIS C 207 -33.16 -19.82 31.84
N THR C 208 -32.90 -20.05 33.12
CA THR C 208 -32.08 -21.17 33.57
C THR C 208 -32.72 -21.81 34.79
N PRO C 209 -32.70 -23.16 34.87
CA PRO C 209 -33.25 -23.84 36.05
C PRO C 209 -32.58 -23.42 37.35
N ILE C 210 -31.26 -23.68 37.44
CA ILE C 210 -30.39 -23.40 38.59
C ILE C 210 -30.90 -23.99 39.90
N ASN C 211 -30.00 -24.12 40.88
CA ASN C 211 -30.39 -24.59 42.21
C ASN C 211 -29.33 -24.11 43.20
N LEU C 212 -29.66 -23.05 43.94
CA LEU C 212 -28.79 -22.53 44.99
C LEU C 212 -29.63 -21.72 45.96
N VAL C 213 -28.97 -21.15 46.97
CA VAL C 213 -29.65 -20.53 48.10
C VAL C 213 -29.66 -19.00 47.98
N ARG C 214 -28.48 -18.38 47.97
CA ARG C 214 -28.37 -16.95 48.24
C ARG C 214 -27.91 -16.13 47.05
N ASP C 215 -26.75 -16.44 46.47
CA ASP C 215 -26.07 -15.52 45.58
C ASP C 215 -26.42 -15.81 44.12
N LEU C 216 -25.86 -15.00 43.24
CA LEU C 216 -26.03 -15.22 41.80
C LEU C 216 -25.20 -16.42 41.36
N PRO C 217 -25.77 -17.34 40.59
CA PRO C 217 -25.00 -18.49 40.14
C PRO C 217 -23.89 -18.09 39.19
N GLN C 218 -22.81 -18.87 39.21
CA GLN C 218 -21.63 -18.62 38.40
C GLN C 218 -21.67 -19.52 37.17
N GLY C 219 -21.57 -18.91 35.99
CA GLY C 219 -21.60 -19.65 34.75
C GLY C 219 -21.78 -18.73 33.57
N PHE C 220 -21.96 -19.34 32.41
CA PHE C 220 -22.13 -18.63 31.16
C PHE C 220 -23.43 -19.05 30.50
N SER C 221 -24.19 -18.06 30.02
CA SER C 221 -25.46 -18.33 29.34
C SER C 221 -25.76 -17.13 28.45
N ALA C 222 -25.68 -17.32 27.14
CA ALA C 222 -25.94 -16.24 26.20
C ALA C 222 -27.42 -15.90 26.17
N LEU C 223 -27.73 -14.61 26.24
CA LEU C 223 -29.12 -14.15 26.20
C LEU C 223 -29.59 -14.01 24.76
N GLU C 224 -30.73 -14.59 24.47
CA GLU C 224 -31.26 -14.48 23.12
C GLU C 224 -32.19 -13.27 23.00
N PRO C 225 -32.27 -12.65 21.83
CA PRO C 225 -33.18 -11.52 21.65
C PRO C 225 -34.62 -11.91 21.94
N LEU C 226 -35.32 -11.06 22.69
CA LEU C 226 -36.70 -11.30 23.06
C LEU C 226 -37.67 -10.39 22.29
N VAL C 227 -37.46 -9.07 22.35
CA VAL C 227 -38.40 -8.15 21.73
C VAL C 227 -37.68 -6.86 21.34
N ASP C 228 -38.24 -6.18 20.33
CA ASP C 228 -37.74 -4.91 19.82
C ASP C 228 -38.92 -3.95 19.80
N LEU C 229 -39.16 -3.28 20.93
CA LEU C 229 -40.33 -2.43 21.06
C LEU C 229 -40.06 -1.05 20.45
N PRO C 230 -40.86 -0.58 19.50
CA PRO C 230 -40.70 0.78 18.95
C PRO C 230 -41.23 1.83 19.93
N ILE C 231 -40.45 2.08 20.98
CA ILE C 231 -40.95 2.83 22.12
C ILE C 231 -40.80 4.33 21.93
N GLY C 232 -39.59 4.81 21.66
CA GLY C 232 -39.37 6.21 21.37
C GLY C 232 -39.65 7.18 22.50
N ILE C 233 -39.20 6.87 23.72
CA ILE C 233 -39.34 7.77 24.86
C ILE C 233 -37.98 7.91 25.54
N ASN C 234 -37.86 8.98 26.34
CA ASN C 234 -36.64 9.23 27.10
C ASN C 234 -36.69 8.44 28.40
N ILE C 235 -35.65 7.65 28.66
CA ILE C 235 -35.60 6.78 29.83
C ILE C 235 -34.28 7.03 30.55
N THR C 236 -34.36 7.36 31.84
CA THR C 236 -33.19 7.50 32.69
C THR C 236 -33.30 6.76 34.02
N ARG C 237 -34.49 6.34 34.43
CA ARG C 237 -34.72 5.65 35.68
C ARG C 237 -35.71 4.51 35.46
N PHE C 238 -35.64 3.52 36.35
CA PHE C 238 -36.54 2.37 36.26
C PHE C 238 -36.78 1.82 37.66
N GLN C 239 -37.95 1.23 37.85
CA GLN C 239 -38.35 0.65 39.13
C GLN C 239 -38.95 -0.74 38.90
N THR C 240 -38.60 -1.67 39.77
CA THR C 240 -39.07 -3.04 39.67
C THR C 240 -40.37 -3.20 40.46
N LEU C 241 -41.39 -3.73 39.80
CA LEU C 241 -42.69 -4.00 40.42
C LEU C 241 -42.73 -5.47 40.82
N LEU C 242 -42.95 -5.72 42.11
CA LEU C 242 -42.90 -7.05 42.71
C LEU C 242 -44.31 -7.52 43.03
N ALA C 243 -44.39 -8.65 43.72
CA ALA C 243 -45.66 -9.22 44.18
C ALA C 243 -45.54 -9.59 45.64
N LEU C 244 -46.51 -9.18 46.45
CA LEU C 244 -46.56 -9.51 47.87
C LEU C 244 -47.69 -10.50 48.14
N HIS C 245 -47.65 -11.12 49.31
CA HIS C 245 -48.60 -12.14 49.70
C HIS C 245 -49.43 -11.68 50.88
N ARG C 246 -50.73 -11.97 50.84
CA ARG C 246 -51.64 -11.72 51.95
C ARG C 246 -52.46 -12.98 52.21
N SER C 247 -52.73 -13.26 53.47
CA SER C 247 -53.47 -14.46 53.85
C SER C 247 -54.12 -14.20 55.22
N TYR C 248 -54.63 -15.28 55.83
CA TYR C 248 -55.22 -15.18 57.16
C TYR C 248 -54.19 -14.80 58.21
N LEU C 249 -52.92 -15.08 57.98
CA LEU C 249 -51.85 -14.64 58.88
C LEU C 249 -51.50 -13.19 58.55
N THR C 250 -50.42 -12.68 59.17
CA THR C 250 -49.90 -11.32 59.06
C THR C 250 -51.02 -10.29 58.87
N PRO C 251 -51.89 -10.10 59.86
CA PRO C 251 -53.02 -9.18 59.69
C PRO C 251 -52.56 -7.73 59.64
N GLY C 252 -53.41 -6.90 59.05
CA GLY C 252 -53.10 -5.49 58.93
C GLY C 252 -54.21 -4.74 58.23
N ASP C 253 -53.89 -3.52 57.82
CA ASP C 253 -54.84 -2.63 57.16
C ASP C 253 -54.40 -2.32 55.73
N SER C 254 -53.94 -3.35 55.02
CA SER C 254 -53.49 -3.31 53.63
C SER C 254 -52.19 -2.52 53.45
N SER C 255 -51.65 -1.92 54.50
CA SER C 255 -50.37 -1.23 54.44
C SER C 255 -49.26 -1.94 55.21
N SER C 256 -49.63 -2.72 56.23
CA SER C 256 -48.66 -3.50 56.99
C SER C 256 -49.01 -4.98 57.06
N GLY C 257 -50.22 -5.36 56.65
CA GLY C 257 -50.62 -6.76 56.67
C GLY C 257 -50.25 -7.50 55.40
N TRP C 258 -48.96 -7.73 55.20
CA TRP C 258 -48.48 -8.42 54.01
C TRP C 258 -47.20 -9.16 54.34
N THR C 259 -46.89 -10.15 53.52
CA THR C 259 -45.63 -10.89 53.61
C THR C 259 -45.02 -11.01 52.22
N ALA C 260 -43.69 -11.00 52.17
CA ALA C 260 -42.96 -11.01 50.91
C ALA C 260 -42.38 -12.39 50.66
N GLY C 261 -42.70 -12.97 49.50
CA GLY C 261 -42.11 -14.23 49.12
C GLY C 261 -40.63 -14.11 48.84
N ALA C 262 -39.89 -15.18 49.15
CA ALA C 262 -38.44 -15.17 49.04
C ALA C 262 -38.02 -15.06 47.59
N ALA C 263 -37.30 -13.99 47.25
CA ALA C 263 -36.76 -13.79 45.91
C ALA C 263 -35.61 -12.81 45.99
N ALA C 264 -34.80 -12.79 44.92
CA ALA C 264 -33.69 -11.85 44.84
C ALA C 264 -33.56 -11.37 43.40
N TYR C 265 -33.15 -10.12 43.24
CA TYR C 265 -32.87 -9.59 41.91
C TYR C 265 -31.64 -8.71 41.94
N TYR C 266 -30.84 -8.82 40.88
CA TYR C 266 -29.54 -8.18 40.78
C TYR C 266 -29.53 -7.25 39.57
N VAL C 267 -28.96 -6.07 39.75
CA VAL C 267 -28.97 -5.01 38.76
C VAL C 267 -27.53 -4.63 38.43
N GLY C 268 -27.20 -4.66 37.14
CA GLY C 268 -25.92 -4.17 36.67
C GLY C 268 -26.11 -3.25 35.48
N TYR C 269 -25.05 -2.51 35.16
CA TYR C 269 -25.10 -1.48 34.14
C TYR C 269 -24.16 -1.82 33.00
N LEU C 270 -24.65 -1.64 31.77
CA LEU C 270 -23.88 -1.94 30.57
C LEU C 270 -23.00 -0.77 30.18
N GLN C 271 -21.85 -1.08 29.58
CA GLN C 271 -20.91 -0.12 29.07
C GLN C 271 -20.49 -0.52 27.67
N PRO C 272 -20.05 0.43 26.84
CA PRO C 272 -19.55 0.07 25.50
C PRO C 272 -18.22 -0.65 25.57
N ARG C 273 -18.23 -1.96 25.33
CA ARG C 273 -17.04 -2.79 25.42
C ARG C 273 -16.92 -3.68 24.20
N THR C 274 -15.71 -4.15 23.95
CA THR C 274 -15.42 -5.11 22.90
C THR C 274 -15.33 -6.50 23.51
N PHE C 275 -16.14 -7.42 23.00
CA PHE C 275 -16.21 -8.78 23.50
C PHE C 275 -15.84 -9.75 22.39
N LEU C 276 -15.05 -10.77 22.74
CA LEU C 276 -14.71 -11.85 21.83
C LEU C 276 -15.52 -13.08 22.25
N LEU C 277 -16.54 -13.40 21.46
CA LEU C 277 -17.44 -14.50 21.76
C LEU C 277 -17.06 -15.74 20.95
N LYS C 278 -17.34 -16.90 21.52
CA LYS C 278 -17.02 -18.19 20.90
C LYS C 278 -18.32 -18.88 20.49
N TYR C 279 -18.50 -19.07 19.19
CA TYR C 279 -19.61 -19.82 18.65
C TYR C 279 -19.15 -21.26 18.41
N ASN C 280 -19.81 -22.21 19.05
CA ASN C 280 -19.46 -23.61 18.92
C ASN C 280 -20.00 -24.15 17.60
N GLU C 281 -19.86 -25.46 17.38
CA GLU C 281 -20.32 -26.06 16.13
C GLU C 281 -21.84 -26.00 15.97
N ASN C 282 -22.58 -25.81 17.06
CA ASN C 282 -24.03 -25.73 17.02
C ASN C 282 -24.54 -24.30 16.94
N GLY C 283 -23.66 -23.31 16.85
CA GLY C 283 -24.09 -21.93 16.76
C GLY C 283 -24.49 -21.29 18.07
N THR C 284 -24.01 -21.82 19.19
CA THR C 284 -24.33 -21.30 20.51
C THR C 284 -23.11 -20.61 21.11
N ILE C 285 -23.31 -19.42 21.66
CA ILE C 285 -22.23 -18.69 22.32
C ILE C 285 -21.98 -19.36 23.68
N THR C 286 -20.83 -20.02 23.81
CA THR C 286 -20.50 -20.76 25.03
C THR C 286 -19.48 -20.07 25.91
N ASP C 287 -18.74 -19.10 25.40
CA ASP C 287 -17.74 -18.39 26.19
C ASP C 287 -17.49 -17.03 25.58
N ALA C 288 -16.94 -16.13 26.40
CA ALA C 288 -16.65 -14.78 25.95
C ALA C 288 -15.45 -14.25 26.72
N VAL C 289 -14.76 -13.30 26.09
CA VAL C 289 -13.61 -12.63 26.66
C VAL C 289 -13.85 -11.13 26.59
N ASP C 290 -13.72 -10.46 27.73
CA ASP C 290 -13.85 -9.00 27.83
C ASP C 290 -12.46 -8.39 27.62
N CYS C 291 -12.26 -7.78 26.45
CA CYS C 291 -10.91 -7.34 26.07
C CYS C 291 -10.37 -6.27 27.02
N ALA C 292 -11.25 -5.49 27.64
CA ALA C 292 -10.83 -4.39 28.50
C ALA C 292 -10.75 -4.78 29.97
N LEU C 293 -10.95 -6.07 30.30
CA LEU C 293 -10.96 -6.48 31.70
C LEU C 293 -9.56 -6.38 32.30
N ASP C 294 -8.56 -6.94 31.62
CA ASP C 294 -7.19 -6.95 32.13
C ASP C 294 -6.26 -7.15 30.95
N PRO C 295 -4.95 -6.89 31.13
CA PRO C 295 -4.01 -7.12 30.01
C PRO C 295 -4.01 -8.53 29.48
N LEU C 296 -4.25 -9.53 30.34
CA LEU C 296 -4.33 -10.91 29.84
C LEU C 296 -5.50 -11.08 28.88
N SER C 297 -6.66 -10.51 29.21
CA SER C 297 -7.80 -10.57 28.30
C SER C 297 -7.56 -9.76 27.03
N GLU C 298 -6.85 -8.64 27.15
CA GLU C 298 -6.48 -7.89 25.95
C GLU C 298 -5.59 -8.72 25.03
N THR C 299 -4.63 -9.45 25.61
CA THR C 299 -3.79 -10.33 24.81
C THR C 299 -4.62 -11.46 24.19
N LYS C 300 -5.58 -12.00 24.95
CA LYS C 300 -6.46 -13.03 24.40
C LYS C 300 -7.24 -12.51 23.21
N CYS C 301 -7.77 -11.28 23.30
CA CYS C 301 -8.51 -10.69 22.20
C CYS C 301 -7.60 -10.42 21.00
N THR C 302 -6.38 -9.92 21.26
CA THR C 302 -5.45 -9.61 20.17
C THR C 302 -5.05 -10.88 19.43
N LEU C 303 -4.77 -11.96 20.16
CA LEU C 303 -4.41 -13.23 19.55
C LEU C 303 -5.61 -13.96 18.96
N LYS C 304 -6.83 -13.48 19.22
CA LYS C 304 -8.05 -14.12 18.73
C LYS C 304 -8.11 -15.58 19.17
N SER C 305 -7.79 -15.83 20.43
CA SER C 305 -7.86 -17.17 21.00
C SER C 305 -8.13 -17.07 22.48
N PHE C 306 -8.70 -18.13 23.04
CA PHE C 306 -9.00 -18.20 24.47
C PHE C 306 -7.85 -18.75 25.29
N THR C 307 -6.78 -19.22 24.66
CA THR C 307 -5.62 -19.75 25.36
C THR C 307 -4.38 -19.00 24.92
N VAL C 308 -3.52 -18.68 25.88
CA VAL C 308 -2.29 -17.93 25.64
C VAL C 308 -1.11 -18.79 26.06
N GLU C 309 -0.13 -18.91 25.16
CA GLU C 309 1.08 -19.67 25.46
C GLU C 309 2.00 -18.86 26.39
N LYS C 310 2.97 -19.54 26.98
CA LYS C 310 3.93 -18.90 27.86
C LYS C 310 4.76 -17.88 27.10
N GLY C 311 4.92 -16.70 27.68
CA GLY C 311 5.75 -15.67 27.09
C GLY C 311 5.30 -14.29 27.51
N ILE C 312 5.90 -13.30 26.87
CA ILE C 312 5.63 -11.89 27.12
C ILE C 312 5.05 -11.28 25.85
N TYR C 313 3.93 -10.56 26.01
CA TYR C 313 3.20 -9.99 24.89
C TYR C 313 2.99 -8.50 25.13
N GLN C 314 3.26 -7.70 24.11
CA GLN C 314 3.03 -6.26 24.20
C GLN C 314 1.54 -5.96 24.05
N THR C 315 0.99 -5.21 24.99
CA THR C 315 -0.40 -4.80 24.95
C THR C 315 -0.49 -3.34 24.54
N SER C 316 -1.71 -2.79 24.59
CA SER C 316 -1.90 -1.37 24.28
C SER C 316 -1.20 -0.51 25.32
N ASN C 317 -0.81 0.70 24.89
CA ASN C 317 -0.14 1.62 25.79
C ASN C 317 -1.08 2.03 26.93
N PHE C 318 -0.47 2.49 28.02
CA PHE C 318 -1.25 2.90 29.18
C PHE C 318 -2.17 4.06 28.83
N ARG C 319 -3.45 3.89 29.11
CA ARG C 319 -4.47 4.89 28.76
C ARG C 319 -5.05 5.50 30.03
N VAL C 320 -5.21 6.82 30.01
CA VAL C 320 -5.83 7.57 31.10
C VAL C 320 -7.10 8.19 30.55
N GLN C 321 -8.26 7.75 31.06
CA GLN C 321 -9.52 8.28 30.59
C GLN C 321 -9.75 9.68 31.15
N PRO C 322 -10.39 10.57 30.38
CA PRO C 322 -10.69 11.90 30.91
C PRO C 322 -11.68 11.83 32.07
N THR C 323 -11.53 12.75 33.02
CA THR C 323 -12.37 12.78 34.20
C THR C 323 -13.45 13.85 34.12
N GLU C 324 -13.14 15.02 33.58
CA GLU C 324 -14.09 16.12 33.47
C GLU C 324 -14.15 16.61 32.03
N SER C 325 -15.17 17.42 31.74
CA SER C 325 -15.32 18.08 30.46
C SER C 325 -15.47 19.57 30.69
N ILE C 326 -14.66 20.36 30.00
CA ILE C 326 -14.61 21.80 30.19
C ILE C 326 -14.81 22.50 28.85
N VAL C 327 -15.51 23.63 28.87
CA VAL C 327 -15.72 24.47 27.71
C VAL C 327 -15.20 25.86 28.03
N ARG C 328 -14.37 26.40 27.15
CA ARG C 328 -13.77 27.73 27.32
C ARG C 328 -14.11 28.56 26.09
N PHE C 329 -15.14 29.41 26.22
CA PHE C 329 -15.53 30.35 25.19
C PHE C 329 -15.31 31.78 25.69
N PRO C 330 -15.05 32.72 24.81
CA PRO C 330 -14.95 34.13 25.24
C PRO C 330 -16.28 34.61 25.81
N ASN C 331 -16.18 35.44 26.85
CA ASN C 331 -17.37 35.86 27.59
C ASN C 331 -18.11 36.92 26.80
N ILE C 332 -19.08 36.48 26.00
CA ILE C 332 -19.92 37.36 25.20
C ILE C 332 -21.37 37.13 25.59
N THR C 333 -22.09 38.22 25.87
CA THR C 333 -23.49 38.16 26.24
C THR C 333 -24.44 38.68 25.18
N ASN C 334 -23.98 39.57 24.30
CA ASN C 334 -24.86 40.14 23.28
C ASN C 334 -25.19 39.09 22.22
N LEU C 335 -26.46 39.10 21.80
CA LEU C 335 -26.90 38.21 20.73
C LEU C 335 -26.53 38.79 19.37
N CYS C 336 -26.31 37.91 18.41
CA CYS C 336 -25.95 38.35 17.07
C CYS C 336 -27.12 39.10 16.43
N PRO C 337 -26.84 40.07 15.57
CA PRO C 337 -27.92 40.88 14.97
C PRO C 337 -28.76 40.10 13.98
N PHE C 338 -29.50 39.10 14.47
CA PHE C 338 -30.40 38.36 13.61
C PHE C 338 -31.52 39.24 13.07
N GLY C 339 -32.02 40.15 13.90
CA GLY C 339 -33.05 41.08 13.43
C GLY C 339 -32.53 42.05 12.39
N GLU C 340 -31.28 42.50 12.55
CA GLU C 340 -30.70 43.43 11.60
C GLU C 340 -30.36 42.78 10.26
N VAL C 341 -30.37 41.45 10.18
CA VAL C 341 -30.01 40.73 8.96
C VAL C 341 -31.24 40.09 8.31
N PHE C 342 -31.93 39.20 9.03
CA PHE C 342 -33.04 38.47 8.46
C PHE C 342 -34.38 39.22 8.55
N ASN C 343 -34.45 40.28 9.35
CA ASN C 343 -35.66 41.07 9.51
C ASN C 343 -35.53 42.46 8.90
N ALA C 344 -34.55 42.66 8.03
CA ALA C 344 -34.32 43.98 7.45
C ALA C 344 -35.49 44.40 6.57
N THR C 345 -35.90 45.65 6.71
CA THR C 345 -37.01 46.17 5.91
C THR C 345 -36.67 46.19 4.43
N ARG C 346 -35.46 46.62 4.08
CA ARG C 346 -35.02 46.73 2.69
C ARG C 346 -33.77 45.89 2.48
N PHE C 347 -33.76 45.13 1.39
CA PHE C 347 -32.60 44.34 1.00
C PHE C 347 -31.94 44.97 -0.23
N ALA C 348 -30.68 44.63 -0.44
CA ALA C 348 -29.91 45.18 -1.54
C ALA C 348 -30.08 44.33 -2.80
N SER C 349 -29.76 44.94 -3.94
CA SER C 349 -29.81 44.23 -5.21
C SER C 349 -28.66 43.23 -5.30
N VAL C 350 -28.84 42.22 -6.15
CA VAL C 350 -27.84 41.16 -6.26
C VAL C 350 -26.54 41.70 -6.85
N TYR C 351 -26.64 42.63 -7.81
CA TYR C 351 -25.43 43.23 -8.36
C TYR C 351 -24.73 44.14 -7.36
N ALA C 352 -25.46 44.65 -6.37
CA ALA C 352 -24.88 45.48 -5.32
C ALA C 352 -25.12 44.84 -3.96
N TRP C 353 -24.85 43.54 -3.85
CA TRP C 353 -25.14 42.79 -2.64
C TRP C 353 -24.43 43.40 -1.43
N ASN C 354 -25.13 43.47 -0.31
CA ASN C 354 -24.61 44.13 0.89
C ASN C 354 -23.80 43.14 1.71
N ARG C 355 -22.67 43.61 2.23
CA ARG C 355 -21.82 42.80 3.11
C ARG C 355 -21.75 43.45 4.48
N LYS C 356 -22.08 42.68 5.52
CA LYS C 356 -22.09 43.17 6.89
C LYS C 356 -21.18 42.30 7.75
N ARG C 357 -20.38 42.94 8.58
CA ARG C 357 -19.47 42.25 9.49
C ARG C 357 -20.20 41.89 10.77
N ILE C 358 -20.02 40.66 11.24
CA ILE C 358 -20.62 40.18 12.48
C ILE C 358 -19.48 39.85 13.44
N SER C 359 -19.49 40.47 14.62
CA SER C 359 -18.41 40.29 15.57
C SER C 359 -18.93 40.44 16.99
N ASN C 360 -18.31 39.70 17.91
CA ASN C 360 -18.60 39.77 19.35
C ASN C 360 -20.07 39.50 19.64
N CYS C 361 -20.51 38.29 19.33
CA CYS C 361 -21.89 37.92 19.56
C CYS C 361 -22.03 36.42 19.67
N VAL C 362 -23.20 36.00 20.16
CA VAL C 362 -23.56 34.60 20.33
C VAL C 362 -24.57 34.24 19.25
N ALA C 363 -24.22 33.26 18.42
CA ALA C 363 -25.04 32.86 17.28
C ALA C 363 -26.07 31.82 17.73
N ASP C 364 -27.02 32.28 18.53
CA ASP C 364 -28.15 31.45 18.97
C ASP C 364 -29.25 31.59 17.94
N TYR C 365 -29.11 30.84 16.84
CA TYR C 365 -30.05 30.93 15.73
C TYR C 365 -31.41 30.34 16.06
N SER C 366 -31.57 29.68 17.21
CA SER C 366 -32.87 29.16 17.60
C SER C 366 -33.91 30.26 17.77
N VAL C 367 -33.47 31.50 18.02
CA VAL C 367 -34.39 32.62 18.11
C VAL C 367 -35.09 32.87 16.77
N LEU C 368 -34.49 32.42 15.67
CA LEU C 368 -35.13 32.51 14.36
C LEU C 368 -36.23 31.48 14.17
N TYR C 369 -36.35 30.51 15.08
CA TYR C 369 -37.37 29.47 14.94
C TYR C 369 -38.78 30.04 15.06
N ASN C 370 -38.94 31.14 15.79
CA ASN C 370 -40.26 31.67 16.07
C ASN C 370 -40.93 32.22 14.81
N SER C 371 -40.21 33.03 14.04
CA SER C 371 -40.80 33.77 12.94
C SER C 371 -40.16 33.53 11.59
N ALA C 372 -38.94 33.01 11.53
CA ALA C 372 -38.20 32.88 10.28
C ALA C 372 -38.34 31.46 9.75
N SER C 373 -38.87 31.34 8.53
CA SER C 373 -38.96 30.08 7.83
C SER C 373 -38.11 30.18 6.56
N PHE C 374 -37.17 29.25 6.40
CA PHE C 374 -36.20 29.31 5.33
C PHE C 374 -36.43 28.16 4.35
N SER C 375 -36.59 28.51 3.07
CA SER C 375 -36.74 27.48 2.04
C SER C 375 -35.43 26.74 1.80
N THR C 376 -34.31 27.46 1.84
CA THR C 376 -33.00 26.89 1.58
C THR C 376 -32.07 27.21 2.74
N PHE C 377 -31.38 26.18 3.25
CA PHE C 377 -30.37 26.37 4.28
C PHE C 377 -29.32 25.28 4.07
N LYS C 378 -28.23 25.64 3.38
CA LYS C 378 -27.20 24.68 3.01
C LYS C 378 -25.86 25.16 3.56
N CYS C 379 -25.23 24.34 4.39
CA CYS C 379 -23.92 24.62 4.93
C CYS C 379 -22.89 23.74 4.24
N TYR C 380 -21.74 24.32 3.91
CA TYR C 380 -20.74 23.66 3.09
C TYR C 380 -19.50 23.25 3.88
N GLY C 381 -18.88 24.18 4.60
CA GLY C 381 -17.69 23.90 5.36
C GLY C 381 -17.91 23.45 6.79
N VAL C 382 -19.16 23.22 7.18
CA VAL C 382 -19.46 22.81 8.56
C VAL C 382 -20.78 22.05 8.55
N SER C 383 -20.87 21.03 9.39
CA SER C 383 -22.13 20.34 9.56
C SER C 383 -23.09 21.21 10.37
N PRO C 384 -24.38 21.23 10.02
CA PRO C 384 -25.32 22.08 10.78
C PRO C 384 -25.40 21.74 12.25
N THR C 385 -25.39 20.45 12.60
CA THR C 385 -25.58 20.03 13.99
C THR C 385 -24.43 20.46 14.88
N LYS C 386 -23.28 20.78 14.31
CA LYS C 386 -22.14 21.27 15.08
C LYS C 386 -22.11 22.78 15.22
N LEU C 387 -23.03 23.48 14.56
CA LEU C 387 -23.00 24.95 14.57
C LEU C 387 -23.17 25.53 15.97
N ASN C 388 -23.78 24.79 16.89
CA ASN C 388 -23.96 25.26 18.25
C ASN C 388 -22.74 25.03 19.13
N ASP C 389 -21.75 24.27 18.66
CA ASP C 389 -20.57 23.94 19.45
C ASP C 389 -19.29 24.54 18.87
N LEU C 390 -19.40 25.59 18.06
CA LEU C 390 -18.25 26.15 17.37
C LEU C 390 -18.21 27.66 17.55
N CYS C 391 -17.02 28.21 17.34
CA CYS C 391 -16.79 29.65 17.31
C CYS C 391 -16.26 30.04 15.93
N PHE C 392 -16.74 31.15 15.40
CA PHE C 392 -16.48 31.56 14.03
C PHE C 392 -15.57 32.77 14.00
N THR C 393 -14.60 32.76 13.07
CA THR C 393 -13.54 33.76 13.09
C THR C 393 -13.96 35.07 12.44
N ASN C 394 -14.26 35.04 11.14
CA ASN C 394 -14.55 36.24 10.37
C ASN C 394 -15.93 36.08 9.74
N VAL C 395 -16.96 36.46 10.48
CA VAL C 395 -18.34 36.28 10.05
C VAL C 395 -18.75 37.45 9.19
N TYR C 396 -19.09 37.16 7.93
CA TYR C 396 -19.60 38.17 7.02
C TYR C 396 -20.90 37.67 6.41
N ALA C 397 -21.93 38.52 6.48
CA ALA C 397 -23.25 38.21 5.94
C ALA C 397 -23.45 39.02 4.67
N ASP C 398 -23.62 38.32 3.55
CA ASP C 398 -23.91 38.94 2.27
C ASP C 398 -25.39 38.77 1.97
N SER C 399 -26.12 39.89 1.92
CA SER C 399 -27.55 39.90 1.75
C SER C 399 -27.91 40.50 0.40
N PHE C 400 -28.85 39.85 -0.29
CA PHE C 400 -29.40 40.36 -1.54
C PHE C 400 -30.75 39.70 -1.80
N VAL C 401 -31.36 40.08 -2.92
CA VAL C 401 -32.64 39.54 -3.36
C VAL C 401 -32.50 39.07 -4.79
N ILE C 402 -32.95 37.84 -5.06
CA ILE C 402 -32.87 37.25 -6.39
C ILE C 402 -34.22 36.63 -6.74
N ARG C 403 -34.26 35.98 -7.90
CA ARG C 403 -35.43 35.23 -8.31
C ARG C 403 -35.50 33.89 -7.59
N GLY C 404 -36.70 33.29 -7.60
CA GLY C 404 -36.84 31.96 -7.02
C GLY C 404 -36.05 30.91 -7.78
N ASP C 405 -35.97 31.06 -9.10
CA ASP C 405 -35.27 30.08 -9.92
C ASP C 405 -33.74 30.24 -9.82
N GLU C 406 -33.26 31.38 -9.35
CA GLU C 406 -31.83 31.65 -9.26
C GLU C 406 -31.25 31.34 -7.88
N VAL C 407 -32.05 30.79 -6.97
CA VAL C 407 -31.52 30.42 -5.66
C VAL C 407 -30.50 29.31 -5.79
N ARG C 408 -30.74 28.36 -6.70
CA ARG C 408 -29.81 27.26 -6.93
C ARG C 408 -28.45 27.75 -7.43
N GLN C 409 -28.39 28.93 -8.03
CA GLN C 409 -27.12 29.46 -8.53
C GLN C 409 -26.20 29.94 -7.42
N ILE C 410 -26.69 30.04 -6.18
CA ILE C 410 -25.86 30.48 -5.06
C ILE C 410 -25.19 29.23 -4.51
N ALA C 411 -24.06 28.87 -5.13
CA ALA C 411 -23.30 27.70 -4.74
C ALA C 411 -21.87 27.88 -5.24
N PRO C 412 -20.90 27.17 -4.63
CA PRO C 412 -19.50 27.37 -5.05
C PRO C 412 -19.24 27.11 -6.52
N GLY C 413 -19.89 26.13 -7.12
CA GLY C 413 -19.56 25.74 -8.49
C GLY C 413 -20.71 25.80 -9.48
N GLN C 414 -21.56 26.82 -9.37
CA GLN C 414 -22.69 26.97 -10.28
C GLN C 414 -22.39 27.98 -11.37
N THR C 415 -23.09 27.84 -12.49
CA THR C 415 -23.05 28.79 -13.59
C THR C 415 -24.44 29.38 -13.79
N GLY C 416 -24.48 30.50 -14.51
CA GLY C 416 -25.73 31.19 -14.74
C GLY C 416 -25.58 32.70 -14.69
N LYS C 417 -26.68 33.42 -14.85
CA LYS C 417 -26.62 34.88 -14.86
C LYS C 417 -26.12 35.43 -13.53
N ILE C 418 -26.74 35.00 -12.44
CA ILE C 418 -26.35 35.49 -11.12
C ILE C 418 -24.95 35.01 -10.76
N ALA C 419 -24.65 33.74 -11.04
CA ALA C 419 -23.37 33.17 -10.64
C ALA C 419 -22.22 33.76 -11.45
N ASP C 420 -22.47 34.23 -12.66
CA ASP C 420 -21.40 34.75 -13.50
C ASP C 420 -21.26 36.26 -13.42
N TYR C 421 -22.37 37.01 -13.39
CA TYR C 421 -22.31 38.46 -13.51
C TYR C 421 -22.66 39.20 -12.23
N ASN C 422 -23.27 38.54 -11.24
CA ASN C 422 -23.78 39.23 -10.07
C ASN C 422 -23.09 38.81 -8.78
N TYR C 423 -23.06 37.52 -8.47
CA TYR C 423 -22.54 37.04 -7.20
C TYR C 423 -21.98 35.64 -7.37
N LYS C 424 -20.69 35.47 -7.11
CA LYS C 424 -20.02 34.19 -7.25
C LYS C 424 -19.42 33.77 -5.91
N LEU C 425 -19.62 32.50 -5.55
CA LEU C 425 -19.06 31.91 -4.35
C LEU C 425 -17.73 31.23 -4.66
N PRO C 426 -16.76 31.29 -3.76
CA PRO C 426 -15.49 30.61 -3.99
C PRO C 426 -15.65 29.10 -4.00
N ASP C 427 -14.74 28.42 -4.70
CA ASP C 427 -14.78 26.96 -4.76
C ASP C 427 -14.57 26.37 -3.37
N ASP C 428 -13.63 26.90 -2.61
CA ASP C 428 -13.40 26.47 -1.23
C ASP C 428 -14.18 27.33 -0.24
N PHE C 429 -15.48 27.43 -0.47
CA PHE C 429 -16.34 28.28 0.36
C PHE C 429 -16.68 27.56 1.65
N THR C 430 -16.44 28.24 2.78
CA THR C 430 -16.79 27.73 4.10
C THR C 430 -17.86 28.66 4.67
N GLY C 431 -19.07 28.16 4.84
CA GLY C 431 -20.15 28.97 5.35
C GLY C 431 -21.49 28.31 5.07
N CYS C 432 -22.55 29.13 5.17
CA CYS C 432 -23.91 28.65 5.00
C CYS C 432 -24.70 29.63 4.17
N VAL C 433 -25.46 29.12 3.20
CA VAL C 433 -26.34 29.92 2.36
C VAL C 433 -27.77 29.70 2.82
N ILE C 434 -28.48 30.80 3.08
CA ILE C 434 -29.86 30.78 3.53
C ILE C 434 -30.69 31.59 2.55
N ALA C 435 -31.84 31.06 2.16
CA ALA C 435 -32.73 31.75 1.23
C ALA C 435 -34.17 31.49 1.63
N TRP C 436 -34.98 32.55 1.58
CA TRP C 436 -36.40 32.40 1.91
C TRP C 436 -37.23 33.30 1.01
N ASN C 437 -38.41 32.82 0.63
CA ASN C 437 -39.32 33.58 -0.21
C ASN C 437 -39.77 34.85 0.50
N SER C 438 -39.76 35.97 -0.24
CA SER C 438 -40.18 37.26 0.28
C SER C 438 -41.20 37.90 -0.65
N ASN C 439 -42.17 37.10 -1.11
CA ASN C 439 -43.21 37.63 -1.98
C ASN C 439 -44.13 38.59 -1.23
N ASN C 440 -44.31 38.39 0.07
CA ASN C 440 -45.15 39.28 0.86
C ASN C 440 -44.48 40.61 1.18
N LEU C 441 -43.19 40.75 0.89
CA LEU C 441 -42.45 41.96 1.22
C LEU C 441 -41.88 42.68 0.00
N ASP C 442 -41.31 41.95 -0.95
CA ASP C 442 -40.60 42.56 -2.07
C ASP C 442 -41.43 42.59 -3.35
N SER C 443 -42.72 42.32 -3.28
CA SER C 443 -43.59 42.32 -4.44
C SER C 443 -44.61 43.44 -4.32
N LYS C 444 -44.92 44.08 -5.45
CA LYS C 444 -45.89 45.16 -5.52
C LYS C 444 -46.93 44.84 -6.58
N VAL C 445 -48.15 45.32 -6.36
CA VAL C 445 -49.26 45.01 -7.27
C VAL C 445 -48.96 45.52 -8.67
N GLY C 446 -48.47 46.76 -8.77
CA GLY C 446 -48.06 47.30 -10.06
C GLY C 446 -46.71 46.83 -10.54
N GLY C 447 -45.98 46.10 -9.70
CA GLY C 447 -44.67 45.60 -10.07
C GLY C 447 -43.54 46.31 -9.33
N ASN C 448 -42.75 45.54 -8.59
CA ASN C 448 -41.63 46.09 -7.83
C ASN C 448 -40.39 46.08 -8.71
N TYR C 449 -39.91 47.28 -9.07
CA TYR C 449 -38.76 47.43 -9.95
C TYR C 449 -37.54 48.00 -9.24
N ASN C 450 -37.52 47.94 -7.91
CA ASN C 450 -36.39 48.47 -7.15
C ASN C 450 -35.21 47.50 -7.07
N TYR C 451 -35.40 46.24 -7.47
CA TYR C 451 -34.34 45.24 -7.42
C TYR C 451 -33.80 45.01 -8.83
N LEU C 452 -32.49 45.10 -8.99
CA LEU C 452 -31.84 44.98 -10.28
C LEU C 452 -30.81 43.86 -10.27
N TYR C 453 -30.53 43.33 -11.46
CA TYR C 453 -29.50 42.33 -11.65
C TYR C 453 -28.64 42.72 -12.85
N ARG C 454 -27.36 42.36 -12.79
CA ARG C 454 -26.43 42.70 -13.85
C ARG C 454 -26.52 41.70 -15.00
N LEU C 455 -26.77 42.23 -16.19
CA LEU C 455 -26.73 41.46 -17.43
C LEU C 455 -25.65 42.03 -18.33
N PHE C 456 -25.19 41.20 -19.28
CA PHE C 456 -24.24 41.62 -20.31
C PHE C 456 -22.94 42.14 -19.68
N ARG C 457 -22.22 41.22 -19.05
CA ARG C 457 -20.89 41.52 -18.53
C ARG C 457 -19.83 40.89 -19.42
N LYS C 458 -18.70 41.60 -19.54
CA LYS C 458 -17.63 41.15 -20.43
C LYS C 458 -17.04 39.82 -19.97
N SER C 459 -16.82 39.65 -18.67
CA SER C 459 -16.22 38.44 -18.14
C SER C 459 -16.92 38.05 -16.85
N ASN C 460 -16.77 36.78 -16.48
CA ASN C 460 -17.40 36.26 -15.27
C ASN C 460 -16.78 36.90 -14.03
N LEU C 461 -17.61 37.15 -13.03
CA LEU C 461 -17.15 37.75 -11.79
C LEU C 461 -16.27 36.80 -11.00
N LYS C 462 -15.25 37.36 -10.35
CA LYS C 462 -14.44 36.59 -9.42
C LYS C 462 -15.22 36.32 -8.14
N PRO C 463 -14.84 35.30 -7.37
CA PRO C 463 -15.55 35.01 -6.13
C PRO C 463 -15.51 36.20 -5.17
N PHE C 464 -16.66 36.47 -4.55
CA PHE C 464 -16.81 37.56 -3.59
C PHE C 464 -16.38 38.90 -4.17
N GLU C 465 -16.69 39.12 -5.45
CA GLU C 465 -16.40 40.37 -6.13
C GLU C 465 -17.70 41.08 -6.49
N ARG C 466 -17.69 42.41 -6.36
CA ARG C 466 -18.87 43.23 -6.60
C ARG C 466 -18.62 44.15 -7.79
N ASP C 467 -19.57 44.18 -8.71
CA ASP C 467 -19.51 45.05 -9.89
C ASP C 467 -20.78 45.89 -9.92
N ILE C 468 -20.62 47.20 -9.73
CA ILE C 468 -21.75 48.12 -9.70
C ILE C 468 -21.64 49.19 -10.79
N SER C 469 -20.78 48.96 -11.78
CA SER C 469 -20.63 49.90 -12.88
C SER C 469 -21.88 49.88 -13.76
N THR C 470 -22.17 51.03 -14.38
CA THR C 470 -23.32 51.20 -15.24
C THR C 470 -22.91 51.56 -16.67
N GLU C 471 -21.70 51.17 -17.07
CA GLU C 471 -21.23 51.44 -18.43
C GLU C 471 -22.02 50.63 -19.45
N ILE C 472 -22.24 51.23 -20.62
CA ILE C 472 -23.03 50.58 -21.66
C ILE C 472 -22.23 49.41 -22.23
N TYR C 473 -22.87 48.24 -22.31
CA TYR C 473 -22.22 47.05 -22.82
C TYR C 473 -22.17 47.07 -24.34
N GLN C 474 -21.05 46.59 -24.90
CA GLN C 474 -20.85 46.49 -26.34
C GLN C 474 -20.99 45.03 -26.74
N ALA C 475 -22.17 44.66 -27.25
CA ALA C 475 -22.38 43.29 -27.69
C ALA C 475 -21.89 43.09 -29.12
N GLY C 476 -22.14 44.05 -30.01
CA GLY C 476 -21.70 43.96 -31.38
C GLY C 476 -20.32 44.58 -31.58
N SER C 477 -19.92 44.64 -32.84
CA SER C 477 -18.62 45.20 -33.19
C SER C 477 -18.64 46.73 -33.26
N THR C 478 -19.82 47.34 -33.24
CA THR C 478 -19.92 48.79 -33.30
C THR C 478 -19.67 49.40 -31.92
N PRO C 479 -18.68 50.26 -31.76
CA PRO C 479 -18.44 50.87 -30.44
C PRO C 479 -19.62 51.69 -29.96
N CYS C 480 -19.85 51.70 -28.66
CA CYS C 480 -20.84 52.55 -28.02
C CYS C 480 -20.18 53.78 -27.43
N ASN C 481 -20.94 54.87 -27.38
CA ASN C 481 -20.45 56.16 -26.90
C ASN C 481 -21.33 56.67 -25.76
N GLY C 482 -21.62 55.78 -24.81
CA GLY C 482 -22.45 56.15 -23.67
C GLY C 482 -23.93 56.16 -23.93
N VAL C 483 -24.37 55.70 -25.10
CA VAL C 483 -25.79 55.67 -25.46
C VAL C 483 -26.18 54.22 -25.74
N GLU C 484 -27.47 53.94 -25.58
CA GLU C 484 -28.01 52.60 -25.81
C GLU C 484 -28.70 52.54 -27.16
N GLY C 485 -28.38 51.51 -27.94
CA GLY C 485 -28.99 51.34 -29.25
C GLY C 485 -28.43 50.15 -30.01
N PHE C 486 -29.30 49.44 -30.71
CA PHE C 486 -28.93 48.28 -31.52
C PHE C 486 -28.21 47.23 -30.68
N ASN C 487 -26.88 47.24 -30.70
CA ASN C 487 -26.08 46.26 -29.98
C ASN C 487 -25.53 46.79 -28.66
N CYS C 488 -25.99 47.96 -28.21
CA CYS C 488 -25.56 48.55 -26.95
C CYS C 488 -26.74 48.61 -26.01
N TYR C 489 -26.59 48.03 -24.82
CA TYR C 489 -27.67 47.94 -23.85
C TYR C 489 -27.16 48.34 -22.47
N PHE C 490 -28.10 48.77 -21.63
CA PHE C 490 -27.79 49.01 -20.22
C PHE C 490 -27.52 47.69 -19.51
N PRO C 491 -26.46 47.60 -18.71
CA PRO C 491 -26.09 46.30 -18.11
C PRO C 491 -27.00 45.85 -16.98
N LEU C 492 -27.85 46.72 -16.44
CA LEU C 492 -28.69 46.40 -15.29
C LEU C 492 -30.15 46.26 -15.75
N GLN C 493 -30.80 45.19 -15.34
CA GLN C 493 -32.19 44.94 -15.67
C GLN C 493 -32.98 44.70 -14.39
N SER C 494 -34.22 45.17 -14.37
CA SER C 494 -35.05 45.11 -13.17
C SER C 494 -35.93 43.86 -13.17
N TYR C 495 -36.11 43.28 -11.99
CA TYR C 495 -37.03 42.16 -11.83
C TYR C 495 -38.46 42.65 -11.90
N GLY C 496 -39.36 41.73 -12.26
CA GLY C 496 -40.78 42.03 -12.24
C GLY C 496 -41.33 42.07 -10.83
N PHE C 497 -41.30 40.91 -10.16
CA PHE C 497 -41.65 40.79 -8.75
C PHE C 497 -43.07 41.28 -8.48
N GLN C 498 -44.03 40.57 -9.05
CA GLN C 498 -45.44 40.82 -8.79
C GLN C 498 -46.02 39.72 -7.91
N PRO C 499 -47.03 40.03 -7.09
CA PRO C 499 -47.60 38.99 -6.20
C PRO C 499 -48.21 37.81 -6.96
N THR C 500 -48.68 38.03 -8.18
CA THR C 500 -49.30 36.97 -8.98
C THR C 500 -48.28 36.18 -9.79
N ASN C 501 -47.00 36.50 -9.67
CA ASN C 501 -45.96 35.78 -10.40
C ASN C 501 -45.81 34.36 -9.86
N GLY C 502 -45.19 33.50 -10.67
CA GLY C 502 -44.92 32.15 -10.24
C GLY C 502 -43.87 32.09 -9.15
N VAL C 503 -43.81 30.94 -8.48
CA VAL C 503 -42.86 30.76 -7.39
C VAL C 503 -41.42 30.89 -7.87
N GLY C 504 -41.17 30.55 -9.15
CA GLY C 504 -39.85 30.75 -9.71
C GLY C 504 -39.54 32.20 -10.06
N TYR C 505 -40.58 33.01 -10.24
CA TYR C 505 -40.41 34.43 -10.53
C TYR C 505 -40.65 35.32 -9.32
N GLN C 506 -40.93 34.73 -8.16
CA GLN C 506 -41.17 35.50 -6.94
C GLN C 506 -39.84 35.88 -6.29
N PRO C 507 -39.80 36.98 -5.55
CA PRO C 507 -38.55 37.40 -4.91
C PRO C 507 -38.14 36.44 -3.81
N TYR C 508 -36.83 36.27 -3.67
CA TYR C 508 -36.24 35.46 -2.61
C TYR C 508 -35.09 36.22 -1.98
N ARG C 509 -35.14 36.37 -0.66
CA ARG C 509 -34.07 37.02 0.09
C ARG C 509 -33.02 35.98 0.45
N VAL C 510 -31.76 36.29 0.14
CA VAL C 510 -30.65 35.37 0.33
C VAL C 510 -29.60 36.04 1.21
N VAL C 511 -29.20 35.33 2.26
CA VAL C 511 -28.12 35.74 3.15
C VAL C 511 -27.07 34.63 3.15
N VAL C 512 -25.83 34.98 2.82
CA VAL C 512 -24.72 34.03 2.78
C VAL C 512 -23.77 34.40 3.92
N LEU C 513 -23.61 33.49 4.87
CA LEU C 513 -22.71 33.68 6.00
C LEU C 513 -21.39 32.98 5.68
N SER C 514 -20.30 33.74 5.70
CA SER C 514 -18.96 33.21 5.43
C SER C 514 -18.10 33.42 6.67
N PHE C 515 -17.33 32.38 7.04
CA PHE C 515 -16.53 32.42 8.24
C PHE C 515 -15.42 31.38 8.14
N GLU C 516 -14.46 31.47 9.05
CA GLU C 516 -13.40 30.49 9.20
C GLU C 516 -13.55 29.78 10.54
N LEU C 517 -12.97 28.59 10.63
CA LEU C 517 -13.19 27.71 11.78
C LEU C 517 -11.86 27.19 12.31
N LEU C 518 -11.65 27.33 13.62
CA LEU C 518 -10.59 26.64 14.36
C LEU C 518 -9.19 26.97 13.82
N HIS C 519 -8.99 28.22 13.41
CA HIS C 519 -7.67 28.67 12.97
C HIS C 519 -7.25 30.02 13.52
N ALA C 520 -8.16 30.86 13.99
CA ALA C 520 -7.84 32.21 14.44
C ALA C 520 -8.62 32.48 15.72
N PRO C 521 -8.22 33.53 16.49
CA PRO C 521 -8.89 33.84 17.77
C PRO C 521 -10.42 33.73 17.75
N ALA C 522 -11.06 34.34 16.75
CA ALA C 522 -12.52 34.30 16.59
C ALA C 522 -13.24 35.07 17.69
N THR C 523 -14.37 35.71 17.34
CA THR C 523 -15.12 36.49 18.30
C THR C 523 -16.62 36.23 18.29
N VAL C 524 -17.14 35.47 17.33
CA VAL C 524 -18.54 35.06 17.31
C VAL C 524 -18.61 33.61 17.72
N CYS C 525 -19.41 33.30 18.75
CA CYS C 525 -19.40 31.98 19.34
C CYS C 525 -20.83 31.47 19.50
N GLY C 526 -20.96 30.14 19.59
CA GLY C 526 -22.24 29.51 19.75
C GLY C 526 -22.77 29.64 21.16
N PRO C 527 -24.03 29.22 21.34
CA PRO C 527 -24.69 29.31 22.66
C PRO C 527 -24.29 28.15 23.58
N LYS C 528 -23.00 28.05 23.86
CA LYS C 528 -22.46 27.03 24.76
C LYS C 528 -21.94 27.70 26.03
N LYS C 529 -22.39 27.21 27.18
CA LYS C 529 -21.99 27.78 28.46
C LYS C 529 -20.58 27.34 28.83
N SER C 530 -19.73 28.30 29.16
CA SER C 530 -18.36 28.00 29.54
C SER C 530 -18.28 27.52 30.98
N THR C 531 -17.33 26.64 31.25
CA THR C 531 -17.08 26.11 32.58
C THR C 531 -15.74 26.60 33.10
N ASN C 532 -15.37 26.13 34.29
CA ASN C 532 -14.10 26.51 34.89
C ASN C 532 -12.94 25.83 34.17
N LEU C 533 -11.77 26.44 34.28
CA LEU C 533 -10.56 25.90 33.67
C LEU C 533 -9.90 24.92 34.63
N VAL C 534 -9.64 23.71 34.14
CA VAL C 534 -9.03 22.64 34.92
C VAL C 534 -7.65 22.36 34.34
N LYS C 535 -6.63 22.40 35.19
CA LYS C 535 -5.25 22.21 34.78
C LYS C 535 -4.65 21.02 35.50
N ASN C 536 -3.60 20.46 34.89
CA ASN C 536 -2.85 19.34 35.44
C ASN C 536 -3.72 18.10 35.64
N LYS C 537 -4.77 17.96 34.83
CA LYS C 537 -5.64 16.80 34.88
C LYS C 537 -6.06 16.42 33.48
N CYS C 538 -6.32 15.13 33.28
CA CYS C 538 -6.76 14.62 31.98
C CYS C 538 -8.25 14.89 31.84
N VAL C 539 -8.60 15.85 30.99
CA VAL C 539 -9.99 16.25 30.78
C VAL C 539 -10.24 16.41 29.29
N ASN C 540 -11.52 16.38 28.92
CA ASN C 540 -11.95 16.82 27.61
C ASN C 540 -12.11 18.33 27.61
N PHE C 541 -11.66 18.97 26.54
CA PHE C 541 -11.67 20.42 26.45
C PHE C 541 -12.33 20.85 25.15
N ASN C 542 -13.05 21.98 25.22
CA ASN C 542 -13.67 22.60 24.06
C ASN C 542 -13.22 24.07 24.07
N PHE C 543 -12.14 24.35 23.35
CA PHE C 543 -11.55 25.69 23.28
C PHE C 543 -11.98 26.34 21.97
N ASN C 544 -12.90 27.30 22.06
CA ASN C 544 -13.36 28.08 20.91
C ASN C 544 -13.85 27.19 19.78
N GLY C 545 -14.55 26.11 20.14
CA GLY C 545 -15.06 25.17 19.19
C GLY C 545 -14.16 23.98 18.89
N LEU C 546 -12.87 24.09 19.22
CA LEU C 546 -11.93 23.00 19.00
C LEU C 546 -12.03 22.02 20.15
N THR C 547 -12.47 20.81 19.88
CA THR C 547 -12.65 19.80 20.91
C THR C 547 -11.46 18.84 20.93
N GLY C 548 -11.16 18.33 22.11
CA GLY C 548 -10.07 17.38 22.25
C GLY C 548 -10.01 16.83 23.66
N THR C 549 -9.01 15.99 23.90
CA THR C 549 -8.79 15.38 25.20
C THR C 549 -7.32 15.48 25.55
N GLY C 550 -7.01 15.84 26.79
CA GLY C 550 -5.63 15.93 27.21
C GLY C 550 -5.50 16.60 28.57
N VAL C 551 -4.25 16.89 28.91
CA VAL C 551 -3.90 17.57 30.15
C VAL C 551 -3.40 18.97 29.81
N LEU C 552 -3.95 19.97 30.49
CA LEU C 552 -3.59 21.37 30.25
C LEU C 552 -2.64 21.84 31.34
N THR C 553 -1.51 22.41 30.92
CA THR C 553 -0.50 22.92 31.84
C THR C 553 -0.13 24.34 31.44
N GLU C 554 0.44 25.08 32.39
CA GLU C 554 0.89 26.44 32.09
C GLU C 554 2.03 26.41 31.09
N SER C 555 1.97 27.32 30.12
CA SER C 555 2.90 27.34 29.00
C SER C 555 3.79 28.58 29.06
N ASN C 556 5.04 28.41 28.67
CA ASN C 556 5.99 29.51 28.55
C ASN C 556 5.99 30.16 27.18
N LYS C 557 5.22 29.62 26.23
CA LYS C 557 5.16 30.18 24.89
C LYS C 557 4.48 31.55 24.92
N LYS C 558 5.00 32.47 24.12
CA LYS C 558 4.46 33.82 24.01
C LYS C 558 3.76 33.94 22.65
N PHE C 559 2.44 33.81 22.67
CA PHE C 559 1.65 33.90 21.44
C PHE C 559 1.59 35.34 20.95
N LEU C 560 1.63 35.50 19.64
CA LEU C 560 1.41 36.80 19.03
C LEU C 560 -0.06 37.19 19.17
N PRO C 561 -0.37 38.49 19.13
CA PRO C 561 -1.77 38.91 19.36
C PRO C 561 -2.76 38.31 18.37
N PHE C 562 -2.33 38.00 17.15
CA PHE C 562 -3.24 37.45 16.16
C PHE C 562 -3.30 35.92 16.19
N GLN C 563 -2.57 35.28 17.09
CA GLN C 563 -2.49 33.83 17.16
C GLN C 563 -3.34 33.30 18.31
N GLN C 564 -4.03 32.18 18.05
CA GLN C 564 -4.87 31.53 19.04
C GLN C 564 -4.45 30.11 19.36
N PHE C 565 -4.00 29.35 18.37
CA PHE C 565 -3.62 27.96 18.55
C PHE C 565 -2.18 27.74 18.12
N GLY C 566 -1.53 26.79 18.78
CA GLY C 566 -0.19 26.36 18.42
C GLY C 566 -0.20 24.89 18.04
N ARG C 567 0.58 24.53 17.03
CA ARG C 567 0.64 23.17 16.53
C ARG C 567 2.09 22.71 16.47
N ASP C 568 2.30 21.41 16.64
CA ASP C 568 3.64 20.85 16.59
C ASP C 568 3.98 20.49 15.14
N ILE C 569 5.02 19.69 14.95
CA ILE C 569 5.43 19.26 13.63
C ILE C 569 4.47 18.24 13.03
N ALA C 570 3.56 17.70 13.84
CA ALA C 570 2.55 16.75 13.38
C ALA C 570 1.20 17.41 13.15
N ASP C 571 1.15 18.74 13.16
CA ASP C 571 -0.04 19.55 12.91
C ASP C 571 -1.12 19.38 13.97
N THR C 572 -0.80 18.79 15.12
CA THR C 572 -1.75 18.65 16.22
C THR C 572 -1.69 19.87 17.13
N THR C 573 -2.85 20.31 17.60
CA THR C 573 -2.93 21.43 18.52
C THR C 573 -2.29 21.05 19.85
N ASP C 574 -1.09 21.60 20.09
CA ASP C 574 -0.38 21.36 21.34
C ASP C 574 -0.34 22.58 22.24
N ALA C 575 -0.78 23.74 21.78
CA ALA C 575 -0.85 24.94 22.60
C ALA C 575 -2.09 25.73 22.24
N VAL C 576 -2.69 26.38 23.24
CA VAL C 576 -3.93 27.11 23.03
C VAL C 576 -3.96 28.32 23.96
N ARG C 577 -4.52 29.42 23.47
CA ARG C 577 -4.74 30.60 24.28
C ARG C 577 -6.14 30.56 24.87
N ASP C 578 -6.23 30.74 26.18
CA ASP C 578 -7.54 30.75 26.84
C ASP C 578 -8.31 31.98 26.42
N PRO C 579 -9.54 31.83 25.90
CA PRO C 579 -10.29 33.00 25.42
C PRO C 579 -10.65 33.99 26.51
N GLN C 580 -10.67 33.57 27.78
CA GLN C 580 -11.06 34.44 28.88
C GLN C 580 -9.85 35.00 29.62
N THR C 581 -9.00 34.12 30.15
CA THR C 581 -7.85 34.57 30.92
C THR C 581 -6.68 35.01 30.05
N LEU C 582 -6.74 34.74 28.74
CA LEU C 582 -5.70 35.16 27.78
C LEU C 582 -4.34 34.58 28.14
N GLU C 583 -4.31 33.39 28.73
CA GLU C 583 -3.08 32.70 29.07
C GLU C 583 -2.84 31.54 28.11
N ILE C 584 -1.57 31.21 27.92
CA ILE C 584 -1.17 30.15 27.01
C ILE C 584 -1.06 28.84 27.80
N LEU C 585 -1.68 27.79 27.27
CA LEU C 585 -1.70 26.48 27.93
C LEU C 585 -1.21 25.42 26.96
N ASP C 586 -0.29 24.58 27.43
CA ASP C 586 0.16 23.43 26.68
C ASP C 586 -0.77 22.25 26.92
N ILE C 587 -1.04 21.50 25.85
CA ILE C 587 -1.91 20.33 25.88
C ILE C 587 -1.07 19.09 25.66
N THR C 588 -1.21 18.12 26.56
CA THR C 588 -0.42 16.91 26.50
C THR C 588 -1.32 15.69 26.47
N PRO C 589 -1.05 14.73 25.59
CA PRO C 589 -1.90 13.52 25.53
C PRO C 589 -1.86 12.76 26.85
N CYS C 590 -3.03 12.20 27.22
CA CYS C 590 -3.12 11.46 28.47
C CYS C 590 -2.43 10.11 28.38
N SER C 591 -2.65 9.39 27.28
CA SER C 591 -2.09 8.05 27.14
C SER C 591 -0.59 8.14 26.87
N PHE C 592 0.18 7.32 27.60
CA PHE C 592 1.63 7.32 27.46
C PHE C 592 2.19 6.10 28.19
N GLY C 593 3.17 5.45 27.58
CA GLY C 593 3.87 4.36 28.21
C GLY C 593 3.51 2.98 27.68
N GLY C 594 4.52 2.21 27.29
CA GLY C 594 4.28 0.87 26.82
C GLY C 594 4.02 -0.11 27.95
N VAL C 595 3.21 -1.12 27.66
CA VAL C 595 2.80 -2.12 28.64
C VAL C 595 3.00 -3.50 28.04
N SER C 596 3.57 -4.41 28.84
CA SER C 596 3.73 -5.80 28.45
C SER C 596 3.15 -6.70 29.53
N VAL C 597 2.65 -7.86 29.11
CA VAL C 597 2.07 -8.85 30.03
C VAL C 597 2.83 -10.16 29.87
N ILE C 598 3.25 -10.73 30.99
CA ILE C 598 4.02 -11.97 31.02
C ILE C 598 3.16 -13.05 31.64
N THR C 599 3.01 -14.17 30.94
CA THR C 599 2.20 -15.26 31.42
C THR C 599 2.93 -16.59 31.26
N PRO C 600 2.78 -17.50 32.23
CA PRO C 600 3.35 -18.85 32.08
C PRO C 600 2.52 -19.77 31.20
N GLY C 601 1.44 -19.27 30.62
CA GLY C 601 0.53 -20.11 29.84
C GLY C 601 -0.79 -20.31 30.55
N THR C 602 -1.89 -20.07 29.83
CA THR C 602 -3.21 -20.23 30.44
C THR C 602 -3.48 -21.68 30.81
N ASN C 603 -2.83 -22.63 30.13
CA ASN C 603 -2.97 -24.03 30.50
C ASN C 603 -2.26 -24.36 31.80
N THR C 604 -1.31 -23.51 32.23
CA THR C 604 -0.58 -23.73 33.47
C THR C 604 -1.23 -22.99 34.63
N SER C 605 -1.39 -21.68 34.50
CA SER C 605 -2.00 -20.87 35.55
C SER C 605 -2.53 -19.59 34.94
N ASN C 606 -3.42 -18.92 35.68
CA ASN C 606 -3.98 -17.65 35.27
C ASN C 606 -3.21 -16.46 35.82
N GLN C 607 -2.17 -16.70 36.61
CA GLN C 607 -1.36 -15.61 37.15
C GLN C 607 -0.59 -14.92 36.03
N VAL C 608 -0.52 -13.59 36.09
CA VAL C 608 0.18 -12.79 35.10
C VAL C 608 1.00 -11.73 35.80
N ALA C 609 2.03 -11.24 35.10
CA ALA C 609 2.84 -10.13 35.55
C ALA C 609 2.75 -9.00 34.53
N VAL C 610 2.85 -7.77 35.02
CA VAL C 610 2.71 -6.59 34.16
C VAL C 610 4.00 -5.78 34.23
N LEU C 611 4.56 -5.47 33.07
CA LEU C 611 5.76 -4.66 32.96
C LEU C 611 5.38 -3.33 32.32
N TYR C 612 5.62 -2.24 33.04
CA TYR C 612 5.38 -0.88 32.56
C TYR C 612 6.73 -0.30 32.15
N GLN C 613 6.97 -0.22 30.85
CA GLN C 613 8.28 0.14 30.33
C GLN C 613 8.66 1.59 30.61
N ASP C 614 7.73 2.43 31.06
CA ASP C 614 8.01 3.84 31.27
C ASP C 614 7.55 4.30 32.65
N VAL C 615 7.63 3.43 33.65
CA VAL C 615 7.24 3.76 35.01
C VAL C 615 8.38 3.36 35.94
N ASN C 616 8.79 4.28 36.82
CA ASN C 616 9.80 4.01 37.82
C ASN C 616 9.12 3.84 39.17
N CYS C 617 9.25 2.65 39.75
CA CYS C 617 8.63 2.35 41.04
C CYS C 617 9.65 2.56 42.16
N THR C 618 9.95 3.84 42.40
CA THR C 618 10.91 4.20 43.44
C THR C 618 10.57 5.57 44.03
N THR C 632 0.16 9.30 41.97
CA THR C 632 0.21 7.84 41.98
C THR C 632 0.90 7.31 40.74
N TRP C 633 1.35 6.06 40.81
CA TRP C 633 2.01 5.43 39.67
C TRP C 633 1.01 5.20 38.54
N ARG C 634 1.51 5.30 37.30
CA ARG C 634 0.69 5.07 36.11
C ARG C 634 0.65 3.56 35.82
N VAL C 635 0.00 2.84 36.73
CA VAL C 635 -0.13 1.39 36.63
C VAL C 635 -1.58 1.02 36.83
N TYR C 636 -1.97 -0.11 36.25
CA TYR C 636 -3.34 -0.61 36.44
C TYR C 636 -3.56 -1.04 37.89
N SER C 637 -2.57 -1.72 38.48
CA SER C 637 -2.64 -2.12 39.87
C SER C 637 -1.23 -2.35 40.38
N THR C 638 -1.08 -2.28 41.71
CA THR C 638 0.20 -2.49 42.38
C THR C 638 -0.01 -3.48 43.51
N GLY C 639 0.13 -4.77 43.21
CA GLY C 639 -0.12 -5.80 44.19
C GLY C 639 1.13 -6.48 44.72
N SER C 640 1.51 -6.12 45.95
CA SER C 640 2.57 -6.80 46.70
C SER C 640 3.92 -6.75 45.99
N ASN C 641 4.10 -7.60 44.98
CA ASN C 641 5.41 -7.77 44.35
C ASN C 641 5.67 -6.62 43.38
N VAL C 642 6.60 -5.75 43.75
CA VAL C 642 7.06 -4.65 42.90
C VAL C 642 8.59 -4.69 42.89
N PHE C 643 9.17 -4.78 41.70
CA PHE C 643 10.61 -4.95 41.54
C PHE C 643 11.27 -3.70 40.97
N GLN C 644 10.70 -3.10 39.94
CA GLN C 644 11.28 -1.93 39.27
C GLN C 644 12.66 -2.26 38.72
N THR C 645 12.65 -3.15 37.73
CA THR C 645 13.85 -3.46 36.98
C THR C 645 14.19 -2.31 36.04
N ARG C 646 15.27 -2.47 35.29
CA ARG C 646 15.44 -1.64 34.11
C ARG C 646 14.41 -2.06 33.06
N ALA C 647 14.11 -1.13 32.15
CA ALA C 647 13.11 -1.30 31.11
C ALA C 647 11.68 -1.34 31.64
N GLY C 648 11.46 -0.86 32.86
CA GLY C 648 10.11 -0.69 33.39
C GLY C 648 9.94 -1.34 34.74
N CYS C 649 8.79 -1.03 35.34
CA CYS C 649 8.40 -1.58 36.63
C CYS C 649 7.65 -2.89 36.42
N LEU C 650 8.08 -3.93 37.15
CA LEU C 650 7.45 -5.25 37.06
C LEU C 650 6.59 -5.46 38.29
N ILE C 651 5.30 -5.73 38.07
CA ILE C 651 4.34 -5.94 39.14
C ILE C 651 3.72 -7.31 38.98
N GLY C 652 3.72 -8.08 40.07
CA GLY C 652 3.20 -9.43 40.06
C GLY C 652 4.24 -10.53 39.98
N ALA C 653 5.52 -10.18 40.01
CA ALA C 653 6.60 -11.15 39.96
C ALA C 653 7.54 -10.94 41.14
N GLU C 654 7.95 -12.04 41.76
CA GLU C 654 8.82 -11.99 42.93
C GLU C 654 10.28 -12.02 42.49
N HIS C 655 11.04 -11.04 42.94
CA HIS C 655 12.46 -10.97 42.61
C HIS C 655 13.26 -11.94 43.46
N VAL C 656 14.14 -12.71 42.82
CA VAL C 656 15.01 -13.65 43.50
C VAL C 656 16.45 -13.33 43.15
N ASN C 657 17.35 -13.59 44.09
CA ASN C 657 18.77 -13.30 43.89
C ASN C 657 19.48 -14.37 43.07
N ASN C 658 18.86 -15.52 42.86
CA ASN C 658 19.50 -16.59 42.09
C ASN C 658 19.45 -16.27 40.60
N SER C 659 20.41 -16.81 39.87
CA SER C 659 20.52 -16.63 38.43
C SER C 659 20.25 -17.95 37.73
N TYR C 660 19.33 -17.93 36.77
CA TYR C 660 18.97 -19.11 35.99
C TYR C 660 19.06 -18.78 34.51
N GLU C 661 18.92 -19.81 33.68
CA GLU C 661 18.80 -19.61 32.25
C GLU C 661 17.48 -18.91 31.94
N CYS C 662 17.51 -18.07 30.91
CA CYS C 662 16.34 -17.26 30.58
C CYS C 662 15.18 -18.14 30.13
N ASP C 663 14.01 -17.92 30.73
CA ASP C 663 12.79 -18.62 30.37
C ASP C 663 11.83 -17.71 29.60
N ILE C 664 11.49 -16.56 30.17
CA ILE C 664 10.69 -15.55 29.48
C ILE C 664 11.49 -14.25 29.44
N PRO C 665 11.93 -13.79 28.27
CA PRO C 665 12.78 -12.60 28.21
C PRO C 665 12.03 -11.32 28.57
N ILE C 666 12.32 -10.78 29.76
CA ILE C 666 11.74 -9.49 30.13
C ILE C 666 12.52 -8.36 29.50
N GLY C 667 13.85 -8.44 29.52
CA GLY C 667 14.69 -7.41 28.92
C GLY C 667 15.67 -6.82 29.90
N ALA C 668 16.71 -6.15 29.36
CA ALA C 668 17.73 -5.49 30.17
C ALA C 668 18.39 -6.47 31.15
N GLY C 669 18.61 -7.70 30.69
CA GLY C 669 19.22 -8.72 31.52
C GLY C 669 18.29 -9.37 32.51
N ILE C 670 16.99 -9.08 32.46
CA ILE C 670 16.01 -9.63 33.38
C ILE C 670 15.15 -10.64 32.64
N CYS C 671 14.92 -11.79 33.27
CA CYS C 671 14.06 -12.83 32.73
C CYS C 671 13.06 -13.24 33.80
N ALA C 672 12.01 -13.94 33.35
CA ALA C 672 10.94 -14.39 34.24
C ALA C 672 10.69 -15.87 34.03
N SER C 673 10.18 -16.51 35.09
CA SER C 673 9.87 -17.93 35.04
C SER C 673 8.73 -18.22 36.00
N TYR C 674 8.15 -19.42 35.87
CA TYR C 674 7.10 -19.89 36.76
C TYR C 674 7.69 -21.02 37.61
N GLN C 675 7.94 -20.73 38.88
CA GLN C 675 8.64 -21.67 39.76
C GLN C 675 7.75 -22.06 40.93
N THR C 676 8.29 -22.94 41.77
CA THR C 676 7.57 -23.42 42.95
C THR C 676 8.10 -22.76 44.21
N SER C 689 4.21 -23.40 46.86
CA SER C 689 3.31 -22.66 46.00
C SER C 689 4.02 -22.21 44.71
N GLN C 690 3.29 -22.20 43.61
CA GLN C 690 3.83 -21.80 42.32
C GLN C 690 3.57 -20.32 42.08
N SER C 691 4.59 -19.61 41.61
CA SER C 691 4.48 -18.18 41.37
C SER C 691 5.46 -17.76 40.30
N ILE C 692 5.24 -16.56 39.77
CA ILE C 692 6.11 -15.98 38.76
C ILE C 692 7.27 -15.28 39.47
N ILE C 693 8.49 -15.63 39.08
CA ILE C 693 9.70 -15.07 39.66
C ILE C 693 10.50 -14.36 38.57
N ALA C 694 11.08 -13.22 38.93
CA ALA C 694 11.94 -12.45 38.05
C ALA C 694 13.37 -12.50 38.57
N TYR C 695 14.32 -12.65 37.66
CA TYR C 695 15.71 -12.84 38.04
C TYR C 695 16.61 -12.26 36.96
N THR C 696 17.90 -12.19 37.28
CA THR C 696 18.93 -11.82 36.32
C THR C 696 19.47 -13.08 35.66
N MET C 697 19.42 -13.11 34.33
CA MET C 697 19.81 -14.32 33.61
C MET C 697 21.30 -14.59 33.77
N SER C 698 21.65 -15.87 33.78
CA SER C 698 23.03 -16.31 33.94
C SER C 698 23.66 -16.55 32.58
N LEU C 699 24.83 -15.95 32.36
CA LEU C 699 25.53 -16.12 31.09
C LEU C 699 26.17 -17.49 30.93
N GLY C 700 26.40 -18.18 32.03
CA GLY C 700 26.99 -19.51 31.99
C GLY C 700 27.76 -19.79 33.27
N ALA C 701 28.32 -21.00 33.33
CA ALA C 701 29.09 -21.41 34.48
C ALA C 701 30.44 -20.70 34.51
N GLU C 702 30.88 -20.36 35.72
CA GLU C 702 32.13 -19.63 35.93
C GLU C 702 33.29 -20.61 35.90
N ASN C 703 34.38 -20.23 35.23
CA ASN C 703 35.53 -21.09 35.07
C ASN C 703 36.82 -20.28 35.18
N SER C 704 37.90 -20.99 35.50
CA SER C 704 39.24 -20.41 35.48
C SER C 704 40.18 -21.40 34.80
N VAL C 705 41.07 -20.88 33.96
CA VAL C 705 42.06 -21.69 33.26
C VAL C 705 43.36 -21.57 34.04
N ALA C 706 43.92 -22.72 34.43
CA ALA C 706 45.15 -22.76 35.21
C ALA C 706 46.33 -22.45 34.30
N TYR C 707 46.36 -21.21 33.83
CA TYR C 707 47.40 -20.78 32.91
C TYR C 707 48.74 -20.68 33.63
N SER C 708 49.82 -21.03 32.91
CA SER C 708 51.17 -20.88 33.41
C SER C 708 52.10 -20.77 32.21
N ASN C 709 53.31 -20.25 32.47
CA ASN C 709 54.28 -20.07 31.40
C ASN C 709 55.07 -21.33 31.08
N ASN C 710 54.86 -22.42 31.83
CA ASN C 710 55.52 -23.67 31.52
C ASN C 710 54.61 -24.89 31.72
N SER C 711 53.29 -24.69 31.70
CA SER C 711 52.33 -25.76 31.94
C SER C 711 51.39 -25.90 30.76
N ILE C 712 51.13 -27.14 30.35
CA ILE C 712 50.24 -27.45 29.24
C ILE C 712 49.25 -28.52 29.69
N ALA C 713 48.11 -28.55 29.02
CA ALA C 713 47.12 -29.61 29.20
C ALA C 713 46.94 -30.34 27.89
N ILE C 714 47.11 -31.66 27.91
CA ILE C 714 47.06 -32.50 26.72
C ILE C 714 46.00 -33.57 26.94
N PRO C 715 45.11 -33.80 25.98
CA PRO C 715 44.10 -34.86 26.16
C PRO C 715 44.72 -36.25 26.10
N THR C 716 44.27 -37.13 26.98
CA THR C 716 44.67 -38.53 26.98
C THR C 716 43.60 -39.45 26.41
N ASN C 717 42.42 -38.92 26.12
CA ASN C 717 41.33 -39.71 25.55
C ASN C 717 40.56 -38.83 24.58
N PHE C 718 39.44 -39.33 24.08
CA PHE C 718 38.65 -38.57 23.11
C PHE C 718 37.22 -39.09 23.12
N THR C 719 36.35 -38.32 22.47
CA THR C 719 34.94 -38.65 22.34
C THR C 719 34.51 -38.40 20.89
N ILE C 720 33.81 -39.36 20.31
CA ILE C 720 33.26 -39.22 18.96
C ILE C 720 31.83 -38.71 19.13
N SER C 721 31.64 -37.42 18.92
CA SER C 721 30.35 -36.78 19.13
C SER C 721 29.62 -36.64 17.81
N VAL C 722 28.32 -36.87 17.82
CA VAL C 722 27.49 -36.69 16.63
C VAL C 722 26.38 -35.72 17.01
N THR C 723 26.37 -34.56 16.37
CA THR C 723 25.40 -33.52 16.64
C THR C 723 24.45 -33.36 15.45
N THR C 724 23.34 -32.68 15.70
CA THR C 724 22.27 -32.51 14.72
C THR C 724 22.11 -31.03 14.38
N GLU C 725 22.10 -30.72 13.09
CA GLU C 725 21.85 -29.36 12.62
C GLU C 725 20.69 -29.38 11.64
N ILE C 726 19.67 -28.57 11.90
CA ILE C 726 18.47 -28.51 11.08
C ILE C 726 18.49 -27.21 10.30
N LEU C 727 18.40 -27.31 8.97
CA LEU C 727 18.41 -26.14 8.10
C LEU C 727 17.22 -26.19 7.16
N PRO C 728 16.31 -25.22 7.22
CA PRO C 728 15.24 -25.16 6.22
C PRO C 728 15.82 -24.95 4.83
N VAL C 729 15.19 -25.59 3.85
CA VAL C 729 15.65 -25.54 2.46
C VAL C 729 14.64 -24.84 1.56
N SER C 730 13.38 -25.25 1.62
CA SER C 730 12.33 -24.70 0.79
C SER C 730 11.12 -24.33 1.63
N MET C 731 10.27 -23.49 1.07
CA MET C 731 9.04 -23.07 1.72
C MET C 731 7.86 -23.36 0.79
N THR C 732 6.66 -23.17 1.32
CA THR C 732 5.45 -23.49 0.58
C THR C 732 5.30 -22.57 -0.62
N LYS C 733 5.08 -23.15 -1.79
CA LYS C 733 4.83 -22.39 -3.01
C LYS C 733 3.34 -22.13 -3.14
N THR C 734 2.97 -20.86 -3.36
CA THR C 734 1.58 -20.46 -3.39
C THR C 734 1.27 -19.73 -4.68
N SER C 735 0.02 -19.84 -5.12
CA SER C 735 -0.50 -19.10 -6.26
C SER C 735 -1.82 -18.46 -5.85
N VAL C 736 -2.07 -17.27 -6.39
CA VAL C 736 -3.25 -16.49 -6.02
C VAL C 736 -4.02 -16.14 -7.28
N ASP C 737 -5.31 -16.47 -7.29
CA ASP C 737 -6.24 -16.01 -8.30
C ASP C 737 -6.81 -14.68 -7.80
N CYS C 738 -6.23 -13.57 -8.27
CA CYS C 738 -6.59 -12.27 -7.73
C CYS C 738 -8.05 -11.92 -7.98
N THR C 739 -8.56 -12.27 -9.16
CA THR C 739 -9.97 -12.04 -9.43
C THR C 739 -10.86 -12.83 -8.49
N MET C 740 -10.51 -14.10 -8.24
CA MET C 740 -11.29 -14.93 -7.33
C MET C 740 -11.25 -14.39 -5.91
N TYR C 741 -10.08 -13.95 -5.44
CA TYR C 741 -9.96 -13.44 -4.09
C TYR C 741 -10.71 -12.12 -3.91
N ILE C 742 -10.48 -11.18 -4.82
CA ILE C 742 -11.05 -9.85 -4.67
C ILE C 742 -12.56 -9.87 -4.91
N CYS C 743 -13.01 -10.57 -5.95
CA CYS C 743 -14.38 -10.46 -6.41
C CYS C 743 -15.19 -11.73 -6.31
N GLY C 744 -14.57 -12.90 -6.21
CA GLY C 744 -15.31 -14.14 -6.20
C GLY C 744 -16.00 -14.39 -7.54
N ASP C 745 -17.32 -14.57 -7.50
CA ASP C 745 -18.10 -14.84 -8.69
C ASP C 745 -18.85 -13.61 -9.21
N SER C 746 -18.51 -12.42 -8.71
CA SER C 746 -19.19 -11.20 -9.11
C SER C 746 -18.67 -10.73 -10.47
N THR C 747 -19.56 -10.60 -11.45
CA THR C 747 -19.17 -10.14 -12.77
C THR C 747 -18.88 -8.64 -12.77
N GLU C 748 -19.70 -7.86 -12.07
CA GLU C 748 -19.49 -6.42 -12.01
C GLU C 748 -18.17 -6.08 -11.33
N CYS C 749 -17.85 -6.80 -10.25
CA CYS C 749 -16.58 -6.56 -9.56
C CYS C 749 -15.40 -6.90 -10.45
N SER C 750 -15.49 -7.98 -11.22
CA SER C 750 -14.41 -8.31 -12.15
C SER C 750 -14.28 -7.26 -13.24
N ASN C 751 -15.40 -6.75 -13.74
CA ASN C 751 -15.34 -5.69 -14.74
C ASN C 751 -14.68 -4.45 -14.18
N LEU C 752 -14.98 -4.09 -12.93
CA LEU C 752 -14.33 -2.95 -12.30
C LEU C 752 -12.86 -3.21 -12.03
N LEU C 753 -12.51 -4.43 -11.65
CA LEU C 753 -11.12 -4.80 -11.39
C LEU C 753 -10.30 -4.83 -12.67
N LEU C 754 -10.95 -4.98 -13.82
CA LEU C 754 -10.24 -4.92 -15.10
C LEU C 754 -9.52 -3.58 -15.29
N GLN C 755 -9.94 -2.54 -14.58
CA GLN C 755 -9.28 -1.24 -14.65
C GLN C 755 -7.96 -1.19 -13.88
N TYR C 756 -7.53 -2.31 -13.29
CA TYR C 756 -6.24 -2.37 -12.62
C TYR C 756 -5.26 -3.25 -13.38
N GLY C 757 -5.58 -4.52 -13.58
CA GLY C 757 -4.89 -5.36 -14.53
C GLY C 757 -3.48 -5.77 -14.18
N SER C 758 -2.56 -4.80 -14.17
CA SER C 758 -1.14 -5.10 -14.09
C SER C 758 -0.71 -5.49 -12.68
N PHE C 759 -1.43 -5.06 -11.65
CA PHE C 759 -1.03 -5.36 -10.28
C PHE C 759 -1.19 -6.85 -9.98
N CYS C 760 -2.28 -7.46 -10.46
CA CYS C 760 -2.45 -8.90 -10.30
C CYS C 760 -1.34 -9.66 -11.01
N THR C 761 -0.99 -9.22 -12.21
CA THR C 761 0.10 -9.85 -12.95
C THR C 761 1.43 -9.73 -12.21
N GLN C 762 1.68 -8.56 -11.62
CA GLN C 762 2.91 -8.36 -10.84
C GLN C 762 2.96 -9.29 -9.63
N LEU C 763 1.84 -9.39 -8.91
CA LEU C 763 1.80 -10.28 -7.74
C LEU C 763 2.01 -11.73 -8.15
N ASN C 764 1.37 -12.15 -9.26
CA ASN C 764 1.53 -13.51 -9.73
C ASN C 764 2.95 -13.77 -10.22
N ARG C 765 3.58 -12.76 -10.82
CA ARG C 765 4.98 -12.91 -11.24
C ARG C 765 5.90 -13.09 -10.05
N ALA C 766 5.69 -12.31 -8.99
CA ALA C 766 6.50 -12.46 -7.79
C ALA C 766 6.28 -13.83 -7.16
N LEU C 767 5.03 -14.29 -7.10
CA LEU C 767 4.73 -15.60 -6.52
C LEU C 767 5.35 -16.72 -7.36
N THR C 768 5.30 -16.60 -8.69
CA THR C 768 5.92 -17.59 -9.55
C THR C 768 7.44 -17.61 -9.37
N GLY C 769 8.05 -16.43 -9.23
CA GLY C 769 9.47 -16.38 -8.94
C GLY C 769 9.82 -17.07 -7.64
N ILE C 770 9.02 -16.85 -6.60
CA ILE C 770 9.25 -17.53 -5.32
C ILE C 770 9.10 -19.04 -5.48
N ALA C 771 8.07 -19.48 -6.20
CA ALA C 771 7.84 -20.91 -6.39
C ALA C 771 8.99 -21.56 -7.14
N VAL C 772 9.50 -20.90 -8.17
CA VAL C 772 10.64 -21.43 -8.91
C VAL C 772 11.89 -21.44 -8.03
N GLU C 773 12.07 -20.40 -7.21
CA GLU C 773 13.22 -20.34 -6.33
C GLU C 773 13.20 -21.46 -5.29
N GLN C 774 12.00 -21.88 -4.87
CA GLN C 774 11.93 -23.00 -3.92
C GLN C 774 12.49 -24.28 -4.52
N ASP C 775 12.07 -24.61 -5.74
CA ASP C 775 12.59 -25.80 -6.41
C ASP C 775 14.08 -25.64 -6.72
N LYS C 776 14.51 -24.44 -7.07
CA LYS C 776 15.93 -24.19 -7.31
C LYS C 776 16.74 -24.44 -6.05
N ASN C 777 16.25 -23.98 -4.90
CA ASN C 777 16.93 -24.22 -3.62
C ASN C 777 16.99 -25.71 -3.32
N THR C 778 15.87 -26.42 -3.52
CA THR C 778 15.86 -27.85 -3.27
C THR C 778 16.87 -28.58 -4.15
N GLN C 779 16.92 -28.23 -5.43
CA GLN C 779 17.88 -28.85 -6.35
C GLN C 779 19.31 -28.55 -5.96
N GLU C 780 19.58 -27.30 -5.56
CA GLU C 780 20.94 -26.95 -5.15
C GLU C 780 21.36 -27.71 -3.90
N VAL C 781 20.44 -27.86 -2.95
CA VAL C 781 20.80 -28.51 -1.69
C VAL C 781 20.98 -30.01 -1.87
N PHE C 782 20.05 -30.66 -2.58
CA PHE C 782 20.02 -32.11 -2.60
C PHE C 782 20.54 -32.75 -3.88
N ALA C 783 20.49 -32.04 -5.01
CA ALA C 783 20.91 -32.60 -6.29
C ALA C 783 22.33 -32.16 -6.66
N GLN C 784 23.22 -32.04 -5.68
CA GLN C 784 24.60 -31.66 -5.97
C GLN C 784 25.28 -32.69 -6.85
N VAL C 785 25.10 -33.98 -6.56
CA VAL C 785 25.67 -35.06 -7.36
C VAL C 785 24.58 -35.66 -8.23
N LYS C 786 24.92 -35.94 -9.49
CA LYS C 786 24.02 -36.54 -10.45
C LYS C 786 24.27 -38.03 -10.64
N GLN C 787 25.08 -38.64 -9.79
CA GLN C 787 25.58 -39.99 -10.00
C GLN C 787 25.04 -40.85 -8.84
N ILE C 788 23.97 -41.59 -9.10
CA ILE C 788 23.20 -42.23 -8.03
C ILE C 788 23.92 -43.51 -7.60
N TYR C 789 24.37 -43.53 -6.35
CA TYR C 789 25.06 -44.67 -5.77
C TYR C 789 24.12 -45.45 -4.86
N LYS C 790 24.10 -46.78 -5.00
CA LYS C 790 23.23 -47.62 -4.19
C LYS C 790 23.93 -48.07 -2.91
N THR C 791 23.13 -48.58 -1.98
CA THR C 791 23.66 -49.09 -0.72
C THR C 791 24.47 -50.36 -0.96
N PRO C 792 25.69 -50.46 -0.46
CA PRO C 792 26.50 -51.67 -0.66
C PRO C 792 25.87 -52.87 0.03
N PRO C 793 25.91 -54.04 -0.60
CA PRO C 793 25.31 -55.24 0.00
C PRO C 793 26.01 -55.71 1.26
N ILE C 794 27.34 -55.82 1.20
CA ILE C 794 28.09 -56.47 2.29
C ILE C 794 27.97 -55.68 3.58
N LYS C 795 28.10 -54.36 3.51
CA LYS C 795 28.01 -53.48 4.68
C LYS C 795 29.02 -53.87 5.76
N ASP C 796 30.26 -54.09 5.33
CA ASP C 796 31.38 -54.41 6.23
C ASP C 796 32.22 -53.15 6.36
N PHE C 797 31.85 -52.28 7.30
CA PHE C 797 32.47 -50.98 7.46
C PHE C 797 33.34 -50.90 8.71
N GLY C 798 34.00 -52.00 9.06
CA GLY C 798 34.92 -52.00 10.18
C GLY C 798 34.28 -51.71 11.53
N GLY C 799 33.10 -52.26 11.77
CA GLY C 799 32.40 -52.07 13.02
C GLY C 799 31.49 -50.86 13.07
N PHE C 800 31.51 -50.00 12.05
CA PHE C 800 30.63 -48.85 12.02
C PHE C 800 29.27 -49.24 11.47
N ASN C 801 28.22 -48.78 12.13
CA ASN C 801 26.85 -49.17 11.84
C ASN C 801 26.10 -47.97 11.27
N PHE C 802 25.59 -48.11 10.05
CA PHE C 802 24.87 -47.03 9.38
C PHE C 802 23.43 -47.41 9.04
N SER C 803 22.92 -48.53 9.55
CA SER C 803 21.55 -48.94 9.24
C SER C 803 20.52 -47.94 9.73
N GLN C 804 20.84 -47.15 10.75
CA GLN C 804 19.88 -46.16 11.25
C GLN C 804 19.75 -44.98 10.29
N ILE C 805 20.80 -44.68 9.53
CA ILE C 805 20.77 -43.61 8.55
C ILE C 805 20.70 -44.14 7.13
N LEU C 806 20.62 -45.47 6.94
CA LEU C 806 20.45 -46.10 5.64
C LEU C 806 19.00 -46.54 5.44
N PRO C 807 18.52 -46.55 4.19
CA PRO C 807 17.11 -46.85 3.95
C PRO C 807 16.76 -48.29 4.27
N ASP C 808 15.48 -48.50 4.60
CA ASP C 808 14.93 -49.83 4.76
C ASP C 808 13.96 -50.09 3.62
N PRO C 809 14.17 -51.12 2.80
CA PRO C 809 13.26 -51.35 1.67
C PRO C 809 11.84 -51.71 2.08
N SER C 810 11.62 -52.08 3.35
CA SER C 810 10.27 -52.43 3.79
C SER C 810 9.33 -51.23 3.68
N LYS C 811 9.81 -50.05 4.04
CA LYS C 811 9.00 -48.85 3.94
C LYS C 811 8.70 -48.55 2.47
N PRO C 812 7.47 -48.14 2.14
CA PRO C 812 7.17 -47.78 0.75
C PRO C 812 8.06 -46.67 0.21
N SER C 813 8.46 -45.72 1.04
CA SER C 813 9.43 -44.70 0.67
C SER C 813 10.80 -45.13 1.16
N LYS C 814 11.78 -45.16 0.25
CA LYS C 814 13.13 -45.63 0.57
C LYS C 814 13.91 -44.57 1.35
N ARG C 815 13.42 -44.31 2.56
CA ARG C 815 14.05 -43.35 3.46
C ARG C 815 14.48 -44.05 4.74
N SER C 816 15.45 -43.44 5.42
CA SER C 816 16.04 -44.04 6.60
C SER C 816 15.09 -43.97 7.79
N PHE C 817 15.43 -44.74 8.83
CA PHE C 817 14.63 -44.74 10.06
C PHE C 817 14.67 -43.36 10.73
N ILE C 818 15.86 -42.75 10.77
CA ILE C 818 15.96 -41.38 11.29
C ILE C 818 15.20 -40.42 10.40
N GLU C 819 15.24 -40.63 9.09
CA GLU C 819 14.45 -39.82 8.18
C GLU C 819 12.95 -39.99 8.43
N ASP C 820 12.53 -41.22 8.73
CA ASP C 820 11.13 -41.45 9.09
C ASP C 820 10.76 -40.71 10.37
N LEU C 821 11.65 -40.73 11.37
CA LEU C 821 11.40 -39.99 12.59
C LEU C 821 11.28 -38.49 12.32
N LEU C 822 12.17 -37.95 11.49
CA LEU C 822 12.10 -36.54 11.15
C LEU C 822 10.81 -36.20 10.42
N PHE C 823 10.39 -37.08 9.50
CA PHE C 823 9.15 -36.85 8.77
C PHE C 823 7.94 -36.88 9.70
N ASN C 824 7.98 -37.75 10.72
CA ASN C 824 6.85 -37.86 11.64
C ASN C 824 6.75 -36.68 12.61
N LYS C 825 7.82 -35.91 12.77
CA LYS C 825 7.83 -34.82 13.75
C LYS C 825 7.41 -33.48 13.16
N VAL C 826 7.18 -33.40 11.85
CA VAL C 826 6.71 -32.18 11.21
C VAL C 826 5.36 -32.47 10.57
N THR C 827 4.35 -31.69 10.93
CA THR C 827 3.00 -31.86 10.43
C THR C 827 2.72 -30.77 9.39
N LEU C 828 2.45 -31.18 8.16
CA LEU C 828 2.12 -30.24 7.10
C LEU C 828 0.66 -29.82 7.18
N ALA C 829 0.35 -28.70 6.53
CA ALA C 829 -1.03 -28.22 6.51
C ALA C 829 -1.95 -29.20 5.80
N ASP C 830 -1.51 -29.74 4.67
CA ASP C 830 -2.28 -30.71 3.89
C ASP C 830 -1.44 -31.96 3.68
N ALA C 831 -2.08 -33.12 3.85
CA ALA C 831 -1.38 -34.39 3.64
C ALA C 831 -0.97 -34.54 2.18
N GLY C 832 -1.85 -34.21 1.26
CA GLY C 832 -1.55 -34.29 -0.16
C GLY C 832 -1.64 -32.94 -0.84
N PHE C 833 -2.01 -32.94 -2.12
CA PHE C 833 -2.14 -31.69 -2.85
C PHE C 833 -3.37 -31.67 -3.74
N ILE C 834 -4.23 -32.68 -3.69
CA ILE C 834 -5.45 -32.73 -4.49
C ILE C 834 -6.63 -32.72 -3.54
N LYS C 835 -7.32 -31.58 -3.46
CA LYS C 835 -8.56 -31.45 -2.71
C LYS C 835 -9.68 -31.23 -3.72
N GLN C 836 -10.52 -32.24 -3.91
CA GLN C 836 -11.54 -32.19 -4.92
C GLN C 836 -12.71 -31.31 -4.49
N TYR C 837 -13.52 -30.92 -5.48
CA TYR C 837 -14.68 -30.08 -5.21
C TYR C 837 -15.68 -30.79 -4.30
N GLY C 838 -15.88 -32.09 -4.52
CA GLY C 838 -16.81 -32.84 -3.70
C GLY C 838 -16.40 -32.90 -2.23
N ASP C 839 -15.09 -32.91 -1.97
CA ASP C 839 -14.59 -32.94 -0.60
C ASP C 839 -14.83 -31.63 0.14
N CYS C 840 -14.90 -30.51 -0.57
CA CYS C 840 -15.17 -29.21 0.03
C CYS C 840 -16.63 -28.80 -0.09
N LEU C 841 -17.48 -29.66 -0.66
CA LEU C 841 -18.88 -29.33 -0.84
C LEU C 841 -19.63 -29.39 0.49
N GLY C 842 -20.41 -28.36 0.78
CA GLY C 842 -21.20 -28.32 1.99
C GLY C 842 -20.62 -27.43 3.07
N ASP C 843 -20.81 -27.82 4.33
CA ASP C 843 -20.26 -27.04 5.44
C ASP C 843 -18.75 -27.16 5.53
N ILE C 844 -18.15 -28.19 4.92
CA ILE C 844 -16.70 -28.37 4.96
C ILE C 844 -15.97 -27.21 4.30
N ALA C 845 -16.67 -26.41 3.48
CA ALA C 845 -16.05 -25.22 2.90
C ALA C 845 -15.68 -24.20 3.97
N ALA C 846 -16.26 -24.28 5.16
CA ALA C 846 -15.95 -23.37 6.25
C ALA C 846 -15.11 -24.00 7.35
N ARG C 847 -15.43 -25.24 7.74
CA ARG C 847 -14.66 -25.89 8.79
C ARG C 847 -13.23 -26.16 8.35
N ASP C 848 -13.03 -26.58 7.09
CA ASP C 848 -11.70 -26.87 6.58
C ASP C 848 -11.03 -25.57 6.14
N LEU C 849 -9.84 -25.32 6.67
CA LEU C 849 -9.11 -24.10 6.30
C LEU C 849 -8.64 -24.16 4.85
N ILE C 850 -8.24 -25.35 4.39
CA ILE C 850 -7.78 -25.49 3.01
C ILE C 850 -8.92 -25.21 2.03
N CYS C 851 -10.13 -25.68 2.36
CA CYS C 851 -11.28 -25.41 1.50
C CYS C 851 -11.56 -23.92 1.41
N ALA C 852 -11.49 -23.23 2.55
CA ALA C 852 -11.71 -21.78 2.54
C ALA C 852 -10.63 -21.06 1.75
N GLN C 853 -9.39 -21.49 1.88
CA GLN C 853 -8.30 -20.88 1.11
C GLN C 853 -8.50 -21.10 -0.38
N LYS C 854 -8.88 -22.31 -0.79
CA LYS C 854 -9.02 -22.60 -2.21
C LYS C 854 -10.25 -21.93 -2.81
N PHE C 855 -11.34 -21.80 -2.03
CA PHE C 855 -12.51 -21.10 -2.52
C PHE C 855 -12.30 -19.61 -2.68
N ASN C 856 -11.19 -19.07 -2.17
CA ASN C 856 -10.85 -17.66 -2.32
C ASN C 856 -9.67 -17.44 -3.26
N GLY C 857 -9.37 -18.43 -4.11
CA GLY C 857 -8.34 -18.27 -5.12
C GLY C 857 -6.92 -18.50 -4.65
N LEU C 858 -6.73 -19.03 -3.45
CA LEU C 858 -5.39 -19.29 -2.92
C LEU C 858 -5.11 -20.79 -3.01
N THR C 859 -4.16 -21.16 -3.88
CA THR C 859 -3.79 -22.56 -4.09
C THR C 859 -2.34 -22.77 -3.69
N VAL C 860 -2.02 -24.00 -3.32
CA VAL C 860 -0.68 -24.38 -2.90
C VAL C 860 -0.12 -25.36 -3.93
N LEU C 861 1.00 -25.00 -4.54
CA LEU C 861 1.68 -25.80 -5.56
C LEU C 861 2.68 -26.76 -4.91
N PRO C 862 2.69 -28.01 -5.35
CA PRO C 862 3.59 -29.01 -4.76
C PRO C 862 5.02 -28.79 -5.21
N PRO C 863 5.99 -29.25 -4.43
CA PRO C 863 7.38 -29.20 -4.89
C PRO C 863 7.59 -30.08 -6.11
N LEU C 864 8.55 -29.67 -6.95
CA LEU C 864 8.89 -30.45 -8.13
C LEU C 864 9.44 -31.82 -7.74
N LEU C 865 10.29 -31.86 -6.72
CA LEU C 865 10.89 -33.09 -6.23
C LEU C 865 10.07 -33.62 -5.05
N THR C 866 9.61 -34.86 -5.17
CA THR C 866 8.88 -35.49 -4.07
C THR C 866 9.84 -35.89 -2.95
N ASP C 867 9.25 -36.25 -1.81
CA ASP C 867 10.06 -36.69 -0.67
C ASP C 867 10.84 -37.95 -1.00
N GLU C 868 10.29 -38.82 -1.86
CA GLU C 868 11.00 -40.02 -2.25
C GLU C 868 12.27 -39.70 -3.04
N MET C 869 12.21 -38.73 -3.96
CA MET C 869 13.39 -38.37 -4.72
C MET C 869 14.44 -37.67 -3.86
N ILE C 870 13.99 -36.84 -2.92
CA ILE C 870 14.94 -36.22 -1.99
C ILE C 870 15.60 -37.29 -1.12
N ALA C 871 14.82 -38.29 -0.70
CA ALA C 871 15.38 -39.40 0.05
C ALA C 871 16.38 -40.18 -0.79
N GLN C 872 16.12 -40.34 -2.09
CA GLN C 872 17.05 -41.01 -2.97
C GLN C 872 18.34 -40.21 -3.14
N TYR C 873 18.23 -38.89 -3.25
CA TYR C 873 19.43 -38.05 -3.35
C TYR C 873 20.27 -38.15 -2.08
N THR C 874 19.61 -38.11 -0.92
CA THR C 874 20.30 -38.30 0.35
C THR C 874 20.93 -39.68 0.43
N SER C 875 20.23 -40.70 -0.09
CA SER C 875 20.77 -42.06 -0.09
C SER C 875 22.05 -42.15 -0.91
N ALA C 876 22.02 -41.56 -2.12
CA ALA C 876 23.22 -41.57 -2.96
C ALA C 876 24.37 -40.81 -2.31
N LEU C 877 24.08 -39.65 -1.70
CA LEU C 877 25.13 -38.90 -1.03
C LEU C 877 25.73 -39.70 0.12
N LEU C 878 24.89 -40.35 0.92
CA LEU C 878 25.37 -41.14 2.05
C LEU C 878 26.20 -42.33 1.58
N ALA C 879 25.73 -43.03 0.55
CA ALA C 879 26.46 -44.17 0.01
C ALA C 879 27.81 -43.73 -0.54
N GLY C 880 27.85 -42.60 -1.24
CA GLY C 880 29.12 -42.10 -1.76
C GLY C 880 30.08 -41.69 -0.66
N THR C 881 29.57 -41.02 0.38
CA THR C 881 30.44 -40.58 1.46
C THR C 881 30.90 -41.72 2.36
N ILE C 882 30.19 -42.85 2.35
CA ILE C 882 30.65 -43.99 3.15
C ILE C 882 31.55 -44.92 2.33
N THR C 883 31.23 -45.15 1.07
CA THR C 883 32.03 -46.06 0.26
C THR C 883 33.26 -45.37 -0.31
N SER C 884 33.13 -44.11 -0.73
CA SER C 884 34.22 -43.38 -1.36
C SER C 884 34.79 -42.27 -0.49
N GLY C 885 34.04 -41.77 0.49
CA GLY C 885 34.54 -40.71 1.34
C GLY C 885 34.40 -39.33 0.72
N TRP C 886 35.53 -38.73 0.35
CA TRP C 886 35.55 -37.40 -0.23
C TRP C 886 35.74 -37.42 -1.74
N THR C 887 36.11 -38.57 -2.32
CA THR C 887 36.48 -38.61 -3.73
C THR C 887 35.27 -38.39 -4.64
N PHE C 888 34.10 -38.90 -4.24
CA PHE C 888 32.91 -38.74 -5.08
C PHE C 888 32.45 -37.29 -5.15
N GLY C 889 32.83 -36.46 -4.18
CA GLY C 889 32.56 -35.04 -4.27
C GLY C 889 33.38 -34.33 -5.31
N ALA C 890 34.54 -34.87 -5.67
CA ALA C 890 35.38 -34.34 -6.73
C ALA C 890 35.24 -35.13 -8.02
N GLY C 891 34.26 -36.02 -8.11
CA GLY C 891 34.07 -36.80 -9.32
C GLY C 891 34.90 -38.07 -9.32
N ALA C 892 34.42 -39.07 -10.06
CA ALA C 892 35.10 -40.36 -10.20
C ALA C 892 35.33 -41.01 -8.83
N ALA C 893 34.22 -41.40 -8.22
CA ALA C 893 34.24 -42.00 -6.89
C ALA C 893 35.24 -43.16 -6.81
N LEU C 894 36.13 -43.08 -5.83
CA LEU C 894 37.16 -44.10 -5.61
C LEU C 894 36.84 -44.84 -4.31
N GLN C 895 36.71 -46.16 -4.40
CA GLN C 895 36.42 -46.95 -3.21
C GLN C 895 37.62 -46.98 -2.27
N ILE C 896 37.31 -47.07 -0.98
CA ILE C 896 38.33 -47.11 0.07
C ILE C 896 37.71 -47.70 1.32
N PRO C 897 38.40 -48.60 2.04
CA PRO C 897 37.83 -49.14 3.27
C PRO C 897 37.55 -48.04 4.28
N PHE C 898 36.44 -48.20 5.01
CA PHE C 898 36.00 -47.15 5.92
C PHE C 898 36.99 -46.92 7.06
N ALA C 899 37.74 -47.96 7.44
CA ALA C 899 38.76 -47.79 8.45
C ALA C 899 39.85 -46.82 7.99
N MET C 900 40.29 -46.96 6.74
CA MET C 900 41.32 -46.05 6.22
C MET C 900 40.75 -44.66 5.97
N GLN C 901 39.48 -44.56 5.60
CA GLN C 901 38.84 -43.25 5.51
C GLN C 901 38.82 -42.56 6.87
N MET C 902 38.48 -43.31 7.92
CA MET C 902 38.55 -42.76 9.27
C MET C 902 39.97 -42.37 9.66
N ALA C 903 40.95 -43.18 9.25
CA ALA C 903 42.34 -42.86 9.54
C ALA C 903 42.76 -41.55 8.88
N TYR C 904 42.40 -41.36 7.62
CA TYR C 904 42.76 -40.11 6.94
C TYR C 904 42.01 -38.92 7.53
N ARG C 905 40.74 -39.12 7.92
CA ARG C 905 40.01 -38.04 8.57
C ARG C 905 40.62 -37.67 9.92
N PHE C 906 41.13 -38.67 10.65
CA PHE C 906 41.88 -38.40 11.87
C PHE C 906 43.16 -37.63 11.55
N ASN C 907 43.84 -38.00 10.48
CA ASN C 907 45.03 -37.26 10.06
C ASN C 907 44.70 -35.82 9.70
N GLY C 908 43.47 -35.58 9.21
CA GLY C 908 43.07 -34.23 8.84
C GLY C 908 42.82 -33.32 10.02
N ILE C 909 42.65 -33.87 11.22
CA ILE C 909 42.41 -33.07 12.42
C ILE C 909 43.62 -33.10 13.35
N GLY C 910 44.80 -33.45 12.82
CA GLY C 910 46.02 -33.41 13.60
C GLY C 910 46.31 -34.61 14.46
N VAL C 911 45.55 -35.70 14.30
CA VAL C 911 45.74 -36.92 15.07
C VAL C 911 46.28 -38.00 14.14
N THR C 912 47.35 -38.66 14.57
CA THR C 912 47.96 -39.70 13.75
C THR C 912 47.01 -40.88 13.58
N GLN C 913 47.13 -41.56 12.43
CA GLN C 913 46.20 -42.63 12.09
C GLN C 913 46.36 -43.86 12.98
N ASN C 914 47.51 -44.01 13.65
CA ASN C 914 47.67 -45.15 14.55
C ASN C 914 46.73 -45.05 15.73
N VAL C 915 46.34 -43.84 16.13
CA VAL C 915 45.33 -43.68 17.17
C VAL C 915 44.00 -44.22 16.69
N LEU C 916 43.63 -43.93 15.44
CA LEU C 916 42.40 -44.47 14.87
C LEU C 916 42.46 -45.99 14.78
N TYR C 917 43.59 -46.54 14.35
CA TYR C 917 43.68 -47.98 14.14
C TYR C 917 43.77 -48.76 15.45
N GLU C 918 44.34 -48.16 16.49
CA GLU C 918 44.47 -48.82 17.79
C GLU C 918 43.25 -48.65 18.67
N ASN C 919 42.28 -47.83 18.26
CA ASN C 919 41.03 -47.64 18.99
C ASN C 919 39.83 -47.79 18.08
N GLN C 920 39.95 -48.63 17.05
CA GLN C 920 38.88 -48.76 16.06
C GLN C 920 37.60 -49.26 16.69
N LYS C 921 37.68 -50.29 17.53
CA LYS C 921 36.49 -50.81 18.19
C LYS C 921 35.85 -49.75 19.09
N LEU C 922 36.66 -49.04 19.87
CA LEU C 922 36.14 -48.02 20.76
C LEU C 922 35.47 -46.89 19.98
N ILE C 923 36.11 -46.44 18.90
CA ILE C 923 35.56 -45.35 18.10
C ILE C 923 34.26 -45.77 17.43
N ALA C 924 34.22 -47.00 16.89
CA ALA C 924 32.98 -47.49 16.29
C ALA C 924 31.87 -47.60 17.33
N ASN C 925 32.20 -48.08 18.52
CA ASN C 925 31.19 -48.18 19.58
C ASN C 925 30.67 -46.81 19.97
N GLN C 926 31.55 -45.82 20.10
CA GLN C 926 31.10 -44.47 20.45
C GLN C 926 30.24 -43.88 19.35
N PHE C 927 30.61 -44.09 18.09
CA PHE C 927 29.79 -43.59 16.98
C PHE C 927 28.41 -44.23 16.98
N ASN C 928 28.35 -45.54 17.20
CA ASN C 928 27.06 -46.22 17.26
C ASN C 928 26.23 -45.72 18.44
N SER C 929 26.88 -45.49 19.59
CA SER C 929 26.16 -44.99 20.76
C SER C 929 25.62 -43.59 20.51
N ALA C 930 26.39 -42.73 19.85
CA ALA C 930 25.91 -41.39 19.53
C ALA C 930 24.75 -41.43 18.55
N ILE C 931 24.82 -42.31 17.54
CA ILE C 931 23.71 -42.45 16.61
C ILE C 931 22.46 -42.93 17.33
N GLY C 932 22.62 -43.90 18.23
CA GLY C 932 21.48 -44.36 19.02
C GLY C 932 20.92 -43.29 19.92
N LYS C 933 21.79 -42.45 20.49
CA LYS C 933 21.33 -41.34 21.32
C LYS C 933 20.52 -40.34 20.51
N ILE C 934 20.98 -40.03 19.29
CA ILE C 934 20.22 -39.14 18.42
C ILE C 934 18.87 -39.76 18.07
N GLN C 935 18.85 -41.07 17.79
CA GLN C 935 17.60 -41.76 17.51
C GLN C 935 16.65 -41.68 18.70
N ASP C 936 17.16 -41.89 19.91
CA ASP C 936 16.33 -41.81 21.10
C ASP C 936 15.79 -40.41 21.31
N SER C 937 16.63 -39.39 21.09
CA SER C 937 16.19 -38.01 21.24
C SER C 937 15.10 -37.66 20.23
N LEU C 938 15.24 -38.14 18.99
CA LEU C 938 14.23 -37.87 17.97
C LEU C 938 12.94 -38.62 18.25
N SER C 939 13.04 -39.84 18.79
CA SER C 939 11.85 -40.64 19.06
C SER C 939 11.07 -40.13 20.25
N SER C 940 11.67 -39.34 21.12
CA SER C 940 11.00 -38.84 22.32
C SER C 940 10.16 -37.62 21.95
N THR C 941 9.56 -36.99 22.97
CA THR C 941 8.74 -35.80 22.73
C THR C 941 9.58 -34.59 22.34
N ALA C 942 10.88 -34.61 22.61
CA ALA C 942 11.76 -33.52 22.21
C ALA C 942 11.84 -33.46 20.69
N SER C 943 11.43 -32.33 20.12
CA SER C 943 11.36 -32.20 18.67
C SER C 943 12.67 -31.68 18.09
N ALA C 944 13.10 -30.49 18.54
CA ALA C 944 14.31 -29.83 18.05
C ALA C 944 14.22 -29.50 16.56
N LEU C 945 13.06 -29.75 15.96
CA LEU C 945 12.81 -29.46 14.55
C LEU C 945 11.90 -28.25 14.40
N GLY C 946 12.10 -27.24 15.25
CA GLY C 946 11.20 -26.10 15.29
C GLY C 946 11.28 -25.19 14.10
N LYS C 947 12.38 -25.22 13.34
CA LYS C 947 12.53 -24.31 12.21
C LYS C 947 11.59 -24.66 11.07
N LEU C 948 11.54 -25.95 10.69
CA LEU C 948 10.63 -26.37 9.63
C LEU C 948 9.18 -26.17 10.04
N GLN C 949 8.84 -26.51 11.28
CA GLN C 949 7.48 -26.30 11.76
C GLN C 949 7.12 -24.82 11.78
N ASP C 950 8.08 -23.96 12.14
CA ASP C 950 7.84 -22.52 12.11
C ASP C 950 7.60 -22.04 10.68
N VAL C 951 8.36 -22.56 9.72
CA VAL C 951 8.16 -22.16 8.32
C VAL C 951 6.76 -22.57 7.85
N VAL C 952 6.37 -23.82 8.15
CA VAL C 952 5.06 -24.30 7.73
C VAL C 952 3.95 -23.50 8.40
N ASN C 953 4.10 -23.23 9.70
CA ASN C 953 3.10 -22.46 10.43
C ASN C 953 3.03 -21.03 9.92
N GLN C 954 4.17 -20.44 9.55
CA GLN C 954 4.17 -19.09 8.99
C GLN C 954 3.41 -19.05 7.67
N ASN C 955 3.65 -20.02 6.79
CA ASN C 955 2.93 -20.05 5.53
C ASN C 955 1.43 -20.24 5.76
N ALA C 956 1.07 -21.18 6.63
CA ALA C 956 -0.35 -21.43 6.91
C ALA C 956 -1.01 -20.21 7.53
N GLN C 957 -0.33 -19.55 8.46
CA GLN C 957 -0.87 -18.36 9.10
C GLN C 957 -1.02 -17.21 8.10
N ALA C 958 -0.07 -17.06 7.19
CA ALA C 958 -0.21 -16.03 6.16
C ALA C 958 -1.42 -16.30 5.28
N LEU C 959 -1.61 -17.55 4.87
CA LEU C 959 -2.78 -17.88 4.05
C LEU C 959 -4.08 -17.66 4.83
N ASN C 960 -4.10 -18.06 6.10
CA ASN C 960 -5.30 -17.89 6.92
C ASN C 960 -5.61 -16.42 7.17
N THR C 961 -4.58 -15.60 7.36
CA THR C 961 -4.77 -14.17 7.52
C THR C 961 -5.29 -13.54 6.23
N LEU C 962 -4.77 -13.99 5.08
CA LEU C 962 -5.31 -13.53 3.81
C LEU C 962 -6.78 -13.87 3.67
N VAL C 963 -7.16 -15.08 4.08
CA VAL C 963 -8.58 -15.46 4.05
C VAL C 963 -9.40 -14.60 5.00
N LYS C 964 -8.87 -14.36 6.21
CA LYS C 964 -9.61 -13.64 7.24
C LYS C 964 -9.79 -12.17 6.88
N GLN C 965 -8.85 -11.59 6.15
CA GLN C 965 -8.92 -10.16 5.84
C GLN C 965 -10.03 -9.81 4.88
N LEU C 966 -10.70 -10.80 4.28
CA LEU C 966 -11.82 -10.53 3.39
C LEU C 966 -13.04 -9.99 4.12
N SER C 967 -13.06 -10.02 5.44
CA SER C 967 -14.18 -9.51 6.23
C SER C 967 -14.05 -8.03 6.54
N SER C 968 -12.98 -7.38 6.09
CA SER C 968 -12.78 -5.96 6.34
C SER C 968 -13.62 -5.13 5.37
N ASN C 969 -14.28 -4.10 5.91
CA ASN C 969 -15.12 -3.24 5.09
C ASN C 969 -14.30 -2.26 4.25
N PHE C 970 -13.11 -1.88 4.73
CA PHE C 970 -12.25 -0.92 4.04
C PHE C 970 -12.96 0.42 3.81
N GLY C 971 -13.79 0.83 4.76
CA GLY C 971 -14.54 2.06 4.66
C GLY C 971 -15.85 1.95 3.90
N ALA C 972 -16.15 0.78 3.34
CA ALA C 972 -17.39 0.59 2.61
C ALA C 972 -18.53 0.25 3.58
N ILE C 973 -19.76 0.26 3.06
CA ILE C 973 -20.92 -0.03 3.88
C ILE C 973 -20.90 -1.49 4.35
N SER C 974 -20.33 -2.39 3.53
CA SER C 974 -20.27 -3.80 3.89
C SER C 974 -19.04 -4.41 3.27
N SER C 975 -18.61 -5.54 3.84
CA SER C 975 -17.48 -6.30 3.33
C SER C 975 -17.89 -7.39 2.35
N VAL C 976 -19.19 -7.49 2.04
CA VAL C 976 -19.72 -8.49 1.13
C VAL C 976 -20.16 -7.79 -0.14
N LEU C 977 -19.62 -8.24 -1.28
CA LEU C 977 -20.01 -7.66 -2.57
C LEU C 977 -21.46 -7.98 -2.90
N ASN C 978 -21.94 -9.16 -2.50
CA ASN C 978 -23.32 -9.54 -2.80
C ASN C 978 -24.31 -8.61 -2.12
N ASP C 979 -24.05 -8.26 -0.86
CA ASP C 979 -24.94 -7.36 -0.14
C ASP C 979 -24.99 -5.99 -0.80
N ILE C 980 -23.82 -5.46 -1.20
CA ILE C 980 -23.78 -4.15 -1.84
C ILE C 980 -24.51 -4.20 -3.18
N LEU C 981 -24.29 -5.25 -3.97
CA LEU C 981 -24.95 -5.34 -5.27
C LEU C 981 -26.46 -5.46 -5.13
N SER C 982 -26.93 -6.24 -4.15
CA SER C 982 -28.37 -6.36 -3.92
C SER C 982 -28.93 -5.13 -3.22
N ARG C 983 -28.08 -4.28 -2.66
CA ARG C 983 -28.52 -3.13 -1.88
C ARG C 983 -28.44 -1.81 -2.63
N LEU C 984 -27.58 -1.71 -3.64
CA LEU C 984 -27.36 -0.47 -4.35
C LEU C 984 -27.33 -0.72 -5.86
N ASP C 985 -27.62 0.35 -6.61
CA ASP C 985 -27.54 0.29 -8.07
C ASP C 985 -26.08 0.37 -8.50
N LYS C 986 -25.85 0.44 -9.82
CA LYS C 986 -24.49 0.41 -10.34
C LYS C 986 -23.67 1.59 -9.85
N VAL C 987 -24.23 2.80 -9.93
CA VAL C 987 -23.49 4.01 -9.59
C VAL C 987 -23.16 4.03 -8.10
N GLU C 988 -24.14 3.72 -7.25
CA GLU C 988 -23.91 3.79 -5.81
C GLU C 988 -23.03 2.65 -5.33
N ALA C 989 -23.15 1.48 -5.93
CA ALA C 989 -22.31 0.35 -5.55
C ALA C 989 -20.90 0.44 -6.11
N GLU C 990 -20.68 1.28 -7.12
CA GLU C 990 -19.35 1.37 -7.73
C GLU C 990 -18.30 1.82 -6.73
N VAL C 991 -18.61 2.83 -5.92
CA VAL C 991 -17.63 3.35 -4.97
C VAL C 991 -17.32 2.30 -3.90
N GLN C 992 -18.35 1.60 -3.41
CA GLN C 992 -18.12 0.57 -2.39
C GLN C 992 -17.28 -0.57 -2.96
N ILE C 993 -17.59 -1.00 -4.18
CA ILE C 993 -16.81 -2.07 -4.80
C ILE C 993 -15.37 -1.62 -5.05
N ASP C 994 -15.19 -0.35 -5.43
CA ASP C 994 -13.84 0.16 -5.61
C ASP C 994 -13.06 0.17 -4.29
N ARG C 995 -13.72 0.56 -3.19
CA ARG C 995 -13.06 0.53 -1.89
C ARG C 995 -12.67 -0.88 -1.51
N LEU C 996 -13.58 -1.84 -1.71
CA LEU C 996 -13.27 -3.24 -1.40
C LEU C 996 -12.13 -3.76 -2.27
N ILE C 997 -12.13 -3.39 -3.55
CA ILE C 997 -11.08 -3.83 -4.46
C ILE C 997 -9.73 -3.27 -4.01
N THR C 998 -9.69 -1.99 -3.65
CA THR C 998 -8.46 -1.39 -3.18
C THR C 998 -7.95 -2.08 -1.92
N GLY C 999 -8.86 -2.33 -0.96
CA GLY C 999 -8.44 -3.00 0.27
C GLY C 999 -7.91 -4.39 0.04
N ARG C 1000 -8.60 -5.18 -0.80
CA ARG C 1000 -8.15 -6.55 -1.06
C ARG C 1000 -6.87 -6.57 -1.87
N LEU C 1001 -6.69 -5.64 -2.81
CA LEU C 1001 -5.43 -5.54 -3.53
C LEU C 1001 -4.29 -5.17 -2.58
N GLN C 1002 -4.54 -4.27 -1.63
CA GLN C 1002 -3.52 -3.94 -0.64
C GLN C 1002 -3.17 -5.15 0.21
N SER C 1003 -4.18 -5.93 0.61
CA SER C 1003 -3.91 -7.14 1.38
C SER C 1003 -3.06 -8.13 0.58
N LEU C 1004 -3.40 -8.33 -0.70
CA LEU C 1004 -2.62 -9.22 -1.55
C LEU C 1004 -1.19 -8.72 -1.71
N GLN C 1005 -1.02 -7.41 -1.88
CA GLN C 1005 0.32 -6.84 -2.01
C GLN C 1005 1.13 -7.06 -0.74
N THR C 1006 0.52 -6.85 0.42
CA THR C 1006 1.22 -7.09 1.67
C THR C 1006 1.62 -8.55 1.81
N TYR C 1007 0.71 -9.47 1.46
CA TYR C 1007 1.03 -10.89 1.53
C TYR C 1007 2.19 -11.24 0.60
N VAL C 1008 2.19 -10.67 -0.60
CA VAL C 1008 3.25 -10.98 -1.57
C VAL C 1008 4.58 -10.41 -1.10
N THR C 1009 4.58 -9.21 -0.53
CA THR C 1009 5.82 -8.63 0.00
C THR C 1009 6.37 -9.48 1.14
N GLN C 1010 5.51 -9.90 2.07
CA GLN C 1010 5.96 -10.75 3.16
C GLN C 1010 6.49 -12.08 2.64
N GLN C 1011 5.82 -12.64 1.62
CA GLN C 1011 6.29 -13.88 1.01
C GLN C 1011 7.65 -13.69 0.37
N LEU C 1012 7.87 -12.55 -0.28
CA LEU C 1012 9.17 -12.28 -0.89
C LEU C 1012 10.27 -12.19 0.16
N ILE C 1013 9.99 -11.51 1.28
CA ILE C 1013 11.00 -11.39 2.33
C ILE C 1013 11.32 -12.77 2.92
N ARG C 1014 10.27 -13.55 3.20
CA ARG C 1014 10.48 -14.89 3.74
C ARG C 1014 11.19 -15.79 2.73
N ALA C 1015 10.94 -15.59 1.43
CA ALA C 1015 11.63 -16.35 0.41
C ALA C 1015 13.10 -15.98 0.34
N ALA C 1016 13.42 -14.70 0.53
CA ALA C 1016 14.82 -14.30 0.60
C ALA C 1016 15.52 -14.96 1.78
N GLU C 1017 14.86 -14.96 2.94
CA GLU C 1017 15.44 -15.63 4.11
C GLU C 1017 15.62 -17.12 3.86
N ILE C 1018 14.61 -17.77 3.25
CA ILE C 1018 14.69 -19.19 2.97
C ILE C 1018 15.79 -19.49 1.96
N ARG C 1019 15.98 -18.59 0.98
CA ARG C 1019 17.05 -18.76 0.01
C ARG C 1019 18.42 -18.64 0.68
N ALA C 1020 18.57 -17.71 1.61
CA ALA C 1020 19.83 -17.63 2.35
C ALA C 1020 20.07 -18.91 3.16
N SER C 1021 19.03 -19.42 3.81
CA SER C 1021 19.17 -20.67 4.56
C SER C 1021 19.53 -21.83 3.66
N ALA C 1022 18.93 -21.88 2.46
CA ALA C 1022 19.20 -22.98 1.54
C ALA C 1022 20.61 -22.88 0.97
N ASN C 1023 21.09 -21.65 0.72
CA ASN C 1023 22.48 -21.48 0.30
C ASN C 1023 23.44 -21.95 1.37
N LEU C 1024 23.15 -21.62 2.64
CA LEU C 1024 23.97 -22.14 3.74
C LEU C 1024 23.92 -23.65 3.81
N ALA C 1025 22.74 -24.24 3.60
CA ALA C 1025 22.61 -25.69 3.63
C ALA C 1025 23.40 -26.34 2.50
N ALA C 1026 23.36 -25.76 1.30
CA ALA C 1026 24.13 -26.30 0.18
C ALA C 1026 25.62 -26.19 0.44
N THR C 1027 26.08 -25.06 1.01
CA THR C 1027 27.49 -24.92 1.34
C THR C 1027 27.91 -25.95 2.39
N LYS C 1028 27.07 -26.18 3.39
CA LYS C 1028 27.38 -27.17 4.41
C LYS C 1028 27.40 -28.57 3.82
N MET C 1029 26.48 -28.87 2.90
CA MET C 1029 26.49 -30.17 2.23
C MET C 1029 27.76 -30.35 1.41
N SER C 1030 28.22 -29.29 0.75
CA SER C 1030 29.44 -29.39 -0.05
C SER C 1030 30.68 -29.56 0.82
N GLU C 1031 30.77 -28.82 1.92
CA GLU C 1031 32.01 -28.74 2.69
C GLU C 1031 32.07 -29.70 3.87
N CYS C 1032 30.95 -30.30 4.28
CA CYS C 1032 30.94 -31.22 5.40
C CYS C 1032 30.61 -32.66 5.00
N VAL C 1033 29.77 -32.85 3.99
CA VAL C 1033 29.41 -34.19 3.53
C VAL C 1033 30.34 -34.65 2.41
N LEU C 1034 30.63 -33.77 1.45
CA LEU C 1034 31.50 -34.10 0.34
C LEU C 1034 32.97 -33.97 0.68
N GLY C 1035 33.30 -33.48 1.88
CA GLY C 1035 34.68 -33.33 2.28
C GLY C 1035 34.77 -33.00 3.76
N GLN C 1036 36.00 -32.92 4.24
CA GLN C 1036 36.28 -32.60 5.63
C GLN C 1036 36.67 -31.13 5.74
N SER C 1037 35.96 -30.39 6.58
CA SER C 1037 36.13 -28.94 6.69
C SER C 1037 37.02 -28.58 7.86
N LYS C 1038 37.96 -27.66 7.63
CA LYS C 1038 38.80 -27.13 8.68
C LYS C 1038 38.21 -25.91 9.36
N ARG C 1039 37.08 -25.41 8.87
CA ARG C 1039 36.44 -24.24 9.49
C ARG C 1039 35.87 -24.62 10.85
N VAL C 1040 36.11 -23.76 11.83
CA VAL C 1040 35.67 -24.04 13.20
C VAL C 1040 34.17 -23.80 13.31
N ASP C 1041 33.47 -24.77 13.89
CA ASP C 1041 32.04 -24.70 14.18
C ASP C 1041 31.18 -24.54 12.93
N PHE C 1042 31.71 -24.93 11.77
CA PHE C 1042 30.92 -24.92 10.54
C PHE C 1042 30.20 -26.23 10.31
N CYS C 1043 30.77 -27.34 10.75
CA CYS C 1043 30.18 -28.67 10.61
C CYS C 1043 30.11 -29.34 11.98
N GLY C 1044 29.60 -28.64 12.96
CA GLY C 1044 29.44 -29.15 14.31
C GLY C 1044 30.50 -28.61 15.26
N LYS C 1045 30.28 -28.88 16.54
CA LYS C 1045 31.17 -28.43 17.60
C LYS C 1045 32.27 -29.47 17.81
N GLY C 1046 33.52 -29.03 17.71
CA GLY C 1046 34.67 -29.90 17.82
C GLY C 1046 35.42 -30.00 16.51
N TYR C 1047 36.38 -30.92 16.49
CA TYR C 1047 37.17 -31.17 15.29
C TYR C 1047 36.36 -32.04 14.34
N HIS C 1048 35.96 -31.46 13.20
CA HIS C 1048 35.05 -32.13 12.29
C HIS C 1048 35.69 -33.36 11.65
N LEU C 1049 34.98 -34.48 11.72
CA LEU C 1049 35.41 -35.72 11.05
C LEU C 1049 34.63 -35.95 9.76
N MET C 1050 33.30 -35.98 9.84
CA MET C 1050 32.48 -36.14 8.65
C MET C 1050 31.07 -35.64 8.95
N SER C 1051 30.20 -35.73 7.95
CA SER C 1051 28.80 -35.37 8.11
C SER C 1051 27.94 -36.26 7.24
N PHE C 1052 26.70 -36.47 7.68
CA PHE C 1052 25.74 -37.30 6.96
C PHE C 1052 24.45 -36.50 6.74
N PRO C 1053 23.96 -36.43 5.51
CA PRO C 1053 22.72 -35.71 5.25
C PRO C 1053 21.49 -36.58 5.46
N GLN C 1054 20.39 -35.93 5.82
CA GLN C 1054 19.09 -36.57 5.94
C GLN C 1054 18.02 -35.60 5.45
N SER C 1055 17.05 -36.13 4.72
CA SER C 1055 15.93 -35.31 4.27
C SER C 1055 14.98 -35.02 5.43
N ALA C 1056 14.23 -33.93 5.30
CA ALA C 1056 13.21 -33.59 6.28
C ALA C 1056 12.19 -32.70 5.59
N PRO C 1057 10.95 -32.64 6.10
CA PRO C 1057 9.93 -31.80 5.46
C PRO C 1057 10.40 -30.36 5.31
N HIS C 1058 10.60 -29.93 4.06
CA HIS C 1058 11.06 -28.59 3.74
C HIS C 1058 12.42 -28.27 4.36
N GLY C 1059 13.29 -29.27 4.49
CA GLY C 1059 14.58 -28.97 5.10
C GLY C 1059 15.52 -30.16 5.07
N VAL C 1060 16.71 -29.91 5.60
CA VAL C 1060 17.77 -30.91 5.66
C VAL C 1060 18.28 -31.00 7.09
N VAL C 1061 18.73 -32.20 7.47
CA VAL C 1061 19.29 -32.45 8.79
C VAL C 1061 20.68 -33.02 8.60
N PHE C 1062 21.68 -32.33 9.13
CA PHE C 1062 23.06 -32.76 9.05
C PHE C 1062 23.47 -33.41 10.37
N LEU C 1063 23.93 -34.66 10.30
CA LEU C 1063 24.49 -35.36 11.44
C LEU C 1063 26.01 -35.18 11.34
N HIS C 1064 26.56 -34.32 12.19
CA HIS C 1064 27.98 -33.99 12.16
C HIS C 1064 28.72 -34.89 13.15
N VAL C 1065 29.64 -35.69 12.64
CA VAL C 1065 30.51 -36.54 13.46
C VAL C 1065 31.83 -35.81 13.63
N THR C 1066 32.18 -35.53 14.88
CA THR C 1066 33.34 -34.71 15.23
C THR C 1066 34.12 -35.39 16.36
N TYR C 1067 35.37 -34.96 16.48
CA TYR C 1067 36.32 -35.48 17.47
C TYR C 1067 36.49 -34.43 18.57
N VAL C 1068 36.25 -34.82 19.81
CA VAL C 1068 36.29 -33.89 20.94
C VAL C 1068 37.30 -34.43 21.96
N PRO C 1069 38.27 -33.62 22.40
CA PRO C 1069 39.12 -34.05 23.51
C PRO C 1069 38.30 -34.32 24.76
N ALA C 1070 38.66 -35.39 25.48
CA ALA C 1070 37.87 -35.84 26.62
C ALA C 1070 38.61 -35.73 27.95
N GLN C 1071 39.78 -36.35 28.07
CA GLN C 1071 40.48 -36.45 29.35
C GLN C 1071 41.82 -35.73 29.24
N GLU C 1072 41.88 -34.52 29.77
CA GLU C 1072 43.10 -33.73 29.76
C GLU C 1072 43.98 -34.03 30.97
N LYS C 1073 45.28 -33.93 30.77
CA LYS C 1073 46.27 -34.12 31.83
C LYS C 1073 47.28 -32.98 31.78
N ASN C 1074 47.74 -32.60 32.98
CA ASN C 1074 48.73 -31.54 33.13
C ASN C 1074 50.13 -32.06 32.82
N PHE C 1075 50.94 -31.21 32.19
CA PHE C 1075 52.33 -31.54 31.91
C PHE C 1075 53.16 -30.27 31.99
N THR C 1076 54.45 -30.43 32.30
CA THR C 1076 55.41 -29.34 32.25
C THR C 1076 56.03 -29.29 30.86
N THR C 1077 55.91 -28.15 30.20
CA THR C 1077 56.27 -28.02 28.80
C THR C 1077 57.30 -26.92 28.60
N ALA C 1078 58.14 -27.10 27.58
CA ALA C 1078 59.20 -26.17 27.23
C ALA C 1078 59.14 -25.85 25.75
N PRO C 1079 59.56 -24.66 25.35
CA PRO C 1079 59.51 -24.31 23.92
C PRO C 1079 60.59 -24.99 23.09
N ALA C 1080 61.76 -25.24 23.67
CA ALA C 1080 62.85 -25.86 22.94
C ALA C 1080 63.75 -26.59 23.93
N ILE C 1081 64.59 -27.47 23.40
CA ILE C 1081 65.50 -28.29 24.19
C ILE C 1081 66.92 -28.05 23.71
N CYS C 1082 67.82 -27.77 24.64
CA CYS C 1082 69.23 -27.56 24.33
C CYS C 1082 70.00 -28.83 24.67
N HIS C 1083 70.62 -29.44 23.65
CA HIS C 1083 71.33 -30.70 23.83
C HIS C 1083 72.85 -30.51 23.79
N ASP C 1084 73.38 -29.91 22.73
CA ASP C 1084 74.81 -29.70 22.56
C ASP C 1084 75.09 -28.26 22.14
N GLY C 1085 74.48 -27.32 22.85
CA GLY C 1085 74.59 -25.92 22.52
C GLY C 1085 73.68 -25.45 21.41
N LYS C 1086 72.79 -26.30 20.92
CA LYS C 1086 71.87 -25.95 19.85
C LYS C 1086 70.44 -26.25 20.29
N ALA C 1087 69.50 -25.46 19.78
CA ALA C 1087 68.10 -25.58 20.15
C ALA C 1087 67.39 -26.60 19.27
N HIS C 1088 66.53 -27.41 19.89
CA HIS C 1088 65.76 -28.42 19.20
C HIS C 1088 64.27 -28.12 19.35
N PHE C 1089 63.51 -28.42 18.30
CA PHE C 1089 62.07 -28.13 18.29
C PHE C 1089 61.30 -29.36 17.87
N PRO C 1090 60.09 -29.56 18.41
CA PRO C 1090 59.37 -30.82 18.16
C PRO C 1090 59.02 -31.07 16.70
N ARG C 1091 58.73 -30.01 15.93
CA ARG C 1091 58.50 -30.01 14.49
C ARG C 1091 57.18 -30.70 14.14
N GLU C 1092 56.57 -31.38 15.09
CA GLU C 1092 55.25 -31.97 14.91
C GLU C 1092 54.30 -31.67 16.06
N GLY C 1093 54.80 -31.65 17.29
CA GLY C 1093 53.96 -31.48 18.46
C GLY C 1093 54.56 -30.59 19.53
N VAL C 1094 54.59 -31.09 20.76
CA VAL C 1094 55.06 -30.32 21.90
C VAL C 1094 55.95 -31.20 22.78
N PHE C 1095 56.92 -30.55 23.43
CA PHE C 1095 57.75 -31.20 24.43
C PHE C 1095 57.05 -31.16 25.78
N VAL C 1096 57.01 -32.30 26.46
CA VAL C 1096 56.39 -32.41 27.78
C VAL C 1096 57.29 -33.22 28.69
N SER C 1097 57.03 -33.10 30.00
CA SER C 1097 57.76 -33.85 31.00
C SER C 1097 56.79 -34.48 31.99
N ASN C 1098 57.02 -35.75 32.32
CA ASN C 1098 56.24 -36.44 33.33
C ASN C 1098 56.83 -36.30 34.73
N GLY C 1099 57.68 -35.29 34.94
CA GLY C 1099 58.30 -35.06 36.22
C GLY C 1099 59.82 -35.11 36.19
N THR C 1100 60.37 -36.12 35.53
CA THR C 1100 61.82 -36.29 35.49
C THR C 1100 62.37 -36.41 34.08
N HIS C 1101 61.64 -37.01 33.15
CA HIS C 1101 62.11 -37.21 31.79
C HIS C 1101 61.24 -36.43 30.81
N TRP C 1102 61.81 -36.12 29.65
CA TRP C 1102 61.17 -35.30 28.63
C TRP C 1102 60.85 -36.15 27.41
N PHE C 1103 59.64 -35.98 26.90
CA PHE C 1103 59.17 -36.65 25.69
C PHE C 1103 58.59 -35.62 24.74
N VAL C 1104 58.30 -36.06 23.52
CA VAL C 1104 57.65 -35.24 22.51
C VAL C 1104 56.37 -35.94 22.09
N THR C 1105 55.26 -35.21 22.10
CA THR C 1105 53.96 -35.81 21.83
C THR C 1105 53.13 -34.91 20.94
N GLN C 1106 52.17 -35.52 20.23
CA GLN C 1106 51.23 -34.75 19.44
C GLN C 1106 50.29 -33.96 20.34
N ARG C 1107 49.79 -32.84 19.82
CA ARG C 1107 49.05 -31.89 20.66
C ARG C 1107 47.66 -32.39 21.01
N ASN C 1108 46.98 -33.06 20.08
CA ASN C 1108 45.60 -33.47 20.28
C ASN C 1108 45.47 -34.84 20.93
N PHE C 1109 46.56 -35.54 21.18
CA PHE C 1109 46.52 -36.84 21.82
C PHE C 1109 47.86 -37.11 22.49
N TYR C 1110 47.80 -37.62 23.73
CA TYR C 1110 49.01 -37.85 24.51
C TYR C 1110 49.64 -39.16 24.08
N GLU C 1111 50.66 -39.07 23.23
CA GLU C 1111 51.44 -40.22 22.78
C GLU C 1111 52.92 -39.88 22.95
N PRO C 1112 53.43 -39.98 24.17
CA PRO C 1112 54.83 -39.59 24.40
C PRO C 1112 55.80 -40.46 23.62
N GLN C 1113 56.85 -39.83 23.10
CA GLN C 1113 57.89 -40.51 22.35
C GLN C 1113 59.26 -40.01 22.80
N ILE C 1114 60.27 -40.86 22.64
CA ILE C 1114 61.63 -40.49 23.00
C ILE C 1114 62.11 -39.40 22.05
N ILE C 1115 62.65 -38.32 22.61
CA ILE C 1115 63.08 -37.18 21.82
C ILE C 1115 64.38 -37.55 21.11
N THR C 1116 64.31 -37.65 19.78
CA THR C 1116 65.46 -37.99 18.94
C THR C 1116 65.63 -36.92 17.87
N THR C 1117 66.65 -37.11 17.02
CA THR C 1117 66.87 -36.22 15.90
C THR C 1117 65.88 -36.46 14.76
N ASP C 1118 65.20 -37.61 14.75
CA ASP C 1118 64.22 -37.88 13.70
C ASP C 1118 62.94 -37.08 13.91
N ASN C 1119 62.61 -36.76 15.16
CA ASN C 1119 61.42 -35.97 15.46
C ASN C 1119 61.76 -34.58 16.00
N THR C 1120 62.97 -34.09 15.71
CA THR C 1120 63.38 -32.75 16.09
C THR C 1120 64.23 -32.15 14.99
N PHE C 1121 64.28 -30.82 14.95
CA PHE C 1121 65.16 -30.10 14.03
C PHE C 1121 65.91 -29.03 14.80
N VAL C 1122 67.11 -28.70 14.31
CA VAL C 1122 68.03 -27.80 14.99
C VAL C 1122 67.97 -26.43 14.32
N SER C 1123 67.86 -25.38 15.12
CA SER C 1123 67.84 -24.02 14.58
C SER C 1123 68.45 -23.08 15.63
N GLY C 1124 69.63 -22.55 15.33
CA GLY C 1124 70.25 -21.55 16.17
C GLY C 1124 70.84 -22.09 17.45
N ASN C 1125 71.16 -21.17 18.35
CA ASN C 1125 71.75 -21.46 19.64
C ASN C 1125 70.67 -21.50 20.71
N CYS C 1126 71.10 -21.69 21.96
CA CYS C 1126 70.19 -21.77 23.10
C CYS C 1126 70.15 -20.48 23.92
N ASP C 1127 70.84 -19.44 23.47
CA ASP C 1127 70.91 -18.19 24.22
C ASP C 1127 69.84 -17.18 23.80
N VAL C 1128 68.99 -17.54 22.84
CA VAL C 1128 67.97 -16.64 22.32
C VAL C 1128 66.56 -17.10 22.69
N VAL C 1129 66.31 -18.40 22.68
CA VAL C 1129 64.98 -18.92 22.98
C VAL C 1129 64.70 -18.74 24.46
N ILE C 1130 63.53 -18.17 24.77
CA ILE C 1130 63.12 -17.91 26.15
C ILE C 1130 62.40 -19.15 26.68
N GLY C 1131 62.91 -19.71 27.77
CA GLY C 1131 62.33 -20.89 28.37
C GLY C 1131 62.95 -22.20 27.96
N ILE C 1132 64.05 -22.17 27.20
CA ILE C 1132 64.69 -23.39 26.76
C ILE C 1132 65.29 -24.14 27.94
N VAL C 1133 65.12 -25.47 27.94
CA VAL C 1133 65.70 -26.32 28.95
C VAL C 1133 66.67 -27.28 28.28
N ASN C 1134 67.57 -27.85 29.07
CA ASN C 1134 68.56 -28.81 28.59
C ASN C 1134 68.11 -30.24 28.87
N ASN C 1135 68.12 -31.06 27.83
CA ASN C 1135 67.79 -32.47 27.94
C ASN C 1135 68.52 -33.21 26.83
N THR C 1136 68.65 -34.52 27.01
CA THR C 1136 69.38 -35.35 26.07
C THR C 1136 68.52 -35.66 24.85
N VAL C 1137 69.11 -35.52 23.66
CA VAL C 1137 68.46 -35.86 22.41
C VAL C 1137 69.16 -37.08 21.84
N TYR C 1138 68.40 -38.15 21.63
CA TYR C 1138 68.97 -39.40 21.15
C TYR C 1138 69.25 -39.34 19.66
N ASP C 1139 70.23 -40.13 19.23
CA ASP C 1139 70.59 -40.21 17.82
C ASP C 1139 70.02 -41.46 17.16
C1 NAG D . -10.38 42.99 -14.40
C2 NAG D . -11.17 42.07 -15.33
C3 NAG D . -10.32 41.67 -16.54
C4 NAG D . -9.78 42.92 -17.23
C5 NAG D . -9.03 43.80 -16.23
C6 NAG D . -8.56 45.11 -16.81
C7 NAG D . -12.91 40.63 -14.36
C8 NAG D . -13.20 39.36 -13.62
N2 NAG D . -11.63 40.88 -14.62
O3 NAG D . -11.11 40.92 -17.45
O4 NAG D . -8.90 42.54 -18.29
O5 NAG D . -9.91 44.12 -15.13
O6 NAG D . -9.56 46.12 -16.69
O7 NAG D . -13.80 41.41 -14.69
C1 NAG D . -9.40 43.04 -19.54
C2 NAG D . -8.21 43.24 -20.48
C3 NAG D . -8.70 43.72 -21.84
C4 NAG D . -9.77 42.79 -22.39
C5 NAG D . -10.89 42.60 -21.37
C6 NAG D . -11.92 41.59 -21.81
C7 NAG D . -6.24 43.79 -19.14
C8 NAG D . -5.33 44.88 -18.65
N2 NAG D . -7.25 44.17 -19.92
O3 NAG D . -7.60 43.79 -22.75
O4 NAG D . -10.31 43.33 -23.60
O5 NAG D . -10.34 42.14 -20.13
O6 NAG D . -12.64 41.07 -20.70
O7 NAG D . -6.07 42.61 -18.83
C1 NAG E . 63.07 -5.96 10.82
C2 NAG E . 64.46 -5.34 10.97
C3 NAG E . 64.68 -4.82 12.38
C4 NAG E . 63.55 -3.88 12.77
C5 NAG E . 62.19 -4.56 12.57
C6 NAG E . 61.02 -3.65 12.83
C7 NAG E . 65.74 -7.45 11.22
C8 NAG E . 66.86 -8.28 10.68
N2 NAG E . 65.51 -6.28 10.59
O3 NAG E . 65.92 -4.13 12.45
O4 NAG E . 63.68 -3.49 14.14
O5 NAG E . 62.08 -5.01 11.21
O6 NAG E . 60.85 -2.70 11.79
O7 NAG E . 65.06 -7.83 12.17
C1 NAG E . 64.02 -2.10 14.20
C2 NAG E . 63.48 -1.52 15.50
C3 NAG E . 63.86 -0.05 15.64
C4 NAG E . 65.36 0.13 15.47
C5 NAG E . 65.82 -0.52 14.16
C6 NAG E . 67.33 -0.49 13.99
C7 NAG E . 61.43 -2.41 16.54
C8 NAG E . 59.94 -2.47 16.49
N2 NAG E . 62.03 -1.69 15.60
O3 NAG E . 63.45 0.44 16.91
O4 NAG E . 65.69 1.52 15.46
O5 NAG E . 65.44 -1.90 14.13
O6 NAG E . 67.72 -1.08 12.77
O7 NAG E . 62.07 -3.00 17.42
C1 NAG F . 50.79 -2.18 28.72
C2 NAG F . 52.01 -1.90 29.59
C3 NAG F . 51.65 -0.86 30.67
C4 NAG F . 51.05 0.37 30.03
C5 NAG F . 49.86 -0.01 29.16
C6 NAG F . 49.27 1.16 28.41
C7 NAG F . 53.81 -3.36 30.37
C8 NAG F . 54.15 -4.67 31.02
N2 NAG F . 52.51 -3.12 30.21
O3 NAG F . 52.82 -0.52 31.40
O4 NAG F . 50.62 1.29 31.04
O5 NAG F . 50.28 -0.96 28.17
O6 NAG F . 47.94 0.88 27.97
O7 NAG F . 54.68 -2.57 30.02
C1 NAG F . 51.39 2.50 30.94
C2 NAG F . 50.51 3.67 31.37
C3 NAG F . 51.30 4.98 31.31
C4 NAG F . 52.59 4.86 32.10
C5 NAG F . 53.39 3.64 31.64
C6 NAG F . 54.62 3.40 32.48
C7 NAG F . 48.10 3.42 30.99
C8 NAG F . 48.01 2.93 32.40
N2 NAG F . 49.31 3.76 30.55
O3 NAG F . 50.51 6.04 31.83
O4 NAG F . 53.39 6.03 31.93
O5 NAG F . 52.58 2.46 31.74
O6 NAG F . 54.88 2.00 32.62
O7 NAG F . 47.11 3.50 30.27
C1 NAG G . -24.50 54.58 -9.39
C2 NAG G . -25.66 54.15 -8.47
C3 NAG G . -27.01 54.68 -9.00
C4 NAG G . -26.91 56.18 -9.22
C5 NAG G . -25.77 56.48 -10.19
C6 NAG G . -25.59 57.94 -10.47
C7 NAG G . -25.42 52.07 -7.17
C8 NAG G . -25.09 52.96 -5.99
N2 NAG G . -25.68 52.71 -8.32
O3 NAG G . -28.05 54.42 -8.06
O4 NAG G . -28.13 56.79 -9.63
O5 NAG G . -24.55 56.01 -9.61
O6 NAG G . -25.52 58.70 -9.27
O7 NAG G . -25.45 50.85 -7.07
C1 FUC G . -28.64 53.08 -8.12
C2 FUC G . -30.02 53.11 -7.36
C3 FUC G . -31.13 53.67 -8.24
C4 FUC G . -31.24 52.86 -9.52
C5 FUC G . -29.92 52.95 -10.28
C6 FUC G . -29.88 52.06 -11.51
O2 FUC G . -29.94 53.81 -6.12
O3 FUC G . -32.38 53.58 -7.56
O4 FUC G . -31.52 51.50 -9.19
O5 FUC G . -28.76 52.57 -9.47
C1 NAG G . -28.82 56.23 -10.77
C2 NAG G . -30.18 56.92 -10.79
C3 NAG G . -31.01 56.42 -11.98
C4 NAG G . -30.22 56.58 -13.28
C5 NAG G . -28.85 55.90 -13.14
C6 NAG G . -27.97 56.11 -14.35
C7 NAG G . -30.81 57.55 -8.49
C8 NAG G . -31.62 57.19 -7.30
N2 NAG G . -30.91 56.72 -9.55
O3 NAG G . -32.23 57.15 -12.06
O4 NAG G . -30.93 56.00 -14.36
O5 NAG G . -28.15 56.44 -12.01
O6 NAG G . -27.09 55.02 -14.55
O7 NAG G . -30.08 58.54 -8.52
C1 FUC G . -25.71 60.10 -9.61
C2 FUC G . -25.94 60.89 -8.31
C3 FUC G . -24.67 60.92 -7.46
C4 FUC G . -23.50 61.47 -8.26
C5 FUC G . -23.33 60.67 -9.56
C6 FUC G . -22.30 61.26 -10.50
O2 FUC G . -27.05 60.38 -7.57
O3 FUC G . -24.87 61.78 -6.33
O4 FUC G . -23.72 62.84 -8.57
O5 FUC G . -24.57 60.60 -10.32
C1 NAG H . -38.46 -6.38 -25.68
C2 NAG H . -38.97 -6.30 -24.24
C3 NAG H . -38.96 -7.68 -23.60
C4 NAG H . -39.72 -8.68 -24.45
C5 NAG H . -39.17 -8.66 -25.88
C6 NAG H . -39.95 -9.55 -26.83
C7 NAG H . -38.64 -4.21 -23.00
C8 NAG H . -37.69 -3.36 -22.21
N2 NAG H . -38.18 -5.37 -23.46
O3 NAG H . -39.54 -7.61 -22.30
O4 NAG H . -39.60 -9.99 -23.90
O5 NAG H . -39.23 -7.34 -26.41
O6 NAG H . -41.03 -8.84 -27.42
O7 NAG H . -39.79 -3.84 -23.22
C1 NAG H . -40.91 -10.49 -23.57
C2 NAG H . -40.86 -12.02 -23.64
C3 NAG H . -42.22 -12.60 -23.25
C4 NAG H . -42.66 -12.07 -21.90
C5 NAG H . -42.63 -10.54 -21.89
C6 NAG H . -42.95 -9.94 -20.54
C7 NAG H . -39.19 -12.66 -25.32
C8 NAG H . -38.98 -13.14 -26.72
N2 NAG H . -40.47 -12.47 -24.96
O3 NAG H . -42.13 -14.02 -23.21
O4 NAG H . -43.99 -12.51 -21.61
O5 NAG H . -41.32 -10.08 -22.26
O6 NAG H . -42.44 -8.62 -20.44
O7 NAG H . -38.27 -12.46 -24.55
C1 NAG I . 46.98 -39.27 -18.85
C2 NAG I . 47.55 -40.28 -19.84
C3 NAG I . 48.22 -39.57 -21.02
C4 NAG I . 47.26 -38.56 -21.64
C5 NAG I . 46.71 -37.62 -20.57
C6 NAG I . 45.67 -36.67 -21.11
C7 NAG I . 49.61 -40.83 -18.59
C8 NAG I . 50.43 -41.94 -17.98
N2 NAG I . 48.48 -41.20 -19.19
O3 NAG I . 48.62 -40.53 -21.98
O4 NAG I . 47.93 -37.81 -22.64
O5 NAG I . 46.09 -38.37 -19.53
O6 NAG I . 44.43 -37.32 -21.36
O7 NAG I . 49.97 -39.66 -18.53
C1 NAG I . 47.40 -38.17 -23.94
C2 NAG I . 47.53 -36.97 -24.87
C3 NAG I . 47.03 -37.34 -26.27
C4 NAG I . 47.73 -38.59 -26.78
C5 NAG I . 47.59 -39.72 -25.76
C6 NAG I . 48.37 -40.95 -26.15
C7 NAG I . 47.41 -34.68 -24.02
C8 NAG I . 46.52 -33.59 -23.50
N2 NAG I . 46.81 -35.83 -24.35
O3 NAG I . 47.27 -36.24 -27.15
O4 NAG I . 47.16 -38.99 -28.02
O5 NAG I . 48.10 -39.30 -24.49
O6 NAG I . 48.21 -41.99 -25.19
O7 NAG I . 48.62 -34.52 -24.14
C1 NAG J . 48.07 -18.76 -26.83
C2 NAG J . 49.15 -19.12 -27.84
C3 NAG J . 49.01 -18.26 -29.10
C4 NAG J . 47.59 -18.37 -29.65
C5 NAG J . 46.58 -18.01 -28.56
C6 NAG J . 45.15 -18.19 -29.00
C7 NAG J . 51.49 -19.80 -27.53
C8 NAG J . 52.79 -19.49 -26.85
N2 NAG J . 50.48 -18.96 -27.28
O3 NAG J . 49.94 -18.70 -30.08
O4 NAG J . 47.43 -17.49 -30.75
O5 NAG J . 46.78 -18.87 -27.43
O6 NAG J . 44.26 -17.46 -28.16
O7 NAG J . 51.36 -20.76 -28.28
C1 NAG J . 47.16 -18.27 -31.94
C2 NAG J . 46.24 -17.45 -32.85
C3 NAG J . 45.96 -18.21 -34.15
C4 NAG J . 47.26 -18.65 -34.80
C5 NAG J . 48.15 -19.41 -33.81
C6 NAG J . 49.50 -19.75 -34.37
C7 NAG J . 44.72 -15.87 -31.75
C8 NAG J . 45.77 -14.83 -31.99
N2 NAG J . 45.00 -17.10 -32.18
O3 NAG J . 45.21 -17.40 -35.03
O4 NAG J . 46.99 -19.49 -35.93
O5 NAG J . 48.37 -18.61 -32.64
O6 NAG J . 50.50 -19.70 -33.37
O7 NAG J . 43.67 -15.61 -31.18
C1 NAG K . -50.30 6.18 -33.48
C2 NAG K . -50.21 7.70 -33.21
C3 NAG K . -51.61 8.30 -33.00
C4 NAG K . -52.51 7.92 -34.17
C5 NAG K . -52.56 6.40 -34.28
C6 NAG K . -53.43 5.92 -35.43
C7 NAG K . -48.17 8.61 -32.18
C8 NAG K . -47.77 9.04 -33.56
N2 NAG K . -49.35 7.97 -32.07
O3 NAG K . -51.56 9.73 -32.92
O4 NAG K . -53.82 8.49 -34.12
O5 NAG K . -51.23 5.92 -34.54
O6 NAG K . -53.10 6.57 -36.66
O7 NAG K . -47.47 8.82 -31.20
C1 FUC K . -51.20 10.27 -31.61
C2 FUC K . -51.60 11.79 -31.58
C3 FUC K . -53.08 11.98 -31.30
C4 FUC K . -53.44 11.32 -29.99
C5 FUC K . -53.15 9.83 -30.09
C6 FUC K . -53.37 9.08 -28.78
O2 FUC K . -51.20 12.48 -32.77
O3 FUC K . -53.37 13.38 -31.17
O4 FUC K . -52.68 11.89 -28.94
O5 FUC K . -51.79 9.52 -30.51
C1 NAG K . -54.59 8.32 -32.92
C2 NAG K . -55.80 9.25 -33.06
C3 NAG K . -56.70 9.13 -31.84
C4 NAG K . -57.08 7.68 -31.59
C5 NAG K . -55.82 6.82 -31.50
C6 NAG K . -56.12 5.35 -31.36
C7 NAG K . -55.16 11.15 -34.49
C8 NAG K . -54.75 12.59 -34.51
N2 NAG K . -55.38 10.62 -33.27
O3 NAG K . -57.88 9.91 -32.06
O4 NAG K . -57.82 7.56 -30.38
O5 NAG K . -55.03 6.98 -32.69
O6 NAG K . -55.10 4.68 -30.63
O7 NAG K . -55.29 10.49 -35.51
C1 FUC K . -54.18 6.33 -37.59
C2 FUC K . -53.98 7.29 -38.78
C3 FUC K . -52.74 6.89 -39.60
C4 FUC K . -52.83 5.42 -40.02
C5 FUC K . -53.04 4.54 -38.79
C6 FUC K . -53.31 3.09 -39.14
O2 FUC K . -53.93 8.64 -38.39
O3 FUC K . -52.67 7.68 -40.78
O4 FUC K . -53.89 5.24 -40.94
O5 FUC K . -54.18 4.98 -38.00
C1 NAG L . -34.00 12.80 29.33
C2 NAG L . -33.49 14.11 28.73
C3 NAG L . -32.34 14.67 29.55
C4 NAG L . -32.73 14.78 31.02
C5 NAG L . -33.25 13.44 31.53
C6 NAG L . -33.77 13.49 32.95
C7 NAG L . -33.75 14.46 26.31
C8 NAG L . -33.20 14.17 24.95
N2 NAG L . -33.09 13.93 27.34
O3 NAG L . -31.96 15.94 29.04
O4 NAG L . -31.60 15.19 31.79
O5 NAG L . -34.34 13.00 30.70
O6 NAG L . -35.14 13.85 32.98
O7 NAG L . -34.77 15.14 26.48
C1 NAG L . -31.90 16.44 32.44
C2 NAG L . -31.05 16.53 33.72
C3 NAG L . -31.30 17.86 34.42
C4 NAG L . -31.06 19.02 33.46
C5 NAG L . -31.89 18.83 32.20
C6 NAG L . -31.63 19.89 31.15
C7 NAG L . -30.69 14.24 34.55
C8 NAG L . -31.12 13.21 35.54
N2 NAG L . -31.34 15.41 34.61
O3 NAG L . -30.41 17.96 35.55
O4 NAG L . -31.42 20.24 34.10
O5 NAG L . -31.60 17.57 31.60
O6 NAG L . -32.00 19.44 29.86
O7 NAG L . -29.81 14.03 33.73
C1 NAG M . 38.50 -43.48 27.07
C2 NAG M . 38.82 -44.45 28.20
C3 NAG M . 38.12 -45.79 27.98
C4 NAG M . 36.63 -45.59 27.75
C5 NAG M . 36.41 -44.58 26.63
C6 NAG M . 34.95 -44.24 26.42
C7 NAG M . 41.07 -45.13 27.43
C8 NAG M . 42.52 -45.22 27.81
N2 NAG M . 40.26 -44.62 28.38
O3 NAG M . 38.34 -46.63 29.12
O4 NAG M . 36.02 -46.82 27.41
O5 NAG M . 37.08 -43.35 26.94
O6 NAG M . 34.46 -43.41 27.45
O7 NAG M . 40.66 -45.49 26.33
C1 NAG M . 35.16 -47.23 28.49
C2 NAG M . 34.01 -48.06 27.92
C3 NAG M . 33.10 -48.56 29.04
C4 NAG M . 33.91 -49.28 30.10
C5 NAG M . 35.07 -48.40 30.59
C6 NAG M . 35.99 -49.11 31.55
C7 NAG M . 33.15 -47.65 25.65
C8 NAG M . 32.32 -46.75 24.79
N2 NAG M . 33.25 -47.30 26.94
O3 NAG M . 32.11 -49.43 28.50
O4 NAG M . 33.08 -49.62 31.20
O5 NAG M . 35.87 -47.99 29.47
O6 NAG M . 37.03 -48.26 31.99
O7 NAG M . 33.71 -48.66 25.21
C1 NAG N . 22.98 -51.63 13.73
C2 NAG N . 23.22 -53.07 14.18
C3 NAG N . 21.92 -53.87 14.13
C4 NAG N . 20.83 -53.16 14.92
C5 NAG N . 20.67 -51.73 14.41
C6 NAG N . 19.68 -50.92 15.20
C7 NAG N . 25.16 -54.56 13.88
C8 NAG N . 26.14 -55.13 12.90
N2 NAG N . 24.25 -53.72 13.38
O3 NAG N . 22.14 -55.17 14.67
O4 NAG N . 19.60 -53.85 14.78
O5 NAG N . 21.94 -51.05 14.51
O6 NAG N . 19.23 -49.78 14.47
O7 NAG N . 25.18 -54.85 15.08
C1 NAG N . 19.17 -54.34 16.06
C2 NAG N . 17.65 -54.34 16.11
C3 NAG N . 17.16 -54.88 17.45
C4 NAG N . 17.77 -56.25 17.73
C5 NAG N . 19.30 -56.17 17.60
C6 NAG N . 19.96 -57.52 17.75
C7 NAG N . 16.52 -52.63 14.75
C8 NAG N . 16.40 -53.69 13.69
N2 NAG N . 17.12 -53.01 15.88
O3 NAG N . 15.74 -54.99 17.44
O4 NAG N . 17.43 -56.68 19.04
O5 NAG N . 19.66 -55.66 16.32
O6 NAG N . 21.11 -57.63 16.91
O7 NAG N . 16.08 -51.49 14.58
C1 NAG O . -52.53 15.29 26.38
C2 NAG O . -53.18 15.24 24.98
C3 NAG O . -54.22 16.37 24.80
C4 NAG O . -55.21 16.33 25.96
C5 NAG O . -54.46 16.44 27.27
C6 NAG O . -55.36 16.41 28.48
C7 NAG O . -51.89 14.29 23.12
C8 NAG O . -52.71 13.04 23.30
N2 NAG O . -52.17 15.31 23.94
O3 NAG O . -54.93 16.24 23.58
O4 NAG O . -56.27 17.27 25.86
O5 NAG O . -53.56 15.34 27.39
O6 NAG O . -56.26 15.29 28.44
O7 NAG O . -51.02 14.37 22.25
C1 FUC O . -54.26 16.77 22.39
C2 FUC O . -55.33 16.92 21.25
C3 FUC O . -56.15 18.20 21.40
C4 FUC O . -55.21 19.40 21.43
C5 FUC O . -54.26 19.26 22.62
C6 FUC O . -53.20 20.36 22.67
O2 FUC O . -56.17 15.78 21.13
O3 FUC O . -57.02 18.36 20.28
O4 FUC O . -54.46 19.45 20.23
O5 FUC O . -53.54 18.00 22.65
C1 NAG O . -55.91 18.66 25.65
C2 NAG O . -57.24 19.38 25.33
C3 NAG O . -56.99 20.86 25.11
C4 NAG O . -56.25 21.46 26.30
C5 NAG O . -54.98 20.66 26.58
C6 NAG O . -54.24 21.13 27.82
C7 NAG O . -58.76 17.78 24.26
C8 NAG O . -59.34 17.30 22.96
N2 NAG O . -57.89 18.78 24.17
O3 NAG O . -58.23 21.53 24.93
O4 NAG O . -55.91 22.82 26.03
O5 NAG O . -55.29 19.28 26.79
O6 NAG O . -52.83 20.92 27.69
O7 NAG O . -59.06 17.27 25.34
C1 FUC O . -57.29 15.52 29.41
C2 FUC O . -58.42 14.49 29.15
C3 FUC O . -57.95 13.07 29.49
C4 FUC O . -57.41 13.01 30.92
C5 FUC O . -56.33 14.06 31.12
C6 FUC O . -55.87 14.19 32.56
O2 FUC O . -58.92 14.57 27.82
O3 FUC O . -59.04 12.16 29.38
O4 FUC O . -58.48 13.23 31.83
O5 FUC O . -56.79 15.39 30.73
C1 NAG P . 15.82 44.19 -14.24
C2 NAG P . 17.23 43.81 -14.67
C3 NAG P . 17.82 44.87 -15.60
C4 NAG P . 16.88 45.13 -16.77
C5 NAG P . 15.48 45.47 -16.26
C6 NAG P . 14.47 45.62 -17.38
C7 NAG P . 19.00 42.64 -13.44
C8 NAG P . 19.80 42.58 -12.17
N2 NAG P . 18.10 43.61 -13.52
O3 NAG P . 19.09 44.45 -16.07
O4 NAG P . 17.37 46.22 -17.56
O5 NAG P . 15.01 44.41 -15.41
O6 NAG P . 13.18 45.20 -16.96
O7 NAG P . 19.18 41.83 -14.36
C1 NAG Q . -8.58 63.31 6.35
C2 NAG Q . -8.69 64.71 6.97
C3 NAG Q . -9.42 64.64 8.31
C4 NAG Q . -10.76 63.94 8.15
C5 NAG Q . -10.57 62.58 7.49
C6 NAG Q . -11.87 61.87 7.19
C7 NAG Q . -7.03 66.47 6.57
C8 NAG Q . -8.08 67.15 5.74
N2 NAG Q . -7.38 65.31 7.13
O3 NAG Q . -9.62 65.96 8.80
O4 NAG Q . -11.37 63.76 9.43
O5 NAG Q . -9.89 62.73 6.24
O6 NAG Q . -12.00 61.58 5.80
O7 NAG Q . -5.92 66.96 6.72
C1 NAG R . 13.85 34.17 22.49
C2 NAG R . 15.17 34.81 22.05
C3 NAG R . 16.17 34.84 23.20
C4 NAG R . 15.55 35.51 24.42
C5 NAG R . 14.21 34.85 24.77
C6 NAG R . 13.47 35.55 25.88
C7 NAG R . 16.04 34.71 19.75
C8 NAG R . 16.62 33.83 18.68
N2 NAG R . 15.74 34.10 20.91
O3 NAG R . 17.34 35.54 22.81
O4 NAG R . 16.42 35.41 25.53
O5 NAG R . 13.34 34.87 23.63
O6 NAG R . 12.77 36.69 25.41
O7 NAG R . 15.86 35.92 19.58
C1 NAG S . -12.28 25.76 -41.77
C2 NAG S . -10.98 26.21 -42.42
C3 NAG S . -10.68 25.37 -43.65
C4 NAG S . -10.70 23.89 -43.30
C5 NAG S . -12.01 23.53 -42.59
C6 NAG S . -12.04 22.10 -42.10
C7 NAG S . -10.26 28.55 -42.16
C8 NAG S . -10.44 29.96 -42.64
N2 NAG S . -11.01 27.63 -42.76
O3 NAG S . -9.40 25.72 -44.17
O4 NAG S . -10.58 23.10 -44.49
O5 NAG S . -12.20 24.36 -41.44
O6 NAG S . -13.23 21.44 -42.50
O7 NAG S . -9.47 28.26 -41.27
C1 NAG T . -37.59 32.74 -26.90
C2 NAG T . -36.41 33.61 -27.33
C3 NAG T . -36.50 34.99 -26.66
C4 NAG T . -37.85 35.62 -26.92
C5 NAG T . -38.97 34.66 -26.50
C6 NAG T . -40.35 35.19 -26.84
C7 NAG T . -34.43 32.29 -27.93
C8 NAG T . -33.15 31.70 -27.45
N2 NAG T . -35.15 32.97 -27.03
O3 NAG T . -35.47 35.82 -27.17
O4 NAG T . -37.97 36.83 -26.18
O5 NAG T . -38.83 33.41 -27.19
O6 NAG T . -40.58 35.20 -28.24
O7 NAG T . -34.81 32.16 -29.09
C1 NAG U . 28.23 14.59 -27.99
C2 NAG U . 28.69 13.17 -27.66
C3 NAG U . 30.02 12.87 -28.34
C4 NAG U . 29.92 13.15 -29.84
C5 NAG U . 29.42 14.57 -30.07
C6 NAG U . 29.19 14.87 -31.54
C7 NAG U . 28.65 11.79 -25.62
C8 NAG U . 28.81 11.77 -24.13
N2 NAG U . 28.80 12.98 -26.22
O3 NAG U . 30.37 11.51 -28.13
O4 NAG U . 31.20 13.00 -30.44
O5 NAG U . 28.16 14.75 -29.42
O6 NAG U . 28.73 16.21 -31.72
O7 NAG U . 28.39 10.77 -26.26
C1 NAG V . 1.00 78.89 12.74
C2 NAG V . 0.25 79.21 11.44
C3 NAG V . -1.14 79.76 11.75
C4 NAG V . -1.89 78.81 12.66
C5 NAG V . -1.07 78.51 13.92
C6 NAG V . -1.71 77.47 14.81
C7 NAG V . 0.89 80.23 9.30
C8 NAG V . 1.74 81.27 8.63
N2 NAG V . 1.00 80.15 10.63
O3 NAG V . -1.87 79.94 10.54
O4 NAG V . -3.14 79.39 13.05
O5 NAG V . 0.22 77.99 13.54
O6 NAG V . -0.92 76.30 14.89
O7 NAG V . 0.13 79.51 8.67
C1 NAG W . 64.97 -19.68 -18.23
C2 NAG W . 65.47 -21.07 -17.87
C3 NAG W . 66.87 -21.30 -18.43
C4 NAG W . 66.88 -21.01 -19.94
C5 NAG W . 66.32 -19.62 -20.22
C6 NAG W . 66.20 -19.32 -21.69
C7 NAG W . 64.51 -21.95 -15.78
C8 NAG W . 64.67 -22.05 -14.30
N2 NAG W . 65.47 -21.27 -16.43
O3 NAG W . 67.27 -22.64 -18.19
O4 NAG W . 68.21 -21.09 -20.43
O5 NAG W . 65.01 -19.50 -19.65
O6 NAG W . 67.22 -18.45 -22.13
O7 NAG W . 63.56 -22.45 -16.37
C1 NAG X . 64.74 -7.49 -8.32
C2 NAG X . 64.26 -6.32 -7.47
C3 NAG X . 63.34 -5.41 -8.27
C4 NAG X . 64.01 -4.98 -9.57
C5 NAG X . 64.49 -6.21 -10.34
C6 NAG X . 65.26 -5.85 -11.59
C7 NAG X . 64.02 -6.47 -5.03
C8 NAG X . 63.22 -7.04 -3.90
N2 NAG X . 63.60 -6.79 -6.26
O3 NAG X . 62.99 -4.27 -7.50
O4 NAG X . 63.10 -4.24 -10.37
O5 NAG X . 65.35 -7.00 -9.52
O6 NAG X . 65.75 -7.02 -12.24
O7 NAG X . 65.00 -5.77 -4.83
C1 NAG Y . 77.00 -17.05 -0.36
C2 NAG Y . 78.20 -16.09 -0.38
C3 NAG Y . 79.47 -16.83 0.02
C4 NAG Y . 79.29 -17.54 1.35
C5 NAG Y . 78.07 -18.44 1.30
C6 NAG Y . 77.75 -19.09 2.63
C7 NAG Y . 77.99 -14.20 -1.93
C8 NAG Y . 78.21 -13.72 -3.33
N2 NAG Y . 78.34 -15.46 -1.68
O3 NAG Y . 80.55 -15.91 0.10
O4 NAG Y . 80.44 -18.34 1.64
O5 NAG Y . 76.91 -17.67 0.93
O6 NAG Y . 76.91 -18.26 3.42
O7 NAG Y . 77.51 -13.47 -1.06
C1 NAG Z . 74.46 -30.22 -15.69
C2 NAG Z . 74.89 -29.14 -16.68
C3 NAG Z . 74.47 -29.50 -18.10
C4 NAG Z . 74.96 -30.89 -18.47
C5 NAG Z . 74.54 -31.90 -17.41
C6 NAG Z . 75.13 -33.28 -17.63
C7 NAG Z . 74.95 -26.68 -16.59
C8 NAG Z . 74.24 -25.45 -16.11
N2 NAG Z . 74.36 -27.85 -16.29
O3 NAG Z . 74.96 -28.53 -19.02
O4 NAG Z . 74.43 -31.27 -19.73
O5 NAG Z . 74.97 -31.49 -16.11
O6 NAG Z . 76.30 -33.44 -16.83
O7 NAG Z . 76.00 -26.63 -17.23
C1 NAG AA . -3.27 66.48 -16.51
C2 NAG AA . -4.41 67.50 -16.68
C3 NAG AA . -5.64 66.82 -17.28
C4 NAG AA . -5.26 66.10 -18.57
C5 NAG AA . -4.10 65.16 -18.34
C6 NAG AA . -3.59 64.51 -19.62
C7 NAG AA . -4.89 69.44 -15.25
C8 NAG AA . -4.68 70.28 -16.47
N2 NAG AA . -4.75 68.12 -15.41
O3 NAG AA . -6.64 67.79 -17.53
O4 NAG AA . -6.37 65.37 -19.06
O5 NAG AA . -2.99 65.87 -17.78
O6 NAG AA . -4.24 63.27 -19.87
O7 NAG AA . -5.18 69.93 -14.16
C1 EIC BA . -42.33 7.60 -7.24
C2 EIC BA . -42.18 6.11 -6.91
C3 EIC BA . -43.03 5.69 -5.67
C4 EIC BA . -42.59 6.45 -4.39
C5 EIC BA . -43.13 5.76 -3.09
C6 EIC BA . -42.57 4.32 -2.93
C7 EIC BA . -42.85 3.74 -1.51
C8 EIC BA . -42.44 2.24 -1.39
C9 EIC BA . -40.90 2.06 -1.32
C10 EIC BA . -40.56 0.91 -0.73
C11 EIC BA . -40.91 -0.44 -0.03
C12 EIC BA . -40.28 -0.54 1.37
C13 EIC BA . -41.04 -0.87 2.43
C14 EIC BA . -42.56 -1.14 2.26
C15 EIC BA . -43.42 0.12 2.58
C16 EIC BA . -44.95 -0.16 2.46
C17 EIC BA . -45.81 1.07 2.88
C18 EIC BA . -47.32 0.81 2.72
O1 EIC BA . -41.29 8.31 -7.41
O2 EIC BA . -43.47 8.13 -7.35
C1 NAG CA . -23.41 -25.94 -34.52
C2 NAG CA . -22.60 -27.24 -34.41
C3 NAG CA . -23.38 -28.41 -35.04
C4 NAG CA . -24.76 -28.50 -34.42
C5 NAG CA . -25.48 -27.16 -34.52
C6 NAG CA . -26.82 -27.16 -33.81
C7 NAG CA . -20.18 -27.63 -34.55
C8 NAG CA . -18.93 -27.38 -35.34
N2 NAG CA . -21.30 -27.11 -35.05
O3 NAG CA . -22.66 -29.62 -34.83
O4 NAG CA . -25.53 -29.50 -35.08
O5 NAG CA . -24.69 -26.14 -33.91
O6 NAG CA . -27.12 -25.88 -33.28
O7 NAG CA . -20.17 -28.27 -33.50
C1 NAG DA . -36.37 3.70 -52.90
C2 NAG DA . -36.84 4.03 -54.31
C3 NAG DA . -36.46 5.46 -54.67
C4 NAG DA . -36.96 6.43 -53.62
C5 NAG DA . -36.48 6.00 -52.24
C6 NAG DA . -37.05 6.86 -51.13
C7 NAG DA . -37.05 2.34 -56.08
C8 NAG DA . -38.54 2.50 -55.93
N2 NAG DA . -36.30 3.09 -55.28
O3 NAG DA . -37.01 5.80 -55.95
O4 NAG DA . -36.48 7.74 -53.90
O5 NAG DA . -36.90 4.66 -51.97
O6 NAG DA . -37.78 6.08 -50.19
O7 NAG DA . -36.57 1.55 -56.89
C1 NAG EA . 2.46 0.73 -43.06
C2 NAG EA . 2.62 -0.61 -43.76
C3 NAG EA . 3.89 -0.59 -44.63
C4 NAG EA . 3.85 0.61 -45.58
C5 NAG EA . 3.62 1.90 -44.80
C6 NAG EA . 3.46 3.10 -45.70
C7 NAG EA . 1.86 -2.75 -42.85
C8 NAG EA . 2.06 -3.78 -41.79
N2 NAG EA . 2.68 -1.70 -42.80
O3 NAG EA . 3.96 -1.79 -45.37
O4 NAG EA . 5.08 0.69 -46.29
O5 NAG EA . 2.43 1.79 -44.02
O6 NAG EA . 2.14 3.19 -46.20
O7 NAG EA . 0.99 -2.87 -43.71
C1 NAG FA . -46.17 -21.06 2.15
C2 NAG FA . -46.02 -22.51 1.69
C3 NAG FA . -46.11 -23.46 2.89
C4 NAG FA . -45.10 -23.04 3.95
C5 NAG FA . -45.27 -21.56 4.31
C6 NAG FA . -44.22 -21.06 5.27
C7 NAG FA . -46.73 -23.13 -0.57
C8 NAG FA . -47.89 -23.46 -1.47
N2 NAG FA . -47.02 -22.85 0.70
O3 NAG FA . -45.84 -24.78 2.46
O4 NAG FA . -45.29 -23.82 5.13
O5 NAG FA . -45.17 -20.76 3.13
O6 NAG FA . -44.81 -20.36 6.36
O7 NAG FA . -45.57 -23.11 -1.00
C1 NAG GA . -56.39 6.83 -3.18
C2 NAG GA . -56.42 5.57 -4.05
C3 NAG GA . -56.82 5.92 -5.48
C4 NAG GA . -58.13 6.70 -5.48
C5 NAG GA . -58.03 7.91 -4.56
C6 NAG GA . -59.33 8.66 -4.43
C7 NAG GA . -54.86 3.84 -3.25
C8 NAG GA . -53.48 3.28 -3.37
N2 NAG GA . -55.12 4.90 -4.04
O3 NAG GA . -56.96 4.73 -6.24
O4 NAG GA . -58.43 7.14 -6.80
O5 NAG GA . -57.65 7.48 -3.24
O6 NAG GA . -60.29 7.91 -3.70
O7 NAG GA . -55.69 3.37 -2.49
C1 NAG HA . -7.81 -41.01 -7.14
C2 NAG HA . -6.56 -40.98 -6.26
C3 NAG HA . -6.01 -42.39 -6.08
C4 NAG HA . -7.09 -43.33 -5.57
C5 NAG HA . -8.32 -43.26 -6.49
C6 NAG HA . -9.48 -44.09 -5.98
C7 NAG HA . -4.64 -39.46 -6.07
C8 NAG HA . -3.67 -38.61 -6.81
N2 NAG HA . -5.55 -40.11 -6.81
O3 NAG HA . -4.92 -42.37 -5.16
O4 NAG HA . -6.61 -44.67 -5.53
O5 NAG HA . -8.78 -41.91 -6.58
O6 NAG HA . -10.59 -44.01 -6.86
O7 NAG HA . -4.62 -39.58 -4.84
C1 NAG IA . -35.47 -0.95 -71.68
C2 NAG IA . -36.85 -1.28 -71.12
C3 NAG IA . -37.79 -0.10 -71.30
C4 NAG IA . -37.19 1.17 -70.72
C5 NAG IA . -35.80 1.40 -71.32
C6 NAG IA . -35.08 2.58 -70.69
C7 NAG IA . -38.28 -3.27 -71.13
C8 NAG IA . -38.74 -4.47 -71.92
N2 NAG IA . -37.39 -2.48 -71.73
O3 NAG IA . -39.04 -0.38 -70.67
O4 NAG IA . -38.02 2.29 -71.02
O5 NAG IA . -34.97 0.25 -71.08
O6 NAG IA . -33.92 2.17 -69.99
O7 NAG IA . -38.70 -3.05 -70.00
C1 NAG JA . 38.61 -58.27 5.74
C2 NAG JA . 39.89 -58.25 6.58
C3 NAG JA . 40.51 -59.65 6.62
C4 NAG JA . 39.49 -60.67 7.08
C5 NAG JA . 38.23 -60.59 6.23
C6 NAG JA . 37.12 -61.50 6.72
C7 NAG JA . 41.02 -56.08 6.60
C8 NAG JA . 42.04 -55.20 5.93
N2 NAG JA . 40.84 -57.29 6.06
O3 NAG JA . 41.64 -59.64 7.49
O4 NAG JA . 40.03 -61.98 7.00
O5 NAG JA . 37.70 -59.25 6.26
O6 NAG JA . 37.00 -62.65 5.90
O7 NAG JA . 40.38 -55.70 7.58
C1 NAG KA . 37.59 -52.92 -8.99
C2 NAG KA . 37.17 -52.13 -10.23
C3 NAG KA . 35.65 -52.07 -10.33
C4 NAG KA . 35.05 -53.47 -10.26
C5 NAG KA . 35.56 -54.19 -9.02
C6 NAG KA . 35.10 -55.64 -8.96
C7 NAG KA . 38.53 -50.33 -11.18
C8 NAG KA . 39.03 -48.92 -11.01
N2 NAG KA . 37.73 -50.79 -10.22
O3 NAG KA . 35.27 -51.43 -11.54
O4 NAG KA . 33.63 -53.39 -10.22
O5 NAG KA . 36.99 -54.22 -9.02
O6 NAG KA . 35.64 -56.30 -7.83
O7 NAG KA . 38.85 -51.01 -12.16
C1 NAG LA . 54.82 -55.79 -8.50
C2 NAG LA . 55.00 -56.80 -9.63
C3 NAG LA . 56.39 -57.41 -9.57
C4 NAG LA . 57.45 -56.33 -9.57
C5 NAG LA . 57.18 -55.34 -8.43
C6 NAG LA . 58.13 -54.17 -8.44
C7 NAG LA . 52.92 -57.87 -10.40
C8 NAG LA . 51.97 -59.01 -10.21
N2 NAG LA . 53.97 -57.83 -9.57
O3 NAG LA . 56.58 -58.27 -10.71
O4 NAG LA . 58.73 -56.91 -9.39
O5 NAG LA . 55.86 -54.80 -8.56
O6 NAG LA . 57.65 -53.11 -9.25
O7 NAG LA . 52.75 -57.02 -11.26
C1 NAG MA . 51.54 -62.53 10.45
C2 NAG MA . 50.62 -63.62 9.90
C3 NAG MA . 49.74 -64.20 11.00
C4 NAG MA . 50.59 -64.66 12.19
C5 NAG MA . 51.51 -63.53 12.65
C6 NAG MA . 52.49 -63.98 13.71
C7 NAG MA . 49.37 -63.87 7.81
C8 NAG MA . 48.55 -63.17 6.77
N2 NAG MA . 49.83 -63.11 8.81
O3 NAG MA . 48.97 -65.27 10.49
O4 NAG MA . 49.73 -65.06 13.25
O5 NAG MA . 52.30 -63.05 11.56
O6 NAG MA . 53.74 -64.30 13.12
O7 NAG MA . 49.60 -65.09 7.75
C1 NAG NA . -48.35 -15.63 -46.26
C2 NAG NA . -49.68 -15.00 -46.69
C3 NAG NA . -50.39 -14.41 -45.47
C4 NAG NA . -50.54 -15.46 -44.37
C5 NAG NA . -49.18 -16.07 -44.04
C6 NAG NA . -49.27 -17.21 -43.06
C7 NAG NA . -50.19 -13.91 -48.83
C8 NAG NA . -51.24 -14.97 -49.00
N2 NAG NA . -49.47 -13.98 -47.70
O3 NAG NA . -51.67 -13.93 -45.85
O4 NAG NA . -51.09 -14.87 -43.20
O5 NAG NA . -48.58 -16.60 -45.24
O6 NAG NA . -49.13 -16.75 -41.72
O7 NAG NA . -50.00 -13.04 -49.67
C1 EIC OA . -33.30 26.27 10.14
C2 EIC OA . -32.19 26.54 11.17
C3 EIC OA . -31.72 28.02 11.17
C4 EIC OA . -31.15 28.46 9.79
C5 EIC OA . -30.30 29.77 9.89
C6 EIC OA . -29.08 29.61 10.84
C7 EIC OA . -28.09 30.80 10.71
C8 EIC OA . -26.93 30.73 11.76
C9 EIC OA . -25.90 29.64 11.42
C10 EIC OA . -24.70 29.88 11.98
C11 EIC OA . -23.75 30.74 12.84
C12 EIC OA . -22.50 31.20 12.06
C13 EIC OA . -22.13 32.49 12.06
C14 EIC OA . -22.98 33.54 12.82
C15 EIC OA . -24.00 34.27 11.90
C16 EIC OA . -24.81 35.37 12.65
C17 EIC OA . -25.76 36.16 11.70
C18 EIC OA . -26.60 37.23 12.45
O1 EIC OA . -33.19 25.31 9.32
O2 EIC OA . -34.33 27.00 10.12
C1 EIC PA . -28.59 28.31 -16.22
C2 EIC PA . -27.48 28.12 -17.29
C3 EIC PA . -28.04 27.60 -18.64
C4 EIC PA . -28.73 26.21 -18.50
C5 EIC PA . -28.92 25.50 -19.88
C6 EIC PA . -27.56 25.22 -20.58
C7 EIC PA . -27.71 24.26 -21.79
C8 EIC PA . -26.39 24.11 -22.59
C9 EIC PA . -25.36 23.22 -21.85
C10 EIC PA . -24.46 22.68 -22.68
C11 EIC PA . -23.88 22.43 -24.10
C12 EIC PA . -23.85 20.93 -24.47
C13 EIC PA . -24.36 20.51 -25.63
C14 EIC PA . -25.01 21.52 -26.61
C15 EIC PA . -26.56 21.59 -26.45
C16 EIC PA . -27.23 22.56 -27.47
C17 EIC PA . -28.78 22.54 -27.36
C18 EIC PA . -29.45 23.53 -28.35
O1 EIC PA . -28.45 27.80 -15.08
O2 EIC PA . -29.62 28.97 -16.51
C1 NAG QA . -19.37 -2.22 45.10
C2 NAG QA . -18.12 -2.63 45.87
C3 NAG QA . -18.30 -2.33 47.36
C4 NAG QA . -18.69 -0.88 47.56
C5 NAG QA . -19.92 -0.54 46.73
C6 NAG QA . -20.30 0.92 46.79
C7 NAG QA . -16.57 -4.50 45.51
C8 NAG QA . -16.44 -5.98 45.31
N2 NAG QA . -17.81 -4.04 45.67
O3 NAG QA . -17.08 -2.61 48.04
O4 NAG QA . -18.97 -0.64 48.94
O5 NAG QA . -19.67 -0.85 45.35
O6 NAG QA . -20.88 1.36 45.58
O7 NAG QA . -15.60 -3.76 45.53
C1 NAG RA . -54.35 -7.57 33.53
C2 NAG RA . -55.64 -8.17 34.08
C3 NAG RA . -56.43 -8.85 32.97
C4 NAG RA . -56.65 -7.88 31.81
C5 NAG RA . -55.32 -7.29 31.35
C6 NAG RA . -55.49 -6.23 30.29
C7 NAG RA . -55.85 -8.98 36.39
C8 NAG RA . -56.72 -7.79 36.64
N2 NAG RA . -55.37 -9.11 35.16
O3 NAG RA . -57.68 -9.30 33.47
O4 NAG RA . -57.27 -8.56 30.73
O5 NAG RA . -54.66 -6.67 32.46
O6 NAG RA . -54.92 -4.99 30.71
O7 NAG RA . -55.60 -9.80 37.28
C1 NAG SA . -24.17 -29.99 19.41
C2 NAG SA . -23.73 -30.45 20.80
C3 NAG SA . -23.52 -31.95 20.83
C4 NAG SA . -24.76 -32.68 20.31
C5 NAG SA . -25.16 -32.14 18.94
C6 NAG SA . -26.46 -32.72 18.43
C7 NAG SA . -22.45 -29.05 22.36
C8 NAG SA . -21.13 -28.39 22.63
N2 NAG SA . -22.53 -29.76 21.22
O3 NAG SA . -23.23 -32.38 22.15
O4 NAG SA . -24.50 -34.07 20.20
O5 NAG SA . -25.35 -30.71 19.02
O6 NAG SA . -27.59 -32.06 19.01
O7 NAG SA . -23.40 -28.94 23.13
C1 NAG TA . -13.99 38.27 30.34
C2 NAG TA . -13.37 38.00 31.71
C3 NAG TA . -12.19 38.95 31.93
C4 NAG TA . -11.20 38.85 30.77
C5 NAG TA . -11.92 39.05 29.44
C6 NAG TA . -11.03 38.84 28.25
C7 NAG TA . -14.77 37.13 33.53
C8 NAG TA . -15.78 37.45 34.58
N2 NAG TA . -14.34 38.15 32.78
O3 NAG TA . -11.54 38.61 33.15
O4 NAG TA . -10.19 39.84 30.91
O5 NAG TA . -13.01 38.12 29.32
O6 NAG TA . -11.12 39.91 27.32
O7 NAG TA . -14.34 35.98 33.36
C1 NAG UA . -38.73 39.56 13.10
C2 NAG UA . -38.55 39.14 14.56
C3 NAG UA . -39.82 38.48 15.09
C4 NAG UA . -41.03 39.39 14.85
C5 NAG UA . -41.11 39.78 13.38
C6 NAG UA . -42.22 40.77 13.08
C7 NAG UA . -36.21 38.67 15.13
C8 NAG UA . -35.15 37.62 15.23
N2 NAG UA . -37.41 38.25 14.72
O3 NAG UA . -39.68 38.22 16.47
O4 NAG UA . -42.22 38.70 15.21
O5 NAG UA . -39.88 40.40 12.97
O6 NAG UA . -41.93 42.04 13.65
O7 NAG UA . -35.98 39.84 15.39
C1 NAG VA . 14.21 5.48 39.53
C2 NAG VA . 15.45 5.13 38.70
C3 NAG VA . 16.67 4.97 39.61
C4 NAG VA . 16.86 6.21 40.47
C5 NAG VA . 15.58 6.52 41.23
C6 NAG VA . 15.65 7.81 42.02
C7 NAG VA . 15.84 3.64 36.79
C8 NAG VA . 15.50 2.33 36.14
N2 NAG VA . 15.23 3.90 37.94
O3 NAG VA . 17.84 4.74 38.82
O4 NAG VA . 17.92 6.01 41.40
O5 NAG VA . 14.49 6.66 40.30
O6 NAG VA . 14.44 8.07 42.71
O7 NAG VA . 16.64 4.43 36.28
C1 NAG WA . -62.21 -20.01 46.13
C2 NAG WA . -62.50 -18.57 46.55
C3 NAG WA . -63.84 -18.10 45.96
C4 NAG WA . -63.85 -18.31 44.46
C5 NAG WA . -63.51 -19.76 44.12
C6 NAG WA . -63.39 -20.02 42.63
C7 NAG WA . -62.23 -17.29 48.64
C8 NAG WA . -62.29 -17.34 50.13
N2 NAG WA . -62.52 -18.44 47.99
O3 NAG WA . -64.03 -16.73 46.26
O4 NAG WA . -65.13 -18.00 43.93
O5 NAG WA . -62.25 -20.12 44.70
O6 NAG WA . -62.07 -20.39 42.28
O7 NAG WA . -61.95 -16.27 48.02
C1 NAG XA . 58.63 -19.18 33.38
C2 NAG XA . 59.87 -19.60 32.58
C3 NAG XA . 61.03 -19.90 33.52
C4 NAG XA . 61.29 -18.71 34.45
C5 NAG XA . 60.00 -18.33 35.18
C6 NAG XA . 60.14 -17.08 36.02
C7 NAG XA . 59.32 -20.67 30.44
C8 NAG XA . 59.04 -21.95 29.73
N2 NAG XA . 59.58 -20.75 31.75
O3 NAG XA . 62.20 -20.17 32.75
O4 NAG XA . 62.29 -19.04 35.39
O5 NAG XA . 58.96 -18.06 34.22
O6 NAG XA . 60.24 -17.41 37.40
O7 NAG XA . 59.31 -19.58 29.85
C1 NAG YA . 46.42 -28.58 36.39
C2 NAG YA . 45.00 -29.15 36.48
C3 NAG YA . 44.02 -28.08 36.93
C4 NAG YA . 44.49 -27.45 38.24
C5 NAG YA . 45.92 -26.93 38.09
C6 NAG YA . 46.50 -26.40 39.37
C7 NAG YA . 44.23 -30.99 35.04
C8 NAG YA . 43.84 -31.40 33.64
N2 NAG YA . 44.59 -29.71 35.20
O3 NAG YA . 42.73 -28.65 37.10
O4 NAG YA . 43.64 -26.36 38.59
O5 NAG YA . 46.78 -28.00 37.66
O6 NAG YA . 47.86 -26.00 39.21
O7 NAG YA . 44.23 -31.78 35.97
C1 NAG ZA . 58.42 -40.89 33.28
C2 NAG ZA . 58.42 -41.66 34.60
C3 NAG ZA . 59.61 -42.61 34.65
C4 NAG ZA . 59.63 -43.52 33.43
C5 NAG ZA . 59.58 -42.68 32.15
C6 NAG ZA . 59.48 -43.51 30.90
C7 NAG ZA . 57.35 -40.50 36.48
C8 NAG ZA . 57.55 -39.53 37.61
N2 NAG ZA . 58.43 -40.75 35.73
O3 NAG ZA . 59.53 -43.39 35.84
O4 NAG ZA . 60.81 -44.31 33.43
O5 NAG ZA . 58.44 -41.82 32.17
O6 NAG ZA . 58.12 -43.79 30.57
O7 NAG ZA . 56.27 -41.02 36.25
C1 NAG AB . 71.36 -25.37 30.68
C2 NAG AB . 71.11 -24.93 32.13
C3 NAG AB . 71.56 -23.48 32.33
C4 NAG AB . 73.00 -23.31 31.89
C5 NAG AB . 73.19 -23.81 30.46
C6 NAG AB . 74.63 -23.81 30.02
C7 NAG AB . 69.29 -25.32 33.72
C8 NAG AB . 67.81 -25.47 33.89
N2 NAG AB . 69.71 -25.10 32.47
O3 NAG AB . 71.41 -23.13 33.70
O4 NAG AB . 73.35 -21.93 31.96
O5 NAG AB . 72.73 -25.17 30.35
O6 NAG AB . 75.20 -25.10 30.18
O7 NAG AB . 70.08 -25.41 34.68
C1 NAG BB . -46.66 7.77 49.87
C2 NAG BB . -48.03 8.42 49.95
C3 NAG BB . -48.07 9.69 49.10
C4 NAG BB . -46.93 10.63 49.48
C5 NAG BB . -45.59 9.88 49.41
C6 NAG BB . -44.43 10.71 49.91
C7 NAG BB . -50.20 7.30 50.25
C8 NAG BB . -50.33 8.08 51.52
N2 NAG BB . -49.08 7.50 49.55
O3 NAG BB . -49.32 10.35 49.28
O4 NAG BB . -46.90 11.74 48.60
O5 NAG BB . -45.65 8.72 50.25
O6 NAG BB . -43.83 11.44 48.84
O7 NAG BB . -51.07 6.52 49.88
#